data_7FS7
#
_entry.id   7FS7
#
_cell.length_a   206.019
_cell.length_b   113.177
_cell.length_c   187.302
_cell.angle_alpha   90.000
_cell.angle_beta   92.900
_cell.angle_gamma   90.000
#
_symmetry.space_group_name_H-M   'C 1 2 1'
#
loop_
_entity.id
_entity.type
_entity.pdbx_description
1 polymer 'Pyruvate kinase PKLR'
2 non-polymer 1,6-di-O-phosphono-beta-D-fructofuranose
3 non-polymer 'OXALATE ION'
4 non-polymer 'MAGNESIUM ION'
5 non-polymer 'POTASSIUM ION'
6 non-polymer N-{[4-(3,4-dihydroxybenzene-1-sulfonyl)phenyl]methyl}-N-(3,4-dihydroxyphenyl)-3,4-dihydroxybenzene-1-sulfonamide
7 water water
#
_entity_poly.entity_id   1
_entity_poly.type   'polypeptide(L)'
_entity_poly.pdbx_seq_one_letter_code
;GSMEGPAGYLRRADVAQLTQELGTAFFQQQQLPAAMADTFLEHLCLLDIDSEPVAARSTSIIATIGPASRSVERLKEMIK
AGMNIARLNFSHGSHEYHAESIANVREAVESFAGSPLSYRPVAIALDTKGPGSGPGLSEQDVRDLRFGVEHGVDIVFASF
VRKASDVAAVRAALGPEGHGIKIISKIENHEGVKRFDEILEVSDGIMVARGDLGIEIPAEKVFLAQKMMIGRCNLAGKPV
VCATQMLESMITKPRPTRAETSDVANAVLDGADCIMLSGETAKGNFPVEAVKMQHAIAREAEAAVYHRQLFEELRRAAPL
SRDPTEVTAIGAVEAAFKCCAAAIIVLTTTGRSAQLLSRYRPRAAVIAVTRSAQAARQVHLCRGVFPLLYREPPEAIWAD
DVDRRVQFGIESGKLRGFLRVGDLVIVVTGWRPGSGYTNIMRVLSIS
;
_entity_poly.pdbx_strand_id   A,B,C,D,E,F,G,H
#
# COMPACT_ATOMS: atom_id res chain seq x y z
N ALA A 25 -29.13 16.90 3.21
CA ALA A 25 -29.97 16.11 4.11
C ALA A 25 -31.18 15.52 3.38
N PHE A 26 -31.74 16.26 2.41
CA PHE A 26 -32.90 15.80 1.64
C PHE A 26 -32.52 14.59 0.81
N PHE A 27 -31.31 14.61 0.19
CA PHE A 27 -30.88 13.53 -0.69
C PHE A 27 -30.34 12.28 0.05
N GLN A 28 -30.45 12.24 1.38
CA GLN A 28 -30.07 11.04 2.14
C GLN A 28 -31.33 10.23 2.51
N GLN A 29 -32.47 10.92 2.77
CA GLN A 29 -33.77 10.33 3.10
C GLN A 29 -34.40 9.58 1.92
N GLN A 30 -35.44 8.77 2.21
CA GLN A 30 -36.28 7.97 1.30
C GLN A 30 -35.50 7.29 0.15
N GLN A 31 -34.40 6.59 0.51
CA GLN A 31 -33.51 5.84 -0.39
C GLN A 31 -33.18 6.57 -1.69
N LEU A 32 -32.90 7.88 -1.59
CA LEU A 32 -32.52 8.67 -2.75
C LEU A 32 -31.12 8.34 -3.31
N PRO A 33 -30.09 7.96 -2.50
CA PRO A 33 -28.82 7.53 -3.11
C PRO A 33 -28.99 6.24 -3.94
N ALA A 34 -29.81 5.31 -3.42
CA ALA A 34 -30.12 4.03 -4.06
C ALA A 34 -30.92 4.21 -5.38
N ALA A 35 -31.87 5.17 -5.42
CA ALA A 35 -32.69 5.43 -6.61
C ALA A 35 -31.93 6.17 -7.74
N MET A 36 -30.78 6.82 -7.42
CA MET A 36 -29.90 7.52 -8.37
C MET A 36 -28.88 6.58 -9.05
N ALA A 37 -28.79 5.32 -8.62
CA ALA A 37 -27.84 4.35 -9.13
C ALA A 37 -28.06 4.04 -10.60
N ASP A 38 -26.97 3.86 -11.36
CA ASP A 38 -27.01 3.57 -12.80
C ASP A 38 -27.44 2.13 -13.10
N THR A 39 -27.30 1.21 -12.13
CA THR A 39 -27.72 -0.19 -12.28
C THR A 39 -28.59 -0.62 -11.10
N PHE A 40 -29.36 -1.69 -11.28
CA PHE A 40 -30.19 -2.24 -10.23
C PHE A 40 -29.31 -2.90 -9.14
N LEU A 41 -28.17 -3.49 -9.52
CA LEU A 41 -27.25 -4.10 -8.55
C LEU A 41 -26.70 -3.01 -7.63
N GLU A 42 -26.29 -1.86 -8.21
CA GLU A 42 -25.78 -0.69 -7.49
C GLU A 42 -26.87 -0.13 -6.57
N HIS A 43 -28.13 -0.13 -7.03
CA HIS A 43 -29.29 0.32 -6.27
C HIS A 43 -29.41 -0.50 -4.98
N LEU A 44 -29.31 -1.84 -5.09
CA LEU A 44 -29.37 -2.74 -3.94
C LEU A 44 -28.23 -2.47 -2.96
N CYS A 45 -27.01 -2.22 -3.46
CA CYS A 45 -25.85 -1.92 -2.63
C CYS A 45 -25.99 -0.61 -1.87
N LEU A 46 -26.77 0.34 -2.39
CA LEU A 46 -26.96 1.65 -1.78
C LEU A 46 -28.17 1.74 -0.83
N LEU A 47 -28.87 0.62 -0.55
CA LEU A 47 -30.01 0.63 0.36
C LEU A 47 -29.50 0.84 1.79
N ASP A 48 -29.93 1.93 2.41
CA ASP A 48 -29.49 2.31 3.75
C ASP A 48 -30.62 2.13 4.79
N ILE A 49 -30.38 1.38 5.89
CA ILE A 49 -31.39 1.25 6.95
C ILE A 49 -31.58 2.58 7.71
N ASP A 50 -30.55 3.44 7.73
CA ASP A 50 -30.58 4.76 8.36
C ASP A 50 -31.24 5.85 7.50
N SER A 51 -31.66 5.51 6.27
CA SER A 51 -32.34 6.42 5.36
C SER A 51 -33.83 6.27 5.65
N GLU A 52 -34.43 7.26 6.33
CA GLU A 52 -35.84 7.19 6.74
C GLU A 52 -36.83 7.62 5.66
N PRO A 53 -38.03 7.02 5.61
CA PRO A 53 -39.00 7.38 4.59
C PRO A 53 -39.67 8.73 4.89
N VAL A 54 -39.75 9.61 3.88
CA VAL A 54 -40.38 10.92 4.09
C VAL A 54 -41.77 10.96 3.52
N ALA A 55 -41.94 10.43 2.30
CA ALA A 55 -43.22 10.42 1.62
C ALA A 55 -44.30 9.60 2.38
N ALA A 56 -45.57 9.90 2.12
CA ALA A 56 -46.67 9.18 2.75
C ALA A 56 -46.77 7.77 2.16
N ARG A 57 -47.39 6.84 2.91
CA ARG A 57 -47.55 5.47 2.44
C ARG A 57 -48.62 5.44 1.33
N SER A 58 -48.20 5.03 0.10
CA SER A 58 -49.04 4.98 -1.09
C SER A 58 -49.86 3.68 -1.25
N THR A 59 -49.25 2.49 -1.01
CA THR A 59 -49.94 1.20 -1.11
C THR A 59 -51.07 1.12 -0.11
N SER A 60 -52.32 0.98 -0.57
CA SER A 60 -53.45 0.94 0.33
C SER A 60 -53.56 -0.39 1.11
N ILE A 61 -54.19 -0.34 2.30
CA ILE A 61 -54.36 -1.51 3.17
C ILE A 61 -55.83 -1.92 3.24
N ILE A 62 -56.12 -3.18 2.87
CA ILE A 62 -57.45 -3.74 2.91
C ILE A 62 -57.51 -4.56 4.21
N ALA A 63 -58.46 -4.24 5.08
CA ALA A 63 -58.59 -4.96 6.33
C ALA A 63 -59.90 -5.72 6.36
N THR A 64 -59.85 -7.04 6.66
CA THR A 64 -61.06 -7.85 6.74
C THR A 64 -61.79 -7.60 8.04
N ILE A 65 -63.04 -7.17 7.94
CA ILE A 65 -63.87 -6.87 9.11
C ILE A 65 -64.50 -8.13 9.66
N GLY A 66 -64.15 -8.46 10.88
CA GLY A 66 -64.69 -9.62 11.58
C GLY A 66 -64.98 -9.30 13.02
N PRO A 67 -65.13 -10.33 13.86
CA PRO A 67 -65.40 -10.10 15.29
C PRO A 67 -64.33 -9.27 16.01
N ALA A 68 -63.06 -9.50 15.67
CA ALA A 68 -61.94 -8.78 16.28
C ALA A 68 -61.82 -7.31 15.83
N SER A 69 -62.61 -6.88 14.84
CA SER A 69 -62.51 -5.52 14.32
C SER A 69 -63.88 -4.99 13.91
N ARG A 70 -64.89 -5.19 14.77
CA ARG A 70 -66.26 -4.77 14.45
C ARG A 70 -66.77 -3.55 15.19
N SER A 71 -66.28 -3.28 16.41
CA SER A 71 -66.77 -2.14 17.20
C SER A 71 -66.38 -0.80 16.58
N VAL A 72 -67.25 0.22 16.69
CA VAL A 72 -66.98 1.55 16.15
C VAL A 72 -65.68 2.14 16.75
N GLU A 73 -65.38 1.81 18.01
CA GLU A 73 -64.17 2.28 18.68
C GLU A 73 -62.91 1.59 18.13
N ARG A 74 -62.98 0.25 17.89
CA ARG A 74 -61.88 -0.55 17.33
C ARG A 74 -61.61 -0.10 15.89
N LEU A 75 -62.68 0.15 15.11
CA LEU A 75 -62.61 0.62 13.73
C LEU A 75 -61.97 1.97 13.62
N LYS A 76 -62.27 2.88 14.57
CA LYS A 76 -61.67 4.22 14.61
C LYS A 76 -60.14 4.10 14.75
N GLU A 77 -59.66 3.12 15.56
CA GLU A 77 -58.24 2.86 15.78
C GLU A 77 -57.56 2.31 14.53
N MET A 78 -58.28 1.45 13.78
CA MET A 78 -57.76 0.87 12.56
CA MET A 78 -57.76 0.87 12.55
C MET A 78 -57.67 1.91 11.44
N ILE A 79 -58.59 2.90 11.42
CA ILE A 79 -58.56 3.98 10.45
C ILE A 79 -57.30 4.82 10.71
N LYS A 80 -57.02 5.12 12.00
CA LYS A 80 -55.84 5.88 12.44
C LYS A 80 -54.54 5.12 12.14
N ALA A 81 -54.56 3.78 12.30
CA ALA A 81 -53.42 2.92 12.01
C ALA A 81 -53.09 2.84 10.52
N GLY A 82 -54.07 3.07 9.64
CA GLY A 82 -53.89 3.10 8.20
C GLY A 82 -54.83 2.33 7.29
N MET A 83 -56.00 1.91 7.78
CA MET A 83 -56.94 1.16 6.95
C MET A 83 -57.56 2.07 5.91
N ASN A 84 -57.58 1.63 4.65
CA ASN A 84 -58.16 2.41 3.55
C ASN A 84 -59.39 1.73 2.98
N ILE A 85 -59.39 0.39 2.95
CA ILE A 85 -60.50 -0.38 2.44
C ILE A 85 -60.95 -1.40 3.49
N ALA A 86 -62.26 -1.50 3.72
CA ALA A 86 -62.85 -2.44 4.68
C ALA A 86 -63.49 -3.60 3.93
N ARG A 87 -62.94 -4.81 4.08
CA ARG A 87 -63.43 -5.99 3.36
C ARG A 87 -64.44 -6.79 4.17
N LEU A 88 -65.60 -7.06 3.56
CA LEU A 88 -66.63 -7.90 4.19
C LEU A 88 -66.60 -9.27 3.53
N ASN A 89 -66.18 -10.31 4.26
CA ASN A 89 -66.16 -11.65 3.70
C ASN A 89 -67.55 -12.27 3.76
N PHE A 90 -68.22 -12.36 2.60
CA PHE A 90 -69.58 -12.93 2.52
C PHE A 90 -69.62 -14.46 2.56
N SER A 91 -68.46 -15.11 2.75
CA SER A 91 -68.37 -16.55 2.95
C SER A 91 -68.83 -16.94 4.38
N HIS A 92 -68.86 -15.96 5.31
CA HIS A 92 -69.26 -16.14 6.69
C HIS A 92 -70.22 -15.01 7.10
N GLY A 93 -71.18 -15.31 7.97
CA GLY A 93 -72.11 -14.31 8.48
C GLY A 93 -73.31 -14.02 7.61
N SER A 94 -74.39 -13.53 8.25
CA SER A 94 -75.65 -13.19 7.61
C SER A 94 -75.64 -11.78 7.00
N HIS A 95 -76.65 -11.47 6.14
CA HIS A 95 -76.80 -10.14 5.57
C HIS A 95 -76.99 -9.08 6.67
N GLU A 96 -77.71 -9.44 7.74
CA GLU A 96 -77.97 -8.57 8.88
C GLU A 96 -76.64 -8.21 9.56
N TYR A 97 -75.75 -9.21 9.73
CA TYR A 97 -74.42 -9.05 10.33
C TYR A 97 -73.57 -8.07 9.52
N HIS A 98 -73.49 -8.27 8.19
CA HIS A 98 -72.71 -7.40 7.31
C HIS A 98 -73.26 -5.98 7.20
N ALA A 99 -74.59 -5.82 7.34
CA ALA A 99 -75.21 -4.49 7.31
C ALA A 99 -74.77 -3.70 8.57
N GLU A 100 -74.66 -4.38 9.73
CA GLU A 100 -74.21 -3.76 10.99
C GLU A 100 -72.72 -3.38 10.89
N SER A 101 -71.92 -4.20 10.19
CA SER A 101 -70.52 -3.93 9.96
C SER A 101 -70.39 -2.64 9.12
N ILE A 102 -71.19 -2.52 8.04
CA ILE A 102 -71.25 -1.36 7.16
C ILE A 102 -71.59 -0.09 7.95
N ALA A 103 -72.59 -0.20 8.84
CA ALA A 103 -73.02 0.90 9.69
C ALA A 103 -71.93 1.33 10.68
N ASN A 104 -71.24 0.36 11.30
CA ASN A 104 -70.16 0.64 12.26
C ASN A 104 -68.94 1.26 11.58
N VAL A 105 -68.64 0.83 10.36
CA VAL A 105 -67.54 1.39 9.58
C VAL A 105 -67.89 2.83 9.21
N ARG A 106 -69.09 3.06 8.65
CA ARG A 106 -69.53 4.40 8.27
C ARG A 106 -69.57 5.38 9.45
N GLU A 107 -69.98 4.89 10.62
CA GLU A 107 -70.02 5.70 11.84
C GLU A 107 -68.60 6.10 12.28
N ALA A 108 -67.66 5.14 12.22
CA ALA A 108 -66.27 5.37 12.58
C ALA A 108 -65.57 6.32 11.60
N VAL A 109 -65.89 6.22 10.30
CA VAL A 109 -65.30 7.09 9.29
C VAL A 109 -65.84 8.51 9.41
N GLU A 110 -67.16 8.64 9.61
CA GLU A 110 -67.77 9.96 9.74
C GLU A 110 -67.46 10.65 11.07
N SER A 111 -66.86 9.95 12.03
CA SER A 111 -66.46 10.58 13.29
C SER A 111 -65.31 11.60 13.12
N PHE A 112 -64.63 11.60 11.95
CA PHE A 112 -63.55 12.54 11.62
C PHE A 112 -63.96 13.54 10.52
N ALA A 113 -65.26 13.58 10.14
CA ALA A 113 -65.75 14.48 9.10
C ALA A 113 -65.75 15.96 9.48
N GLY A 114 -65.60 16.25 10.77
CA GLY A 114 -65.55 17.60 11.30
C GLY A 114 -64.39 18.42 10.78
N SER A 115 -63.29 17.74 10.42
CA SER A 115 -62.12 18.41 9.85
C SER A 115 -61.98 17.93 8.39
N PRO A 116 -62.66 18.56 7.40
CA PRO A 116 -62.59 18.06 6.00
C PRO A 116 -61.21 18.09 5.32
N LEU A 117 -60.25 18.87 5.86
CA LEU A 117 -58.89 18.88 5.32
C LEU A 117 -58.04 17.70 5.91
N SER A 118 -58.56 16.97 6.95
CA SER A 118 -57.88 15.82 7.59
C SER A 118 -58.83 14.63 7.89
N TYR A 119 -59.82 14.44 7.00
CA TYR A 119 -60.82 13.37 7.04
C TYR A 119 -60.36 12.31 6.06
N ARG A 120 -60.39 11.05 6.48
CA ARG A 120 -59.94 9.96 5.61
C ARG A 120 -61.08 9.05 5.13
N PRO A 121 -61.40 9.09 3.82
CA PRO A 121 -62.47 8.22 3.31
C PRO A 121 -62.05 6.75 3.28
N VAL A 122 -62.96 5.84 3.59
CA VAL A 122 -62.64 4.42 3.60
C VAL A 122 -63.61 3.70 2.65
N ALA A 123 -63.09 2.95 1.67
CA ALA A 123 -63.93 2.21 0.73
C ALA A 123 -64.50 0.95 1.40
N ILE A 124 -65.64 0.46 0.91
CA ILE A 124 -66.24 -0.76 1.44
C ILE A 124 -66.26 -1.81 0.34
N ALA A 125 -65.60 -2.95 0.56
CA ALA A 125 -65.55 -4.01 -0.43
C ALA A 125 -66.33 -5.25 -0.02
N LEU A 126 -67.06 -5.85 -0.98
CA LEU A 126 -67.84 -7.06 -0.72
C LEU A 126 -67.12 -8.24 -1.36
N ASP A 127 -66.68 -9.20 -0.54
CA ASP A 127 -65.99 -10.38 -1.06
C ASP A 127 -66.98 -11.54 -1.16
N THR A 128 -67.43 -11.86 -2.38
CA THR A 128 -68.43 -12.90 -2.61
C THR A 128 -68.02 -14.30 -2.11
N LYS A 129 -69.04 -15.14 -1.80
CA LYS A 129 -68.89 -16.51 -1.31
C LYS A 129 -68.23 -17.41 -2.38
N GLY A 130 -68.65 -17.24 -3.63
CA GLY A 130 -68.10 -17.98 -4.75
C GLY A 130 -69.03 -18.98 -5.42
N PRO A 131 -68.60 -19.51 -6.57
CA PRO A 131 -69.42 -20.51 -7.28
C PRO A 131 -69.32 -21.93 -6.70
N GLY A 132 -68.25 -22.20 -5.94
CA GLY A 132 -67.97 -23.50 -5.34
C GLY A 132 -67.80 -24.59 -6.38
N SER A 133 -68.63 -25.63 -6.29
CA SER A 133 -68.62 -26.73 -7.25
C SER A 133 -69.17 -26.30 -8.62
N GLY A 134 -70.11 -25.35 -8.62
CA GLY A 134 -70.77 -24.82 -9.80
C GLY A 134 -69.86 -24.24 -10.86
N GLY A 136 -70.89 -21.41 -12.74
CA GLY A 136 -70.96 -19.97 -12.83
C GLY A 136 -71.47 -19.33 -11.55
N LEU A 137 -72.05 -18.11 -11.68
CA LEU A 137 -72.57 -17.32 -10.57
C LEU A 137 -73.64 -18.05 -9.77
N SER A 138 -73.33 -18.39 -8.51
CA SER A 138 -74.25 -19.10 -7.64
C SER A 138 -75.50 -18.26 -7.29
N GLU A 139 -76.56 -18.92 -6.79
CA GLU A 139 -77.80 -18.23 -6.42
C GLU A 139 -77.57 -17.32 -5.23
N GLN A 140 -76.75 -17.76 -4.26
CA GLN A 140 -76.42 -16.95 -3.09
C GLN A 140 -75.65 -15.71 -3.49
N ASP A 141 -74.70 -15.85 -4.43
CA ASP A 141 -73.91 -14.76 -4.95
C ASP A 141 -74.78 -13.66 -5.56
N VAL A 142 -75.87 -14.03 -6.25
CA VAL A 142 -76.78 -13.05 -6.85
C VAL A 142 -77.47 -12.23 -5.77
N ARG A 143 -77.85 -12.89 -4.66
CA ARG A 143 -78.50 -12.24 -3.52
C ARG A 143 -77.52 -11.33 -2.79
N ASP A 144 -76.28 -11.80 -2.57
CA ASP A 144 -75.23 -11.05 -1.90
C ASP A 144 -74.85 -9.79 -2.69
N LEU A 145 -74.77 -9.91 -4.03
CA LEU A 145 -74.45 -8.81 -4.94
C LEU A 145 -75.57 -7.76 -4.90
N ARG A 146 -76.82 -8.22 -4.88
CA ARG A 146 -77.97 -7.33 -4.78
C ARG A 146 -77.94 -6.56 -3.45
N PHE A 147 -77.51 -7.24 -2.36
CA PHE A 147 -77.35 -6.64 -1.03
C PHE A 147 -76.32 -5.52 -1.08
N GLY A 148 -75.19 -5.78 -1.73
CA GLY A 148 -74.11 -4.81 -1.86
C GLY A 148 -74.57 -3.56 -2.60
N VAL A 149 -75.39 -3.75 -3.64
CA VAL A 149 -75.92 -2.64 -4.42
C VAL A 149 -76.85 -1.80 -3.55
N GLU A 150 -77.78 -2.46 -2.83
CA GLU A 150 -78.74 -1.79 -1.92
C GLU A 150 -78.05 -1.04 -0.79
N HIS A 151 -76.88 -1.52 -0.34
CA HIS A 151 -76.13 -0.89 0.74
C HIS A 151 -75.00 0.03 0.29
N GLY A 152 -74.87 0.27 -1.01
CA GLY A 152 -73.86 1.18 -1.57
C GLY A 152 -72.39 0.81 -1.40
N VAL A 153 -72.01 -0.44 -1.72
CA VAL A 153 -70.60 -0.83 -1.66
C VAL A 153 -69.85 -0.20 -2.84
N ASP A 154 -68.54 -0.02 -2.69
CA ASP A 154 -67.73 0.61 -3.73
C ASP A 154 -67.04 -0.42 -4.61
N ILE A 155 -66.58 -1.52 -4.01
CA ILE A 155 -65.85 -2.57 -4.72
C ILE A 155 -66.47 -3.95 -4.46
N VAL A 156 -66.32 -4.87 -5.44
CA VAL A 156 -66.74 -6.26 -5.34
C VAL A 156 -65.52 -7.13 -5.64
N PHE A 157 -65.19 -8.03 -4.73
CA PHE A 157 -64.10 -8.97 -4.92
C PHE A 157 -64.75 -10.25 -5.37
N ALA A 158 -64.82 -10.47 -6.68
CA ALA A 158 -65.47 -11.66 -7.23
C ALA A 158 -64.65 -12.92 -6.99
N SER A 159 -65.17 -13.86 -6.20
CA SER A 159 -64.46 -15.10 -5.91
C SER A 159 -64.46 -16.10 -7.07
N PHE A 160 -63.34 -16.82 -7.22
CA PHE A 160 -63.10 -17.86 -8.21
C PHE A 160 -63.49 -17.51 -9.66
N VAL A 161 -62.97 -16.38 -10.18
CA VAL A 161 -63.24 -16.00 -11.56
C VAL A 161 -62.41 -16.92 -12.44
N ARG A 162 -63.04 -17.54 -13.46
CA ARG A 162 -62.35 -18.48 -14.34
C ARG A 162 -62.24 -17.98 -15.78
N LYS A 163 -63.24 -17.24 -16.25
CA LYS A 163 -63.27 -16.74 -17.62
C LYS A 163 -63.95 -15.38 -17.69
N ALA A 164 -63.92 -14.72 -18.86
CA ALA A 164 -64.52 -13.40 -19.03
C ALA A 164 -66.04 -13.38 -18.85
N SER A 165 -66.70 -14.53 -19.07
CA SER A 165 -68.15 -14.63 -18.89
C SER A 165 -68.55 -14.56 -17.40
N ASP A 166 -67.65 -14.96 -16.47
CA ASP A 166 -67.86 -14.91 -15.03
C ASP A 166 -67.95 -13.46 -14.54
N VAL A 167 -67.09 -12.59 -15.12
CA VAL A 167 -67.07 -11.16 -14.81
C VAL A 167 -68.37 -10.52 -15.33
N ALA A 168 -68.76 -10.90 -16.56
CA ALA A 168 -70.00 -10.42 -17.18
C ALA A 168 -71.22 -10.81 -16.34
N ALA A 169 -71.20 -12.03 -15.75
CA ALA A 169 -72.27 -12.53 -14.88
C ALA A 169 -72.39 -11.67 -13.64
N VAL A 170 -71.25 -11.27 -13.04
CA VAL A 170 -71.25 -10.41 -11.86
C VAL A 170 -71.72 -9.00 -12.21
N ARG A 171 -71.31 -8.48 -13.38
CA ARG A 171 -71.74 -7.17 -13.84
C ARG A 171 -73.26 -7.14 -14.08
N ALA A 172 -73.81 -8.24 -14.60
CA ALA A 172 -75.24 -8.38 -14.85
C ALA A 172 -76.01 -8.44 -13.52
N ALA A 173 -75.49 -9.18 -12.53
CA ALA A 173 -76.11 -9.32 -11.20
C ALA A 173 -76.17 -8.01 -10.40
N LEU A 174 -75.23 -7.07 -10.62
CA LEU A 174 -75.29 -5.74 -9.97
C LEU A 174 -76.46 -4.91 -10.56
N GLY A 175 -76.85 -5.22 -11.80
CA GLY A 175 -77.96 -4.59 -12.49
C GLY A 175 -77.69 -3.17 -12.89
N PRO A 176 -78.76 -2.42 -13.16
CA PRO A 176 -78.60 -1.02 -13.55
C PRO A 176 -78.23 -0.09 -12.38
N GLU A 177 -78.45 -0.53 -11.12
CA GLU A 177 -78.04 0.29 -9.98
C GLU A 177 -76.55 0.09 -9.61
N GLY A 178 -75.99 -1.07 -9.97
CA GLY A 178 -74.59 -1.37 -9.69
C GLY A 178 -73.61 -1.16 -10.84
N HIS A 179 -73.70 -0.03 -11.56
CA HIS A 179 -72.77 0.26 -12.66
C HIS A 179 -71.46 0.82 -12.12
N GLY A 180 -71.56 1.71 -11.13
CA GLY A 180 -70.44 2.41 -10.54
C GLY A 180 -69.49 1.57 -9.72
N ILE A 181 -69.96 0.42 -9.23
CA ILE A 181 -69.15 -0.50 -8.42
C ILE A 181 -68.00 -1.11 -9.23
N LYS A 182 -66.79 -1.19 -8.62
CA LYS A 182 -65.61 -1.76 -9.25
C LYS A 182 -65.57 -3.28 -9.08
N ILE A 183 -65.16 -4.01 -10.14
CA ILE A 183 -65.07 -5.45 -10.08
C ILE A 183 -63.62 -5.93 -10.08
N ILE A 184 -63.15 -6.42 -8.93
CA ILE A 184 -61.81 -6.95 -8.77
C ILE A 184 -61.91 -8.46 -8.82
N SER A 185 -61.48 -9.07 -9.92
CA SER A 185 -61.58 -10.51 -10.11
C SER A 185 -60.54 -11.24 -9.30
N LYS A 186 -60.95 -12.21 -8.49
CA LYS A 186 -59.99 -12.99 -7.71
C LYS A 186 -59.54 -14.19 -8.51
N ILE A 187 -58.25 -14.29 -8.79
CA ILE A 187 -57.71 -15.44 -9.50
C ILE A 187 -57.27 -16.43 -8.44
N GLU A 188 -58.05 -17.53 -8.27
CA GLU A 188 -57.75 -18.49 -7.20
C GLU A 188 -57.47 -19.92 -7.69
N ASN A 189 -57.53 -20.17 -9.01
CA ASN A 189 -57.31 -21.51 -9.57
C ASN A 189 -56.51 -21.51 -10.91
N HIS A 190 -56.11 -22.69 -11.41
CA HIS A 190 -55.35 -22.79 -12.64
C HIS A 190 -56.06 -22.24 -13.89
N GLU A 191 -57.38 -22.43 -14.00
CA GLU A 191 -58.09 -21.93 -15.17
C GLU A 191 -58.03 -20.40 -15.26
N GLY A 192 -58.22 -19.75 -14.12
CA GLY A 192 -58.17 -18.30 -14.01
C GLY A 192 -56.82 -17.72 -14.35
N VAL A 193 -55.74 -18.45 -13.99
CA VAL A 193 -54.36 -18.06 -14.30
C VAL A 193 -54.12 -18.14 -15.81
N LYS A 194 -54.65 -19.19 -16.46
CA LYS A 194 -54.50 -19.38 -17.89
C LYS A 194 -55.30 -18.38 -18.71
N ARG A 195 -56.55 -18.14 -18.33
CA ARG A 195 -57.39 -17.19 -19.03
C ARG A 195 -57.24 -15.75 -18.50
N PHE A 196 -56.16 -15.47 -17.74
CA PHE A 196 -55.88 -14.17 -17.12
C PHE A 196 -56.07 -12.98 -18.07
N ASP A 197 -55.54 -13.05 -19.28
CA ASP A 197 -55.62 -11.95 -20.22
C ASP A 197 -57.06 -11.54 -20.55
N GLU A 198 -57.95 -12.52 -20.72
CA GLU A 198 -59.36 -12.24 -21.03
C GLU A 198 -60.12 -11.71 -19.82
N ILE A 199 -59.76 -12.20 -18.62
CA ILE A 199 -60.36 -11.78 -17.36
C ILE A 199 -59.98 -10.32 -17.06
N LEU A 200 -58.69 -10.00 -17.07
CA LEU A 200 -58.19 -8.65 -16.80
C LEU A 200 -58.79 -7.64 -17.79
N GLU A 201 -58.98 -8.05 -19.05
CA GLU A 201 -59.55 -7.20 -20.08
C GLU A 201 -60.94 -6.68 -19.72
N VAL A 202 -61.78 -7.54 -19.14
CA VAL A 202 -63.15 -7.18 -18.76
C VAL A 202 -63.29 -6.78 -17.27
N SER A 203 -62.27 -6.98 -16.44
CA SER A 203 -62.31 -6.61 -15.03
C SER A 203 -61.77 -5.21 -14.78
N ASP A 204 -62.14 -4.60 -13.66
CA ASP A 204 -61.60 -3.29 -13.26
C ASP A 204 -60.19 -3.44 -12.61
N GLY A 205 -59.91 -4.62 -12.07
CA GLY A 205 -58.64 -4.98 -11.43
C GLY A 205 -58.61 -6.44 -11.05
N ILE A 206 -57.52 -6.87 -10.42
CA ILE A 206 -57.33 -8.27 -10.04
C ILE A 206 -56.89 -8.41 -8.58
N MET A 207 -57.18 -9.56 -7.98
CA MET A 207 -56.70 -9.87 -6.64
C MET A 207 -56.01 -11.20 -6.72
N VAL A 208 -54.75 -11.25 -6.28
CA VAL A 208 -54.00 -12.49 -6.27
C VAL A 208 -54.35 -13.22 -4.99
N ALA A 209 -55.42 -14.02 -5.07
CA ALA A 209 -55.94 -14.80 -3.96
C ALA A 209 -55.01 -16.01 -3.73
N ARG A 210 -53.92 -15.81 -2.98
CA ARG A 210 -52.89 -16.83 -2.75
C ARG A 210 -53.30 -18.04 -1.89
N GLY A 211 -54.34 -17.91 -1.08
CA GLY A 211 -54.80 -19.00 -0.23
C GLY A 211 -55.32 -20.17 -1.02
N ASP A 212 -56.35 -19.93 -1.84
CA ASP A 212 -56.91 -20.98 -2.70
C ASP A 212 -55.94 -21.33 -3.82
N LEU A 213 -55.21 -20.33 -4.35
CA LEU A 213 -54.21 -20.55 -5.42
C LEU A 213 -53.09 -21.49 -4.96
N GLY A 214 -52.72 -21.42 -3.69
CA GLY A 214 -51.71 -22.31 -3.12
C GLY A 214 -52.13 -23.75 -2.94
N ILE A 215 -53.43 -24.01 -3.10
CA ILE A 215 -54.04 -25.34 -2.99
C ILE A 215 -54.33 -25.91 -4.41
N GLU A 216 -54.86 -25.06 -5.33
CA GLU A 216 -55.18 -25.44 -6.72
C GLU A 216 -53.91 -25.71 -7.54
N ILE A 217 -52.86 -24.90 -7.33
CA ILE A 217 -51.57 -25.04 -8.01
C ILE A 217 -50.47 -25.38 -6.96
N PRO A 218 -49.31 -25.94 -7.35
CA PRO A 218 -48.26 -26.25 -6.36
C PRO A 218 -47.85 -25.00 -5.57
N ALA A 219 -47.68 -25.12 -4.24
CA ALA A 219 -47.31 -23.98 -3.41
C ALA A 219 -46.05 -23.23 -3.89
N GLU A 220 -45.07 -23.97 -4.43
CA GLU A 220 -43.80 -23.43 -4.95
C GLU A 220 -43.93 -22.69 -6.30
N LYS A 221 -45.12 -22.69 -6.90
CA LYS A 221 -45.39 -22.00 -8.16
C LYS A 221 -46.25 -20.73 -7.99
N VAL A 222 -46.77 -20.49 -6.78
CA VAL A 222 -47.64 -19.37 -6.49
C VAL A 222 -46.95 -18.02 -6.69
N PHE A 223 -45.67 -17.91 -6.30
CA PHE A 223 -44.93 -16.65 -6.47
C PHE A 223 -44.81 -16.20 -7.95
N LEU A 224 -44.73 -17.17 -8.89
CA LEU A 224 -44.63 -16.89 -10.34
C LEU A 224 -45.94 -16.30 -10.84
N ALA A 225 -47.07 -16.84 -10.34
CA ALA A 225 -48.39 -16.37 -10.70
C ALA A 225 -48.57 -14.95 -10.14
N GLN A 226 -48.18 -14.73 -8.86
CA GLN A 226 -48.26 -13.40 -8.24
C GLN A 226 -47.46 -12.36 -9.04
N LYS A 227 -46.18 -12.64 -9.30
CA LYS A 227 -45.30 -11.76 -10.06
C LYS A 227 -45.78 -11.52 -11.48
N MET A 228 -46.34 -12.56 -12.14
CA MET A 228 -46.83 -12.40 -13.50
C MET A 228 -48.06 -11.50 -13.54
N MET A 229 -49.02 -11.77 -12.64
CA MET A 229 -50.27 -11.03 -12.57
C MET A 229 -50.05 -9.59 -12.19
N ILE A 230 -49.18 -9.34 -11.21
CA ILE A 230 -48.85 -7.97 -10.79
C ILE A 230 -48.25 -7.17 -11.98
N GLY A 231 -47.30 -7.78 -12.68
CA GLY A 231 -46.64 -7.15 -13.82
C GLY A 231 -47.59 -6.85 -14.96
N ARG A 232 -48.50 -7.79 -15.24
CA ARG A 232 -49.48 -7.64 -16.31
C ARG A 232 -50.49 -6.53 -15.97
N CYS A 233 -50.88 -6.43 -14.68
CA CYS A 233 -51.79 -5.41 -14.17
C CYS A 233 -51.15 -4.05 -14.25
N ASN A 234 -49.88 -3.97 -13.86
CA ASN A 234 -49.08 -2.74 -13.90
C ASN A 234 -48.97 -2.22 -15.35
N LEU A 235 -48.77 -3.16 -16.29
CA LEU A 235 -48.69 -2.86 -17.71
CA LEU A 235 -48.70 -2.86 -17.72
C LEU A 235 -50.03 -2.30 -18.22
N ALA A 236 -51.15 -2.95 -17.81
CA ALA A 236 -52.52 -2.59 -18.17
C ALA A 236 -53.01 -1.26 -17.55
N GLY A 237 -52.40 -0.86 -16.44
CA GLY A 237 -52.80 0.35 -15.71
C GLY A 237 -53.99 0.12 -14.78
N LYS A 238 -54.26 -1.15 -14.42
CA LYS A 238 -55.36 -1.54 -13.53
C LYS A 238 -54.85 -1.98 -12.14
N PRO A 239 -55.59 -1.59 -11.08
CA PRO A 239 -55.16 -1.98 -9.72
C PRO A 239 -55.05 -3.49 -9.45
N VAL A 240 -54.02 -3.90 -8.70
CA VAL A 240 -53.81 -5.31 -8.33
C VAL A 240 -53.68 -5.44 -6.81
N VAL A 241 -54.32 -6.45 -6.21
CA VAL A 241 -54.26 -6.66 -4.75
C VAL A 241 -53.49 -7.92 -4.41
N CYS A 242 -52.56 -7.86 -3.43
CA CYS A 242 -51.88 -9.07 -2.97
C CYS A 242 -52.62 -9.52 -1.73
N ALA A 243 -53.02 -10.79 -1.66
CA ALA A 243 -53.84 -11.27 -0.56
C ALA A 243 -53.34 -12.57 0.10
N THR A 244 -53.82 -12.86 1.35
CA THR A 244 -53.66 -14.07 2.16
C THR A 244 -52.29 -14.36 2.78
N GLN A 245 -52.31 -14.58 4.12
CA GLN A 245 -51.21 -14.99 4.99
C GLN A 245 -50.01 -14.08 4.95
N MET A 246 -50.24 -12.78 4.69
CA MET A 246 -49.17 -11.79 4.64
C MET A 246 -48.46 -11.63 6.00
N LEU A 247 -49.24 -11.55 7.10
CA LEU A 247 -48.69 -11.46 8.45
C LEU A 247 -49.42 -12.50 9.34
N GLU A 248 -49.62 -13.72 8.83
CA GLU A 248 -50.37 -14.80 9.47
C GLU A 248 -50.05 -15.05 10.94
N SER A 249 -48.76 -15.05 11.34
CA SER A 249 -48.39 -15.29 12.73
C SER A 249 -48.92 -14.23 13.71
N MET A 250 -49.24 -13.03 13.21
CA MET A 250 -49.75 -11.96 14.06
C MET A 250 -51.20 -12.16 14.52
N ILE A 251 -51.86 -13.28 14.11
CA ILE A 251 -53.18 -13.68 14.58
C ILE A 251 -53.03 -14.09 16.08
N THR A 252 -51.91 -14.76 16.45
CA THR A 252 -51.65 -15.16 17.83
C THR A 252 -50.45 -14.41 18.49
N LYS A 253 -49.48 -13.91 17.69
CA LYS A 253 -48.29 -13.23 18.23
C LYS A 253 -48.26 -11.71 17.96
N PRO A 254 -47.59 -10.89 18.81
CA PRO A 254 -47.58 -9.43 18.57
C PRO A 254 -46.63 -8.95 17.48
N ARG A 255 -45.69 -9.81 17.07
CA ARG A 255 -44.71 -9.50 16.05
C ARG A 255 -44.71 -10.58 14.97
N PRO A 256 -44.52 -10.18 13.69
CA PRO A 256 -44.49 -11.19 12.63
C PRO A 256 -43.11 -11.85 12.46
N THR A 257 -43.06 -12.93 11.69
CA THR A 257 -41.80 -13.62 11.42
C THR A 257 -40.98 -12.84 10.35
N ARG A 258 -39.70 -13.20 10.18
CA ARG A 258 -38.83 -12.58 9.19
C ARG A 258 -39.30 -12.86 7.75
N ALA A 259 -40.02 -13.98 7.55
CA ALA A 259 -40.60 -14.34 6.26
C ALA A 259 -41.80 -13.47 5.92
N GLU A 260 -42.63 -13.14 6.93
CA GLU A 260 -43.84 -12.35 6.76
C GLU A 260 -43.56 -10.90 6.45
N THR A 261 -42.58 -10.29 7.13
CA THR A 261 -42.21 -8.90 6.83
C THR A 261 -41.61 -8.84 5.40
N SER A 262 -40.80 -9.86 5.03
CA SER A 262 -40.20 -10.01 3.71
C SER A 262 -41.30 -10.13 2.65
N ASP A 263 -42.33 -10.95 2.91
CA ASP A 263 -43.43 -11.15 1.97
C ASP A 263 -44.15 -9.84 1.64
N VAL A 264 -44.54 -9.10 2.68
CA VAL A 264 -45.24 -7.82 2.56
C VAL A 264 -44.39 -6.83 1.77
N ALA A 265 -43.10 -6.72 2.14
CA ALA A 265 -42.19 -5.80 1.46
C ALA A 265 -42.02 -6.16 -0.01
N ASN A 266 -41.95 -7.46 -0.31
CA ASN A 266 -41.78 -7.91 -1.69
C ASN A 266 -43.02 -7.71 -2.51
N ALA A 267 -44.22 -7.85 -1.93
CA ALA A 267 -45.46 -7.62 -2.67
C ALA A 267 -45.53 -6.15 -3.12
N VAL A 268 -45.10 -5.23 -2.24
CA VAL A 268 -45.05 -3.80 -2.56
C VAL A 268 -44.02 -3.57 -3.66
N LEU A 269 -42.84 -4.19 -3.52
CA LEU A 269 -41.79 -4.07 -4.50
C LEU A 269 -42.19 -4.60 -5.89
N ASP A 270 -42.94 -5.73 -5.93
CA ASP A 270 -43.49 -6.34 -7.15
C ASP A 270 -44.36 -5.34 -7.93
N GLY A 271 -45.08 -4.49 -7.21
CA GLY A 271 -45.91 -3.47 -7.82
C GLY A 271 -47.38 -3.59 -7.47
N ALA A 272 -47.71 -4.20 -6.31
CA ALA A 272 -49.09 -4.34 -5.89
C ALA A 272 -49.66 -2.99 -5.46
N ASP A 273 -50.86 -2.66 -5.95
CA ASP A 273 -51.53 -1.41 -5.61
C ASP A 273 -52.08 -1.46 -4.17
N CYS A 274 -52.55 -2.65 -3.73
CA CYS A 274 -53.12 -2.86 -2.40
C CYS A 274 -52.57 -4.12 -1.77
N ILE A 275 -52.48 -4.13 -0.43
CA ILE A 275 -52.09 -5.31 0.35
C ILE A 275 -53.23 -5.62 1.31
N MET A 276 -53.41 -6.89 1.67
CA MET A 276 -54.57 -7.29 2.45
C MET A 276 -54.31 -8.18 3.70
N LEU A 277 -55.07 -7.89 4.76
CA LEU A 277 -55.05 -8.66 5.98
C LEU A 277 -56.39 -9.38 6.06
N SER A 278 -56.37 -10.72 6.15
CA SER A 278 -57.60 -11.51 6.21
C SER A 278 -57.95 -11.87 7.68
N GLY A 279 -57.48 -13.02 8.18
CA GLY A 279 -57.71 -13.46 9.56
C GLY A 279 -56.89 -12.72 10.60
N GLU A 280 -55.93 -11.90 10.17
CA GLU A 280 -55.09 -11.12 11.06
C GLU A 280 -55.88 -9.95 11.66
N THR A 281 -56.87 -9.41 10.92
CA THR A 281 -57.76 -8.32 11.37
C THR A 281 -59.17 -8.82 11.73
N ALA A 282 -59.65 -9.85 11.03
CA ALA A 282 -60.99 -10.38 11.28
C ALA A 282 -61.09 -11.16 12.58
N LYS A 283 -60.12 -12.02 12.91
CA LYS A 283 -60.20 -12.84 14.13
C LYS A 283 -58.93 -12.86 15.01
N GLY A 284 -57.85 -12.24 14.54
CA GLY A 284 -56.60 -12.24 15.28
C GLY A 284 -56.61 -11.40 16.54
N ASN A 285 -55.72 -11.72 17.49
CA ASN A 285 -55.57 -11.01 18.76
C ASN A 285 -54.96 -9.60 18.57
N PHE A 286 -54.30 -9.34 17.41
CA PHE A 286 -53.64 -8.06 17.13
C PHE A 286 -54.12 -7.47 15.80
N PRO A 287 -55.35 -6.94 15.70
CA PRO A 287 -55.82 -6.38 14.41
C PRO A 287 -55.25 -5.01 14.10
N VAL A 288 -55.20 -4.12 15.11
CA VAL A 288 -54.64 -2.78 14.90
C VAL A 288 -53.12 -2.84 14.70
N GLU A 289 -52.44 -3.80 15.37
CA GLU A 289 -51.01 -4.00 15.27
C GLU A 289 -50.59 -4.43 13.88
N ALA A 290 -51.41 -5.28 13.22
CA ALA A 290 -51.15 -5.78 11.87
C ALA A 290 -51.27 -4.66 10.84
N VAL A 291 -52.26 -3.75 11.01
CA VAL A 291 -52.45 -2.60 10.13
C VAL A 291 -51.25 -1.66 10.25
N LYS A 292 -50.82 -1.41 11.51
CA LYS A 292 -49.66 -0.57 11.82
C LYS A 292 -48.40 -1.16 11.18
N MET A 293 -48.23 -2.49 11.30
CA MET A 293 -47.08 -3.22 10.75
C MET A 293 -47.07 -3.16 9.23
N GLN A 294 -48.24 -3.37 8.58
CA GLN A 294 -48.30 -3.30 7.13
C GLN A 294 -47.98 -1.89 6.65
N HIS A 295 -48.46 -0.86 7.38
CA HIS A 295 -48.18 0.53 7.06
C HIS A 295 -46.66 0.80 7.09
N ALA A 296 -45.99 0.34 8.16
CA ALA A 296 -44.56 0.52 8.38
C ALA A 296 -43.68 -0.10 7.29
N ILE A 297 -43.95 -1.38 6.93
CA ILE A 297 -43.22 -2.12 5.90
C ILE A 297 -43.44 -1.49 4.54
N ALA A 298 -44.70 -1.09 4.21
CA ALA A 298 -45.04 -0.45 2.93
C ALA A 298 -44.28 0.85 2.72
N ARG A 299 -44.25 1.74 3.72
CA ARG A 299 -43.52 2.99 3.68
C ARG A 299 -42.04 2.78 3.35
N GLU A 300 -41.43 1.74 3.96
CA GLU A 300 -40.03 1.41 3.74
C GLU A 300 -39.79 0.87 2.34
N ALA A 301 -40.65 -0.08 1.90
CA ALA A 301 -40.54 -0.71 0.59
C ALA A 301 -40.70 0.29 -0.53
N GLU A 302 -41.68 1.20 -0.45
CA GLU A 302 -41.90 2.20 -1.48
C GLU A 302 -40.72 3.12 -1.70
N ALA A 303 -39.98 3.43 -0.62
CA ALA A 303 -38.77 4.25 -0.73
C ALA A 303 -37.69 3.50 -1.53
N ALA A 304 -37.57 2.19 -1.30
CA ALA A 304 -36.61 1.32 -1.97
C ALA A 304 -36.98 0.93 -3.41
N VAL A 305 -38.08 1.48 -3.96
CA VAL A 305 -38.47 1.18 -5.33
C VAL A 305 -37.50 1.90 -6.27
N TYR A 306 -36.96 1.15 -7.25
CA TYR A 306 -36.00 1.66 -8.20
C TYR A 306 -36.73 2.43 -9.31
N HIS A 307 -37.16 3.66 -9.02
CA HIS A 307 -37.91 4.48 -9.97
C HIS A 307 -37.18 4.75 -11.26
N ARG A 308 -35.83 4.82 -11.24
CA ARG A 308 -35.05 5.07 -12.46
C ARG A 308 -35.39 4.07 -13.59
N GLN A 309 -35.32 2.77 -13.29
CA GLN A 309 -35.64 1.75 -14.26
C GLN A 309 -37.16 1.59 -14.38
N LEU A 310 -37.90 1.67 -13.26
CA LEU A 310 -39.34 1.51 -13.29
C LEU A 310 -40.04 2.48 -14.22
N PHE A 311 -39.77 3.78 -14.09
CA PHE A 311 -40.42 4.77 -14.94
C PHE A 311 -40.02 4.62 -16.37
N GLU A 312 -38.73 4.34 -16.65
CA GLU A 312 -38.29 4.17 -18.03
C GLU A 312 -38.88 2.94 -18.70
N GLU A 313 -39.11 1.86 -17.93
CA GLU A 313 -39.73 0.65 -18.45
C GLU A 313 -41.22 0.88 -18.66
N LEU A 314 -41.88 1.56 -17.71
CA LEU A 314 -43.30 1.88 -17.82
C LEU A 314 -43.53 2.82 -19.00
N ARG A 315 -42.60 3.75 -19.26
CA ARG A 315 -42.70 4.69 -20.36
C ARG A 315 -42.58 3.98 -21.70
N ARG A 316 -41.58 3.06 -21.83
CA ARG A 316 -41.31 2.27 -23.04
C ARG A 316 -42.46 1.30 -23.32
N ALA A 317 -42.95 0.61 -22.28
CA ALA A 317 -44.02 -0.38 -22.36
C ALA A 317 -45.40 0.20 -22.66
N ALA A 318 -45.66 1.44 -22.24
CA ALA A 318 -46.95 2.08 -22.49
C ALA A 318 -47.09 2.40 -23.95
N PRO A 319 -48.23 2.06 -24.55
CA PRO A 319 -48.43 2.37 -25.96
C PRO A 319 -48.64 3.85 -26.21
N LEU A 320 -48.42 4.27 -27.46
CA LEU A 320 -48.70 5.65 -27.85
C LEU A 320 -50.20 5.88 -27.73
N SER A 321 -50.59 7.07 -27.28
CA SER A 321 -52.01 7.34 -27.12
C SER A 321 -52.37 8.65 -27.69
N ARG A 322 -53.54 8.71 -28.33
CA ARG A 322 -54.03 9.99 -28.83
CA ARG A 322 -54.03 9.98 -28.83
C ARG A 322 -55.13 10.57 -27.91
N ASP A 323 -55.22 10.06 -26.63
CA ASP A 323 -56.17 10.49 -25.61
C ASP A 323 -55.53 11.58 -24.78
N PRO A 324 -56.10 12.80 -24.79
CA PRO A 324 -55.49 13.91 -24.05
C PRO A 324 -55.23 13.64 -22.57
N THR A 325 -56.09 12.87 -21.91
CA THR A 325 -55.91 12.55 -20.50
C THR A 325 -54.63 11.71 -20.34
N GLU A 326 -54.47 10.69 -21.19
CA GLU A 326 -53.33 9.76 -21.21
C GLU A 326 -52.02 10.50 -21.48
N VAL A 327 -52.06 11.46 -22.41
CA VAL A 327 -50.92 12.28 -22.83
C VAL A 327 -50.52 13.27 -21.75
N THR A 328 -51.50 13.94 -21.16
CA THR A 328 -51.25 14.89 -20.07
C THR A 328 -50.72 14.14 -18.85
N ALA A 329 -51.19 12.88 -18.61
CA ALA A 329 -50.73 12.05 -17.50
C ALA A 329 -49.25 11.77 -17.59
N ILE A 330 -48.73 11.35 -18.77
CA ILE A 330 -47.30 11.10 -18.94
C ILE A 330 -46.52 12.40 -18.80
N GLY A 331 -46.98 13.45 -19.47
CA GLY A 331 -46.33 14.75 -19.43
C GLY A 331 -46.18 15.30 -18.03
N ALA A 332 -47.23 15.12 -17.21
CA ALA A 332 -47.24 15.57 -15.82
C ALA A 332 -46.28 14.78 -14.97
N VAL A 333 -46.27 13.43 -15.11
CA VAL A 333 -45.35 12.59 -14.33
C VAL A 333 -43.89 12.88 -14.73
N GLU A 334 -43.63 13.13 -16.01
CA GLU A 334 -42.29 13.48 -16.47
C GLU A 334 -41.84 14.82 -15.86
N ALA A 335 -42.74 15.81 -15.83
CA ALA A 335 -42.46 17.13 -15.26
C ALA A 335 -42.23 17.03 -13.76
N ALA A 336 -43.03 16.19 -13.07
CA ALA A 336 -42.91 15.99 -11.62
C ALA A 336 -41.54 15.42 -11.25
N PHE A 337 -41.01 14.50 -12.07
CA PHE A 337 -39.70 13.93 -11.81
C PHE A 337 -38.55 14.92 -12.07
N LYS A 338 -38.70 15.81 -13.06
CA LYS A 338 -37.69 16.81 -13.41
C LYS A 338 -37.40 17.81 -12.27
N CYS A 339 -38.43 18.25 -11.56
CA CYS A 339 -38.27 19.22 -10.49
C CYS A 339 -38.39 18.62 -9.07
N CYS A 340 -38.56 17.28 -8.96
CA CYS A 340 -38.78 16.59 -7.67
C CYS A 340 -40.02 17.18 -7.00
N ALA A 341 -41.14 17.22 -7.75
CA ALA A 341 -42.40 17.78 -7.27
C ALA A 341 -42.87 17.07 -6.02
N ALA A 342 -43.33 17.86 -5.05
CA ALA A 342 -43.81 17.33 -3.78
C ALA A 342 -45.10 16.53 -3.99
N ALA A 343 -45.95 16.98 -4.92
CA ALA A 343 -47.21 16.33 -5.21
C ALA A 343 -47.70 16.70 -6.62
N ILE A 344 -48.66 15.93 -7.14
CA ILE A 344 -49.34 16.20 -8.40
C ILE A 344 -50.79 16.34 -8.00
N ILE A 345 -51.37 17.53 -8.18
CA ILE A 345 -52.75 17.75 -7.80
C ILE A 345 -53.60 17.60 -9.00
N VAL A 346 -54.53 16.64 -8.97
CA VAL A 346 -55.38 16.39 -10.12
C VAL A 346 -56.86 16.50 -9.79
N LEU A 347 -57.60 17.25 -10.62
CA LEU A 347 -59.02 17.43 -10.47
C LEU A 347 -59.70 16.31 -11.23
N THR A 348 -60.40 15.43 -10.52
CA THR A 348 -61.06 14.30 -11.14
C THR A 348 -62.54 14.20 -10.74
N THR A 349 -63.34 13.59 -11.61
CA THR A 349 -64.77 13.41 -11.38
C THR A 349 -65.03 11.91 -11.07
N THR A 350 -64.54 11.02 -11.95
CA THR A 350 -64.65 9.57 -11.86
C THR A 350 -63.43 8.91 -11.19
N GLY A 351 -62.29 9.61 -11.16
CA GLY A 351 -61.03 9.10 -10.65
C GLY A 351 -60.07 8.69 -11.76
N ARG A 352 -60.57 8.58 -13.01
CA ARG A 352 -59.80 8.17 -14.18
C ARG A 352 -58.50 8.93 -14.35
N SER A 353 -58.53 10.27 -14.30
CA SER A 353 -57.32 11.08 -14.44
C SER A 353 -56.27 10.74 -13.40
N ALA A 354 -56.71 10.47 -12.16
CA ALA A 354 -55.78 10.10 -11.09
C ALA A 354 -55.21 8.71 -11.33
N GLN A 355 -56.03 7.79 -11.86
CA GLN A 355 -55.60 6.43 -12.18
C GLN A 355 -54.53 6.49 -13.27
N LEU A 356 -54.74 7.34 -14.28
CA LEU A 356 -53.79 7.50 -15.37
C LEU A 356 -52.47 8.12 -14.94
N LEU A 357 -52.45 8.88 -13.86
CA LEU A 357 -51.22 9.44 -13.32
C LEU A 357 -50.50 8.31 -12.52
N SER A 358 -51.27 7.55 -11.72
CA SER A 358 -50.79 6.43 -10.88
C SER A 358 -50.07 5.34 -11.66
N ARG A 359 -50.58 5.00 -12.86
CA ARG A 359 -50.02 3.93 -13.70
C ARG A 359 -48.54 4.15 -14.06
N TYR A 360 -48.06 5.41 -14.05
CA TYR A 360 -46.66 5.73 -14.32
C TYR A 360 -45.79 5.76 -13.06
N ARG A 361 -46.33 5.30 -11.91
CA ARG A 361 -45.68 5.19 -10.62
C ARG A 361 -44.79 6.37 -10.27
N PRO A 362 -45.38 7.58 -10.17
CA PRO A 362 -44.57 8.75 -9.79
C PRO A 362 -44.11 8.65 -8.33
N ARG A 363 -43.00 9.34 -7.99
CA ARG A 363 -42.57 9.42 -6.60
C ARG A 363 -43.42 10.51 -5.86
N ALA A 364 -43.94 11.53 -6.60
CA ALA A 364 -44.80 12.59 -6.09
C ALA A 364 -46.18 12.04 -5.75
N ALA A 365 -46.79 12.53 -4.66
CA ALA A 365 -48.10 12.04 -4.25
C ALA A 365 -49.19 12.57 -5.14
N VAL A 366 -50.03 11.69 -5.68
CA VAL A 366 -51.14 12.14 -6.50
C VAL A 366 -52.30 12.54 -5.61
N ILE A 367 -52.38 13.83 -5.28
CA ILE A 367 -53.46 14.37 -4.48
C ILE A 367 -54.64 14.58 -5.42
N ALA A 368 -55.69 13.76 -5.28
CA ALA A 368 -56.83 13.83 -6.18
C ALA A 368 -58.02 14.49 -5.53
N VAL A 369 -58.43 15.67 -6.04
CA VAL A 369 -59.58 16.43 -5.54
C VAL A 369 -60.85 16.09 -6.35
N THR A 370 -61.84 15.46 -5.68
CA THR A 370 -63.09 15.06 -6.32
C THR A 370 -64.30 15.42 -5.47
N ARG A 371 -65.42 15.72 -6.14
CA ARG A 371 -66.67 15.99 -5.46
C ARG A 371 -67.48 14.67 -5.24
N SER A 372 -67.22 13.62 -6.04
CA SER A 372 -67.87 12.32 -5.93
C SER A 372 -67.27 11.57 -4.73
N ALA A 373 -68.10 11.14 -3.76
CA ALA A 373 -67.68 10.39 -2.57
C ALA A 373 -67.32 8.94 -2.95
N GLN A 374 -68.03 8.36 -3.93
CA GLN A 374 -67.73 6.99 -4.35
C GLN A 374 -66.36 6.95 -5.03
N ALA A 375 -66.05 7.92 -5.91
CA ALA A 375 -64.74 8.01 -6.57
C ALA A 375 -63.64 8.17 -5.51
N ALA A 376 -63.84 9.04 -4.51
CA ALA A 376 -62.86 9.27 -3.43
C ALA A 376 -62.56 8.00 -2.64
N ARG A 377 -63.55 7.12 -2.48
CA ARG A 377 -63.34 5.86 -1.77
C ARG A 377 -62.64 4.88 -2.69
N GLN A 378 -63.09 4.79 -3.95
CA GLN A 378 -62.55 3.88 -4.95
C GLN A 378 -61.11 4.14 -5.40
N VAL A 379 -60.61 5.38 -5.32
CA VAL A 379 -59.22 5.64 -5.72
C VAL A 379 -58.19 5.06 -4.75
N HIS A 380 -58.63 4.47 -3.62
CA HIS A 380 -57.72 3.75 -2.73
C HIS A 380 -57.17 2.50 -3.44
N LEU A 381 -57.92 1.96 -4.43
CA LEU A 381 -57.47 0.87 -5.27
C LEU A 381 -56.19 1.22 -6.02
N CYS A 382 -55.97 2.51 -6.37
CA CYS A 382 -54.76 2.94 -7.06
C CYS A 382 -53.67 3.38 -6.10
N ARG A 383 -52.47 2.83 -6.28
CA ARG A 383 -51.34 3.17 -5.44
C ARG A 383 -50.89 4.60 -5.71
N GLY A 384 -50.68 5.35 -4.63
CA GLY A 384 -50.17 6.71 -4.74
C GLY A 384 -51.19 7.81 -4.94
N VAL A 385 -52.48 7.44 -4.90
CA VAL A 385 -53.57 8.40 -5.03
C VAL A 385 -54.15 8.64 -3.64
N PHE A 386 -54.10 9.91 -3.23
CA PHE A 386 -54.55 10.37 -1.93
C PHE A 386 -55.80 11.20 -2.15
N PRO A 387 -56.99 10.60 -1.94
CA PRO A 387 -58.23 11.33 -2.20
C PRO A 387 -58.59 12.44 -1.22
N LEU A 388 -59.20 13.50 -1.75
CA LEU A 388 -59.72 14.63 -1.00
C LEU A 388 -61.14 14.85 -1.48
N LEU A 389 -62.12 14.80 -0.56
CA LEU A 389 -63.51 15.02 -0.95
C LEU A 389 -63.82 16.52 -0.81
N TYR A 390 -64.10 17.18 -1.95
CA TYR A 390 -64.42 18.60 -1.95
C TYR A 390 -65.91 18.74 -1.71
N ARG A 391 -66.26 19.37 -0.57
CA ARG A 391 -67.61 19.57 -0.05
C ARG A 391 -68.08 21.02 -0.04
N GLU A 392 -67.65 21.81 -1.02
CA GLU A 392 -68.12 23.19 -1.16
CA GLU A 392 -68.14 23.18 -1.15
C GLU A 392 -68.97 23.29 -2.44
N PRO A 393 -70.03 24.12 -2.45
CA PRO A 393 -70.87 24.20 -3.65
C PRO A 393 -70.23 25.01 -4.76
N PRO A 394 -70.57 24.69 -6.02
CA PRO A 394 -69.91 25.32 -7.16
C PRO A 394 -69.98 26.85 -7.25
N GLU A 395 -68.91 27.47 -7.77
CA GLU A 395 -68.82 28.91 -8.02
C GLU A 395 -69.55 29.17 -9.35
N ALA A 396 -70.02 30.40 -9.56
CA ALA A 396 -70.70 30.76 -10.80
C ALA A 396 -69.74 30.65 -11.98
N ILE A 397 -68.49 31.12 -11.79
CA ILE A 397 -67.46 31.02 -12.82
C ILE A 397 -66.72 29.68 -12.66
N TRP A 398 -66.70 28.86 -13.72
CA TRP A 398 -66.04 27.55 -13.66
C TRP A 398 -64.57 27.64 -13.37
N ALA A 399 -63.87 28.62 -13.95
CA ALA A 399 -62.44 28.79 -13.70
C ALA A 399 -62.16 29.09 -12.23
N ASP A 400 -63.05 29.83 -11.57
CA ASP A 400 -62.91 30.14 -10.15
C ASP A 400 -63.12 28.89 -9.31
N ASP A 401 -64.11 28.06 -9.69
CA ASP A 401 -64.41 26.81 -9.00
C ASP A 401 -63.24 25.83 -9.09
N VAL A 402 -62.54 25.84 -10.24
CA VAL A 402 -61.38 25.00 -10.46
C VAL A 402 -60.24 25.46 -9.55
N ASP A 403 -59.96 26.77 -9.51
CA ASP A 403 -58.92 27.34 -8.66
CA ASP A 403 -58.90 27.31 -8.66
C ASP A 403 -59.19 27.08 -7.17
N ARG A 404 -60.46 27.12 -6.74
CA ARG A 404 -60.80 26.86 -5.34
C ARG A 404 -60.52 25.39 -4.96
N ARG A 405 -60.71 24.46 -5.91
CA ARG A 405 -60.40 23.06 -5.68
C ARG A 405 -58.90 22.80 -5.66
N VAL A 406 -58.14 23.54 -6.46
CA VAL A 406 -56.68 23.46 -6.50
C VAL A 406 -56.11 23.98 -5.17
N GLN A 407 -56.70 25.07 -4.64
CA GLN A 407 -56.29 25.61 -3.35
C GLN A 407 -56.63 24.68 -2.21
N PHE A 408 -57.80 24.02 -2.28
CA PHE A 408 -58.20 23.02 -1.28
C PHE A 408 -57.18 21.89 -1.19
N GLY A 409 -56.64 21.50 -2.34
CA GLY A 409 -55.61 20.48 -2.44
C GLY A 409 -54.30 20.94 -1.85
N ILE A 410 -53.91 22.18 -2.11
CA ILE A 410 -52.66 22.72 -1.57
C ILE A 410 -52.77 22.88 -0.05
N GLU A 411 -53.93 23.31 0.45
CA GLU A 411 -54.14 23.47 1.89
C GLU A 411 -54.16 22.14 2.61
N SER A 412 -54.87 21.13 2.08
CA SER A 412 -54.86 19.80 2.70
C SER A 412 -53.47 19.16 2.62
N GLY A 413 -52.74 19.45 1.53
CA GLY A 413 -51.39 18.94 1.34
C GLY A 413 -50.49 19.49 2.41
N LYS A 414 -50.48 20.83 2.56
CA LYS A 414 -49.70 21.54 3.56
C LYS A 414 -50.04 21.03 4.96
N LEU A 415 -51.35 20.94 5.27
CA LEU A 415 -51.85 20.47 6.55
C LEU A 415 -51.39 19.06 6.87
N ARG A 416 -51.56 18.11 5.94
CA ARG A 416 -51.18 16.72 6.17
C ARG A 416 -49.68 16.42 6.00
N GLY A 417 -48.87 17.45 5.74
CA GLY A 417 -47.42 17.29 5.64
C GLY A 417 -46.84 16.98 4.27
N PHE A 418 -47.70 16.85 3.25
CA PHE A 418 -47.23 16.57 1.89
C PHE A 418 -46.48 17.74 1.29
N LEU A 419 -46.88 18.96 1.65
CA LEU A 419 -46.32 20.14 1.06
C LEU A 419 -45.80 21.10 2.10
N ARG A 420 -44.79 21.84 1.69
CA ARG A 420 -44.14 22.91 2.43
C ARG A 420 -44.00 24.10 1.47
N VAL A 421 -43.96 25.32 2.00
CA VAL A 421 -43.78 26.51 1.17
C VAL A 421 -42.40 26.43 0.49
N GLY A 422 -42.37 26.72 -0.80
CA GLY A 422 -41.14 26.59 -1.58
C GLY A 422 -41.13 25.36 -2.46
N ASP A 423 -41.93 24.32 -2.10
CA ASP A 423 -42.05 23.09 -2.88
C ASP A 423 -42.70 23.35 -4.24
N LEU A 424 -42.37 22.52 -5.22
CA LEU A 424 -43.00 22.63 -6.53
C LEU A 424 -44.08 21.55 -6.66
N VAL A 425 -45.22 21.88 -7.28
CA VAL A 425 -46.32 20.95 -7.51
C VAL A 425 -46.80 21.03 -8.96
N ILE A 426 -47.28 19.90 -9.47
CA ILE A 426 -47.79 19.85 -10.83
C ILE A 426 -49.30 19.80 -10.74
N VAL A 427 -50.00 20.71 -11.39
CA VAL A 427 -51.45 20.77 -11.33
C VAL A 427 -52.04 20.27 -12.63
N VAL A 428 -52.89 19.25 -12.57
CA VAL A 428 -53.52 18.66 -13.75
C VAL A 428 -55.02 18.92 -13.76
N THR A 429 -55.49 19.67 -14.78
CA THR A 429 -56.88 20.07 -14.97
C THR A 429 -57.36 19.83 -16.44
N GLY A 430 -58.62 20.14 -16.70
CA GLY A 430 -59.20 20.04 -18.03
C GLY A 430 -59.58 21.40 -18.58
N TRP A 431 -60.04 21.41 -19.83
CA TRP A 431 -60.42 22.65 -20.50
C TRP A 431 -61.91 23.02 -20.32
N ARG A 432 -62.75 22.05 -19.97
CA ARG A 432 -64.17 22.25 -19.76
C ARG A 432 -64.69 21.26 -18.70
N PRO A 433 -65.83 21.55 -18.04
CA PRO A 433 -66.34 20.62 -17.00
C PRO A 433 -66.82 19.28 -17.55
N GLY A 434 -67.00 18.32 -16.66
CA GLY A 434 -67.41 16.99 -17.05
C GLY A 434 -66.22 16.07 -17.17
N SER A 435 -66.45 14.77 -17.03
CA SER A 435 -65.39 13.78 -17.10
C SER A 435 -64.83 13.61 -18.52
N GLY A 436 -63.54 13.30 -18.60
CA GLY A 436 -62.85 12.99 -19.84
C GLY A 436 -62.16 14.11 -20.59
N TYR A 437 -62.17 15.34 -20.06
CA TYR A 437 -61.56 16.48 -20.77
C TYR A 437 -60.25 16.97 -20.19
N THR A 438 -59.56 16.14 -19.36
CA THR A 438 -58.27 16.51 -18.79
C THR A 438 -57.26 16.72 -19.91
N ASN A 439 -56.63 17.89 -19.97
CA ASN A 439 -55.65 18.18 -21.02
C ASN A 439 -54.58 19.22 -20.63
N ILE A 440 -54.66 19.78 -19.41
CA ILE A 440 -53.73 20.83 -19.02
C ILE A 440 -52.83 20.42 -17.87
N MET A 441 -51.57 20.84 -17.95
CA MET A 441 -50.61 20.62 -16.90
CA MET A 441 -50.54 20.59 -16.95
C MET A 441 -49.96 21.96 -16.54
N ARG A 442 -49.79 22.22 -15.26
CA ARG A 442 -49.28 23.49 -14.79
C ARG A 442 -48.21 23.32 -13.72
N VAL A 443 -47.10 24.05 -13.83
CA VAL A 443 -46.04 23.99 -12.83
C VAL A 443 -46.32 25.11 -11.82
N LEU A 444 -46.53 24.75 -10.56
CA LEU A 444 -46.89 25.70 -9.52
C LEU A 444 -45.93 25.69 -8.34
N SER A 445 -45.55 26.87 -7.82
CA SER A 445 -44.69 26.91 -6.64
C SER A 445 -45.55 27.20 -5.40
N ILE A 446 -45.42 26.38 -4.34
CA ILE A 446 -46.19 26.54 -3.12
C ILE A 446 -45.86 27.80 -2.36
N SER A 447 -46.91 28.61 -2.07
CA SER A 447 -46.87 29.84 -1.26
C SER A 447 -45.55 30.66 -1.38
N ARG B 12 -44.66 -4.69 -30.49
CA ARG B 12 -45.76 -4.21 -31.33
C ARG B 12 -47.01 -3.86 -30.53
N ALA B 13 -47.18 -4.39 -29.30
CA ALA B 13 -48.35 -4.04 -28.48
C ALA B 13 -48.36 -2.56 -28.07
N ASP B 14 -47.16 -1.91 -28.03
CA ASP B 14 -46.99 -0.49 -27.71
C ASP B 14 -47.22 0.47 -28.93
N VAL B 15 -47.66 -0.09 -30.07
CA VAL B 15 -48.00 0.62 -31.32
C VAL B 15 -49.21 -0.02 -32.04
N ALA B 16 -49.70 -1.21 -31.60
CA ALA B 16 -50.80 -1.93 -32.22
C ALA B 16 -52.03 -1.07 -32.36
N GLN B 17 -52.34 -0.28 -31.32
CA GLN B 17 -53.51 0.61 -31.30
C GLN B 17 -53.30 1.85 -32.17
N LEU B 18 -52.14 2.52 -32.05
CA LEU B 18 -51.90 3.72 -32.86
C LEU B 18 -51.67 3.39 -34.36
N THR B 19 -51.23 2.16 -34.67
CA THR B 19 -51.06 1.72 -36.07
C THR B 19 -52.43 1.52 -36.70
N GLN B 20 -53.40 1.00 -35.93
CA GLN B 20 -54.76 0.82 -36.39
C GLN B 20 -55.37 2.21 -36.64
N GLU B 21 -55.18 3.17 -35.72
CA GLU B 21 -55.71 4.55 -35.84
C GLU B 21 -55.05 5.41 -36.93
N LEU B 22 -53.77 5.76 -36.79
CA LEU B 22 -53.05 6.59 -37.75
C LEU B 22 -52.76 5.89 -39.10
N GLY B 23 -52.71 4.55 -39.06
CA GLY B 23 -52.52 3.71 -40.24
C GLY B 23 -51.15 3.12 -40.42
N THR B 24 -51.04 2.02 -41.19
CA THR B 24 -49.75 1.39 -41.49
C THR B 24 -48.93 2.28 -42.43
N ALA B 25 -49.56 3.03 -43.36
CA ALA B 25 -48.83 3.94 -44.26
C ALA B 25 -48.18 5.10 -43.51
N PHE B 26 -48.79 5.58 -42.41
CA PHE B 26 -48.19 6.66 -41.62
C PHE B 26 -46.90 6.18 -40.95
N PHE B 27 -46.92 4.94 -40.42
CA PHE B 27 -45.78 4.40 -39.71
C PHE B 27 -44.68 3.85 -40.62
N GLN B 28 -44.77 4.06 -41.95
CA GLN B 28 -43.70 3.68 -42.87
C GLN B 28 -42.87 4.91 -43.21
N GLN B 29 -43.50 6.11 -43.29
CA GLN B 29 -42.85 7.39 -43.60
C GLN B 29 -41.92 7.86 -42.48
N GLN B 30 -41.08 8.86 -42.79
CA GLN B 30 -40.08 9.55 -41.94
C GLN B 30 -39.34 8.61 -40.96
N GLN B 31 -38.81 7.49 -41.49
CA GLN B 31 -38.04 6.46 -40.77
C GLN B 31 -38.63 6.10 -39.41
N LEU B 32 -39.95 5.95 -39.36
CA LEU B 32 -40.63 5.57 -38.14
C LEU B 32 -40.36 4.12 -37.72
N PRO B 33 -40.20 3.11 -38.62
CA PRO B 33 -39.87 1.76 -38.13
C PRO B 33 -38.46 1.76 -37.51
N ALA B 34 -37.51 2.50 -38.11
CA ALA B 34 -36.14 2.64 -37.64
C ALA B 34 -36.05 3.33 -36.27
N ALA B 35 -36.87 4.39 -36.03
CA ALA B 35 -36.88 5.13 -34.76
C ALA B 35 -37.53 4.39 -33.60
N MET B 36 -38.36 3.36 -33.90
CA MET B 36 -39.03 2.51 -32.90
C MET B 36 -38.18 1.31 -32.46
N ALA B 37 -36.99 1.11 -33.07
CA ALA B 37 -36.11 -0.01 -32.78
C ALA B 37 -35.58 0.02 -31.37
N ASP B 38 -35.45 -1.15 -30.75
CA ASP B 38 -34.97 -1.31 -29.38
C ASP B 38 -33.45 -1.08 -29.23
N THR B 39 -32.69 -1.24 -30.33
CA THR B 39 -31.25 -0.99 -30.36
C THR B 39 -30.86 -0.05 -31.52
N PHE B 40 -29.69 0.57 -31.42
CA PHE B 40 -29.16 1.43 -32.46
C PHE B 40 -28.77 0.60 -33.70
N LEU B 41 -28.29 -0.64 -33.50
CA LEU B 41 -27.92 -1.52 -34.60
C LEU B 41 -29.18 -1.85 -35.40
N GLU B 42 -30.27 -2.19 -34.70
CA GLU B 42 -31.58 -2.49 -35.30
C GLU B 42 -32.12 -1.26 -36.04
N HIS B 43 -31.91 -0.06 -35.48
CA HIS B 43 -32.30 1.22 -36.08
C HIS B 43 -31.64 1.36 -37.46
N LEU B 44 -30.32 1.13 -37.54
CA LEU B 44 -29.58 1.19 -38.79
C LEU B 44 -30.12 0.18 -39.81
N CYS B 45 -30.44 -1.04 -39.37
CA CYS B 45 -30.98 -2.08 -40.24
C CYS B 45 -32.34 -1.74 -40.81
N LEU B 46 -33.13 -0.91 -40.09
CA LEU B 46 -34.47 -0.52 -40.50
C LEU B 46 -34.54 0.79 -41.33
N LEU B 47 -33.38 1.38 -41.69
CA LEU B 47 -33.37 2.59 -42.50
C LEU B 47 -33.83 2.24 -43.91
N ASP B 48 -34.92 2.84 -44.36
CA ASP B 48 -35.49 2.54 -45.67
C ASP B 48 -35.32 3.73 -46.63
N ILE B 49 -34.75 3.53 -47.82
CA ILE B 49 -34.63 4.63 -48.81
C ILE B 49 -36.03 5.02 -49.36
N ASP B 50 -36.98 4.07 -49.35
CA ASP B 50 -38.35 4.28 -49.81
C ASP B 50 -39.28 4.92 -48.74
N SER B 51 -38.75 5.20 -47.55
CA SER B 51 -39.46 5.86 -46.46
C SER B 51 -39.21 7.34 -46.64
N GLU B 52 -40.20 8.09 -47.13
CA GLU B 52 -40.03 9.51 -47.41
C GLU B 52 -40.19 10.43 -46.20
N PRO B 53 -39.47 11.57 -46.16
CA PRO B 53 -39.62 12.49 -45.03
C PRO B 53 -40.91 13.29 -45.10
N VAL B 54 -41.67 13.36 -43.99
CA VAL B 54 -42.94 14.08 -43.96
C VAL B 54 -42.77 15.44 -43.30
N ALA B 55 -42.08 15.47 -42.16
CA ALA B 55 -41.85 16.69 -41.40
C ALA B 55 -41.07 17.78 -42.18
N ALA B 56 -41.22 19.03 -41.77
CA ALA B 56 -40.48 20.14 -42.38
C ALA B 56 -39.00 20.06 -41.95
N ARG B 57 -38.12 20.69 -42.74
CA ARG B 57 -36.70 20.67 -42.45
C ARG B 57 -36.40 21.58 -41.28
N SER B 58 -35.89 21.00 -40.18
CA SER B 58 -35.59 21.70 -38.94
C SER B 58 -34.20 22.38 -38.89
N THR B 59 -33.13 21.68 -39.33
CA THR B 59 -31.77 22.25 -39.35
C THR B 59 -31.71 23.47 -40.26
N SER B 60 -31.38 24.63 -39.71
CA SER B 60 -31.34 25.86 -40.49
C SER B 60 -30.11 25.93 -41.44
N ILE B 61 -30.25 26.69 -42.54
CA ILE B 61 -29.20 26.84 -43.53
C ILE B 61 -28.66 28.24 -43.52
N ILE B 62 -27.34 28.38 -43.30
CA ILE B 62 -26.64 29.67 -43.31
C ILE B 62 -26.02 29.80 -44.69
N ALA B 63 -26.34 30.84 -45.43
CA ALA B 63 -25.79 31.05 -46.76
C ALA B 63 -24.93 32.29 -46.78
N THR B 64 -23.68 32.16 -47.26
CA THR B 64 -22.78 33.30 -47.34
C THR B 64 -23.12 34.17 -48.53
N ILE B 65 -23.40 35.44 -48.25
CA ILE B 65 -23.76 36.40 -49.27
C ILE B 65 -22.53 36.99 -49.94
N GLY B 66 -22.43 36.75 -51.23
CA GLY B 66 -21.33 37.25 -52.03
C GLY B 66 -21.83 37.70 -53.39
N PRO B 67 -20.90 37.86 -54.36
CA PRO B 67 -21.32 38.30 -55.70
C PRO B 67 -22.32 37.36 -56.39
N ALA B 68 -22.16 36.05 -56.18
CA ALA B 68 -23.07 35.07 -56.78
C ALA B 68 -24.45 35.03 -56.13
N SER B 69 -24.66 35.74 -55.02
CA SER B 69 -25.94 35.69 -54.31
C SER B 69 -26.28 37.06 -53.71
N ARG B 70 -26.13 38.14 -54.50
CA ARG B 70 -26.37 39.48 -53.97
C ARG B 70 -27.61 40.17 -54.52
N SER B 71 -28.03 39.86 -55.76
CA SER B 71 -29.20 40.52 -56.34
C SER B 71 -30.45 40.17 -55.57
N VAL B 72 -31.38 41.15 -55.45
CA VAL B 72 -32.64 40.94 -54.75
C VAL B 72 -33.44 39.78 -55.36
N GLU B 73 -33.32 39.58 -56.68
CA GLU B 73 -34.02 38.50 -57.37
C GLU B 73 -33.41 37.13 -57.05
N ARG B 74 -32.04 37.05 -57.00
CA ARG B 74 -31.29 35.84 -56.66
C ARG B 74 -31.57 35.46 -55.20
N LEU B 75 -31.60 36.45 -54.30
CA LEU B 75 -31.88 36.27 -52.88
C LEU B 75 -33.29 35.75 -52.65
N LYS B 76 -34.27 36.22 -53.42
CA LYS B 76 -35.64 35.76 -53.34
C LYS B 76 -35.71 34.25 -53.62
N GLU B 77 -34.91 33.78 -54.60
CA GLU B 77 -34.83 32.37 -54.99
C GLU B 77 -34.18 31.52 -53.89
N MET B 78 -33.16 32.07 -53.22
CA MET B 78 -32.47 31.37 -52.14
CA MET B 78 -32.48 31.37 -52.14
C MET B 78 -33.37 31.25 -50.90
N ILE B 79 -34.25 32.27 -50.67
CA ILE B 79 -35.18 32.23 -49.54
C ILE B 79 -36.19 31.08 -49.80
N LYS B 80 -36.69 30.99 -51.05
CA LYS B 80 -37.62 29.95 -51.49
C LYS B 80 -36.99 28.56 -51.39
N ALA B 81 -35.67 28.44 -51.75
CA ALA B 81 -34.90 27.19 -51.70
C ALA B 81 -34.65 26.70 -50.26
N GLY B 82 -34.65 27.62 -49.29
CA GLY B 82 -34.51 27.30 -47.87
C GLY B 82 -33.51 28.06 -47.02
N MET B 83 -33.03 29.23 -47.47
CA MET B 83 -32.08 30.01 -46.68
C MET B 83 -32.77 30.61 -45.45
N ASN B 84 -32.15 30.47 -44.27
CA ASN B 84 -32.71 30.99 -43.03
C ASN B 84 -31.83 32.08 -42.44
N ILE B 85 -30.51 31.95 -42.61
CA ILE B 85 -29.57 32.94 -42.10
C ILE B 85 -28.66 33.39 -43.25
N ALA B 86 -28.46 34.70 -43.38
CA ALA B 86 -27.62 35.29 -44.42
C ALA B 86 -26.30 35.75 -43.78
N ARG B 87 -25.19 35.11 -44.13
CA ARG B 87 -23.89 35.42 -43.55
C ARG B 87 -23.11 36.45 -44.36
N LEU B 88 -22.63 37.51 -43.69
CA LEU B 88 -21.81 38.51 -44.34
C LEU B 88 -20.38 38.31 -43.89
N ASN B 89 -19.48 37.87 -44.79
CA ASN B 89 -18.08 37.66 -44.42
C ASN B 89 -17.31 38.99 -44.44
N PHE B 90 -16.99 39.52 -43.26
CA PHE B 90 -16.27 40.79 -43.15
C PHE B 90 -14.77 40.69 -43.41
N SER B 91 -14.28 39.49 -43.79
CA SER B 91 -12.89 39.29 -44.21
C SER B 91 -12.67 39.84 -45.64
N HIS B 92 -13.76 40.06 -46.41
CA HIS B 92 -13.74 40.57 -47.78
C HIS B 92 -14.79 41.68 -47.91
N GLY B 93 -14.47 42.71 -48.71
CA GLY B 93 -15.40 43.79 -48.98
C GLY B 93 -15.45 44.91 -47.96
N SER B 94 -15.91 46.09 -48.41
CA SER B 94 -16.03 47.31 -47.62
C SER B 94 -17.34 47.37 -46.82
N HIS B 95 -17.42 48.31 -45.85
CA HIS B 95 -18.66 48.52 -45.09
C HIS B 95 -19.81 48.91 -46.02
N GLU B 96 -19.51 49.71 -47.06
CA GLU B 96 -20.49 50.15 -48.03
C GLU B 96 -21.08 48.94 -48.77
N TYR B 97 -20.21 47.99 -49.16
CA TYR B 97 -20.57 46.75 -49.85
C TYR B 97 -21.53 45.92 -49.01
N HIS B 98 -21.18 45.67 -47.73
CA HIS B 98 -21.99 44.88 -46.82
C HIS B 98 -23.31 45.55 -46.47
N ALA B 99 -23.36 46.89 -46.44
CA ALA B 99 -24.60 47.61 -46.19
C ALA B 99 -25.58 47.37 -47.34
N GLU B 100 -25.07 47.34 -48.60
CA GLU B 100 -25.90 47.08 -49.78
C GLU B 100 -26.43 45.64 -49.78
N SER B 101 -25.60 44.70 -49.29
CA SER B 101 -25.99 43.30 -49.16
C SER B 101 -27.16 43.20 -48.16
N ILE B 102 -27.05 43.88 -46.99
CA ILE B 102 -28.07 43.94 -45.95
C ILE B 102 -29.38 44.47 -46.53
N ALA B 103 -29.29 45.54 -47.33
CA ALA B 103 -30.45 46.17 -47.96
C ALA B 103 -31.12 45.22 -48.96
N ASN B 104 -30.31 44.52 -49.78
CA ASN B 104 -30.83 43.58 -50.78
C ASN B 104 -31.49 42.37 -50.15
N VAL B 105 -30.93 41.91 -49.02
CA VAL B 105 -31.49 40.79 -48.27
C VAL B 105 -32.82 41.21 -47.67
N ARG B 106 -32.86 42.37 -46.98
CA ARG B 106 -34.07 42.88 -46.37
C ARG B 106 -35.18 43.14 -47.37
N GLU B 107 -34.81 43.61 -48.57
CA GLU B 107 -35.76 43.88 -49.66
C GLU B 107 -36.38 42.56 -50.15
N ALA B 108 -35.53 41.53 -50.33
CA ALA B 108 -35.98 40.21 -50.76
C ALA B 108 -36.85 39.51 -49.71
N VAL B 109 -36.55 39.70 -48.41
CA VAL B 109 -37.33 39.09 -47.33
C VAL B 109 -38.68 39.77 -47.20
N GLU B 110 -38.69 41.11 -47.27
CA GLU B 110 -39.93 41.86 -47.15
C GLU B 110 -40.83 41.76 -48.38
N SER B 111 -40.35 41.18 -49.48
CA SER B 111 -41.18 40.98 -50.66
C SER B 111 -42.28 39.92 -50.44
N PHE B 112 -42.21 39.14 -49.33
CA PHE B 112 -43.21 38.13 -48.97
C PHE B 112 -44.00 38.52 -47.70
N ALA B 113 -43.84 39.79 -47.21
CA ALA B 113 -44.54 40.27 -46.00
C ALA B 113 -46.04 40.47 -46.15
N GLY B 114 -46.51 40.52 -47.38
CA GLY B 114 -47.92 40.67 -47.71
C GLY B 114 -48.77 39.55 -47.16
N SER B 115 -48.20 38.35 -47.03
CA SER B 115 -48.92 37.21 -46.49
C SER B 115 -48.26 36.83 -45.17
N PRO B 116 -48.66 37.43 -44.03
CA PRO B 116 -48.02 37.12 -42.73
C PRO B 116 -48.13 35.67 -42.24
N LEU B 117 -49.09 34.88 -42.78
CA LEU B 117 -49.18 33.45 -42.41
C LEU B 117 -48.18 32.59 -43.24
N SER B 118 -47.53 33.16 -44.28
CA SER B 118 -46.55 32.47 -45.16
C SER B 118 -45.32 33.34 -45.51
N TYR B 119 -44.89 34.18 -44.54
CA TYR B 119 -43.74 35.08 -44.61
C TYR B 119 -42.61 34.39 -43.87
N ARG B 120 -41.41 34.37 -44.46
CA ARG B 120 -40.27 33.72 -43.83
C ARG B 120 -39.19 34.70 -43.40
N PRO B 121 -39.00 34.87 -42.07
CA PRO B 121 -37.95 35.79 -41.59
C PRO B 121 -36.55 35.23 -41.81
N VAL B 122 -35.59 36.08 -42.15
CA VAL B 122 -34.22 35.63 -42.38
C VAL B 122 -33.28 36.42 -41.46
N ALA B 123 -32.47 35.72 -40.65
CA ALA B 123 -31.53 36.40 -39.76
C ALA B 123 -30.32 36.92 -40.55
N ILE B 124 -29.65 37.94 -40.03
CA ILE B 124 -28.45 38.47 -40.67
C ILE B 124 -27.27 38.28 -39.73
N ALA B 125 -26.25 37.56 -40.18
CA ALA B 125 -25.07 37.31 -39.36
C ALA B 125 -23.82 38.01 -39.86
N LEU B 126 -23.03 38.58 -38.95
CA LEU B 126 -21.79 39.26 -39.31
C LEU B 126 -20.62 38.40 -38.90
N ASP B 127 -19.82 37.96 -39.87
CA ASP B 127 -18.66 37.11 -39.58
C ASP B 127 -17.41 37.99 -39.55
N THR B 128 -16.88 38.26 -38.37
CA THR B 128 -15.71 39.14 -38.19
C THR B 128 -14.46 38.66 -38.92
N LYS B 129 -13.57 39.63 -39.26
CA LYS B 129 -12.30 39.41 -39.94
C LYS B 129 -11.33 38.57 -39.07
N GLY B 130 -11.30 38.86 -37.78
CA GLY B 130 -10.48 38.12 -36.83
C GLY B 130 -9.32 38.89 -36.21
N PRO B 131 -8.67 38.28 -35.21
CA PRO B 131 -7.53 38.95 -34.56
C PRO B 131 -6.22 38.87 -35.34
N GLY B 132 -6.09 37.90 -36.25
CA GLY B 132 -4.88 37.68 -37.04
C GLY B 132 -3.64 37.45 -36.19
N SER B 133 -2.62 38.31 -36.36
CA SER B 133 -1.37 38.25 -35.59
C SER B 133 -1.62 38.63 -34.09
N GLY B 134 -2.56 39.55 -33.87
CA GLY B 134 -2.91 40.08 -32.56
C GLY B 134 -3.34 39.07 -31.51
N PRO B 135 -3.28 39.48 -30.22
CA PRO B 135 -3.68 38.58 -29.12
C PRO B 135 -5.17 38.58 -28.78
N GLY B 136 -5.87 39.66 -29.14
CA GLY B 136 -7.30 39.84 -28.87
C GLY B 136 -8.01 40.56 -29.99
N LEU B 137 -9.10 41.27 -29.64
CA LEU B 137 -9.93 42.01 -30.57
C LEU B 137 -9.19 43.08 -31.36
N SER B 138 -9.07 42.88 -32.68
CA SER B 138 -8.38 43.82 -33.55
C SER B 138 -9.12 45.16 -33.68
N GLU B 139 -8.42 46.20 -34.14
CA GLU B 139 -9.01 47.52 -34.30
C GLU B 139 -10.07 47.52 -35.38
N GLN B 140 -9.83 46.78 -36.47
CA GLN B 140 -10.82 46.67 -37.55
C GLN B 140 -12.08 45.97 -37.07
N ASP B 141 -11.91 44.92 -36.26
CA ASP B 141 -13.02 44.16 -35.67
C ASP B 141 -13.93 45.06 -34.83
N VAL B 142 -13.37 46.03 -34.09
CA VAL B 142 -14.15 46.96 -33.29
C VAL B 142 -15.03 47.84 -34.18
N ARG B 143 -14.48 48.27 -35.32
CA ARG B 143 -15.20 49.09 -36.29
C ARG B 143 -16.31 48.28 -36.98
N ASP B 144 -16.00 47.04 -37.36
CA ASP B 144 -16.94 46.13 -38.02
C ASP B 144 -18.11 45.78 -37.11
N LEU B 145 -17.82 45.55 -35.80
CA LEU B 145 -18.83 45.26 -34.78
C LEU B 145 -19.76 46.45 -34.56
N ARG B 146 -19.21 47.69 -34.50
CA ARG B 146 -20.05 48.89 -34.38
C ARG B 146 -20.92 49.06 -35.64
N PHE B 147 -20.42 48.68 -36.82
CA PHE B 147 -21.18 48.70 -38.06
C PHE B 147 -22.39 47.76 -37.96
N GLY B 148 -22.16 46.55 -37.44
CA GLY B 148 -23.22 45.56 -37.26
C GLY B 148 -24.29 46.05 -36.31
N VAL B 149 -23.88 46.74 -35.24
CA VAL B 149 -24.82 47.30 -34.27
C VAL B 149 -25.67 48.37 -34.94
N GLU B 150 -25.03 49.32 -35.66
CA GLU B 150 -25.71 50.40 -36.39
C GLU B 150 -26.67 49.90 -37.46
N HIS B 151 -26.37 48.75 -38.07
CA HIS B 151 -27.21 48.17 -39.10
C HIS B 151 -28.20 47.09 -38.62
N GLY B 152 -28.26 46.85 -37.32
CA GLY B 152 -29.19 45.89 -36.73
C GLY B 152 -29.01 44.43 -37.07
N VAL B 153 -27.76 43.91 -36.98
CA VAL B 153 -27.53 42.49 -37.23
C VAL B 153 -28.05 41.68 -36.05
N ASP B 154 -28.40 40.41 -36.30
CA ASP B 154 -28.97 39.57 -35.26
C ASP B 154 -27.91 38.70 -34.60
N ILE B 155 -26.95 38.20 -35.38
CA ILE B 155 -25.90 37.31 -34.90
C ILE B 155 -24.51 37.82 -35.29
N VAL B 156 -23.50 37.50 -34.48
CA VAL B 156 -22.08 37.79 -34.74
C VAL B 156 -21.32 36.47 -34.67
N PHE B 157 -20.58 36.15 -35.72
CA PHE B 157 -19.76 34.95 -35.76
C PHE B 157 -18.35 35.45 -35.43
N ALA B 158 -17.95 35.35 -34.17
CA ALA B 158 -16.64 35.84 -33.74
C ALA B 158 -15.51 34.92 -34.22
N SER B 159 -14.63 35.43 -35.11
CA SER B 159 -13.52 34.65 -35.62
C SER B 159 -12.38 34.43 -34.61
N PHE B 160 -11.78 33.23 -34.64
CA PHE B 160 -10.64 32.78 -33.83
C PHE B 160 -10.77 33.04 -32.32
N VAL B 161 -11.87 32.60 -31.70
CA VAL B 161 -12.05 32.75 -30.27
C VAL B 161 -11.11 31.73 -29.60
N ARG B 162 -10.29 32.18 -28.63
CA ARG B 162 -9.30 31.34 -27.96
C ARG B 162 -9.50 31.20 -26.44
N LYS B 163 -10.24 32.11 -25.82
CA LYS B 163 -10.54 32.04 -24.39
C LYS B 163 -11.82 32.85 -24.08
N ALA B 164 -12.34 32.75 -22.84
CA ALA B 164 -13.55 33.46 -22.46
C ALA B 164 -13.42 34.99 -22.51
N SER B 165 -12.20 35.51 -22.37
CA SER B 165 -11.96 36.95 -22.44
C SER B 165 -12.18 37.52 -23.85
N ASP B 166 -12.01 36.69 -24.89
CA ASP B 166 -12.21 37.06 -26.30
C ASP B 166 -13.69 37.34 -26.58
N VAL B 167 -14.60 36.54 -26.01
CA VAL B 167 -16.04 36.77 -26.23
C VAL B 167 -16.45 37.99 -25.42
N ALA B 168 -15.86 38.19 -24.21
CA ALA B 168 -16.14 39.37 -23.41
C ALA B 168 -15.74 40.64 -24.16
N ALA B 169 -14.59 40.58 -24.89
CA ALA B 169 -14.10 41.70 -25.71
C ALA B 169 -15.10 42.03 -26.82
N VAL B 170 -15.68 41.01 -27.45
CA VAL B 170 -16.67 41.21 -28.50
C VAL B 170 -17.97 41.78 -27.94
N ARG B 171 -18.40 41.29 -26.76
CA ARG B 171 -19.62 41.81 -26.13
CA ARG B 171 -19.63 41.80 -26.12
C ARG B 171 -19.44 43.27 -25.72
N ALA B 172 -18.23 43.64 -25.27
CA ALA B 172 -17.90 45.00 -24.89
C ALA B 172 -17.92 45.91 -26.14
N ALA B 173 -17.35 45.45 -27.26
CA ALA B 173 -17.30 46.21 -28.52
C ALA B 173 -18.68 46.46 -29.14
N LEU B 174 -19.64 45.56 -28.90
CA LEU B 174 -21.02 45.76 -29.38
C LEU B 174 -21.67 46.93 -28.63
N GLY B 175 -21.28 47.11 -27.36
CA GLY B 175 -21.73 48.21 -26.53
C GLY B 175 -23.08 47.99 -25.90
N PRO B 176 -23.67 49.10 -25.42
CA PRO B 176 -24.99 49.00 -24.78
C PRO B 176 -26.13 48.82 -25.78
N GLU B 177 -25.93 49.24 -27.04
CA GLU B 177 -26.95 49.09 -28.07
C GLU B 177 -26.98 47.70 -28.71
N GLY B 178 -25.85 47.01 -28.68
CA GLY B 178 -25.75 45.68 -29.25
C GLY B 178 -25.84 44.57 -28.23
N HIS B 179 -26.68 44.77 -27.19
CA HIS B 179 -26.84 43.75 -26.16
C HIS B 179 -27.72 42.57 -26.63
N GLY B 180 -28.64 42.83 -27.55
CA GLY B 180 -29.55 41.81 -28.07
C GLY B 180 -28.96 40.81 -29.06
N ILE B 181 -27.85 41.20 -29.70
CA ILE B 181 -27.14 40.39 -30.69
C ILE B 181 -26.53 39.12 -30.08
N LYS B 182 -26.66 37.99 -30.80
CA LYS B 182 -26.15 36.70 -30.36
C LYS B 182 -24.67 36.53 -30.73
N ILE B 183 -23.86 35.96 -29.84
CA ILE B 183 -22.45 35.73 -30.11
C ILE B 183 -22.14 34.25 -30.30
N ILE B 184 -21.84 33.86 -31.54
CA ILE B 184 -21.48 32.49 -31.90
C ILE B 184 -19.97 32.46 -32.05
N SER B 185 -19.28 31.86 -31.08
CA SER B 185 -17.83 31.80 -31.10
C SER B 185 -17.31 30.78 -32.09
N LYS B 186 -16.42 31.17 -33.00
CA LYS B 186 -15.85 30.24 -33.95
C LYS B 186 -14.62 29.59 -33.36
N ILE B 187 -14.64 28.26 -33.19
CA ILE B 187 -13.47 27.54 -32.71
C ILE B 187 -12.66 27.13 -33.93
N GLU B 188 -11.53 27.80 -34.18
CA GLU B 188 -10.74 27.54 -35.38
C GLU B 188 -9.31 27.06 -35.12
N ASN B 189 -8.89 26.94 -33.85
CA ASN B 189 -7.52 26.52 -33.50
C ASN B 189 -7.45 25.59 -32.26
N HIS B 190 -6.26 25.04 -31.96
CA HIS B 190 -6.09 24.13 -30.83
C HIS B 190 -6.41 24.75 -29.47
N GLU B 191 -6.07 26.04 -29.26
CA GLU B 191 -6.33 26.68 -27.96
C GLU B 191 -7.83 26.74 -27.68
N GLY B 192 -8.60 27.12 -28.70
CA GLY B 192 -10.05 27.22 -28.63
C GLY B 192 -10.71 25.90 -28.32
N VAL B 193 -10.15 24.81 -28.87
CA VAL B 193 -10.64 23.44 -28.64
C VAL B 193 -10.41 23.02 -27.18
N LYS B 194 -9.24 23.37 -26.65
CA LYS B 194 -8.88 23.05 -25.28
C LYS B 194 -9.66 23.86 -24.25
N ARG B 195 -9.81 25.17 -24.47
CA ARG B 195 -10.58 26.02 -23.58
C ARG B 195 -12.09 26.06 -23.92
N PHE B 196 -12.57 25.09 -24.74
CA PHE B 196 -13.96 25.04 -25.20
C PHE B 196 -14.99 25.25 -24.10
N ASP B 197 -14.84 24.57 -22.97
CA ASP B 197 -15.80 24.68 -21.88
C ASP B 197 -16.02 26.10 -21.37
N GLU B 198 -14.92 26.88 -21.24
CA GLU B 198 -15.01 28.26 -20.76
C GLU B 198 -15.59 29.19 -21.82
N ILE B 199 -15.30 28.91 -23.11
CA ILE B 199 -15.80 29.68 -24.23
C ILE B 199 -17.31 29.48 -24.37
N LEU B 200 -17.77 28.23 -24.45
CA LEU B 200 -19.19 27.91 -24.58
C LEU B 200 -20.00 28.50 -23.42
N GLU B 201 -19.42 28.50 -22.21
CA GLU B 201 -20.07 29.05 -21.01
C GLU B 201 -20.48 30.51 -21.18
N VAL B 202 -19.61 31.31 -21.79
CA VAL B 202 -19.87 32.74 -21.97
C VAL B 202 -20.44 33.09 -23.37
N SER B 203 -20.45 32.14 -24.31
CA SER B 203 -20.99 32.38 -25.65
C SER B 203 -22.47 31.98 -25.75
N ASP B 204 -23.16 32.54 -26.73
CA ASP B 204 -24.56 32.16 -27.00
C ASP B 204 -24.64 30.81 -27.79
N GLY B 205 -23.57 30.48 -28.51
CA GLY B 205 -23.41 29.26 -29.29
C GLY B 205 -22.02 29.14 -29.88
N ILE B 206 -21.78 28.08 -30.65
CA ILE B 206 -20.47 27.81 -31.23
C ILE B 206 -20.57 27.51 -32.74
N MET B 207 -19.49 27.75 -33.46
CA MET B 207 -19.40 27.38 -34.86
C MET B 207 -18.15 26.54 -35.04
N VAL B 208 -18.31 25.34 -35.60
CA VAL B 208 -17.18 24.47 -35.85
C VAL B 208 -16.58 24.90 -37.18
N ALA B 209 -15.66 25.86 -37.11
CA ALA B 209 -14.99 26.44 -38.26
C ALA B 209 -13.93 25.43 -38.74
N ARG B 210 -14.35 24.45 -39.57
CA ARG B 210 -13.49 23.36 -40.03
C ARG B 210 -12.36 23.74 -40.99
N GLY B 211 -12.49 24.86 -41.68
CA GLY B 211 -11.45 25.31 -42.61
C GLY B 211 -10.15 25.64 -41.93
N ASP B 212 -10.17 26.57 -40.97
CA ASP B 212 -8.97 26.92 -40.23
C ASP B 212 -8.60 25.83 -39.27
N LEU B 213 -9.59 25.14 -38.67
CA LEU B 213 -9.36 24.03 -37.75
C LEU B 213 -8.60 22.87 -38.43
N GLY B 214 -8.88 22.64 -39.71
CA GLY B 214 -8.20 21.61 -40.49
C GLY B 214 -6.74 21.92 -40.80
N ILE B 215 -6.32 23.18 -40.56
CA ILE B 215 -4.97 23.68 -40.78
C ILE B 215 -4.20 23.76 -39.44
N GLU B 216 -4.88 24.25 -38.37
CA GLU B 216 -4.29 24.36 -37.04
C GLU B 216 -4.05 23.01 -36.36
N ILE B 217 -4.99 22.06 -36.57
CA ILE B 217 -4.89 20.71 -36.03
C ILE B 217 -4.81 19.70 -37.21
N PRO B 218 -4.30 18.45 -37.02
CA PRO B 218 -4.24 17.49 -38.13
C PRO B 218 -5.62 17.28 -38.79
N ALA B 219 -5.69 17.23 -40.12
CA ALA B 219 -6.98 17.07 -40.80
C ALA B 219 -7.77 15.82 -40.35
N GLU B 220 -7.06 14.72 -40.03
CA GLU B 220 -7.68 13.48 -39.57
C GLU B 220 -8.22 13.52 -38.13
N LYS B 221 -8.01 14.66 -37.42
CA LYS B 221 -8.49 14.85 -36.05
C LYS B 221 -9.66 15.85 -35.97
N VAL B 222 -10.00 16.51 -37.09
CA VAL B 222 -11.06 17.52 -37.15
C VAL B 222 -12.43 16.94 -36.85
N PHE B 223 -12.73 15.71 -37.32
CA PHE B 223 -14.02 15.09 -37.06
C PHE B 223 -14.28 14.85 -35.56
N LEU B 224 -13.22 14.58 -34.75
CA LEU B 224 -13.34 14.36 -33.30
C LEU B 224 -13.72 15.66 -32.61
N ALA B 225 -13.13 16.78 -33.07
CA ALA B 225 -13.39 18.09 -32.53
C ALA B 225 -14.83 18.46 -32.88
N GLN B 226 -15.26 18.22 -34.15
CA GLN B 226 -16.63 18.49 -34.58
C GLN B 226 -17.64 17.72 -33.70
N LYS B 227 -17.47 16.39 -33.61
CA LYS B 227 -18.33 15.53 -32.83
C LYS B 227 -18.33 15.87 -31.34
N MET B 228 -17.17 16.25 -30.78
CA MET B 228 -17.11 16.60 -29.36
C MET B 228 -17.84 17.92 -29.10
N MET B 229 -17.57 18.94 -29.93
CA MET B 229 -18.18 20.26 -29.79
C MET B 229 -19.66 20.22 -29.98
N ILE B 230 -20.13 19.49 -31.00
CA ILE B 230 -21.57 19.34 -31.24
C ILE B 230 -22.27 18.67 -30.01
N GLY B 231 -21.68 17.61 -29.48
CA GLY B 231 -22.21 16.87 -28.33
C GLY B 231 -22.27 17.72 -27.09
N ARG B 232 -21.21 18.52 -26.86
CA ARG B 232 -21.13 19.40 -25.70
C ARG B 232 -22.14 20.53 -25.80
N CYS B 233 -22.37 21.06 -27.02
CA CYS B 233 -23.35 22.10 -27.30
C CYS B 233 -24.76 21.57 -27.08
N ASN B 234 -25.02 20.35 -27.56
CA ASN B 234 -26.29 19.67 -27.41
C ASN B 234 -26.60 19.47 -25.92
N LEU B 235 -25.58 19.08 -25.14
CA LEU B 235 -25.71 18.90 -23.69
C LEU B 235 -26.04 20.25 -22.99
N ALA B 236 -25.36 21.32 -23.40
CA ALA B 236 -25.53 22.67 -22.88
C ALA B 236 -26.86 23.34 -23.29
N GLY B 237 -27.46 22.89 -24.38
CA GLY B 237 -28.69 23.47 -24.89
C GLY B 237 -28.46 24.71 -25.75
N LYS B 238 -27.21 24.91 -26.24
CA LYS B 238 -26.85 26.06 -27.08
C LYS B 238 -26.64 25.68 -28.54
N PRO B 239 -27.08 26.56 -29.46
CA PRO B 239 -26.92 26.26 -30.89
C PRO B 239 -25.47 26.05 -31.38
N VAL B 240 -25.27 25.07 -32.27
CA VAL B 240 -23.96 24.76 -32.84
C VAL B 240 -24.05 24.76 -34.37
N VAL B 241 -23.08 25.37 -35.06
CA VAL B 241 -23.07 25.46 -36.51
C VAL B 241 -21.96 24.60 -37.09
N CYS B 242 -22.25 23.79 -38.12
CA CYS B 242 -21.19 23.05 -38.81
C CYS B 242 -20.83 23.88 -40.05
N ALA B 243 -19.54 24.19 -40.25
CA ALA B 243 -19.13 25.07 -41.33
C ALA B 243 -17.99 24.53 -42.20
N THR B 244 -17.84 25.11 -43.44
CA THR B 244 -16.76 24.91 -44.43
C THR B 244 -16.74 23.59 -45.20
N GLN B 245 -16.66 23.71 -46.55
CA GLN B 245 -16.50 22.63 -47.53
C GLN B 245 -17.55 21.54 -47.45
N MET B 246 -18.76 21.88 -47.00
CA MET B 246 -19.86 20.91 -46.90
C MET B 246 -20.28 20.39 -48.28
N LEU B 247 -20.43 21.27 -49.27
CA LEU B 247 -20.77 20.88 -50.64
C LEU B 247 -19.79 21.62 -51.60
N GLU B 248 -18.49 21.64 -51.25
CA GLU B 248 -17.42 22.33 -51.97
C GLU B 248 -17.44 22.16 -53.49
N SER B 249 -17.71 20.95 -54.01
CA SER B 249 -17.71 20.70 -55.45
C SER B 249 -18.84 21.44 -56.19
N MET B 250 -19.91 21.86 -55.48
CA MET B 250 -20.99 22.59 -56.13
C MET B 250 -20.63 24.09 -56.50
N ILE B 251 -19.42 24.54 -56.12
CA ILE B 251 -18.89 25.82 -56.56
C ILE B 251 -18.77 25.76 -58.09
N THR B 252 -18.31 24.63 -58.66
CA THR B 252 -18.23 24.49 -60.11
C THR B 252 -19.21 23.42 -60.67
N LYS B 253 -19.74 22.52 -59.83
CA LYS B 253 -20.58 21.44 -60.34
C LYS B 253 -22.04 21.46 -59.88
N PRO B 254 -22.96 21.01 -60.74
CA PRO B 254 -24.38 20.98 -60.36
C PRO B 254 -24.75 19.92 -59.33
N ARG B 255 -23.90 18.87 -59.18
CA ARG B 255 -24.16 17.80 -58.21
C ARG B 255 -22.94 17.61 -57.31
N PRO B 256 -23.15 17.34 -55.99
CA PRO B 256 -22.00 17.13 -55.11
C PRO B 256 -21.49 15.67 -55.14
N THR B 257 -20.29 15.47 -54.56
CA THR B 257 -19.69 14.15 -54.49
C THR B 257 -20.37 13.31 -53.41
N ARG B 258 -20.09 12.00 -53.39
CA ARG B 258 -20.64 11.08 -52.40
C ARG B 258 -20.13 11.40 -50.99
N ALA B 259 -18.95 12.02 -50.88
CA ALA B 259 -18.36 12.44 -49.61
C ALA B 259 -19.07 13.68 -49.06
N GLU B 260 -19.46 14.62 -49.95
CA GLU B 260 -20.13 15.85 -49.56
C GLU B 260 -21.54 15.65 -49.09
N THR B 261 -22.32 14.78 -49.77
CA THR B 261 -23.67 14.48 -49.30
C THR B 261 -23.60 13.76 -47.95
N SER B 262 -22.61 12.85 -47.80
CA SER B 262 -22.34 12.11 -46.57
C SER B 262 -21.98 13.07 -45.44
N ASP B 263 -21.12 14.05 -45.71
CA ASP B 263 -20.70 15.01 -44.71
C ASP B 263 -21.88 15.81 -44.15
N VAL B 264 -22.71 16.37 -45.04
CA VAL B 264 -23.89 17.14 -44.67
C VAL B 264 -24.84 16.30 -43.84
N ALA B 265 -25.12 15.08 -44.30
CA ALA B 265 -26.03 14.19 -43.59
C ALA B 265 -25.52 13.84 -42.20
N ASN B 266 -24.20 13.63 -42.09
CA ASN B 266 -23.58 13.27 -40.81
C ASN B 266 -23.53 14.43 -39.87
N ALA B 267 -23.34 15.68 -40.35
CA ALA B 267 -23.35 16.86 -39.49
C ALA B 267 -24.71 17.03 -38.82
N VAL B 268 -25.79 16.77 -39.58
CA VAL B 268 -27.16 16.82 -39.06
C VAL B 268 -27.32 15.71 -38.05
N LEU B 269 -26.85 14.50 -38.38
CA LEU B 269 -26.95 13.37 -37.48
C LEU B 269 -26.19 13.59 -36.17
N ASP B 270 -25.01 14.19 -36.23
CA ASP B 270 -24.19 14.53 -35.05
C ASP B 270 -24.97 15.43 -34.06
N GLY B 271 -25.82 16.31 -34.58
CA GLY B 271 -26.66 17.17 -33.77
C GLY B 271 -26.45 18.64 -34.00
N ALA B 272 -25.97 19.01 -35.20
CA ALA B 272 -25.73 20.43 -35.52
C ALA B 272 -27.05 21.16 -35.70
N ASP B 273 -27.17 22.32 -35.08
CA ASP B 273 -28.38 23.14 -35.17
C ASP B 273 -28.48 23.81 -36.54
N CYS B 274 -27.32 24.21 -37.10
CA CYS B 274 -27.24 24.89 -38.38
C CYS B 274 -26.15 24.29 -39.24
N ILE B 275 -26.34 24.34 -40.56
CA ILE B 275 -25.32 23.93 -41.55
C ILE B 275 -25.03 25.15 -42.42
N MET B 276 -23.80 25.26 -42.93
CA MET B 276 -23.38 26.46 -43.65
C MET B 276 -22.72 26.27 -45.02
N LEU B 277 -23.08 27.16 -45.94
CA LEU B 277 -22.49 27.23 -47.28
C LEU B 277 -21.65 28.49 -47.31
N SER B 278 -20.34 28.36 -47.59
CA SER B 278 -19.46 29.52 -47.63
C SER B 278 -19.26 30.01 -49.09
N GLY B 279 -18.15 29.62 -49.74
CA GLY B 279 -17.88 29.93 -51.13
C GLY B 279 -18.76 29.17 -52.12
N GLU B 280 -19.60 28.26 -51.62
CA GLU B 280 -20.53 27.51 -52.46
C GLU B 280 -21.68 28.44 -52.95
N THR B 281 -22.06 29.44 -52.10
CA THR B 281 -23.12 30.39 -52.41
C THR B 281 -22.58 31.78 -52.67
N ALA B 282 -21.50 32.16 -51.97
CA ALA B 282 -20.89 33.48 -52.16
C ALA B 282 -20.31 33.65 -53.56
N LYS B 283 -19.60 32.65 -54.08
CA LYS B 283 -19.00 32.76 -55.42
C LYS B 283 -19.20 31.54 -56.32
N GLY B 284 -19.94 30.54 -55.88
CA GLY B 284 -20.17 29.34 -56.68
C GLY B 284 -21.09 29.60 -57.85
N ASN B 285 -20.99 28.78 -58.91
CA ASN B 285 -21.84 28.86 -60.09
C ASN B 285 -23.28 28.36 -59.79
N PHE B 286 -23.47 27.56 -58.72
CA PHE B 286 -24.79 27.04 -58.37
C PHE B 286 -25.13 27.39 -56.90
N PRO B 287 -25.46 28.67 -56.58
CA PRO B 287 -25.76 29.02 -55.18
C PRO B 287 -27.14 28.53 -54.73
N VAL B 288 -28.16 28.67 -55.58
CA VAL B 288 -29.50 28.22 -55.24
C VAL B 288 -29.57 26.69 -55.19
N GLU B 289 -28.79 26.00 -56.05
CA GLU B 289 -28.72 24.54 -56.12
C GLU B 289 -28.14 23.95 -54.85
N ALA B 290 -27.13 24.62 -54.25
CA ALA B 290 -26.50 24.19 -53.00
C ALA B 290 -27.46 24.29 -51.82
N VAL B 291 -28.28 25.35 -51.78
CA VAL B 291 -29.27 25.55 -50.72
C VAL B 291 -30.34 24.45 -50.84
N LYS B 292 -30.80 24.18 -52.06
CA LYS B 292 -31.78 23.15 -52.34
C LYS B 292 -31.27 21.77 -51.92
N MET B 293 -29.98 21.50 -52.22
CA MET B 293 -29.31 20.25 -51.91
C MET B 293 -29.16 20.08 -50.42
N GLN B 294 -28.74 21.14 -49.70
CA GLN B 294 -28.62 21.07 -48.24
C GLN B 294 -29.97 20.83 -47.61
N HIS B 295 -31.03 21.46 -48.13
CA HIS B 295 -32.39 21.27 -47.65
C HIS B 295 -32.81 19.79 -47.77
N ALA B 296 -32.57 19.20 -48.95
CA ALA B 296 -32.94 17.82 -49.26
C ALA B 296 -32.28 16.79 -48.35
N ILE B 297 -30.94 16.92 -48.15
CA ILE B 297 -30.12 16.03 -47.31
C ILE B 297 -30.53 16.18 -45.83
N ALA B 298 -30.75 17.42 -45.37
CA ALA B 298 -31.18 17.68 -43.98
C ALA B 298 -32.52 17.01 -43.65
N ARG B 299 -33.53 17.13 -44.52
CA ARG B 299 -34.83 16.48 -44.36
C ARG B 299 -34.69 14.96 -44.21
N GLU B 300 -33.77 14.36 -44.97
CA GLU B 300 -33.57 12.93 -44.93
C GLU B 300 -32.90 12.53 -43.65
N ALA B 301 -31.85 13.27 -43.28
CA ALA B 301 -31.05 12.96 -42.11
C ALA B 301 -31.84 13.08 -40.84
N GLU B 302 -32.64 14.15 -40.69
CA GLU B 302 -33.47 14.36 -39.51
C GLU B 302 -34.45 13.22 -39.26
N ALA B 303 -34.99 12.63 -40.34
CA ALA B 303 -35.90 11.49 -40.21
C ALA B 303 -35.16 10.28 -39.62
N ALA B 304 -33.91 10.07 -40.05
CA ALA B 304 -33.07 8.96 -39.61
C ALA B 304 -32.46 9.14 -38.24
N VAL B 305 -32.77 10.25 -37.52
CA VAL B 305 -32.23 10.46 -36.18
C VAL B 305 -32.88 9.47 -35.24
N TYR B 306 -32.05 8.79 -34.42
CA TYR B 306 -32.53 7.80 -33.48
C TYR B 306 -33.06 8.49 -32.22
N HIS B 307 -34.28 9.06 -32.32
CA HIS B 307 -34.90 9.81 -31.23
C HIS B 307 -35.09 8.99 -29.98
N ARG B 308 -35.32 7.65 -30.09
CA ARG B 308 -35.50 6.81 -28.91
C ARG B 308 -34.34 6.93 -27.89
N GLN B 309 -33.10 6.75 -28.36
CA GLN B 309 -31.95 6.88 -27.50
C GLN B 309 -31.62 8.34 -27.28
N LEU B 310 -31.74 9.19 -28.29
CA LEU B 310 -31.42 10.61 -28.16
C LEU B 310 -32.20 11.30 -27.06
N PHE B 311 -33.53 11.16 -27.03
CA PHE B 311 -34.35 11.77 -26.02
C PHE B 311 -34.08 11.21 -24.63
N GLU B 312 -33.93 9.89 -24.51
CA GLU B 312 -33.65 9.28 -23.22
C GLU B 312 -32.31 9.71 -22.67
N GLU B 313 -31.31 9.91 -23.53
CA GLU B 313 -29.98 10.36 -23.13
C GLU B 313 -29.99 11.83 -22.76
N LEU B 314 -30.70 12.65 -23.53
CA LEU B 314 -30.85 14.06 -23.24
C LEU B 314 -31.57 14.25 -21.90
N ARG B 315 -32.52 13.37 -21.57
CA ARG B 315 -33.23 13.43 -20.29
C ARG B 315 -32.32 13.00 -19.11
N ARG B 316 -31.59 11.89 -19.27
CA ARG B 316 -30.68 11.37 -18.24
C ARG B 316 -29.56 12.39 -17.97
N ALA B 317 -29.02 12.98 -19.05
CA ALA B 317 -27.92 13.96 -18.97
C ALA B 317 -28.33 15.32 -18.41
N ALA B 318 -29.57 15.76 -18.69
CA ALA B 318 -30.04 17.05 -18.18
C ALA B 318 -30.22 17.00 -16.66
N PRO B 319 -29.70 18.02 -15.97
CA PRO B 319 -29.85 18.04 -14.51
C PRO B 319 -31.27 18.38 -14.12
N LEU B 320 -31.64 18.07 -12.87
CA LEU B 320 -32.96 18.40 -12.35
C LEU B 320 -33.11 19.91 -12.32
N SER B 321 -34.30 20.41 -12.66
CA SER B 321 -34.48 21.85 -12.68
C SER B 321 -35.68 22.28 -11.95
N ARG B 322 -35.55 23.35 -11.20
CA ARG B 322 -36.69 23.94 -10.50
C ARG B 322 -37.19 25.20 -11.26
N ASP B 323 -36.83 25.34 -12.57
CA ASP B 323 -37.25 26.46 -13.43
C ASP B 323 -38.48 26.05 -14.17
N PRO B 324 -39.61 26.72 -13.95
CA PRO B 324 -40.85 26.33 -14.62
C PRO B 324 -40.78 26.22 -16.14
N THR B 325 -40.00 27.08 -16.81
CA THR B 325 -39.85 27.04 -18.25
C THR B 325 -39.18 25.72 -18.65
N GLU B 326 -38.10 25.36 -17.95
CA GLU B 326 -37.31 24.15 -18.15
C GLU B 326 -38.14 22.89 -17.90
N VAL B 327 -38.99 22.91 -16.89
CA VAL B 327 -39.86 21.80 -16.48
C VAL B 327 -41.00 21.62 -17.47
N THR B 328 -41.62 22.73 -17.87
CA THR B 328 -42.70 22.68 -18.85
C THR B 328 -42.14 22.22 -20.18
N ALA B 329 -40.88 22.60 -20.52
CA ALA B 329 -40.23 22.22 -21.78
C ALA B 329 -40.06 20.71 -21.88
N ILE B 330 -39.56 20.04 -20.82
CA ILE B 330 -39.41 18.58 -20.87
C ILE B 330 -40.77 17.86 -20.81
N GLY B 331 -41.71 18.41 -20.06
CA GLY B 331 -43.05 17.84 -19.98
C GLY B 331 -43.77 17.91 -21.31
N ALA B 332 -43.60 19.03 -22.03
CA ALA B 332 -44.23 19.25 -23.33
C ALA B 332 -43.65 18.33 -24.39
N VAL B 333 -42.31 18.18 -24.42
CA VAL B 333 -41.65 17.29 -25.37
C VAL B 333 -42.01 15.83 -25.09
N GLU B 334 -42.15 15.45 -23.82
CA GLU B 334 -42.56 14.10 -23.46
C GLU B 334 -43.99 13.82 -23.95
N ALA B 335 -44.88 14.80 -23.76
CA ALA B 335 -46.27 14.69 -24.18
C ALA B 335 -46.36 14.60 -25.70
N ALA B 336 -45.55 15.41 -26.40
CA ALA B 336 -45.53 15.43 -27.87
C ALA B 336 -45.13 14.07 -28.43
N PHE B 337 -44.19 13.38 -27.78
CA PHE B 337 -43.75 12.06 -28.24
C PHE B 337 -44.79 10.99 -28.00
N LYS B 338 -45.55 11.07 -26.90
CA LYS B 338 -46.58 10.10 -26.53
C LYS B 338 -47.68 9.97 -27.59
N CYS B 339 -48.14 11.10 -28.12
CA CYS B 339 -49.24 11.13 -29.07
C CYS B 339 -48.81 11.38 -30.51
N CYS B 340 -47.49 11.52 -30.78
CA CYS B 340 -46.97 11.87 -32.11
C CYS B 340 -47.54 13.20 -32.54
N ALA B 341 -47.37 14.22 -31.70
CA ALA B 341 -47.88 15.55 -31.95
C ALA B 341 -47.32 16.12 -33.22
N ALA B 342 -48.17 16.73 -34.02
CA ALA B 342 -47.78 17.33 -35.27
C ALA B 342 -46.87 18.53 -35.04
N ALA B 343 -47.11 19.28 -33.96
CA ALA B 343 -46.32 20.47 -33.64
C ALA B 343 -46.43 20.82 -32.16
N ILE B 344 -45.53 21.70 -31.67
CA ILE B 344 -45.56 22.24 -30.33
C ILE B 344 -45.62 23.73 -30.56
N ILE B 345 -46.73 24.40 -30.19
CA ILE B 345 -46.84 25.84 -30.39
C ILE B 345 -46.46 26.55 -29.13
N VAL B 346 -45.44 27.38 -29.19
CA VAL B 346 -44.96 28.07 -28.02
C VAL B 346 -44.97 29.59 -28.18
N LEU B 347 -45.52 30.29 -27.17
CA LEU B 347 -45.56 31.74 -27.17
C LEU B 347 -44.27 32.21 -26.51
N THR B 348 -43.44 32.90 -27.26
CA THR B 348 -42.18 33.38 -26.73
C THR B 348 -41.96 34.87 -27.01
N THR B 349 -41.17 35.50 -26.15
CA THR B 349 -40.87 36.92 -26.27
C THR B 349 -39.42 37.09 -26.73
N THR B 350 -38.48 36.42 -26.02
CA THR B 350 -37.05 36.44 -26.29
C THR B 350 -36.60 35.23 -27.16
N GLY B 351 -37.41 34.17 -27.19
CA GLY B 351 -37.09 32.94 -27.88
C GLY B 351 -36.64 31.84 -26.92
N ARG B 352 -36.33 32.20 -25.67
CA ARG B 352 -35.86 31.28 -24.65
C ARG B 352 -36.73 30.03 -24.50
N SER B 353 -38.06 30.18 -24.38
CA SER B 353 -38.95 29.02 -24.23
C SER B 353 -38.86 28.08 -25.41
N ALA B 354 -38.71 28.62 -26.62
CA ALA B 354 -38.57 27.79 -27.82
C ALA B 354 -37.23 27.07 -27.82
N GLN B 355 -36.16 27.75 -27.33
CA GLN B 355 -34.82 27.18 -27.22
C GLN B 355 -34.85 26.02 -26.23
N LEU B 356 -35.55 26.17 -25.11
CA LEU B 356 -35.68 25.12 -24.11
C LEU B 356 -36.48 23.93 -24.58
N LEU B 357 -37.36 24.11 -25.55
CA LEU B 357 -38.10 22.99 -26.14
C LEU B 357 -37.16 22.26 -27.12
N SER B 358 -36.43 23.04 -27.97
CA SER B 358 -35.48 22.56 -28.99
C SER B 358 -34.37 21.67 -28.40
N ARG B 359 -33.82 22.02 -27.23
CA ARG B 359 -32.74 21.27 -26.57
C ARG B 359 -33.06 19.79 -26.33
N TYR B 360 -34.35 19.44 -26.22
CA TYR B 360 -34.77 18.03 -26.04
C TYR B 360 -35.03 17.30 -27.34
N ARG B 361 -34.69 17.93 -28.46
CA ARG B 361 -34.79 17.41 -29.81
C ARG B 361 -36.09 16.67 -30.10
N PRO B 362 -37.22 17.40 -30.02
CA PRO B 362 -38.50 16.75 -30.35
C PRO B 362 -38.61 16.49 -31.86
N ARG B 363 -39.41 15.48 -32.21
CA ARG B 363 -39.70 15.21 -33.61
C ARG B 363 -40.80 16.22 -34.10
N ALA B 364 -41.68 16.73 -33.18
CA ALA B 364 -42.71 17.72 -33.50
C ALA B 364 -42.09 19.07 -33.79
N ALA B 365 -42.67 19.81 -34.73
CA ALA B 365 -42.14 21.13 -35.09
C ALA B 365 -42.45 22.17 -34.03
N VAL B 366 -41.44 22.88 -33.52
CA VAL B 366 -41.67 23.92 -32.53
C VAL B 366 -42.06 25.20 -33.26
N ILE B 367 -43.37 25.42 -33.41
CA ILE B 367 -43.89 26.63 -34.04
C ILE B 367 -43.86 27.73 -32.96
N ALA B 368 -42.96 28.70 -33.08
CA ALA B 368 -42.80 29.73 -32.07
C ALA B 368 -43.41 31.05 -32.50
N VAL B 369 -44.49 31.51 -31.79
CA VAL B 369 -45.17 32.78 -32.06
C VAL B 369 -44.61 33.93 -31.20
N THR B 370 -43.99 34.92 -31.85
CA THR B 370 -43.39 36.04 -31.15
C THR B 370 -43.72 37.36 -31.82
N ARG B 371 -43.81 38.41 -31.02
CA ARG B 371 -44.03 39.76 -31.53
C ARG B 371 -42.68 40.44 -31.84
N SER B 372 -41.55 39.92 -31.29
CA SER B 372 -40.21 40.41 -31.48
C SER B 372 -39.64 39.95 -32.83
N ALA B 373 -39.32 40.89 -33.72
CA ALA B 373 -38.76 40.55 -35.03
C ALA B 373 -37.34 40.02 -34.90
N GLN B 374 -36.56 40.57 -33.95
CA GLN B 374 -35.20 40.08 -33.74
C GLN B 374 -35.21 38.65 -33.20
N ALA B 375 -36.07 38.34 -32.22
CA ALA B 375 -36.20 36.98 -31.69
C ALA B 375 -36.62 36.02 -32.80
N ALA B 376 -37.58 36.41 -33.66
CA ALA B 376 -38.06 35.57 -34.77
C ALA B 376 -36.95 35.24 -35.76
N ARG B 377 -35.99 36.16 -35.95
CA ARG B 377 -34.87 35.92 -36.85
C ARG B 377 -33.85 35.03 -36.13
N GLN B 378 -33.55 35.34 -34.87
CA GLN B 378 -32.56 34.62 -34.05
C GLN B 378 -32.93 33.16 -33.69
N VAL B 379 -34.21 32.79 -33.66
CA VAL B 379 -34.57 31.40 -33.36
C VAL B 379 -34.21 30.43 -34.50
N HIS B 380 -33.75 30.92 -35.65
CA HIS B 380 -33.26 30.04 -36.70
C HIS B 380 -31.99 29.30 -36.21
N LEU B 381 -31.24 29.90 -35.25
CA LEU B 381 -30.09 29.27 -34.64
C LEU B 381 -30.47 27.95 -33.97
N CYS B 382 -31.71 27.81 -33.46
CA CYS B 382 -32.17 26.58 -32.83
C CYS B 382 -32.85 25.63 -33.80
N ARG B 383 -32.42 24.37 -33.79
CA ARG B 383 -32.97 23.38 -34.67
C ARG B 383 -34.40 23.03 -34.27
N GLY B 384 -35.29 23.01 -35.25
CA GLY B 384 -36.68 22.62 -35.05
C GLY B 384 -37.61 23.75 -34.66
N VAL B 385 -37.10 24.99 -34.62
CA VAL B 385 -37.92 26.14 -34.27
C VAL B 385 -38.28 26.88 -35.55
N PHE B 386 -39.58 27.00 -35.79
CA PHE B 386 -40.17 27.64 -36.96
C PHE B 386 -40.84 28.92 -36.51
N PRO B 387 -40.17 30.06 -36.66
CA PRO B 387 -40.75 31.33 -36.18
C PRO B 387 -41.94 31.90 -36.96
N LEU B 388 -42.85 32.55 -36.22
CA LEU B 388 -44.02 33.25 -36.76
C LEU B 388 -44.01 34.61 -36.13
N LEU B 389 -43.97 35.66 -36.93
CA LEU B 389 -44.00 37.02 -36.40
C LEU B 389 -45.45 37.48 -36.31
N TYR B 390 -45.93 37.70 -35.09
CA TYR B 390 -47.29 38.17 -34.87
C TYR B 390 -47.29 39.70 -34.92
N ARG B 391 -48.06 40.27 -35.87
CA ARG B 391 -48.06 41.72 -36.06
C ARG B 391 -49.31 42.44 -35.52
N GLU B 392 -50.34 41.71 -35.13
CA GLU B 392 -51.58 42.31 -34.62
C GLU B 392 -51.38 43.06 -33.32
N PRO B 393 -52.17 44.14 -33.10
CA PRO B 393 -52.05 44.90 -31.85
C PRO B 393 -52.74 44.17 -30.68
N PRO B 394 -52.23 44.36 -29.46
CA PRO B 394 -52.76 43.62 -28.30
C PRO B 394 -54.24 43.80 -28.00
N GLU B 395 -54.89 42.74 -27.50
CA GLU B 395 -56.29 42.77 -27.05
C GLU B 395 -56.33 43.37 -25.64
N ALA B 396 -57.48 43.91 -25.24
CA ALA B 396 -57.64 44.47 -23.91
C ALA B 396 -57.47 43.37 -22.84
N ILE B 397 -58.05 42.19 -23.08
CA ILE B 397 -57.89 41.07 -22.16
C ILE B 397 -56.64 40.27 -22.57
N TRP B 398 -55.68 40.06 -21.63
CA TRP B 398 -54.46 39.31 -21.93
C TRP B 398 -54.73 37.89 -22.35
N ALA B 399 -55.67 37.19 -21.71
CA ALA B 399 -56.01 35.83 -22.07
C ALA B 399 -56.52 35.74 -23.49
N ASP B 400 -57.26 36.74 -23.97
CA ASP B 400 -57.78 36.78 -25.34
C ASP B 400 -56.64 36.99 -26.33
N ASP B 401 -55.67 37.86 -25.97
CA ASP B 401 -54.49 38.13 -26.79
C ASP B 401 -53.62 36.88 -26.95
N VAL B 402 -53.54 36.06 -25.89
CA VAL B 402 -52.80 34.81 -25.90
C VAL B 402 -53.49 33.82 -26.83
N ASP B 403 -54.81 33.69 -26.72
CA ASP B 403 -55.59 32.79 -27.57
C ASP B 403 -55.54 33.19 -29.04
N ARG B 404 -55.49 34.50 -29.35
CA ARG B 404 -55.38 34.95 -30.74
C ARG B 404 -54.02 34.58 -31.34
N ARG B 405 -52.96 34.59 -30.53
CA ARG B 405 -51.63 34.19 -30.97
C ARG B 405 -51.53 32.69 -31.15
N VAL B 406 -52.23 31.91 -30.30
CA VAL B 406 -52.30 30.44 -30.40
C VAL B 406 -53.04 30.06 -31.69
N GLN B 407 -54.13 30.78 -32.00
CA GLN B 407 -54.89 30.53 -33.23
C GLN B 407 -54.09 30.91 -34.45
N PHE B 408 -53.33 32.01 -34.39
CA PHE B 408 -52.44 32.43 -35.48
C PHE B 408 -51.44 31.32 -35.81
N GLY B 409 -50.96 30.63 -34.78
CA GLY B 409 -50.03 29.52 -34.91
C GLY B 409 -50.70 28.31 -35.52
N ILE B 410 -51.94 27.99 -35.11
CA ILE B 410 -52.67 26.86 -35.68
C ILE B 410 -53.01 27.12 -37.14
N GLU B 411 -53.39 28.37 -37.47
CA GLU B 411 -53.73 28.73 -38.83
C GLU B 411 -52.53 28.73 -39.74
N SER B 412 -51.38 29.29 -39.32
CA SER B 412 -50.15 29.23 -40.12
C SER B 412 -49.67 27.79 -40.26
N GLY B 413 -49.87 26.96 -39.24
CA GLY B 413 -49.50 25.56 -39.24
C GLY B 413 -50.33 24.75 -40.21
N LYS B 414 -51.62 24.99 -40.24
CA LYS B 414 -52.53 24.33 -41.17
C LYS B 414 -52.19 24.78 -42.59
N LEU B 415 -52.04 26.11 -42.77
CA LEU B 415 -51.75 26.75 -44.05
C LEU B 415 -50.47 26.22 -44.63
N ARG B 416 -49.36 26.20 -43.89
CA ARG B 416 -48.07 25.73 -44.41
C ARG B 416 -47.89 24.20 -44.46
N GLY B 417 -48.92 23.45 -44.08
CA GLY B 417 -48.87 21.99 -44.15
C GLY B 417 -48.40 21.25 -42.92
N PHE B 418 -48.02 21.97 -41.85
CA PHE B 418 -47.58 21.33 -40.60
C PHE B 418 -48.72 20.61 -39.91
N LEU B 419 -49.93 21.14 -40.02
CA LEU B 419 -51.07 20.61 -39.31
C LEU B 419 -52.19 20.29 -40.24
N ARG B 420 -52.92 19.28 -39.88
CA ARG B 420 -54.12 18.87 -40.58
C ARG B 420 -55.16 18.53 -39.50
N VAL B 421 -56.44 18.67 -39.82
CA VAL B 421 -57.51 18.40 -38.88
C VAL B 421 -57.44 16.94 -38.36
N GLY B 422 -57.56 16.76 -37.05
CA GLY B 422 -57.41 15.45 -36.45
C GLY B 422 -56.09 15.26 -35.74
N ASP B 423 -55.08 16.07 -36.14
CA ASP B 423 -53.74 16.05 -35.53
C ASP B 423 -53.78 16.56 -34.09
N LEU B 424 -52.84 16.09 -33.27
CA LEU B 424 -52.72 16.56 -31.91
C LEU B 424 -51.57 17.57 -31.83
N VAL B 425 -51.75 18.63 -31.07
CA VAL B 425 -50.73 19.66 -30.92
C VAL B 425 -50.50 19.95 -29.42
N ILE B 426 -49.30 20.39 -29.03
CA ILE B 426 -49.01 20.72 -27.65
C ILE B 426 -48.82 22.24 -27.59
N VAL B 427 -49.59 22.94 -26.76
CA VAL B 427 -49.50 24.39 -26.66
C VAL B 427 -48.79 24.79 -25.38
N VAL B 428 -47.71 25.57 -25.50
CA VAL B 428 -46.93 26.00 -24.35
C VAL B 428 -47.02 27.51 -24.16
N THR B 429 -47.60 27.94 -23.01
CA THR B 429 -47.83 29.34 -22.64
C THR B 429 -47.36 29.64 -21.19
N GLY B 430 -47.50 30.90 -20.77
CA GLY B 430 -47.18 31.30 -19.41
C GLY B 430 -48.42 31.74 -18.65
N TRP B 431 -48.25 32.03 -17.36
CA TRP B 431 -49.35 32.45 -16.49
C TRP B 431 -49.59 33.98 -16.46
N ARG B 432 -48.58 34.76 -16.84
CA ARG B 432 -48.65 36.21 -16.86
C ARG B 432 -47.76 36.77 -17.98
N PRO B 433 -48.02 37.99 -18.46
CA PRO B 433 -47.18 38.55 -19.55
C PRO B 433 -45.73 38.80 -19.15
N GLY B 434 -44.88 39.02 -20.14
CA GLY B 434 -43.47 39.25 -19.90
C GLY B 434 -42.68 37.97 -20.03
N SER B 435 -41.39 38.11 -20.32
CA SER B 435 -40.51 36.97 -20.50
C SER B 435 -40.21 36.24 -19.16
N GLY B 436 -40.03 34.92 -19.26
CA GLY B 436 -39.65 34.07 -18.15
C GLY B 436 -40.74 33.38 -17.36
N TYR B 437 -42.02 33.57 -17.70
CA TYR B 437 -43.10 32.98 -16.92
C TYR B 437 -43.79 31.79 -17.56
N THR B 438 -43.14 31.14 -18.55
CA THR B 438 -43.72 29.95 -19.21
C THR B 438 -43.90 28.84 -18.18
N ASN B 439 -45.13 28.32 -18.03
CA ASN B 439 -45.38 27.27 -17.05
C ASN B 439 -46.57 26.36 -17.40
N ILE B 440 -47.25 26.61 -18.52
CA ILE B 440 -48.44 25.84 -18.87
C ILE B 440 -48.27 25.03 -20.13
N MET B 441 -48.77 23.81 -20.12
CA MET B 441 -48.74 22.94 -21.28
CA MET B 441 -48.73 22.87 -21.24
C MET B 441 -50.18 22.44 -21.52
N ARG B 442 -50.61 22.44 -22.77
CA ARG B 442 -51.98 22.08 -23.12
C ARG B 442 -52.02 21.11 -24.29
N VAL B 443 -52.79 20.01 -24.18
CA VAL B 443 -52.93 19.06 -25.28
C VAL B 443 -54.18 19.46 -26.06
N LEU B 444 -54.03 19.83 -27.34
CA LEU B 444 -55.18 20.24 -28.14
CA LEU B 444 -55.17 20.26 -28.14
C LEU B 444 -55.34 19.42 -29.42
N SER B 445 -56.59 19.14 -29.80
CA SER B 445 -56.86 18.40 -31.04
C SER B 445 -57.26 19.41 -32.12
N ILE B 446 -56.59 19.37 -33.28
CA ILE B 446 -56.85 20.29 -34.37
C ILE B 446 -58.23 20.10 -34.98
N SER B 447 -58.99 21.22 -34.98
CA SER B 447 -60.35 21.33 -35.48
C SER B 447 -60.35 21.96 -36.89
N GLU C 21 -33.08 -28.20 -33.53
CA GLU C 21 -31.99 -29.00 -32.98
C GLU C 21 -32.21 -29.37 -31.50
N LEU C 22 -32.76 -28.42 -30.70
CA LEU C 22 -33.10 -28.64 -29.28
C LEU C 22 -34.61 -28.91 -29.09
N GLY C 23 -35.44 -28.31 -29.95
CA GLY C 23 -36.88 -28.53 -29.93
C GLY C 23 -37.69 -27.37 -29.38
N THR C 24 -38.99 -27.30 -29.79
CA THR C 24 -39.94 -26.27 -29.32
C THR C 24 -40.28 -26.47 -27.84
N ALA C 25 -40.39 -27.74 -27.40
CA ALA C 25 -40.68 -28.11 -26.02
C ALA C 25 -39.55 -27.70 -25.10
N PHE C 26 -38.29 -27.73 -25.57
CA PHE C 26 -37.14 -27.33 -24.73
C PHE C 26 -37.23 -25.84 -24.38
N PHE C 27 -37.62 -25.00 -25.35
CA PHE C 27 -37.66 -23.55 -25.15
C PHE C 27 -38.92 -23.04 -24.38
N GLN C 28 -39.77 -23.97 -23.89
CA GLN C 28 -40.90 -23.61 -23.07
C GLN C 28 -40.59 -23.85 -21.58
N GLN C 29 -39.75 -24.87 -21.26
CA GLN C 29 -39.30 -25.23 -19.92
C GLN C 29 -38.36 -24.18 -19.31
N GLN C 30 -38.13 -24.29 -17.98
CA GLN C 30 -37.27 -23.48 -17.12
C GLN C 30 -37.30 -21.97 -17.45
N GLN C 31 -38.52 -21.39 -17.56
CA GLN C 31 -38.79 -19.98 -17.84
C GLN C 31 -37.90 -19.36 -18.93
N LEU C 32 -37.69 -20.12 -20.03
CA LEU C 32 -36.88 -19.63 -21.16
C LEU C 32 -37.58 -18.49 -21.94
N PRO C 33 -38.92 -18.45 -22.13
CA PRO C 33 -39.52 -17.28 -22.81
C PRO C 33 -39.37 -16.01 -21.97
N ALA C 34 -39.50 -16.13 -20.65
CA ALA C 34 -39.36 -15.03 -19.68
C ALA C 34 -37.92 -14.48 -19.64
N ALA C 35 -36.91 -15.37 -19.72
CA ALA C 35 -35.50 -14.97 -19.67
C ALA C 35 -35.00 -14.30 -20.97
N MET C 36 -35.73 -14.49 -22.10
CA MET C 36 -35.42 -13.88 -23.40
C MET C 36 -36.02 -12.48 -23.57
N ALA C 37 -36.83 -12.00 -22.60
CA ALA C 37 -37.50 -10.71 -22.67
C ALA C 37 -36.52 -9.55 -22.68
N ASP C 38 -36.84 -8.50 -23.44
CA ASP C 38 -36.00 -7.30 -23.56
C ASP C 38 -36.04 -6.39 -22.33
N THR C 39 -37.11 -6.50 -21.52
CA THR C 39 -37.26 -5.72 -20.27
C THR C 39 -37.60 -6.64 -19.10
N PHE C 40 -37.36 -6.14 -17.87
CA PHE C 40 -37.69 -6.88 -16.67
C PHE C 40 -39.21 -6.96 -16.47
N LEU C 41 -39.95 -5.92 -16.87
CA LEU C 41 -41.40 -5.93 -16.76
C LEU C 41 -41.98 -7.04 -17.67
N GLU C 42 -41.45 -7.14 -18.91
CA GLU C 42 -41.82 -8.17 -19.90
C GLU C 42 -41.48 -9.56 -19.38
N HIS C 43 -40.33 -9.69 -18.69
CA HIS C 43 -39.87 -10.92 -18.07
C HIS C 43 -40.92 -11.42 -17.07
N LEU C 44 -41.40 -10.53 -16.18
CA LEU C 44 -42.42 -10.84 -15.18
C LEU C 44 -43.72 -11.29 -15.85
N CYS C 45 -44.14 -10.62 -16.93
CA CYS C 45 -45.34 -10.98 -17.65
C CYS C 45 -45.27 -12.35 -18.33
N LEU C 46 -44.05 -12.81 -18.66
CA LEU C 46 -43.82 -14.09 -19.33
C LEU C 46 -43.56 -15.28 -18.36
N LEU C 47 -43.68 -15.07 -17.05
CA LEU C 47 -43.48 -16.15 -16.09
C LEU C 47 -44.66 -17.11 -16.21
N ASP C 48 -44.38 -18.37 -16.56
CA ASP C 48 -45.43 -19.37 -16.74
C ASP C 48 -45.39 -20.42 -15.61
N ILE C 49 -46.52 -20.66 -14.91
CA ILE C 49 -46.56 -21.70 -13.87
C ILE C 49 -46.47 -23.11 -14.51
N ASP C 50 -46.89 -23.26 -15.78
CA ASP C 50 -46.83 -24.50 -16.52
C ASP C 50 -45.44 -24.79 -17.13
N SER C 51 -44.47 -23.87 -16.95
CA SER C 51 -43.09 -24.01 -17.42
C SER C 51 -42.32 -24.68 -16.29
N GLU C 52 -42.02 -25.98 -16.44
CA GLU C 52 -41.35 -26.77 -15.40
C GLU C 52 -39.83 -26.59 -15.35
N PRO C 53 -39.22 -26.69 -14.15
CA PRO C 53 -37.76 -26.56 -14.06
C PRO C 53 -37.02 -27.82 -14.52
N VAL C 54 -36.01 -27.64 -15.38
CA VAL C 54 -35.24 -28.78 -15.87
C VAL C 54 -33.92 -28.91 -15.16
N ALA C 55 -33.24 -27.77 -14.96
CA ALA C 55 -31.94 -27.73 -14.28
C ALA C 55 -31.99 -28.24 -12.84
N ALA C 56 -30.84 -28.68 -12.29
CA ALA C 56 -30.78 -29.15 -10.91
C ALA C 56 -30.88 -27.96 -9.95
N ARG C 57 -31.27 -28.19 -8.69
CA ARG C 57 -31.36 -27.12 -7.71
C ARG C 57 -29.96 -26.65 -7.30
N SER C 58 -29.65 -25.37 -7.57
CA SER C 58 -28.33 -24.77 -7.32
C SER C 58 -28.15 -24.18 -5.90
N THR C 59 -29.15 -23.44 -5.37
CA THR C 59 -29.07 -22.87 -4.02
C THR C 59 -28.95 -23.97 -2.96
N SER C 60 -27.85 -24.00 -2.21
CA SER C 60 -27.64 -25.04 -1.22
C SER C 60 -28.52 -24.90 0.00
N ILE C 61 -28.78 -26.02 0.68
CA ILE C 61 -29.61 -26.07 1.88
C ILE C 61 -28.78 -26.40 3.13
N ILE C 62 -28.80 -25.48 4.12
CA ILE C 62 -28.12 -25.66 5.39
C ILE C 62 -29.15 -26.16 6.36
N ALA C 63 -28.92 -27.34 6.95
CA ALA C 63 -29.85 -27.92 7.91
C ALA C 63 -29.24 -27.98 9.29
N THR C 64 -29.94 -27.44 10.31
CA THR C 64 -29.44 -27.45 11.68
C THR C 64 -29.62 -28.82 12.31
N ILE C 65 -28.53 -29.42 12.74
CA ILE C 65 -28.54 -30.73 13.37
C ILE C 65 -28.87 -30.63 14.83
N GLY C 66 -29.99 -31.24 15.19
CA GLY C 66 -30.48 -31.28 16.57
C GLY C 66 -31.01 -32.66 16.92
N PRO C 67 -31.81 -32.75 17.99
CA PRO C 67 -32.36 -34.06 18.36
C PRO C 67 -33.25 -34.69 17.28
N ALA C 68 -34.05 -33.84 16.57
CA ALA C 68 -34.93 -34.29 15.50
C ALA C 68 -34.20 -34.75 14.22
N SER C 69 -32.88 -34.57 14.15
CA SER C 69 -32.13 -34.91 12.96
C SER C 69 -30.73 -35.39 13.35
N ARG C 70 -30.63 -36.26 14.35
CA ARG C 70 -29.33 -36.67 14.88
C ARG C 70 -28.93 -38.12 14.63
N SER C 71 -29.89 -39.01 14.32
CA SER C 71 -29.60 -40.42 14.07
C SER C 71 -29.01 -40.63 12.67
N VAL C 72 -28.09 -41.60 12.52
CA VAL C 72 -27.46 -41.91 11.23
C VAL C 72 -28.51 -42.22 10.17
N GLU C 73 -29.62 -42.85 10.59
CA GLU C 73 -30.70 -43.20 9.68
C GLU C 73 -31.51 -41.98 9.22
N ARG C 74 -31.80 -41.05 10.14
CA ARG C 74 -32.53 -39.81 9.85
C ARG C 74 -31.69 -38.90 8.96
N LEU C 75 -30.36 -38.83 9.23
CA LEU C 75 -29.40 -38.05 8.45
C LEU C 75 -29.29 -38.55 7.03
N LYS C 76 -29.33 -39.88 6.82
CA LYS C 76 -29.30 -40.51 5.50
C LYS C 76 -30.49 -40.01 4.67
N GLU C 77 -31.67 -39.87 5.30
CA GLU C 77 -32.89 -39.38 4.65
C GLU C 77 -32.81 -37.92 4.28
N MET C 78 -32.16 -37.11 5.14
CA MET C 78 -32.01 -35.68 4.89
CA MET C 78 -32.00 -35.68 4.89
C MET C 78 -31.01 -35.42 3.75
N ILE C 79 -29.98 -36.30 3.63
CA ILE C 79 -29.01 -36.19 2.55
C ILE C 79 -29.77 -36.43 1.22
N LYS C 80 -30.64 -37.47 1.19
CA LYS C 80 -31.48 -37.82 0.03
C LYS C 80 -32.49 -36.71 -0.31
N ALA C 81 -33.04 -36.05 0.70
CA ALA C 81 -33.98 -34.95 0.49
C ALA C 81 -33.34 -33.67 -0.12
N GLY C 82 -32.01 -33.52 0.11
CA GLY C 82 -31.24 -32.40 -0.44
C GLY C 82 -30.35 -31.58 0.49
N MET C 83 -29.98 -32.13 1.66
CA MET C 83 -29.12 -31.38 2.59
C MET C 83 -27.71 -31.34 2.06
N ASN C 84 -27.12 -30.14 2.08
CA ASN C 84 -25.76 -29.98 1.59
C ASN C 84 -24.82 -29.60 2.72
N ILE C 85 -25.30 -28.78 3.66
CA ILE C 85 -24.48 -28.34 4.79
C ILE C 85 -25.20 -28.68 6.09
N ALA C 86 -24.47 -29.27 7.03
CA ALA C 86 -24.98 -29.65 8.35
C ALA C 86 -24.51 -28.64 9.39
N ARG C 87 -25.42 -27.83 9.94
CA ARG C 87 -25.09 -26.78 10.92
C ARG C 87 -25.15 -27.27 12.34
N LEU C 88 -24.08 -27.08 13.10
CA LEU C 88 -24.06 -27.44 14.51
C LEU C 88 -24.19 -26.15 15.31
N ASN C 89 -25.33 -25.95 16.01
CA ASN C 89 -25.51 -24.72 16.82
C ASN C 89 -24.83 -24.88 18.16
N PHE C 90 -23.69 -24.20 18.33
CA PHE C 90 -22.92 -24.26 19.57
C PHE C 90 -23.50 -23.41 20.72
N SER C 91 -24.67 -22.79 20.50
CA SER C 91 -25.40 -22.09 21.56
C SER C 91 -26.09 -23.10 22.52
N HIS C 92 -26.25 -24.37 22.09
CA HIS C 92 -26.87 -25.43 22.88
C HIS C 92 -26.01 -26.70 22.77
N GLY C 93 -25.97 -27.50 23.82
CA GLY C 93 -25.24 -28.76 23.81
C GLY C 93 -23.75 -28.70 24.10
N SER C 94 -23.21 -29.81 24.59
CA SER C 94 -21.80 -29.96 24.97
C SER C 94 -20.90 -30.30 23.80
N HIS C 95 -19.57 -30.18 23.97
CA HIS C 95 -18.60 -30.58 22.95
C HIS C 95 -18.75 -32.07 22.60
N GLU C 96 -19.03 -32.90 23.62
CA GLU C 96 -19.20 -34.35 23.49
C GLU C 96 -20.40 -34.64 22.57
N TYR C 97 -21.51 -33.89 22.77
CA TYR C 97 -22.73 -33.99 21.99
C TYR C 97 -22.47 -33.66 20.51
N HIS C 98 -21.80 -32.52 20.24
CA HIS C 98 -21.50 -32.09 18.89
C HIS C 98 -20.50 -33.01 18.18
N ALA C 99 -19.58 -33.64 18.93
CA ALA C 99 -18.64 -34.59 18.34
C ALA C 99 -19.39 -35.83 17.83
N GLU C 100 -20.42 -36.28 18.57
CA GLU C 100 -21.24 -37.43 18.18
C GLU C 100 -22.09 -37.08 16.96
N SER C 101 -22.57 -35.82 16.87
CA SER C 101 -23.32 -35.35 15.72
C SER C 101 -22.40 -35.40 14.47
N ILE C 102 -21.13 -34.92 14.59
CA ILE C 102 -20.12 -34.93 13.54
C ILE C 102 -19.89 -36.37 13.05
N ALA C 103 -19.76 -37.31 14.00
CA ALA C 103 -19.54 -38.71 13.68
C ALA C 103 -20.74 -39.34 12.97
N ASN C 104 -21.96 -39.03 13.42
CA ASN C 104 -23.19 -39.55 12.80
C ASN C 104 -23.40 -39.01 11.41
N VAL C 105 -23.04 -37.72 11.18
CA VAL C 105 -23.14 -37.09 9.88
C VAL C 105 -22.15 -37.76 8.96
N ARG C 106 -20.88 -37.87 9.38
CA ARG C 106 -19.84 -38.50 8.55
C ARG C 106 -20.13 -39.96 8.22
N GLU C 107 -20.72 -40.70 9.18
CA GLU C 107 -21.12 -42.09 8.98
C GLU C 107 -22.26 -42.17 7.94
N ALA C 108 -23.27 -41.26 8.01
CA ALA C 108 -24.39 -41.22 7.08
C ALA C 108 -23.92 -40.83 5.68
N VAL C 109 -22.93 -39.92 5.56
CA VAL C 109 -22.41 -39.49 4.27
C VAL C 109 -21.58 -40.62 3.63
N GLU C 110 -20.74 -41.29 4.43
CA GLU C 110 -19.92 -42.37 3.91
C GLU C 110 -20.68 -43.67 3.65
N SER C 111 -21.96 -43.76 4.04
CA SER C 111 -22.78 -44.93 3.75
C SER C 111 -23.14 -45.05 2.24
N PHE C 112 -22.90 -43.97 1.45
CA PHE C 112 -23.12 -43.98 0.01
C PHE C 112 -21.80 -43.89 -0.75
N ALA C 113 -20.64 -44.09 -0.09
CA ALA C 113 -19.34 -44.01 -0.76
C ALA C 113 -19.05 -45.15 -1.73
N GLY C 114 -19.88 -46.20 -1.72
CA GLY C 114 -19.75 -47.28 -2.69
C GLY C 114 -20.35 -46.89 -4.04
N SER C 115 -21.56 -46.26 -4.00
CA SER C 115 -22.32 -45.81 -5.17
C SER C 115 -22.08 -44.32 -5.53
N PRO C 116 -21.43 -43.98 -6.66
CA PRO C 116 -21.23 -42.55 -6.99
C PRO C 116 -22.47 -41.83 -7.54
N LEU C 117 -23.65 -42.49 -7.52
CA LEU C 117 -24.95 -41.92 -7.93
C LEU C 117 -25.69 -41.28 -6.74
N SER C 118 -25.51 -41.87 -5.54
CA SER C 118 -26.10 -41.40 -4.27
C SER C 118 -25.06 -40.62 -3.41
N TYR C 119 -23.74 -40.83 -3.68
CA TYR C 119 -22.69 -40.16 -2.93
C TYR C 119 -22.65 -38.70 -3.19
N ARG C 120 -22.90 -37.97 -2.14
CA ARG C 120 -22.87 -36.53 -2.17
C ARG C 120 -22.11 -36.09 -0.92
N PRO C 121 -21.02 -35.26 -1.03
CA PRO C 121 -20.35 -34.80 0.19
C PRO C 121 -21.17 -33.71 0.88
N VAL C 122 -21.11 -33.67 2.22
CA VAL C 122 -21.88 -32.73 3.02
C VAL C 122 -20.91 -31.94 3.91
N ALA C 123 -20.98 -30.60 3.85
CA ALA C 123 -20.10 -29.76 4.66
C ALA C 123 -20.57 -29.71 6.10
N ILE C 124 -19.65 -29.44 7.02
CA ILE C 124 -20.02 -29.30 8.43
C ILE C 124 -19.73 -27.88 8.88
N ALA C 125 -20.77 -27.17 9.34
CA ALA C 125 -20.61 -25.79 9.77
C ALA C 125 -20.78 -25.63 11.28
N LEU C 126 -19.92 -24.83 11.92
CA LEU C 126 -19.98 -24.59 13.35
C LEU C 126 -20.55 -23.21 13.58
N ASP C 127 -21.71 -23.10 14.24
CA ASP C 127 -22.32 -21.80 14.51
C ASP C 127 -22.00 -21.41 15.94
N THR C 128 -21.07 -20.46 16.13
CA THR C 128 -20.62 -20.03 17.45
C THR C 128 -21.73 -19.46 18.35
N LYS C 129 -21.52 -19.57 19.68
CA LYS C 129 -22.45 -19.09 20.72
C LYS C 129 -22.60 -17.55 20.67
N GLY C 130 -21.47 -16.85 20.47
CA GLY C 130 -21.45 -15.40 20.36
C GLY C 130 -20.76 -14.65 21.49
N PRO C 131 -20.54 -13.34 21.30
CA PRO C 131 -19.86 -12.55 22.34
C PRO C 131 -20.77 -12.16 23.50
N GLY C 134 -20.31 -9.08 25.96
CA GLY C 134 -18.88 -8.96 25.75
C GLY C 134 -18.50 -8.09 24.57
N PRO C 135 -17.24 -7.57 24.55
CA PRO C 135 -16.80 -6.66 23.46
C PRO C 135 -16.22 -7.33 22.20
N GLY C 136 -15.73 -8.54 22.35
CA GLY C 136 -15.15 -9.30 21.26
C GLY C 136 -15.36 -10.78 21.44
N LEU C 137 -14.44 -11.59 20.90
CA LEU C 137 -14.50 -13.04 20.96
C LEU C 137 -14.53 -13.57 22.42
N SER C 138 -15.65 -14.18 22.81
CA SER C 138 -15.79 -14.72 24.16
C SER C 138 -14.84 -15.89 24.44
N GLU C 139 -14.64 -16.23 25.71
CA GLU C 139 -13.77 -17.32 26.10
C GLU C 139 -14.31 -18.64 25.60
N GLN C 140 -15.65 -18.82 25.68
CA GLN C 140 -16.29 -20.06 25.22
C GLN C 140 -16.12 -20.21 23.72
N ASP C 141 -16.25 -19.11 22.98
CA ASP C 141 -16.08 -19.09 21.53
C ASP C 141 -14.68 -19.56 21.11
N VAL C 142 -13.64 -19.19 21.86
CA VAL C 142 -12.29 -19.64 21.56
C VAL C 142 -12.17 -21.14 21.71
N ARG C 143 -12.82 -21.71 22.73
CA ARG C 143 -12.80 -23.15 23.00
C ARG C 143 -13.59 -23.88 21.93
N ASP C 144 -14.76 -23.36 21.56
CA ASP C 144 -15.62 -23.94 20.52
C ASP C 144 -14.95 -23.94 19.16
N LEU C 145 -14.26 -22.84 18.80
CA LEU C 145 -13.52 -22.70 17.54
C LEU C 145 -12.36 -23.69 17.51
N ARG C 146 -11.67 -23.87 18.63
CA ARG C 146 -10.57 -24.81 18.75
C ARG C 146 -11.10 -26.24 18.55
N PHE C 147 -12.31 -26.52 19.07
CA PHE C 147 -12.97 -27.81 18.91
C PHE C 147 -13.25 -28.08 17.43
N GLY C 148 -13.77 -27.06 16.72
CA GLY C 148 -14.05 -27.16 15.30
C GLY C 148 -12.80 -27.45 14.49
N VAL C 149 -11.67 -26.84 14.86
CA VAL C 149 -10.41 -27.07 14.19
C VAL C 149 -9.96 -28.52 14.42
N GLU C 150 -9.98 -28.98 15.68
CA GLU C 150 -9.60 -30.36 16.03
C GLU C 150 -10.48 -31.43 15.38
N HIS C 151 -11.74 -31.10 15.11
CA HIS C 151 -12.68 -32.03 14.48
C HIS C 151 -12.86 -31.84 12.96
N GLY C 152 -12.08 -30.95 12.35
CA GLY C 152 -12.13 -30.72 10.92
C GLY C 152 -13.39 -30.14 10.33
N VAL C 153 -13.93 -29.05 10.91
CA VAL C 153 -15.11 -28.40 10.33
C VAL C 153 -14.68 -27.61 9.08
N ASP C 154 -15.63 -27.39 8.19
CA ASP C 154 -15.34 -26.73 6.92
C ASP C 154 -15.68 -25.25 6.99
N ILE C 155 -16.77 -24.91 7.66
CA ILE C 155 -17.26 -23.54 7.76
C ILE C 155 -17.50 -23.13 9.20
N VAL C 156 -17.37 -21.82 9.50
CA VAL C 156 -17.66 -21.24 10.80
C VAL C 156 -18.65 -20.12 10.59
N PHE C 157 -19.78 -20.16 11.30
CA PHE C 157 -20.77 -19.09 11.24
C PHE C 157 -20.52 -18.24 12.44
N ALA C 158 -19.74 -17.16 12.29
CA ALA C 158 -19.37 -16.31 13.41
C ALA C 158 -20.53 -15.46 13.88
N SER C 159 -21.01 -15.68 15.13
CA SER C 159 -22.14 -14.92 15.67
C SER C 159 -21.74 -13.50 16.08
N PHE C 160 -22.67 -12.55 15.84
CA PHE C 160 -22.60 -11.13 16.16
C PHE C 160 -21.30 -10.44 15.76
N VAL C 161 -20.94 -10.51 14.48
CA VAL C 161 -19.78 -9.81 13.98
C VAL C 161 -20.14 -8.30 13.89
N ARG C 162 -19.30 -7.43 14.47
CA ARG C 162 -19.59 -6.00 14.50
C ARG C 162 -18.64 -5.15 13.65
N LYS C 163 -17.39 -5.58 13.59
CA LYS C 163 -16.35 -4.86 12.87
C LYS C 163 -15.32 -5.86 12.30
N ALA C 164 -14.38 -5.38 11.47
CA ALA C 164 -13.37 -6.24 10.87
C ALA C 164 -12.45 -6.91 11.88
N SER C 165 -12.27 -6.31 13.05
CA SER C 165 -11.42 -6.88 14.09
C SER C 165 -12.02 -8.16 14.70
N ASP C 166 -13.37 -8.29 14.67
CA ASP C 166 -14.11 -9.47 15.16
C ASP C 166 -13.81 -10.68 14.28
N VAL C 167 -13.76 -10.47 12.96
CA VAL C 167 -13.44 -11.51 11.99
C VAL C 167 -11.99 -11.93 12.19
N ALA C 168 -11.08 -10.96 12.37
CA ALA C 168 -9.67 -11.21 12.59
C ALA C 168 -9.48 -12.03 13.87
N ALA C 169 -10.29 -11.76 14.92
CA ALA C 169 -10.26 -12.50 16.18
C ALA C 169 -10.62 -13.96 15.94
N VAL C 170 -11.66 -14.22 15.11
CA VAL C 170 -12.08 -15.57 14.77
C VAL C 170 -11.02 -16.29 13.93
N ARG C 171 -10.42 -15.57 12.99
CA ARG C 171 -9.35 -16.09 12.13
C ARG C 171 -8.14 -16.49 12.96
N ALA C 172 -7.81 -15.68 13.96
CA ALA C 172 -6.71 -15.94 14.87
C ALA C 172 -6.99 -17.19 15.75
N ALA C 173 -8.23 -17.29 16.29
CA ALA C 173 -8.66 -18.42 17.14
C ALA C 173 -8.63 -19.76 16.38
N LEU C 174 -8.67 -19.72 15.02
CA LEU C 174 -8.58 -20.90 14.16
C LEU C 174 -7.07 -21.22 14.00
N GLY C 175 -6.48 -21.67 15.12
CA GLY C 175 -5.08 -22.03 15.39
C GLY C 175 -4.16 -22.10 14.21
N PRO C 176 -3.05 -22.86 14.27
CA PRO C 176 -2.17 -22.95 13.05
C PRO C 176 -2.85 -23.74 11.91
N GLU C 177 -3.66 -24.75 12.27
CA GLU C 177 -4.38 -25.62 11.36
C GLU C 177 -5.57 -24.96 10.60
N GLY C 178 -6.58 -24.45 11.31
CA GLY C 178 -7.82 -23.93 10.72
C GLY C 178 -7.84 -22.77 9.73
N HIS C 179 -6.75 -22.52 9.02
CA HIS C 179 -6.70 -21.42 8.06
C HIS C 179 -7.51 -21.70 6.78
N GLY C 180 -7.75 -22.99 6.46
CA GLY C 180 -8.59 -23.35 5.33
C GLY C 180 -10.08 -23.20 5.59
N ILE C 181 -10.51 -23.26 6.89
CA ILE C 181 -11.92 -23.09 7.29
C ILE C 181 -12.46 -21.75 6.79
N LYS C 182 -13.69 -21.75 6.27
CA LYS C 182 -14.35 -20.56 5.75
C LYS C 182 -15.05 -19.79 6.87
N ILE C 183 -14.99 -18.46 6.85
CA ILE C 183 -15.62 -17.65 7.87
C ILE C 183 -16.80 -16.88 7.32
N ILE C 184 -17.99 -17.30 7.69
CA ILE C 184 -19.22 -16.63 7.27
C ILE C 184 -19.68 -15.76 8.43
N SER C 185 -19.50 -14.43 8.30
CA SER C 185 -19.84 -13.50 9.36
C SER C 185 -21.31 -13.28 9.46
N LYS C 186 -21.90 -13.47 10.65
CA LYS C 186 -23.32 -13.24 10.83
C LYS C 186 -23.56 -11.79 11.19
N ILE C 187 -24.29 -11.06 10.34
CA ILE C 187 -24.62 -9.67 10.62
C ILE C 187 -25.93 -9.71 11.37
N GLU C 188 -25.91 -9.48 12.70
CA GLU C 188 -27.10 -9.58 13.51
C GLU C 188 -27.50 -8.27 14.23
N ASN C 189 -26.73 -7.17 14.07
CA ASN C 189 -27.01 -5.90 14.76
C ASN C 189 -26.71 -4.65 13.87
N HIS C 190 -27.10 -3.44 14.33
CA HIS C 190 -26.89 -2.21 13.59
C HIS C 190 -25.42 -1.88 13.29
N GLU C 191 -24.50 -2.16 14.23
CA GLU C 191 -23.09 -1.84 14.01
C GLU C 191 -22.52 -2.61 12.83
N GLY C 192 -22.81 -3.91 12.77
CA GLY C 192 -22.37 -4.76 11.67
C GLY C 192 -22.94 -4.36 10.33
N VAL C 193 -24.22 -3.89 10.32
CA VAL C 193 -24.86 -3.41 9.10
C VAL C 193 -24.12 -2.18 8.59
N LYS C 194 -23.71 -1.29 9.50
CA LYS C 194 -22.98 -0.09 9.13
C LYS C 194 -21.56 -0.37 8.71
N ARG C 195 -20.86 -1.25 9.43
CA ARG C 195 -19.49 -1.64 9.08
C ARG C 195 -19.45 -2.80 8.07
N PHE C 196 -20.58 -3.10 7.38
CA PHE C 196 -20.68 -4.19 6.43
C PHE C 196 -19.53 -4.26 5.45
N ASP C 197 -19.18 -3.14 4.81
CA ASP C 197 -18.10 -3.13 3.82
C ASP C 197 -16.76 -3.64 4.35
N GLU C 198 -16.41 -3.26 5.60
CA GLU C 198 -15.15 -3.69 6.20
C GLU C 198 -15.20 -5.14 6.64
N ILE C 199 -16.38 -5.60 7.07
CA ILE C 199 -16.60 -6.98 7.50
C ILE C 199 -16.50 -7.90 6.28
N LEU C 200 -17.27 -7.63 5.23
CA LEU C 200 -17.26 -8.43 4.02
C LEU C 200 -15.87 -8.52 3.41
N GLU C 201 -15.10 -7.44 3.47
CA GLU C 201 -13.74 -7.40 2.94
C GLU C 201 -12.82 -8.46 3.55
N VAL C 202 -12.95 -8.67 4.87
CA VAL C 202 -12.11 -9.64 5.60
C VAL C 202 -12.80 -11.02 5.80
N SER C 203 -14.11 -11.12 5.51
CA SER C 203 -14.84 -12.38 5.65
C SER C 203 -14.86 -13.18 4.36
N ASP C 204 -15.08 -14.50 4.46
CA ASP C 204 -15.24 -15.35 3.28
C ASP C 204 -16.68 -15.24 2.71
N GLY C 205 -17.63 -14.85 3.52
CA GLY C 205 -19.00 -14.67 3.14
C GLY C 205 -19.82 -14.11 4.28
N ILE C 206 -21.11 -13.93 4.07
CA ILE C 206 -21.99 -13.33 5.07
C ILE C 206 -23.24 -14.17 5.29
N MET C 207 -23.82 -14.06 6.47
CA MET C 207 -25.08 -14.71 6.77
C MET C 207 -26.01 -13.62 7.27
N VAL C 208 -27.16 -13.46 6.62
CA VAL C 208 -28.12 -12.47 7.03
C VAL C 208 -28.92 -13.13 8.13
N ALA C 209 -28.44 -12.96 9.37
CA ALA C 209 -29.04 -13.50 10.59
C ALA C 209 -30.24 -12.63 10.95
N ARG C 210 -31.40 -12.91 10.31
CA ARG C 210 -32.62 -12.13 10.45
C ARG C 210 -33.30 -12.17 11.81
N GLY C 211 -33.05 -13.22 12.60
CA GLY C 211 -33.65 -13.35 13.93
C GLY C 211 -33.24 -12.25 14.89
N ASP C 212 -31.92 -12.14 15.14
CA ASP C 212 -31.39 -11.09 16.01
C ASP C 212 -31.47 -9.73 15.34
N LEU C 213 -31.29 -9.67 14.02
CA LEU C 213 -31.37 -8.44 13.25
C LEU C 213 -32.76 -7.80 13.36
N GLY C 214 -33.80 -8.63 13.41
CA GLY C 214 -35.18 -8.15 13.57
C GLY C 214 -35.49 -7.57 14.93
N ILE C 215 -34.60 -7.79 15.92
CA ILE C 215 -34.71 -7.32 17.30
C ILE C 215 -33.81 -6.07 17.50
N GLU C 216 -32.58 -6.08 16.95
CA GLU C 216 -31.63 -4.95 17.05
C GLU C 216 -32.05 -3.75 16.22
N ILE C 217 -32.61 -4.02 15.03
CA ILE C 217 -33.10 -2.96 14.14
C ILE C 217 -34.65 -3.10 13.99
N PRO C 218 -35.37 -2.03 13.56
CA PRO C 218 -36.83 -2.17 13.38
C PRO C 218 -37.19 -3.34 12.45
N ALA C 219 -38.20 -4.15 12.81
CA ALA C 219 -38.59 -5.30 11.98
C ALA C 219 -38.89 -4.96 10.51
N GLU C 220 -39.46 -3.77 10.28
CA GLU C 220 -39.81 -3.31 8.94
C GLU C 220 -38.61 -2.83 8.11
N LYS C 221 -37.40 -2.81 8.70
CA LYS C 221 -36.18 -2.42 7.99
C LYS C 221 -35.26 -3.61 7.67
N VAL C 222 -35.59 -4.82 8.18
CA VAL C 222 -34.78 -6.03 7.99
C VAL C 222 -34.67 -6.44 6.52
N PHE C 223 -35.77 -6.32 5.74
CA PHE C 223 -35.74 -6.69 4.33
C PHE C 223 -34.73 -5.83 3.51
N LEU C 224 -34.54 -4.55 3.87
CA LEU C 224 -33.59 -3.65 3.19
C LEU C 224 -32.16 -4.08 3.46
N ALA C 225 -31.89 -4.53 4.68
CA ALA C 225 -30.59 -5.01 5.09
C ALA C 225 -30.32 -6.30 4.33
N GLN C 226 -31.31 -7.23 4.26
CA GLN C 226 -31.17 -8.48 3.52
C GLN C 226 -30.84 -8.22 2.04
N LYS C 227 -31.67 -7.41 1.37
CA LYS C 227 -31.49 -7.07 -0.02
C LYS C 227 -30.20 -6.31 -0.30
N MET C 228 -29.78 -5.43 0.62
CA MET C 228 -28.52 -4.70 0.43
C MET C 228 -27.32 -5.62 0.56
N MET C 229 -27.30 -6.44 1.61
CA MET C 229 -26.22 -7.36 1.89
C MET C 229 -26.10 -8.41 0.82
N ILE C 230 -27.21 -8.97 0.35
CA ILE C 230 -27.20 -9.95 -0.73
C ILE C 230 -26.59 -9.34 -2.01
N GLY C 231 -27.03 -8.14 -2.37
CA GLY C 231 -26.56 -7.45 -3.55
C GLY C 231 -25.08 -7.12 -3.47
N ARG C 232 -24.63 -6.69 -2.28
CA ARG C 232 -23.22 -6.34 -2.08
C ARG C 232 -22.32 -7.58 -2.12
N CYS C 233 -22.83 -8.72 -1.60
CA CYS C 233 -22.15 -10.02 -1.62
C CYS C 233 -22.04 -10.52 -3.04
N ASN C 234 -23.12 -10.39 -3.81
CA ASN C 234 -23.18 -10.78 -5.22
C ASN C 234 -22.14 -9.98 -6.02
N LEU C 235 -22.03 -8.70 -5.74
CA LEU C 235 -21.08 -7.80 -6.38
C LEU C 235 -19.63 -8.20 -6.03
N ALA C 236 -19.40 -8.55 -4.76
CA ALA C 236 -18.08 -8.96 -4.24
C ALA C 236 -17.65 -10.35 -4.70
N GLY C 237 -18.63 -11.20 -5.07
CA GLY C 237 -18.35 -12.58 -5.48
C GLY C 237 -18.21 -13.55 -4.32
N LYS C 238 -18.76 -13.19 -3.15
CA LYS C 238 -18.70 -14.00 -1.95
C LYS C 238 -20.08 -14.60 -1.60
N PRO C 239 -20.09 -15.86 -1.13
CA PRO C 239 -21.36 -16.49 -0.75
C PRO C 239 -22.17 -15.77 0.33
N VAL C 240 -23.50 -15.71 0.18
CA VAL C 240 -24.37 -15.07 1.16
C VAL C 240 -25.46 -16.08 1.57
N VAL C 241 -25.74 -16.19 2.88
CA VAL C 241 -26.73 -17.13 3.39
C VAL C 241 -27.94 -16.37 3.91
N CYS C 242 -29.16 -16.80 3.55
CA CYS C 242 -30.34 -16.20 4.13
C CYS C 242 -30.77 -17.13 5.26
N ALA C 243 -30.97 -16.56 6.47
CA ALA C 243 -31.25 -17.38 7.63
C ALA C 243 -32.46 -16.90 8.43
N THR C 244 -33.00 -17.84 9.27
CA THR C 244 -34.05 -17.66 10.29
C THR C 244 -35.48 -17.51 9.76
N GLN C 245 -36.37 -18.38 10.30
CA GLN C 245 -37.81 -18.40 10.11
C GLN C 245 -38.26 -18.49 8.66
N MET C 246 -37.45 -19.15 7.81
CA MET C 246 -37.78 -19.31 6.39
C MET C 246 -39.03 -20.17 6.20
N LEU C 247 -39.13 -21.29 6.92
CA LEU C 247 -40.31 -22.15 6.87
C LEU C 247 -40.71 -22.47 8.32
N GLU C 248 -40.73 -21.46 9.20
CA GLU C 248 -41.01 -21.58 10.63
C GLU C 248 -42.21 -22.45 11.00
N SER C 249 -43.33 -22.32 10.27
CA SER C 249 -44.53 -23.11 10.55
C SER C 249 -44.32 -24.62 10.35
N MET C 250 -43.27 -25.02 9.63
CA MET C 250 -42.93 -26.42 9.39
C MET C 250 -42.33 -27.15 10.61
N ILE C 251 -42.17 -26.44 11.73
CA ILE C 251 -41.73 -27.05 12.97
C ILE C 251 -42.88 -27.92 13.51
N THR C 252 -44.14 -27.43 13.38
CA THR C 252 -45.32 -28.15 13.84
C THR C 252 -46.23 -28.62 12.69
N LYS C 253 -46.22 -27.95 11.54
CA LYS C 253 -47.13 -28.30 10.42
C LYS C 253 -46.43 -28.95 9.22
N PRO C 254 -47.13 -29.79 8.43
CA PRO C 254 -46.47 -30.44 7.27
C PRO C 254 -46.31 -29.54 6.04
N ARG C 255 -47.04 -28.42 6.01
CA ARG C 255 -47.00 -27.47 4.90
C ARG C 255 -46.74 -26.05 5.42
N PRO C 256 -45.95 -25.26 4.69
CA PRO C 256 -45.71 -23.88 5.11
C PRO C 256 -46.79 -22.89 4.66
N THR C 257 -46.77 -21.69 5.22
CA THR C 257 -47.72 -20.65 4.86
C THR C 257 -47.34 -20.01 3.51
N ARG C 258 -48.24 -19.23 2.92
CA ARG C 258 -48.00 -18.52 1.65
C ARG C 258 -46.90 -17.48 1.78
N ALA C 259 -46.68 -16.95 3.00
CA ALA C 259 -45.62 -15.97 3.25
C ALA C 259 -44.26 -16.66 3.30
N GLU C 260 -44.19 -17.89 3.87
CA GLU C 260 -42.96 -18.67 4.00
C GLU C 260 -42.45 -19.17 2.68
N THR C 261 -43.32 -19.69 1.81
CA THR C 261 -42.89 -20.13 0.48
C THR C 261 -42.41 -18.91 -0.33
N SER C 262 -43.12 -17.77 -0.20
CA SER C 262 -42.78 -16.50 -0.84
C SER C 262 -41.42 -16.02 -0.35
N ASP C 263 -41.15 -16.09 0.96
CA ASP C 263 -39.89 -15.65 1.53
C ASP C 263 -38.72 -16.44 0.95
N VAL C 264 -38.81 -17.78 0.94
CA VAL C 264 -37.79 -18.67 0.42
C VAL C 264 -37.54 -18.37 -1.05
N ALA C 265 -38.61 -18.25 -1.84
CA ALA C 265 -38.49 -17.97 -3.25
C ALA C 265 -37.85 -16.61 -3.52
N ASN C 266 -38.19 -15.61 -2.70
CA ASN C 266 -37.64 -14.27 -2.85
C ASN C 266 -36.21 -14.18 -2.42
N ALA C 267 -35.79 -14.95 -1.40
CA ALA C 267 -34.39 -14.97 -0.97
C ALA C 267 -33.51 -15.52 -2.12
N VAL C 268 -34.00 -16.56 -2.84
CA VAL C 268 -33.32 -17.13 -4.00
C VAL C 268 -33.27 -16.08 -5.10
N LEU C 269 -34.39 -15.41 -5.35
CA LEU C 269 -34.46 -14.38 -6.37
C LEU C 269 -33.53 -13.19 -6.09
N ASP C 270 -33.41 -12.79 -4.82
CA ASP C 270 -32.52 -11.71 -4.37
C ASP C 270 -31.05 -12.02 -4.74
N GLY C 271 -30.68 -13.29 -4.66
CA GLY C 271 -29.34 -13.73 -5.01
C GLY C 271 -28.63 -14.42 -3.90
N ALA C 272 -29.36 -15.06 -2.97
CA ALA C 272 -28.73 -15.79 -1.86
C ALA C 272 -28.11 -17.10 -2.36
N ASP C 273 -26.88 -17.37 -1.95
CA ASP C 273 -26.18 -18.58 -2.32
C ASP C 273 -26.71 -19.81 -1.56
N CYS C 274 -27.07 -19.61 -0.29
CA CYS C 274 -27.58 -20.67 0.57
C CYS C 274 -28.82 -20.21 1.30
N ILE C 275 -29.67 -21.17 1.63
CA ILE C 275 -30.85 -20.95 2.44
C ILE C 275 -30.76 -21.89 3.65
N MET C 276 -31.32 -21.46 4.79
CA MET C 276 -31.14 -22.22 6.02
C MET C 276 -32.39 -22.55 6.82
N LEU C 277 -32.39 -23.79 7.38
CA LEU C 277 -33.43 -24.28 8.25
C LEU C 277 -32.81 -24.39 9.65
N SER C 278 -33.38 -23.69 10.64
CA SER C 278 -32.86 -23.71 12.00
C SER C 278 -33.64 -24.72 12.89
N GLY C 279 -34.69 -24.27 13.56
CA GLY C 279 -35.52 -25.12 14.40
C GLY C 279 -36.45 -26.03 13.63
N GLU C 280 -36.57 -25.81 12.31
CA GLU C 280 -37.40 -26.63 11.43
C GLU C 280 -36.80 -28.05 11.27
N THR C 281 -35.45 -28.17 11.31
CA THR C 281 -34.70 -29.44 11.20
C THR C 281 -34.12 -29.93 12.54
N ALA C 282 -33.75 -28.99 13.42
CA ALA C 282 -33.16 -29.34 14.71
C ALA C 282 -34.15 -29.91 15.71
N LYS C 283 -35.34 -29.30 15.83
CA LYS C 283 -36.33 -29.74 16.81
C LYS C 283 -37.75 -29.93 16.26
N GLY C 284 -37.98 -29.56 15.01
CA GLY C 284 -39.31 -29.68 14.39
C GLY C 284 -39.75 -31.11 14.16
N ASN C 285 -41.07 -31.29 14.09
CA ASN C 285 -41.69 -32.59 13.81
C ASN C 285 -41.49 -33.02 12.33
N PHE C 286 -41.19 -32.04 11.45
CA PHE C 286 -41.00 -32.20 10.03
C PHE C 286 -39.58 -31.78 9.58
N PRO C 287 -38.49 -32.56 9.86
CA PRO C 287 -37.17 -32.12 9.39
C PRO C 287 -36.89 -32.48 7.93
N VAL C 288 -37.18 -33.72 7.52
CA VAL C 288 -36.96 -34.17 6.14
C VAL C 288 -37.92 -33.44 5.17
N GLU C 289 -39.15 -33.15 5.62
CA GLU C 289 -40.18 -32.47 4.84
C GLU C 289 -39.79 -31.03 4.50
N ALA C 290 -39.12 -30.35 5.45
CA ALA C 290 -38.68 -28.96 5.28
C ALA C 290 -37.55 -28.87 4.25
N VAL C 291 -36.63 -29.87 4.25
CA VAL C 291 -35.53 -29.96 3.30
C VAL C 291 -36.12 -30.15 1.88
N LYS C 292 -37.09 -31.08 1.77
CA LYS C 292 -37.78 -31.36 0.53
C LYS C 292 -38.49 -30.09 -0.02
N MET C 293 -39.15 -29.36 0.87
CA MET C 293 -39.88 -28.14 0.53
C MET C 293 -38.95 -27.04 0.05
N GLN C 294 -37.81 -26.85 0.76
CA GLN C 294 -36.85 -25.83 0.36
C GLN C 294 -36.26 -26.17 -1.00
N HIS C 295 -36.01 -27.47 -1.25
CA HIS C 295 -35.51 -27.93 -2.53
C HIS C 295 -36.48 -27.54 -3.68
N ALA C 296 -37.77 -27.82 -3.48
CA ALA C 296 -38.83 -27.57 -4.47
C ALA C 296 -38.98 -26.10 -4.86
N ILE C 297 -39.02 -25.20 -3.85
CA ILE C 297 -39.17 -23.76 -4.04
C ILE C 297 -37.93 -23.18 -4.75
N ALA C 298 -36.73 -23.62 -4.32
CA ALA C 298 -35.47 -23.15 -4.91
C ALA C 298 -35.38 -23.45 -6.42
N ARG C 299 -35.69 -24.70 -6.83
CA ARG C 299 -35.73 -25.13 -8.22
C ARG C 299 -36.61 -24.20 -9.08
N GLU C 300 -37.77 -23.82 -8.54
CA GLU C 300 -38.71 -22.96 -9.23
C GLU C 300 -38.19 -21.55 -9.40
N ALA C 301 -37.69 -21.00 -8.30
CA ALA C 301 -37.18 -19.63 -8.25
C ALA C 301 -35.99 -19.40 -9.17
N GLU C 302 -35.05 -20.35 -9.17
CA GLU C 302 -33.85 -20.25 -10.02
C GLU C 302 -34.19 -20.15 -11.51
N ALA C 303 -35.25 -20.86 -11.94
CA ALA C 303 -35.68 -20.81 -13.33
C ALA C 303 -36.18 -19.39 -13.68
N ALA C 304 -36.88 -18.76 -12.75
CA ALA C 304 -37.43 -17.42 -12.93
C ALA C 304 -36.42 -16.27 -12.80
N VAL C 305 -35.14 -16.59 -12.61
CA VAL C 305 -34.14 -15.53 -12.51
C VAL C 305 -33.93 -14.89 -13.91
N TYR C 306 -33.89 -13.55 -13.97
CA TYR C 306 -33.72 -12.80 -15.22
C TYR C 306 -32.24 -12.68 -15.57
N HIS C 307 -31.67 -13.77 -16.09
CA HIS C 307 -30.25 -13.85 -16.42
C HIS C 307 -29.78 -12.81 -17.40
N ARG C 308 -30.65 -12.39 -18.34
CA ARG C 308 -30.28 -11.37 -19.34
C ARG C 308 -29.73 -10.09 -18.70
N GLN C 309 -30.48 -9.50 -17.76
CA GLN C 309 -30.04 -8.30 -17.07
C GLN C 309 -29.05 -8.64 -15.99
N LEU C 310 -29.24 -9.75 -15.27
CA LEU C 310 -28.35 -10.13 -14.19
C LEU C 310 -26.91 -10.25 -14.66
N PHE C 311 -26.69 -11.02 -15.71
CA PHE C 311 -25.36 -11.27 -16.19
C PHE C 311 -24.75 -9.99 -16.79
N GLU C 312 -25.53 -9.17 -17.51
CA GLU C 312 -25.02 -7.91 -18.08
C GLU C 312 -24.64 -6.91 -16.99
N GLU C 313 -25.39 -6.91 -15.88
CA GLU C 313 -25.11 -6.01 -14.78
C GLU C 313 -23.91 -6.49 -13.99
N LEU C 314 -23.84 -7.81 -13.75
CA LEU C 314 -22.71 -8.40 -13.04
C LEU C 314 -21.42 -8.15 -13.83
N ARG C 315 -21.50 -8.21 -15.16
CA ARG C 315 -20.39 -7.99 -16.07
C ARG C 315 -19.93 -6.54 -16.01
N ARG C 316 -20.86 -5.59 -16.17
CA ARG C 316 -20.58 -4.16 -16.17
C ARG C 316 -20.04 -3.71 -14.81
N ALA C 317 -20.68 -4.19 -13.71
CA ALA C 317 -20.31 -3.87 -12.33
C ALA C 317 -18.98 -4.46 -11.93
N ALA C 318 -18.65 -5.66 -12.48
CA ALA C 318 -17.37 -6.28 -12.18
C ALA C 318 -16.27 -5.45 -12.78
N PRO C 319 -15.22 -5.22 -11.98
CA PRO C 319 -14.10 -4.45 -12.51
C PRO C 319 -13.35 -5.26 -13.55
N LEU C 320 -12.57 -4.57 -14.39
CA LEU C 320 -11.70 -5.25 -15.34
C LEU C 320 -10.64 -6.01 -14.55
N SER C 321 -10.30 -7.21 -15.01
CA SER C 321 -9.34 -7.99 -14.27
C SER C 321 -8.22 -8.46 -15.11
N ARG C 322 -7.03 -8.43 -14.56
CA ARG C 322 -5.87 -8.99 -15.24
C ARG C 322 -5.55 -10.40 -14.72
N ASP C 323 -6.48 -11.03 -13.95
CA ASP C 323 -6.35 -12.37 -13.37
C ASP C 323 -6.91 -13.40 -14.33
N PRO C 324 -6.07 -14.30 -14.84
CA PRO C 324 -6.55 -15.30 -15.80
C PRO C 324 -7.74 -16.13 -15.35
N THR C 325 -7.82 -16.45 -14.05
CA THR C 325 -8.93 -17.24 -13.54
C THR C 325 -10.22 -16.41 -13.70
N GLU C 326 -10.18 -15.15 -13.30
CA GLU C 326 -11.36 -14.27 -13.36
CA GLU C 326 -11.33 -14.26 -13.37
C GLU C 326 -11.80 -14.00 -14.80
N VAL C 327 -10.83 -13.90 -15.73
CA VAL C 327 -11.06 -13.66 -17.16
C VAL C 327 -11.65 -14.91 -17.83
N THR C 328 -11.08 -16.07 -17.52
CA THR C 328 -11.58 -17.34 -18.05
C THR C 328 -12.98 -17.61 -17.51
N ALA C 329 -13.26 -17.23 -16.25
CA ALA C 329 -14.55 -17.43 -15.62
C ALA C 329 -15.64 -16.68 -16.37
N ILE C 330 -15.44 -15.39 -16.72
CA ILE C 330 -16.46 -14.65 -17.45
C ILE C 330 -16.58 -15.12 -18.89
N GLY C 331 -15.46 -15.49 -19.51
CA GLY C 331 -15.48 -16.01 -20.86
C GLY C 331 -16.27 -17.30 -20.95
N ALA C 332 -16.10 -18.18 -19.94
CA ALA C 332 -16.77 -19.47 -19.88
C ALA C 332 -18.26 -19.32 -19.67
N VAL C 333 -18.66 -18.46 -18.76
CA VAL C 333 -20.09 -18.22 -18.50
C VAL C 333 -20.78 -17.57 -19.72
N GLU C 334 -20.04 -16.69 -20.45
CA GLU C 334 -20.55 -16.06 -21.66
CA GLU C 334 -20.55 -16.05 -21.66
C GLU C 334 -20.79 -17.14 -22.72
N ALA C 335 -19.82 -18.06 -22.87
CA ALA C 335 -19.89 -19.14 -23.83
C ALA C 335 -21.03 -20.09 -23.46
N ALA C 336 -21.20 -20.40 -22.17
CA ALA C 336 -22.23 -21.29 -21.71
C ALA C 336 -23.60 -20.81 -22.06
N PHE C 337 -23.82 -19.50 -22.00
CA PHE C 337 -25.12 -18.91 -22.33
C PHE C 337 -25.42 -18.92 -23.81
N LYS C 338 -24.38 -18.72 -24.63
CA LYS C 338 -24.48 -18.68 -26.07
C LYS C 338 -25.02 -19.98 -26.64
N CYS C 339 -24.52 -21.12 -26.16
CA CYS C 339 -24.92 -22.44 -26.67
C CYS C 339 -25.92 -23.19 -25.79
N CYS C 340 -26.35 -22.59 -24.65
CA CYS C 340 -27.22 -23.24 -23.68
C CYS C 340 -26.54 -24.51 -23.15
N ALA C 341 -25.27 -24.37 -22.69
CA ALA C 341 -24.48 -25.49 -22.20
C ALA C 341 -25.19 -26.18 -21.05
N ALA C 342 -25.15 -27.49 -21.08
CA ALA C 342 -25.77 -28.35 -20.08
C ALA C 342 -25.08 -28.18 -18.72
N ALA C 343 -23.77 -27.99 -18.74
CA ALA C 343 -22.99 -27.82 -17.56
C ALA C 343 -21.65 -27.13 -17.90
N ILE C 344 -20.94 -26.63 -16.87
CA ILE C 344 -19.60 -26.07 -16.99
C ILE C 344 -18.79 -26.97 -16.07
N ILE C 345 -17.83 -27.70 -16.61
CA ILE C 345 -17.02 -28.58 -15.79
C ILE C 345 -15.76 -27.87 -15.45
N VAL C 346 -15.49 -27.64 -14.16
CA VAL C 346 -14.29 -26.97 -13.75
C VAL C 346 -13.42 -27.81 -12.82
N LEU C 347 -12.13 -27.90 -13.14
CA LEU C 347 -11.17 -28.63 -12.32
C LEU C 347 -10.66 -27.63 -11.30
N THR C 348 -10.97 -27.90 -10.02
CA THR C 348 -10.56 -27.01 -8.95
C THR C 348 -9.84 -27.78 -7.84
N THR C 349 -9.03 -27.08 -7.08
CA THR C 349 -8.24 -27.69 -6.01
C THR C 349 -8.64 -27.07 -4.67
N THR C 350 -8.81 -25.77 -4.66
CA THR C 350 -9.25 -24.99 -3.52
C THR C 350 -10.76 -24.66 -3.61
N GLY C 351 -11.32 -24.68 -4.82
CA GLY C 351 -12.70 -24.29 -5.09
C GLY C 351 -12.81 -22.90 -5.72
N ARG C 352 -11.71 -22.13 -5.68
CA ARG C 352 -11.67 -20.77 -6.20
C ARG C 352 -12.22 -20.63 -7.59
N SER C 353 -11.75 -21.45 -8.55
CA SER C 353 -12.19 -21.39 -9.92
C SER C 353 -13.70 -21.60 -10.04
N ALA C 354 -14.26 -22.51 -9.24
CA ALA C 354 -15.69 -22.76 -9.27
C ALA C 354 -16.47 -21.58 -8.70
N GLN C 355 -15.90 -20.93 -7.66
CA GLN C 355 -16.50 -19.75 -7.04
C GLN C 355 -16.54 -18.63 -8.04
N LEU C 356 -15.45 -18.44 -8.80
CA LEU C 356 -15.38 -17.41 -9.81
C LEU C 356 -16.32 -17.63 -10.98
N LEU C 357 -16.72 -18.87 -11.25
CA LEU C 357 -17.71 -19.18 -12.28
C LEU C 357 -19.11 -18.86 -11.73
N SER C 358 -19.37 -19.29 -10.48
CA SER C 358 -20.62 -19.08 -9.78
C SER C 358 -21.01 -17.60 -9.65
N ARG C 359 -20.02 -16.68 -9.40
CA ARG C 359 -20.25 -15.24 -9.21
C ARG C 359 -20.97 -14.59 -10.39
N TYR C 360 -20.85 -15.18 -11.60
CA TYR C 360 -21.55 -14.66 -12.78
C TYR C 360 -22.92 -15.27 -13.01
N ARG C 361 -23.40 -16.04 -12.06
CA ARG C 361 -24.69 -16.66 -12.03
C ARG C 361 -25.08 -17.36 -13.31
N PRO C 362 -24.30 -18.37 -13.75
CA PRO C 362 -24.67 -19.08 -14.98
C PRO C 362 -25.92 -19.91 -14.81
N ARG C 363 -26.60 -20.17 -15.93
CA ARG C 363 -27.77 -21.02 -15.92
C ARG C 363 -27.31 -22.51 -15.96
N ALA C 364 -26.11 -22.81 -16.48
CA ALA C 364 -25.50 -24.15 -16.57
C ALA C 364 -24.99 -24.55 -15.19
N ALA C 365 -25.11 -25.83 -14.83
CA ALA C 365 -24.62 -26.30 -13.54
C ALA C 365 -23.11 -26.30 -13.57
N VAL C 366 -22.48 -25.81 -12.52
CA VAL C 366 -21.01 -25.83 -12.42
C VAL C 366 -20.60 -27.14 -11.73
N ILE C 367 -20.26 -28.14 -12.52
CA ILE C 367 -19.82 -29.42 -11.99
C ILE C 367 -18.34 -29.21 -11.65
N ALA C 368 -17.98 -29.19 -10.35
CA ALA C 368 -16.59 -28.94 -9.95
C ALA C 368 -15.91 -30.20 -9.46
N VAL C 369 -14.87 -30.64 -10.16
CA VAL C 369 -14.12 -31.87 -9.89
C VAL C 369 -12.89 -31.53 -9.09
N THR C 370 -12.81 -32.05 -7.87
CA THR C 370 -11.67 -31.77 -6.99
C THR C 370 -11.15 -33.01 -6.31
N ARG C 371 -9.85 -33.02 -6.03
CA ARG C 371 -9.28 -34.08 -5.23
C ARG C 371 -9.40 -33.73 -3.72
N SER C 372 -9.62 -32.41 -3.38
CA SER C 372 -9.75 -31.93 -2.00
C SER C 372 -11.12 -32.12 -1.39
N ALA C 373 -11.22 -33.09 -0.45
CA ALA C 373 -12.49 -33.34 0.23
C ALA C 373 -13.01 -32.09 0.95
N GLN C 374 -12.10 -31.28 1.56
CA GLN C 374 -12.50 -30.06 2.25
C GLN C 374 -13.18 -29.12 1.24
N ALA C 375 -12.46 -28.85 0.10
CA ALA C 375 -12.97 -28.00 -0.98
C ALA C 375 -14.33 -28.48 -1.49
N ALA C 376 -14.46 -29.80 -1.76
CA ALA C 376 -15.72 -30.37 -2.23
C ALA C 376 -16.88 -30.11 -1.26
N ARG C 377 -16.59 -30.06 0.04
CA ARG C 377 -17.63 -29.77 1.01
C ARG C 377 -17.92 -28.28 1.01
N GLN C 378 -16.85 -27.45 1.01
CA GLN C 378 -16.96 -25.99 1.04
C GLN C 378 -17.62 -25.32 -0.16
N VAL C 379 -17.56 -25.94 -1.35
CA VAL C 379 -18.20 -25.32 -2.52
C VAL C 379 -19.71 -25.35 -2.46
N HIS C 380 -20.31 -25.99 -1.45
CA HIS C 380 -21.75 -25.91 -1.28
C HIS C 380 -22.16 -24.47 -0.93
N LEU C 381 -21.25 -23.68 -0.35
CA LEU C 381 -21.47 -22.28 -0.07
C LEU C 381 -21.77 -21.48 -1.34
N CYS C 382 -21.23 -21.89 -2.48
CA CYS C 382 -21.47 -21.21 -3.74
C CYS C 382 -22.65 -21.79 -4.49
N ARG C 383 -23.54 -20.91 -4.95
CA ARG C 383 -24.73 -21.34 -5.68
C ARG C 383 -24.34 -21.84 -7.04
N GLY C 384 -24.89 -22.99 -7.41
CA GLY C 384 -24.69 -23.60 -8.71
C GLY C 384 -23.47 -24.47 -8.84
N VAL C 385 -22.75 -24.71 -7.74
CA VAL C 385 -21.57 -25.56 -7.78
C VAL C 385 -21.94 -26.90 -7.19
N PHE C 386 -21.78 -27.96 -8.00
CA PHE C 386 -22.08 -29.34 -7.68
C PHE C 386 -20.78 -30.08 -7.59
N PRO C 387 -20.29 -30.28 -6.38
CA PRO C 387 -18.96 -30.94 -6.23
C PRO C 387 -18.92 -32.43 -6.50
N LEU C 388 -17.76 -32.84 -6.99
CA LEU C 388 -17.42 -34.23 -7.27
C LEU C 388 -16.04 -34.41 -6.66
N LEU C 389 -15.93 -35.33 -5.72
CA LEU C 389 -14.64 -35.64 -5.13
C LEU C 389 -14.09 -36.76 -5.95
N TYR C 390 -13.03 -36.52 -6.67
CA TYR C 390 -12.41 -37.51 -7.51
C TYR C 390 -11.27 -38.11 -6.69
N ARG C 391 -11.27 -39.42 -6.48
CA ARG C 391 -10.28 -40.08 -5.63
C ARG C 391 -9.19 -40.84 -6.34
N GLU C 392 -9.36 -41.20 -7.60
CA GLU C 392 -8.40 -41.98 -8.38
C GLU C 392 -6.90 -41.68 -8.22
N PRO C 393 -6.03 -42.67 -8.47
CA PRO C 393 -4.59 -42.40 -8.41
C PRO C 393 -4.13 -41.60 -9.63
N PRO C 394 -3.22 -40.63 -9.43
CA PRO C 394 -2.78 -39.78 -10.56
C PRO C 394 -2.09 -40.51 -11.67
N GLU C 395 -2.26 -40.03 -12.91
CA GLU C 395 -1.60 -40.58 -14.11
C GLU C 395 -0.20 -40.01 -14.18
N ALA C 396 0.71 -40.72 -14.84
CA ALA C 396 2.08 -40.23 -14.99
C ALA C 396 2.11 -38.91 -15.81
N ILE C 397 1.31 -38.86 -16.88
CA ILE C 397 1.21 -37.68 -17.70
C ILE C 397 0.12 -36.75 -17.11
N TRP C 398 0.46 -35.48 -16.83
CA TRP C 398 -0.50 -34.55 -16.28
C TRP C 398 -1.68 -34.29 -17.18
N ALA C 399 -1.45 -34.18 -18.49
CA ALA C 399 -2.56 -33.95 -19.42
C ALA C 399 -3.57 -35.11 -19.40
N ASP C 400 -3.08 -36.34 -19.20
CA ASP C 400 -3.95 -37.51 -19.14
C ASP C 400 -4.75 -37.47 -17.85
N ASP C 401 -4.11 -37.08 -16.74
CA ASP C 401 -4.77 -36.97 -15.44
C ASP C 401 -5.86 -35.91 -15.45
N VAL C 402 -5.65 -34.83 -16.20
CA VAL C 402 -6.64 -33.78 -16.38
C VAL C 402 -7.85 -34.32 -17.16
N ASP C 403 -7.58 -35.02 -18.28
CA ASP C 403 -8.65 -35.62 -19.08
C ASP C 403 -9.45 -36.68 -18.32
N ARG C 404 -8.79 -37.51 -17.43
CA ARG C 404 -9.56 -38.49 -16.64
C ARG C 404 -10.52 -37.77 -15.65
N ARG C 405 -10.11 -36.60 -15.11
CA ARG C 405 -10.96 -35.83 -14.21
C ARG C 405 -12.12 -35.17 -14.97
N VAL C 406 -11.87 -34.73 -16.22
CA VAL C 406 -12.89 -34.13 -17.09
C VAL C 406 -13.92 -35.20 -17.46
N GLN C 407 -13.48 -36.36 -17.98
CA GLN C 407 -14.45 -37.44 -18.28
C GLN C 407 -15.23 -37.85 -17.03
N PHE C 408 -14.57 -37.93 -15.86
CA PHE C 408 -15.23 -38.20 -14.57
C PHE C 408 -16.39 -37.22 -14.33
N GLY C 409 -16.21 -35.97 -14.75
CA GLY C 409 -17.17 -34.90 -14.67
C GLY C 409 -18.35 -35.21 -15.56
N ILE C 410 -18.06 -35.54 -16.83
CA ILE C 410 -19.04 -35.98 -17.82
C ILE C 410 -19.76 -37.27 -17.41
N GLU C 411 -19.04 -38.41 -17.05
CA GLU C 411 -19.66 -39.67 -16.58
C GLU C 411 -20.70 -39.39 -15.52
N SER C 412 -20.31 -38.68 -14.42
CA SER C 412 -21.24 -38.38 -13.32
C SER C 412 -22.33 -37.48 -13.77
N GLY C 413 -22.07 -36.56 -14.70
CA GLY C 413 -23.10 -35.67 -15.19
C GLY C 413 -24.20 -36.47 -15.86
N LYS C 414 -23.76 -37.40 -16.73
CA LYS C 414 -24.59 -38.33 -17.49
C LYS C 414 -25.46 -39.14 -16.52
N LEU C 415 -24.82 -39.65 -15.49
CA LEU C 415 -25.41 -40.46 -14.44
C LEU C 415 -26.50 -39.75 -13.63
N ARG C 416 -26.22 -38.54 -13.16
CA ARG C 416 -27.14 -37.80 -12.32
C ARG C 416 -28.17 -36.97 -13.11
N GLY C 417 -28.25 -37.19 -14.41
CA GLY C 417 -29.25 -36.58 -15.26
C GLY C 417 -28.90 -35.25 -15.88
N PHE C 418 -27.77 -34.66 -15.49
CA PHE C 418 -27.39 -33.35 -16.05
C PHE C 418 -27.10 -33.48 -17.56
N LEU C 419 -26.35 -34.49 -17.95
CA LEU C 419 -25.89 -34.60 -19.33
C LEU C 419 -26.48 -35.76 -20.07
N ARG C 420 -26.60 -35.57 -21.38
CA ARG C 420 -27.05 -36.52 -22.39
C ARG C 420 -26.08 -36.41 -23.57
N VAL C 421 -25.93 -37.48 -24.33
CA VAL C 421 -25.08 -37.45 -25.53
C VAL C 421 -25.62 -36.44 -26.53
N GLY C 422 -24.73 -35.63 -27.08
CA GLY C 422 -25.13 -34.57 -27.99
C GLY C 422 -25.06 -33.20 -27.34
N ASP C 423 -25.33 -33.13 -26.01
CA ASP C 423 -25.28 -31.89 -25.24
C ASP C 423 -23.94 -31.17 -25.35
N LEU C 424 -23.94 -29.84 -25.20
CA LEU C 424 -22.70 -29.09 -25.19
C LEU C 424 -22.32 -28.75 -23.73
N VAL C 425 -20.99 -28.82 -23.41
CA VAL C 425 -20.46 -28.46 -22.10
C VAL C 425 -19.25 -27.56 -22.23
N ILE C 426 -19.02 -26.69 -21.26
CA ILE C 426 -17.84 -25.81 -21.28
C ILE C 426 -16.87 -26.37 -20.24
N VAL C 427 -15.64 -26.65 -20.63
CA VAL C 427 -14.64 -27.23 -19.72
C VAL C 427 -13.63 -26.16 -19.34
N VAL C 428 -13.47 -25.91 -18.05
CA VAL C 428 -12.51 -24.94 -17.55
C VAL C 428 -11.36 -25.60 -16.80
N THR C 429 -10.14 -25.44 -17.31
CA THR C 429 -8.90 -26.04 -16.79
C THR C 429 -7.75 -24.99 -16.74
N GLY C 430 -6.58 -25.41 -16.29
CA GLY C 430 -5.41 -24.56 -16.25
C GLY C 430 -4.34 -25.09 -17.17
N TRP C 431 -3.26 -24.35 -17.29
CA TRP C 431 -2.16 -24.70 -18.19
C TRP C 431 -1.08 -25.60 -17.52
N ARG C 432 -1.00 -25.56 -16.19
CA ARG C 432 -0.01 -26.33 -15.44
C ARG C 432 -0.63 -26.73 -14.08
N PRO C 433 -0.07 -27.78 -13.42
CA PRO C 433 -0.61 -28.22 -12.13
C PRO C 433 -0.46 -27.20 -11.02
N GLY C 434 -1.20 -27.40 -9.96
CA GLY C 434 -1.19 -26.48 -8.83
C GLY C 434 -2.35 -25.53 -8.93
N SER C 435 -2.81 -25.03 -7.78
CA SER C 435 -3.91 -24.10 -7.78
C SER C 435 -3.46 -22.69 -8.29
N GLY C 436 -4.44 -21.95 -8.85
CA GLY C 436 -4.32 -20.60 -9.36
C GLY C 436 -3.95 -20.42 -10.81
N TYR C 437 -3.77 -21.50 -11.57
CA TYR C 437 -3.36 -21.37 -12.99
C TYR C 437 -4.46 -21.58 -14.00
N THR C 438 -5.75 -21.46 -13.57
CA THR C 438 -6.88 -21.64 -14.47
C THR C 438 -6.82 -20.60 -15.56
N ASN C 439 -6.78 -20.98 -16.82
CA ASN C 439 -6.74 -20.03 -17.92
C ASN C 439 -7.34 -20.56 -19.22
N ILE C 440 -7.86 -21.83 -19.24
CA ILE C 440 -8.38 -22.40 -20.47
C ILE C 440 -9.85 -22.66 -20.40
N MET C 441 -10.57 -22.33 -21.46
CA MET C 441 -11.97 -22.64 -21.58
C MET C 441 -12.13 -23.41 -22.88
N ARG C 442 -12.82 -24.59 -22.87
CA ARG C 442 -12.98 -25.51 -24.02
C ARG C 442 -14.45 -25.79 -24.26
N VAL C 443 -14.89 -25.76 -25.53
CA VAL C 443 -16.28 -26.08 -25.86
C VAL C 443 -16.28 -27.55 -26.24
N LEU C 444 -17.00 -28.36 -25.50
CA LEU C 444 -16.97 -29.82 -25.65
C LEU C 444 -18.35 -30.39 -25.97
N SER C 445 -18.44 -31.32 -26.92
CA SER C 445 -19.70 -31.95 -27.25
CA SER C 445 -19.70 -31.95 -27.25
C SER C 445 -19.72 -33.33 -26.60
N ILE C 446 -20.76 -33.65 -25.80
CA ILE C 446 -20.87 -34.93 -25.10
C ILE C 446 -21.01 -36.10 -26.07
N SER C 447 -20.09 -37.06 -25.91
CA SER C 447 -19.97 -38.24 -26.73
C SER C 447 -20.57 -39.50 -26.07
N GLY D 23 -1.39 1.78 -16.00
CA GLY D 23 -0.87 3.12 -15.81
C GLY D 23 -1.83 4.23 -16.15
N THR D 24 -1.58 5.45 -15.64
CA THR D 24 -2.36 6.67 -15.87
C THR D 24 -2.37 7.06 -17.36
N ALA D 25 -1.17 7.07 -17.93
CA ALA D 25 -0.93 7.45 -19.32
C ALA D 25 -1.63 6.51 -20.29
N PHE D 26 -1.76 5.21 -19.95
CA PHE D 26 -2.41 4.25 -20.83
C PHE D 26 -3.89 4.58 -20.98
N PHE D 27 -4.55 4.97 -19.87
CA PHE D 27 -5.98 5.24 -19.90
C PHE D 27 -6.37 6.63 -20.46
N GLN D 28 -5.39 7.39 -20.99
CA GLN D 28 -5.67 8.66 -21.65
C GLN D 28 -5.67 8.46 -23.19
N GLN D 29 -4.81 7.55 -23.70
CA GLN D 29 -4.68 7.23 -25.12
C GLN D 29 -5.91 6.49 -25.68
N GLN D 30 -5.99 6.40 -27.02
CA GLN D 30 -7.00 5.73 -27.85
C GLN D 30 -8.45 5.88 -27.34
N GLN D 31 -8.83 7.14 -27.03
CA GLN D 31 -10.16 7.54 -26.55
C GLN D 31 -10.74 6.61 -25.48
N LEU D 32 -9.90 6.21 -24.50
CA LEU D 32 -10.33 5.35 -23.42
C LEU D 32 -11.27 6.06 -22.41
N PRO D 33 -11.12 7.37 -22.10
CA PRO D 33 -12.12 8.02 -21.23
C PRO D 33 -13.51 8.06 -21.89
N ALA D 34 -13.54 8.32 -23.21
CA ALA D 34 -14.75 8.40 -24.01
C ALA D 34 -15.45 7.03 -24.13
N ALA D 35 -14.68 5.92 -24.26
CA ALA D 35 -15.25 4.56 -24.38
C ALA D 35 -15.81 3.98 -23.08
N MET D 36 -15.40 4.55 -21.91
CA MET D 36 -15.86 4.17 -20.56
C MET D 36 -17.17 4.89 -20.15
N ALA D 37 -17.65 5.85 -20.97
CA ALA D 37 -18.84 6.65 -20.67
C ALA D 37 -20.10 5.80 -20.61
N ASP D 38 -21.01 6.15 -19.69
CA ASP D 38 -22.28 5.44 -19.49
C ASP D 38 -23.32 5.73 -20.57
N THR D 39 -23.18 6.85 -21.29
CA THR D 39 -24.06 7.22 -22.39
C THR D 39 -23.24 7.58 -23.64
N PHE D 40 -23.88 7.52 -24.80
CA PHE D 40 -23.28 7.89 -26.06
C PHE D 40 -23.05 9.42 -26.11
N LEU D 41 -23.93 10.21 -25.50
CA LEU D 41 -23.77 11.67 -25.47
C LEU D 41 -22.51 12.02 -24.67
N GLU D 42 -22.31 11.36 -23.51
CA GLU D 42 -21.14 11.52 -22.63
C GLU D 42 -19.88 11.09 -23.39
N HIS D 43 -19.96 10.01 -24.17
CA HIS D 43 -18.87 9.49 -25.00
C HIS D 43 -18.38 10.59 -25.95
N LEU D 44 -19.31 11.25 -26.66
CA LEU D 44 -19.00 12.33 -27.60
C LEU D 44 -18.32 13.50 -26.88
N CYS D 45 -18.81 13.86 -25.70
CA CYS D 45 -18.25 14.95 -24.93
C CYS D 45 -16.81 14.67 -24.44
N LEU D 46 -16.45 13.39 -24.28
CA LEU D 46 -15.13 12.97 -23.82
C LEU D 46 -14.10 12.70 -24.94
N LEU D 47 -14.47 12.96 -26.22
CA LEU D 47 -13.55 12.74 -27.33
C LEU D 47 -12.47 13.80 -27.26
N ASP D 48 -11.21 13.36 -27.10
CA ASP D 48 -10.08 14.26 -26.96
C ASP D 48 -9.20 14.23 -28.22
N ILE D 49 -8.93 15.40 -28.86
CA ILE D 49 -8.02 15.42 -30.01
C ILE D 49 -6.56 15.13 -29.59
N ASP D 50 -6.21 15.38 -28.31
CA ASP D 50 -4.90 15.11 -27.75
C ASP D 50 -4.71 13.65 -27.29
N SER D 51 -5.74 12.81 -27.41
CA SER D 51 -5.70 11.39 -27.08
C SER D 51 -5.27 10.68 -28.36
N GLU D 52 -4.02 10.22 -28.41
CA GLU D 52 -3.48 9.59 -29.62
C GLU D 52 -3.85 8.11 -29.78
N PRO D 53 -4.04 7.64 -31.04
CA PRO D 53 -4.38 6.24 -31.24
C PRO D 53 -3.17 5.32 -30.99
N VAL D 54 -3.36 4.24 -30.23
CA VAL D 54 -2.28 3.29 -29.94
C VAL D 54 -2.42 2.04 -30.79
N ALA D 55 -3.65 1.53 -30.89
CA ALA D 55 -4.00 0.36 -31.66
C ALA D 55 -3.64 0.49 -33.13
N ALA D 56 -3.41 -0.65 -33.80
CA ALA D 56 -3.10 -0.61 -35.22
C ALA D 56 -4.42 -0.33 -35.99
N ARG D 57 -4.30 0.16 -37.20
CA ARG D 57 -5.46 0.46 -38.03
C ARG D 57 -6.09 -0.86 -38.47
N SER D 58 -7.35 -1.09 -38.05
CA SER D 58 -8.09 -2.31 -38.36
C SER D 58 -8.84 -2.30 -39.72
N THR D 59 -9.54 -1.21 -40.05
CA THR D 59 -10.24 -1.09 -41.33
C THR D 59 -9.26 -1.21 -42.51
N SER D 60 -9.46 -2.19 -43.36
CA SER D 60 -8.55 -2.41 -44.48
CA SER D 60 -8.58 -2.44 -44.51
C SER D 60 -8.78 -1.40 -45.62
N ILE D 61 -7.76 -1.17 -46.44
CA ILE D 61 -7.77 -0.20 -47.54
C ILE D 61 -7.68 -0.92 -48.87
N ILE D 62 -8.69 -0.74 -49.72
CA ILE D 62 -8.71 -1.32 -51.07
C ILE D 62 -8.21 -0.22 -52.01
N ALA D 63 -7.15 -0.49 -52.77
CA ALA D 63 -6.61 0.49 -53.70
C ALA D 63 -6.80 0.01 -55.12
N THR D 64 -7.55 0.79 -55.95
CA THR D 64 -7.78 0.43 -57.35
C THR D 64 -6.52 0.57 -58.18
N ILE D 65 -6.07 -0.49 -58.82
CA ILE D 65 -4.85 -0.49 -59.62
C ILE D 65 -5.06 0.10 -61.01
N GLY D 66 -4.20 1.08 -61.33
CA GLY D 66 -4.16 1.78 -62.60
C GLY D 66 -2.75 2.21 -62.99
N PRO D 67 -2.64 3.11 -64.00
CA PRO D 67 -1.32 3.60 -64.43
C PRO D 67 -0.57 4.40 -63.34
N ALA D 68 -1.32 5.04 -62.44
CA ALA D 68 -0.74 5.73 -61.29
C ALA D 68 -0.22 4.75 -60.22
N SER D 69 -0.51 3.45 -60.34
CA SER D 69 -0.15 2.50 -59.31
C SER D 69 0.36 1.18 -59.85
N ARG D 70 0.85 1.15 -61.10
CA ARG D 70 1.32 -0.11 -61.61
C ARG D 70 2.77 -0.37 -61.41
N SER D 71 3.61 0.64 -61.19
CA SER D 71 5.05 0.38 -61.06
C SER D 71 5.38 -0.47 -59.84
N VAL D 72 6.37 -1.41 -59.94
CA VAL D 72 6.66 -2.24 -58.75
C VAL D 72 7.18 -1.39 -57.58
N GLU D 73 8.01 -0.37 -57.87
CA GLU D 73 8.49 0.52 -56.84
C GLU D 73 7.39 1.31 -56.20
N ARG D 74 6.41 1.71 -56.99
CA ARG D 74 5.29 2.50 -56.48
C ARG D 74 4.42 1.67 -55.55
N LEU D 75 4.14 0.41 -55.95
CA LEU D 75 3.33 -0.51 -55.18
C LEU D 75 3.96 -0.84 -53.90
N LYS D 76 5.30 -0.97 -53.85
CA LYS D 76 6.03 -1.19 -52.61
C LYS D 76 5.73 -0.07 -51.60
N GLU D 77 5.64 1.17 -52.09
CA GLU D 77 5.34 2.33 -51.24
C GLU D 77 3.87 2.28 -50.72
N MET D 78 2.96 1.77 -51.59
CA MET D 78 1.55 1.65 -51.27
CA MET D 78 1.53 1.62 -51.30
C MET D 78 1.36 0.57 -50.20
N ILE D 79 2.16 -0.51 -50.25
CA ILE D 79 2.08 -1.54 -49.25
C ILE D 79 2.49 -0.96 -47.88
N LYS D 80 3.57 -0.19 -47.86
CA LYS D 80 4.10 0.45 -46.66
C LYS D 80 3.08 1.43 -46.08
N ALA D 81 2.41 2.22 -46.94
CA ALA D 81 1.38 3.16 -46.50
C ALA D 81 0.14 2.48 -45.95
N GLY D 82 -0.08 1.21 -46.29
CA GLY D 82 -1.21 0.47 -45.76
C GLY D 82 -2.21 -0.14 -46.71
N MET D 83 -1.87 -0.29 -47.99
CA MET D 83 -2.75 -0.94 -48.93
C MET D 83 -2.83 -2.45 -48.53
N ASN D 84 -4.05 -2.96 -48.43
CA ASN D 84 -4.29 -4.35 -48.05
C ASN D 84 -4.88 -5.14 -49.21
N ILE D 85 -5.74 -4.51 -49.99
CA ILE D 85 -6.37 -5.18 -51.13
C ILE D 85 -6.10 -4.37 -52.39
N ALA D 86 -5.70 -5.05 -53.47
CA ALA D 86 -5.44 -4.42 -54.75
C ALA D 86 -6.64 -4.72 -55.66
N ARG D 87 -7.40 -3.69 -56.08
CA ARG D 87 -8.58 -3.92 -56.92
C ARG D 87 -8.20 -3.81 -58.35
N LEU D 88 -8.61 -4.77 -59.18
CA LEU D 88 -8.39 -4.71 -60.62
C LEU D 88 -9.76 -4.41 -61.25
N ASN D 89 -9.93 -3.18 -61.82
CA ASN D 89 -11.21 -2.85 -62.43
C ASN D 89 -11.27 -3.41 -63.85
N PHE D 90 -12.07 -4.49 -64.05
CA PHE D 90 -12.22 -5.14 -65.34
C PHE D 90 -13.12 -4.37 -66.34
N SER D 91 -13.63 -3.19 -65.94
CA SER D 91 -14.37 -2.31 -66.83
C SER D 91 -13.42 -1.59 -67.82
N HIS D 92 -12.10 -1.55 -67.52
CA HIS D 92 -11.07 -0.91 -68.34
C HIS D 92 -9.91 -1.88 -68.51
N GLY D 93 -9.29 -1.88 -69.68
CA GLY D 93 -8.11 -2.70 -69.91
C GLY D 93 -8.34 -4.12 -70.34
N SER D 94 -7.34 -4.69 -71.05
CA SER D 94 -7.38 -6.07 -71.54
C SER D 94 -6.93 -7.09 -70.49
N HIS D 95 -7.15 -8.40 -70.74
CA HIS D 95 -6.69 -9.46 -69.85
C HIS D 95 -5.18 -9.43 -69.70
N GLU D 96 -4.46 -9.08 -70.77
CA GLU D 96 -3.01 -8.97 -70.83
C GLU D 96 -2.56 -7.89 -69.85
N TYR D 97 -3.26 -6.75 -69.86
CA TYR D 97 -3.00 -5.61 -68.97
C TYR D 97 -3.17 -6.02 -67.50
N HIS D 98 -4.30 -6.66 -67.16
CA HIS D 98 -4.57 -7.08 -65.78
C HIS D 98 -3.64 -8.17 -65.29
N ALA D 99 -3.16 -9.04 -66.19
CA ALA D 99 -2.20 -10.07 -65.81
C ALA D 99 -0.88 -9.40 -65.39
N GLU D 100 -0.44 -8.33 -66.12
CA GLU D 100 0.77 -7.54 -65.78
C GLU D 100 0.56 -6.80 -64.42
N SER D 101 -0.70 -6.38 -64.14
CA SER D 101 -1.03 -5.72 -62.88
C SER D 101 -0.78 -6.73 -61.74
N ILE D 102 -1.33 -7.95 -61.90
CA ILE D 102 -1.24 -9.08 -60.95
C ILE D 102 0.21 -9.37 -60.68
N ALA D 103 1.02 -9.45 -61.75
CA ALA D 103 2.43 -9.71 -61.64
C ALA D 103 3.19 -8.61 -60.88
N ASN D 104 2.82 -7.32 -61.09
CA ASN D 104 3.48 -6.20 -60.40
C ASN D 104 3.09 -6.14 -58.93
N VAL D 105 1.83 -6.51 -58.63
CA VAL D 105 1.36 -6.55 -57.27
C VAL D 105 2.11 -7.64 -56.54
N ARG D 106 2.17 -8.82 -57.16
CA ARG D 106 2.84 -9.95 -56.55
C ARG D 106 4.33 -9.73 -56.37
N GLU D 107 5.03 -9.13 -57.35
CA GLU D 107 6.44 -8.84 -57.26
C GLU D 107 6.72 -7.86 -56.11
N ALA D 108 5.86 -6.84 -55.98
CA ALA D 108 6.02 -5.85 -54.94
C ALA D 108 5.72 -6.43 -53.57
N VAL D 109 4.72 -7.32 -53.45
CA VAL D 109 4.40 -7.92 -52.17
C VAL D 109 5.49 -8.86 -51.74
N GLU D 110 5.98 -9.70 -52.68
CA GLU D 110 7.03 -10.66 -52.38
C GLU D 110 8.39 -10.07 -52.17
N SER D 111 8.58 -8.76 -52.44
CA SER D 111 9.85 -8.10 -52.18
C SER D 111 10.16 -7.95 -50.68
N PHE D 112 9.17 -8.21 -49.80
CA PHE D 112 9.32 -8.17 -48.35
C PHE D 112 9.16 -9.56 -47.73
N ALA D 113 9.17 -10.64 -48.55
CA ALA D 113 9.04 -12.00 -48.04
C ALA D 113 10.28 -12.49 -47.27
N GLY D 114 11.42 -11.78 -47.43
CA GLY D 114 12.68 -12.07 -46.74
C GLY D 114 12.57 -11.92 -45.24
N SER D 115 11.64 -11.10 -44.76
CA SER D 115 11.41 -10.92 -43.33
C SER D 115 9.99 -11.44 -43.02
N PRO D 116 9.80 -12.77 -42.80
CA PRO D 116 8.42 -13.29 -42.63
C PRO D 116 7.65 -12.78 -41.42
N LEU D 117 8.36 -12.20 -40.42
CA LEU D 117 7.67 -11.63 -39.27
C LEU D 117 7.16 -10.20 -39.56
N SER D 118 7.56 -9.58 -40.70
CA SER D 118 7.18 -8.23 -41.09
C SER D 118 6.82 -8.11 -42.60
N TYR D 119 6.22 -9.21 -43.13
CA TYR D 119 5.77 -9.37 -44.52
C TYR D 119 4.28 -9.11 -44.51
N ARG D 120 3.79 -8.27 -45.44
CA ARG D 120 2.38 -7.95 -45.48
C ARG D 120 1.69 -8.51 -46.72
N PRO D 121 0.79 -9.50 -46.54
CA PRO D 121 0.08 -10.06 -47.69
C PRO D 121 -0.96 -9.10 -48.22
N VAL D 122 -1.10 -9.06 -49.55
CA VAL D 122 -2.06 -8.17 -50.18
C VAL D 122 -3.03 -9.01 -51.04
N ALA D 123 -4.34 -8.89 -50.79
CA ALA D 123 -5.32 -9.63 -51.56
C ALA D 123 -5.49 -9.02 -52.93
N ILE D 124 -5.94 -9.78 -53.93
CA ILE D 124 -6.19 -9.22 -55.26
C ILE D 124 -7.64 -9.42 -55.57
N ALA D 125 -8.37 -8.36 -55.79
CA ALA D 125 -9.80 -8.44 -56.06
C ALA D 125 -10.08 -8.11 -57.51
N LEU D 126 -11.02 -8.84 -58.13
CA LEU D 126 -11.39 -8.65 -59.53
C LEU D 126 -12.76 -7.98 -59.54
N ASP D 127 -12.83 -6.76 -60.06
CA ASP D 127 -14.10 -6.04 -60.12
C ASP D 127 -14.69 -6.18 -61.50
N THR D 128 -15.73 -7.01 -61.66
CA THR D 128 -16.33 -7.32 -62.96
C THR D 128 -16.90 -6.12 -63.69
N LYS D 129 -16.94 -6.21 -65.05
CA LYS D 129 -17.46 -5.17 -65.94
C LYS D 129 -18.96 -4.93 -65.69
N GLY D 130 -19.71 -6.00 -65.51
CA GLY D 130 -21.14 -5.93 -65.23
C GLY D 130 -22.05 -6.49 -66.30
N PRO D 131 -23.34 -6.61 -65.97
CA PRO D 131 -24.30 -7.12 -66.97
C PRO D 131 -24.76 -6.09 -68.01
N GLY D 132 -24.59 -4.80 -67.71
CA GLY D 132 -25.02 -3.71 -68.59
C GLY D 132 -26.49 -3.77 -68.95
N SER D 133 -26.78 -3.85 -70.27
CA SER D 133 -28.14 -3.97 -70.82
C SER D 133 -28.77 -5.31 -70.40
N GLY D 134 -27.95 -6.36 -70.43
CA GLY D 134 -28.34 -7.72 -70.11
C GLY D 134 -29.06 -7.93 -68.80
N PRO D 135 -29.79 -9.06 -68.72
CA PRO D 135 -30.53 -9.37 -67.49
C PRO D 135 -29.71 -10.12 -66.41
N GLY D 136 -28.66 -10.82 -66.84
CA GLY D 136 -27.79 -11.59 -65.96
C GLY D 136 -26.32 -11.52 -66.36
N LEU D 137 -25.58 -12.60 -66.07
CA LEU D 137 -24.14 -12.69 -66.32
C LEU D 137 -23.76 -12.54 -67.79
N SER D 138 -23.07 -11.44 -68.13
CA SER D 138 -22.67 -11.19 -69.51
C SER D 138 -21.61 -12.21 -69.99
N GLU D 139 -21.42 -12.31 -71.31
CA GLU D 139 -20.43 -13.22 -71.87
C GLU D 139 -19.04 -12.79 -71.53
N GLN D 140 -18.78 -11.48 -71.51
CA GLN D 140 -17.47 -10.97 -71.15
C GLN D 140 -17.16 -11.28 -69.69
N ASP D 141 -18.16 -11.14 -68.81
CA ASP D 141 -18.02 -11.43 -67.38
C ASP D 141 -17.62 -12.88 -67.15
N VAL D 142 -18.13 -13.82 -67.96
CA VAL D 142 -17.76 -15.24 -67.83
C VAL D 142 -16.30 -15.46 -68.16
N ARG D 143 -15.80 -14.76 -69.18
CA ARG D 143 -14.41 -14.85 -69.59
C ARG D 143 -13.51 -14.21 -68.53
N ASP D 144 -13.91 -13.04 -68.00
CA ASP D 144 -13.17 -12.32 -66.98
C ASP D 144 -13.06 -13.12 -65.69
N LEU D 145 -14.16 -13.77 -65.28
CA LEU D 145 -14.24 -14.64 -64.10
C LEU D 145 -13.32 -15.85 -64.28
N ARG D 146 -13.31 -16.44 -65.49
CA ARG D 146 -12.44 -17.57 -65.76
CA ARG D 146 -12.43 -17.56 -65.80
C ARG D 146 -10.97 -17.13 -65.69
N PHE D 147 -10.67 -15.91 -66.14
CA PHE D 147 -9.34 -15.30 -66.06
C PHE D 147 -8.91 -15.17 -64.59
N GLY D 148 -9.85 -14.75 -63.76
CA GLY D 148 -9.63 -14.55 -62.35
C GLY D 148 -9.24 -15.83 -61.69
N VAL D 149 -9.96 -16.89 -62.04
CA VAL D 149 -9.72 -18.21 -61.51
C VAL D 149 -8.34 -18.71 -61.94
N GLU D 150 -8.02 -18.62 -63.25
CA GLU D 150 -6.72 -19.04 -63.79
C GLU D 150 -5.55 -18.30 -63.18
N HIS D 151 -5.76 -17.03 -62.79
CA HIS D 151 -4.68 -16.22 -62.21
C HIS D 151 -4.69 -16.14 -60.69
N GLY D 152 -5.60 -16.88 -60.05
CA GLY D 152 -5.64 -17.02 -58.60
C GLY D 152 -6.09 -15.82 -57.84
N VAL D 153 -7.17 -15.16 -58.30
CA VAL D 153 -7.68 -14.02 -57.56
C VAL D 153 -8.32 -14.49 -56.27
N ASP D 154 -8.45 -13.60 -55.28
CA ASP D 154 -8.94 -13.97 -53.97
C ASP D 154 -10.34 -13.54 -53.76
N ILE D 155 -10.70 -12.36 -54.23
CA ILE D 155 -12.04 -11.79 -54.07
C ILE D 155 -12.58 -11.38 -55.46
N VAL D 156 -13.91 -11.43 -55.62
CA VAL D 156 -14.61 -11.00 -56.82
C VAL D 156 -15.61 -9.95 -56.40
N PHE D 157 -15.56 -8.76 -57.00
CA PHE D 157 -16.51 -7.72 -56.69
C PHE D 157 -17.51 -7.79 -57.83
N ALA D 158 -18.62 -8.50 -57.61
CA ALA D 158 -19.62 -8.66 -58.66
C ALA D 158 -20.39 -7.37 -58.91
N SER D 159 -20.28 -6.79 -60.12
CA SER D 159 -20.98 -5.55 -60.46
C SER D 159 -22.45 -5.75 -60.74
N PHE D 160 -23.26 -4.76 -60.30
CA PHE D 160 -24.71 -4.66 -60.44
C PHE D 160 -25.47 -5.92 -60.08
N VAL D 161 -25.26 -6.43 -58.87
CA VAL D 161 -26.00 -7.62 -58.40
C VAL D 161 -27.40 -7.14 -58.10
N ARG D 162 -28.38 -7.78 -58.72
CA ARG D 162 -29.77 -7.40 -58.55
C ARG D 162 -30.59 -8.42 -57.73
N LYS D 163 -30.23 -9.71 -57.75
CA LYS D 163 -30.96 -10.74 -57.02
C LYS D 163 -30.03 -11.90 -56.66
N ALA D 164 -30.50 -12.88 -55.86
CA ALA D 164 -29.67 -14.00 -55.43
C ALA D 164 -29.21 -14.91 -56.56
N SER D 165 -29.96 -14.94 -57.66
CA SER D 165 -29.60 -15.76 -58.82
C SER D 165 -28.35 -15.22 -59.53
N ASP D 166 -28.09 -13.88 -59.44
CA ASP D 166 -26.90 -13.20 -60.02
C ASP D 166 -25.63 -13.68 -59.32
N VAL D 167 -25.70 -13.85 -57.99
CA VAL D 167 -24.59 -14.35 -57.17
C VAL D 167 -24.32 -15.81 -57.56
N ALA D 168 -25.39 -16.60 -57.70
CA ALA D 168 -25.29 -18.01 -58.09
C ALA D 168 -24.64 -18.15 -59.45
N ALA D 169 -24.97 -17.22 -60.39
CA ALA D 169 -24.42 -17.19 -61.74
C ALA D 169 -22.93 -16.95 -61.69
N VAL D 170 -22.47 -16.03 -60.83
CA VAL D 170 -21.06 -15.73 -60.66
C VAL D 170 -20.32 -16.91 -60.01
N ARG D 171 -20.94 -17.55 -59.03
CA ARG D 171 -20.36 -18.69 -58.35
C ARG D 171 -20.15 -19.83 -59.32
N ALA D 172 -21.14 -20.04 -60.22
CA ALA D 172 -21.10 -21.07 -61.22
C ALA D 172 -19.97 -20.79 -62.21
N ALA D 173 -19.84 -19.53 -62.68
CA ALA D 173 -18.83 -19.12 -63.64
C ALA D 173 -17.41 -19.29 -63.15
N LEU D 174 -17.19 -19.19 -61.82
CA LEU D 174 -15.86 -19.42 -61.25
C LEU D 174 -15.47 -20.90 -61.39
N GLY D 175 -16.48 -21.78 -61.34
CA GLY D 175 -16.26 -23.20 -61.50
C GLY D 175 -15.81 -23.87 -60.23
N PRO D 176 -15.41 -25.14 -60.39
CA PRO D 176 -14.97 -25.91 -59.22
C PRO D 176 -13.58 -25.51 -58.73
N GLU D 177 -12.74 -24.94 -59.60
CA GLU D 177 -11.40 -24.49 -59.23
C GLU D 177 -11.43 -23.13 -58.46
N GLY D 178 -12.49 -22.36 -58.69
CA GLY D 178 -12.70 -21.09 -58.01
C GLY D 178 -13.67 -21.24 -56.86
N HIS D 179 -13.61 -22.36 -56.12
CA HIS D 179 -14.51 -22.58 -55.00
CA HIS D 179 -14.49 -22.59 -54.99
C HIS D 179 -14.10 -21.73 -53.80
N GLY D 180 -12.79 -21.51 -53.63
CA GLY D 180 -12.29 -20.72 -52.52
C GLY D 180 -12.46 -19.21 -52.63
N ILE D 181 -12.63 -18.65 -53.86
CA ILE D 181 -12.78 -17.21 -54.08
C ILE D 181 -14.04 -16.60 -53.37
N LYS D 182 -13.90 -15.40 -52.79
CA LYS D 182 -14.98 -14.72 -52.08
C LYS D 182 -15.81 -13.86 -53.01
N ILE D 183 -17.13 -13.85 -52.84
CA ILE D 183 -18.00 -13.04 -53.69
C ILE D 183 -18.61 -11.85 -52.93
N ILE D 184 -18.14 -10.64 -53.24
CA ILE D 184 -18.63 -9.42 -52.62
C ILE D 184 -19.58 -8.80 -53.62
N SER D 185 -20.88 -8.86 -53.34
CA SER D 185 -21.89 -8.32 -54.25
C SER D 185 -21.96 -6.81 -54.19
N LYS D 186 -21.85 -6.14 -55.35
CA LYS D 186 -21.94 -4.69 -55.37
C LYS D 186 -23.38 -4.28 -55.52
N ILE D 187 -23.92 -3.56 -54.53
CA ILE D 187 -25.28 -3.04 -54.62
C ILE D 187 -25.18 -1.66 -55.23
N GLU D 188 -25.54 -1.53 -56.51
CA GLU D 188 -25.40 -0.25 -57.21
C GLU D 188 -26.70 0.37 -57.70
N ASN D 189 -27.86 -0.31 -57.48
CA ASN D 189 -29.16 0.15 -57.96
C ASN D 189 -30.31 -0.12 -56.95
N HIS D 190 -31.51 0.42 -57.23
CA HIS D 190 -32.65 0.25 -56.34
C HIS D 190 -33.11 -1.19 -56.15
N GLU D 191 -33.06 -2.03 -57.20
CA GLU D 191 -33.50 -3.42 -57.07
C GLU D 191 -32.62 -4.17 -56.08
N GLY D 192 -31.32 -3.93 -56.17
CA GLY D 192 -30.31 -4.54 -55.31
C GLY D 192 -30.46 -4.11 -53.87
N VAL D 193 -30.93 -2.87 -53.62
CA VAL D 193 -31.17 -2.35 -52.27
C VAL D 193 -32.41 -3.03 -51.67
N LYS D 194 -33.44 -3.26 -52.50
CA LYS D 194 -34.66 -3.90 -52.05
C LYS D 194 -34.49 -5.38 -51.79
N ARG D 195 -33.82 -6.08 -52.70
CA ARG D 195 -33.55 -7.52 -52.54
C ARG D 195 -32.29 -7.81 -51.71
N PHE D 196 -31.75 -6.78 -50.99
CA PHE D 196 -30.55 -6.88 -50.16
C PHE D 196 -30.48 -8.14 -49.30
N ASP D 197 -31.55 -8.45 -48.58
CA ASP D 197 -31.57 -9.60 -47.70
C ASP D 197 -31.29 -10.92 -48.39
N GLU D 198 -31.84 -11.11 -49.60
CA GLU D 198 -31.62 -12.36 -50.35
C GLU D 198 -30.21 -12.43 -50.94
N ILE D 199 -29.67 -11.26 -51.34
CA ILE D 199 -28.34 -11.12 -51.92
C ILE D 199 -27.30 -11.42 -50.83
N LEU D 200 -27.38 -10.72 -49.69
CA LEU D 200 -26.47 -10.91 -48.56
C LEU D 200 -26.47 -12.36 -48.08
N GLU D 201 -27.62 -13.00 -48.10
CA GLU D 201 -27.74 -14.41 -47.70
C GLU D 201 -26.84 -15.36 -48.50
N VAL D 202 -26.77 -15.14 -49.82
CA VAL D 202 -25.95 -16.00 -50.69
C VAL D 202 -24.55 -15.43 -51.00
N SER D 203 -24.28 -14.16 -50.62
CA SER D 203 -22.98 -13.55 -50.85
C SER D 203 -22.05 -13.71 -49.66
N ASP D 204 -20.74 -13.63 -49.91
CA ASP D 204 -19.73 -13.65 -48.85
C ASP D 204 -19.63 -12.26 -48.14
N GLY D 205 -20.04 -11.20 -48.82
CA GLY D 205 -20.06 -9.85 -48.30
C GLY D 205 -20.68 -8.87 -49.30
N ILE D 206 -20.69 -7.58 -48.96
CA ILE D 206 -21.31 -6.56 -49.81
C ILE D 206 -20.38 -5.36 -50.02
N MET D 207 -20.59 -4.64 -51.12
CA MET D 207 -19.87 -3.42 -51.40
C MET D 207 -20.90 -2.36 -51.67
N VAL D 208 -20.86 -1.26 -50.90
CA VAL D 208 -21.77 -0.15 -51.11
C VAL D 208 -21.17 0.72 -52.20
N ALA D 209 -21.50 0.36 -53.45
CA ALA D 209 -21.02 1.02 -54.65
C ALA D 209 -21.75 2.36 -54.79
N ARG D 210 -21.28 3.41 -54.08
CA ARG D 210 -21.95 4.71 -54.01
C ARG D 210 -21.97 5.53 -55.29
N GLY D 211 -21.07 5.26 -56.22
CA GLY D 211 -21.04 5.98 -57.49
C GLY D 211 -22.28 5.74 -58.33
N ASP D 212 -22.54 4.48 -58.67
CA ASP D 212 -23.72 4.13 -59.44
C ASP D 212 -24.97 4.29 -58.60
N LEU D 213 -24.89 3.98 -57.31
CA LEU D 213 -26.02 4.11 -56.39
C LEU D 213 -26.50 5.55 -56.29
N GLY D 214 -25.58 6.51 -56.35
CA GLY D 214 -25.93 7.93 -56.31
C GLY D 214 -26.62 8.46 -57.56
N ILE D 215 -26.64 7.65 -58.63
CA ILE D 215 -27.27 7.94 -59.91
C ILE D 215 -28.61 7.20 -60.01
N GLU D 216 -28.67 5.91 -59.56
CA GLU D 216 -29.88 5.08 -59.61
C GLU D 216 -30.92 5.54 -58.60
N ILE D 217 -30.47 5.95 -57.41
CA ILE D 217 -31.34 6.45 -56.34
C ILE D 217 -31.02 7.95 -56.08
N PRO D 218 -31.93 8.73 -55.45
CA PRO D 218 -31.60 10.15 -55.19
C PRO D 218 -30.31 10.31 -54.39
N ALA D 219 -29.45 11.25 -54.78
CA ALA D 219 -28.16 11.45 -54.08
C ALA D 219 -28.28 11.63 -52.54
N GLU D 220 -29.35 12.31 -52.10
CA GLU D 220 -29.63 12.57 -50.69
C GLU D 220 -30.14 11.35 -49.93
N LYS D 221 -30.37 10.21 -50.61
CA LYS D 221 -30.83 8.98 -49.97
C LYS D 221 -29.72 7.92 -49.90
N VAL D 222 -28.54 8.17 -50.51
CA VAL D 222 -27.43 7.23 -50.56
C VAL D 222 -26.88 6.92 -49.17
N PHE D 223 -26.80 7.92 -48.28
CA PHE D 223 -26.28 7.69 -46.92
C PHE D 223 -27.15 6.70 -46.11
N LEU D 224 -28.49 6.66 -46.34
CA LEU D 224 -29.42 5.74 -45.66
C LEU D 224 -29.19 4.32 -46.13
N ALA D 225 -28.89 4.15 -47.44
CA ALA D 225 -28.60 2.83 -48.02
C ALA D 225 -27.26 2.37 -47.46
N GLN D 226 -26.23 3.24 -47.42
CA GLN D 226 -24.93 2.92 -46.86
C GLN D 226 -25.06 2.47 -45.39
N LYS D 227 -25.70 3.30 -44.55
CA LYS D 227 -25.90 3.00 -43.14
C LYS D 227 -26.75 1.76 -42.92
N MET D 228 -27.78 1.52 -43.76
CA MET D 228 -28.59 0.32 -43.61
C MET D 228 -27.79 -0.93 -43.93
N MET D 229 -27.10 -0.91 -45.07
CA MET D 229 -26.32 -2.05 -45.55
C MET D 229 -25.20 -2.38 -44.62
N ILE D 230 -24.49 -1.36 -44.12
CA ILE D 230 -23.39 -1.58 -43.19
C ILE D 230 -23.89 -2.25 -41.92
N GLY D 231 -25.02 -1.76 -41.38
CA GLY D 231 -25.62 -2.29 -40.16
C GLY D 231 -26.09 -3.72 -40.33
N ARG D 232 -26.70 -4.01 -41.48
CA ARG D 232 -27.20 -5.34 -41.77
C ARG D 232 -26.06 -6.34 -41.93
N CYS D 233 -24.95 -5.90 -42.57
CA CYS D 233 -23.74 -6.70 -42.76
C CYS D 233 -23.10 -6.99 -41.45
N ASN D 234 -23.00 -5.98 -40.58
CA ASN D 234 -22.43 -6.09 -39.25
C ASN D 234 -23.22 -7.12 -38.43
N LEU D 235 -24.55 -7.08 -38.55
CA LEU D 235 -25.42 -8.00 -37.84
C LEU D 235 -25.20 -9.44 -38.34
N ALA D 236 -25.07 -9.60 -39.68
CA ALA D 236 -24.86 -10.88 -40.36
C ALA D 236 -23.46 -11.49 -40.12
N GLY D 237 -22.48 -10.65 -39.77
CA GLY D 237 -21.10 -11.07 -39.57
C GLY D 237 -20.32 -11.22 -40.86
N LYS D 238 -20.77 -10.52 -41.93
CA LYS D 238 -20.13 -10.54 -43.23
C LYS D 238 -19.45 -9.19 -43.54
N PRO D 239 -18.27 -9.23 -44.16
CA PRO D 239 -17.57 -7.98 -44.50
C PRO D 239 -18.33 -7.03 -45.43
N VAL D 240 -18.24 -5.70 -45.17
CA VAL D 240 -18.89 -4.67 -45.98
C VAL D 240 -17.86 -3.64 -46.42
N VAL D 241 -17.88 -3.24 -47.70
CA VAL D 241 -16.93 -2.27 -48.22
C VAL D 241 -17.62 -0.96 -48.53
N CYS D 242 -17.06 0.18 -48.10
CA CYS D 242 -17.59 1.49 -48.47
C CYS D 242 -16.77 1.95 -49.66
N ALA D 243 -17.42 2.33 -50.76
CA ALA D 243 -16.71 2.66 -51.99
C ALA D 243 -17.10 3.99 -52.60
N THR D 244 -16.22 4.55 -53.48
CA THR D 244 -16.39 5.73 -54.34
C THR D 244 -16.39 7.13 -53.68
N GLN D 245 -15.50 8.00 -54.25
CA GLN D 245 -15.33 9.41 -53.96
C GLN D 245 -15.05 9.74 -52.51
N MET D 246 -14.40 8.81 -51.80
CA MET D 246 -14.06 9.00 -50.40
C MET D 246 -13.05 10.16 -50.23
N LEU D 247 -12.03 10.24 -51.09
CA LEU D 247 -11.04 11.32 -51.04
C LEU D 247 -10.85 11.84 -52.47
N GLU D 248 -11.96 12.03 -53.20
CA GLU D 248 -11.96 12.41 -54.62
C GLU D 248 -11.02 13.57 -54.99
N SER D 249 -11.00 14.66 -54.18
CA SER D 249 -10.13 15.82 -54.45
C SER D 249 -8.65 15.50 -54.51
N MET D 250 -8.23 14.39 -53.86
CA MET D 250 -6.84 13.93 -53.89
C MET D 250 -6.42 13.32 -55.22
N ILE D 251 -7.33 13.31 -56.21
CA ILE D 251 -6.96 12.84 -57.55
C ILE D 251 -6.02 13.87 -58.16
N THR D 252 -6.22 15.17 -57.82
CA THR D 252 -5.37 16.28 -58.28
C THR D 252 -4.72 17.08 -57.12
N LYS D 253 -5.31 17.11 -55.91
CA LYS D 253 -4.78 17.95 -54.84
C LYS D 253 -4.11 17.18 -53.69
N PRO D 254 -2.98 17.70 -53.17
CA PRO D 254 -2.25 16.99 -52.09
C PRO D 254 -3.01 16.62 -50.78
N ARG D 255 -4.07 17.36 -50.43
CA ARG D 255 -4.81 17.13 -49.21
C ARG D 255 -6.31 17.10 -49.54
N PRO D 256 -7.12 16.34 -48.79
CA PRO D 256 -8.56 16.29 -49.06
C PRO D 256 -9.34 17.43 -48.38
N THR D 257 -10.61 17.60 -48.79
CA THR D 257 -11.49 18.60 -48.20
C THR D 257 -12.01 18.14 -46.82
N ARG D 258 -12.61 19.06 -46.05
CA ARG D 258 -13.17 18.75 -44.72
C ARG D 258 -14.32 17.76 -44.82
N ALA D 259 -15.02 17.72 -45.97
CA ALA D 259 -16.13 16.79 -46.21
C ALA D 259 -15.62 15.40 -46.47
N GLU D 260 -14.48 15.26 -47.20
CA GLU D 260 -13.90 13.98 -47.55
C GLU D 260 -13.31 13.28 -46.34
N THR D 261 -12.60 14.02 -45.46
CA THR D 261 -12.06 13.40 -44.26
C THR D 261 -13.22 12.95 -43.34
N SER D 262 -14.28 13.75 -43.26
CA SER D 262 -15.48 13.46 -42.52
C SER D 262 -16.17 12.21 -43.07
N ASP D 263 -16.28 12.09 -44.40
CA ASP D 263 -16.91 10.93 -45.02
C ASP D 263 -16.18 9.62 -44.63
N VAL D 264 -14.85 9.60 -44.80
CA VAL D 264 -14.03 8.45 -44.47
C VAL D 264 -14.18 8.08 -43.00
N ALA D 265 -14.10 9.06 -42.12
CA ALA D 265 -14.21 8.81 -40.70
C ALA D 265 -15.58 8.25 -40.32
N ASN D 266 -16.63 8.76 -40.96
CA ASN D 266 -17.98 8.31 -40.66
C ASN D 266 -18.24 6.93 -41.20
N ALA D 267 -17.65 6.55 -42.37
CA ALA D 267 -17.80 5.19 -42.91
C ALA D 267 -17.23 4.18 -41.93
N VAL D 268 -16.08 4.50 -41.32
CA VAL D 268 -15.44 3.66 -40.30
C VAL D 268 -16.34 3.59 -39.09
N LEU D 269 -16.87 4.73 -38.65
CA LEU D 269 -17.75 4.77 -37.48
C LEU D 269 -19.04 3.98 -37.69
N ASP D 270 -19.61 4.03 -38.91
CA ASP D 270 -20.81 3.25 -39.32
C ASP D 270 -20.59 1.73 -39.14
N GLY D 271 -19.37 1.27 -39.38
CA GLY D 271 -19.01 -0.12 -39.18
C GLY D 271 -18.51 -0.80 -40.43
N ALA D 272 -17.94 -0.04 -41.40
CA ALA D 272 -17.43 -0.64 -42.63
C ALA D 272 -16.18 -1.40 -42.36
N ASP D 273 -16.08 -2.62 -42.90
CA ASP D 273 -14.91 -3.47 -42.72
C ASP D 273 -13.73 -2.96 -43.58
N CYS D 274 -14.04 -2.46 -44.80
CA CYS D 274 -13.06 -1.96 -45.75
C CYS D 274 -13.49 -0.62 -46.29
N ILE D 275 -12.52 0.21 -46.66
CA ILE D 275 -12.71 1.48 -47.34
C ILE D 275 -11.93 1.43 -48.64
N MET D 276 -12.41 2.15 -49.67
CA MET D 276 -11.82 2.04 -51.00
C MET D 276 -11.47 3.35 -51.74
N LEU D 277 -10.35 3.30 -52.47
CA LEU D 277 -9.83 4.35 -53.32
C LEU D 277 -9.94 3.91 -54.80
N SER D 278 -10.63 4.67 -55.65
CA SER D 278 -10.77 4.33 -57.07
C SER D 278 -9.81 5.26 -57.89
N GLY D 279 -10.27 6.46 -58.26
CA GLY D 279 -9.47 7.44 -58.98
C GLY D 279 -8.28 7.90 -58.15
N GLU D 280 -8.46 8.04 -56.84
CA GLU D 280 -7.40 8.45 -55.95
C GLU D 280 -6.06 7.65 -56.12
N THR D 281 -6.15 6.33 -56.39
CA THR D 281 -4.97 5.46 -56.57
C THR D 281 -4.79 4.94 -58.01
N ALA D 282 -5.86 4.96 -58.84
CA ALA D 282 -5.82 4.43 -60.20
C ALA D 282 -5.11 5.34 -61.20
N LYS D 283 -5.45 6.63 -61.14
CA LYS D 283 -4.99 7.65 -62.07
C LYS D 283 -4.50 8.96 -61.41
N GLY D 284 -4.88 9.19 -60.18
CA GLY D 284 -4.49 10.39 -59.45
C GLY D 284 -3.01 10.63 -59.29
N ASN D 285 -2.67 11.84 -58.90
CA ASN D 285 -1.28 12.21 -58.68
C ASN D 285 -0.77 11.83 -57.28
N PHE D 286 -1.69 11.42 -56.37
CA PHE D 286 -1.28 11.12 -55.00
C PHE D 286 -1.64 9.71 -54.59
N PRO D 287 -1.20 8.66 -55.32
CA PRO D 287 -1.61 7.29 -54.92
C PRO D 287 -1.15 6.93 -53.51
N VAL D 288 0.14 7.09 -53.24
CA VAL D 288 0.68 6.77 -51.93
C VAL D 288 0.10 7.65 -50.86
N GLU D 289 -0.11 8.92 -51.18
CA GLU D 289 -0.63 9.87 -50.19
C GLU D 289 -2.09 9.63 -49.87
N ALA D 290 -2.83 9.05 -50.80
CA ALA D 290 -4.24 8.79 -50.58
C ALA D 290 -4.39 7.66 -49.58
N VAL D 291 -3.55 6.63 -49.69
CA VAL D 291 -3.48 5.48 -48.84
C VAL D 291 -3.01 5.93 -47.45
N LYS D 292 -2.01 6.83 -47.39
CA LYS D 292 -1.52 7.36 -46.12
C LYS D 292 -2.64 8.09 -45.39
N MET D 293 -3.43 8.88 -46.12
CA MET D 293 -4.53 9.68 -45.58
C MET D 293 -5.64 8.81 -45.07
N GLN D 294 -6.02 7.76 -45.84
CA GLN D 294 -7.07 6.86 -45.39
C GLN D 294 -6.64 6.11 -44.15
N HIS D 295 -5.35 5.70 -44.10
CA HIS D 295 -4.80 5.03 -42.93
C HIS D 295 -4.94 5.92 -41.67
N ALA D 296 -4.55 7.20 -41.80
CA ALA D 296 -4.56 8.16 -40.71
C ALA D 296 -5.95 8.43 -40.12
N ILE D 297 -6.97 8.67 -40.99
CA ILE D 297 -8.33 8.94 -40.60
C ILE D 297 -8.94 7.70 -39.94
N ALA D 298 -8.67 6.49 -40.51
CA ALA D 298 -9.19 5.22 -39.99
C ALA D 298 -8.72 4.97 -38.55
N ARG D 299 -7.40 5.12 -38.28
CA ARG D 299 -6.81 4.98 -36.97
C ARG D 299 -7.51 5.86 -35.94
N GLU D 300 -7.83 7.12 -36.32
CA GLU D 300 -8.50 8.07 -35.44
C GLU D 300 -9.92 7.66 -35.15
N ALA D 301 -10.67 7.31 -36.20
CA ALA D 301 -12.06 6.92 -36.11
C ALA D 301 -12.26 5.69 -35.26
N GLU D 302 -11.42 4.66 -35.45
CA GLU D 302 -11.52 3.41 -34.69
C GLU D 302 -11.36 3.60 -33.20
N ALA D 303 -10.51 4.56 -32.80
CA ALA D 303 -10.33 4.85 -31.37
C ALA D 303 -11.63 5.44 -30.78
N ALA D 304 -12.30 6.28 -31.56
CA ALA D 304 -13.54 6.90 -31.15
C ALA D 304 -14.76 6.00 -31.22
N VAL D 305 -14.62 4.72 -31.55
CA VAL D 305 -15.77 3.82 -31.62
C VAL D 305 -16.23 3.52 -30.20
N TYR D 306 -17.54 3.63 -29.96
CA TYR D 306 -18.14 3.42 -28.65
C TYR D 306 -18.35 1.93 -28.44
N HIS D 307 -17.28 1.21 -28.13
CA HIS D 307 -17.34 -0.24 -27.95
C HIS D 307 -18.29 -0.69 -26.86
N ARG D 308 -18.50 0.13 -25.81
CA ARG D 308 -19.43 -0.22 -24.72
C ARG D 308 -20.82 -0.60 -25.25
N GLN D 309 -21.42 0.28 -26.05
CA GLN D 309 -22.71 0.00 -26.64
C GLN D 309 -22.59 -0.96 -27.81
N LEU D 310 -21.55 -0.82 -28.63
CA LEU D 310 -21.39 -1.66 -29.80
C LEU D 310 -21.35 -3.14 -29.46
N PHE D 311 -20.49 -3.54 -28.52
CA PHE D 311 -20.38 -4.95 -28.16
C PHE D 311 -21.64 -5.45 -27.53
N GLU D 312 -22.27 -4.65 -26.65
CA GLU D 312 -23.48 -5.10 -25.98
C GLU D 312 -24.62 -5.31 -26.96
N GLU D 313 -24.68 -4.50 -28.00
CA GLU D 313 -25.71 -4.61 -29.02
C GLU D 313 -25.47 -5.77 -29.93
N LEU D 314 -24.20 -5.97 -30.32
CA LEU D 314 -23.79 -7.09 -31.17
C LEU D 314 -23.99 -8.40 -30.46
N ARG D 315 -23.71 -8.47 -29.14
CA ARG D 315 -23.92 -9.66 -28.33
C ARG D 315 -25.40 -10.01 -28.33
N ARG D 316 -26.26 -9.04 -27.93
CA ARG D 316 -27.72 -9.18 -27.83
C ARG D 316 -28.31 -9.60 -29.17
N ALA D 317 -27.89 -8.97 -30.26
CA ALA D 317 -28.41 -9.24 -31.60
C ALA D 317 -28.01 -10.59 -32.19
N ALA D 318 -26.87 -11.14 -31.78
CA ALA D 318 -26.42 -12.44 -32.27
C ALA D 318 -27.30 -13.56 -31.74
N PRO D 319 -27.67 -14.50 -32.63
CA PRO D 319 -28.52 -15.62 -32.18
C PRO D 319 -27.73 -16.67 -31.43
N LEU D 320 -28.44 -17.52 -30.69
CA LEU D 320 -27.79 -18.63 -29.99
C LEU D 320 -27.16 -19.58 -31.00
N SER D 321 -26.04 -20.18 -30.65
CA SER D 321 -25.40 -21.10 -31.56
C SER D 321 -24.92 -22.30 -30.87
N ARG D 322 -25.07 -23.46 -31.51
CA ARG D 322 -24.48 -24.69 -31.01
C ARG D 322 -23.15 -25.03 -31.74
N ASP D 323 -22.53 -24.05 -32.44
CA ASP D 323 -21.29 -24.22 -33.18
C ASP D 323 -20.13 -23.84 -32.30
N PRO D 324 -19.23 -24.78 -32.00
CA PRO D 324 -18.08 -24.47 -31.14
C PRO D 324 -17.25 -23.26 -31.55
N THR D 325 -17.08 -23.02 -32.86
CA THR D 325 -16.29 -21.89 -33.32
C THR D 325 -17.01 -20.60 -32.91
N GLU D 326 -18.32 -20.54 -33.13
CA GLU D 326 -19.16 -19.40 -32.83
C GLU D 326 -19.19 -19.08 -31.34
N VAL D 327 -19.26 -20.13 -30.51
CA VAL D 327 -19.31 -20.08 -29.04
C VAL D 327 -17.96 -19.65 -28.47
N THR D 328 -16.87 -20.23 -28.96
CA THR D 328 -15.53 -19.86 -28.53
C THR D 328 -15.28 -18.40 -28.95
N ALA D 329 -15.79 -17.94 -30.11
CA ALA D 329 -15.58 -16.58 -30.61
C ALA D 329 -16.16 -15.55 -29.68
N ILE D 330 -17.42 -15.75 -29.20
CA ILE D 330 -18.02 -14.78 -28.29
C ILE D 330 -17.38 -14.86 -26.91
N GLY D 331 -17.02 -16.04 -26.44
CA GLY D 331 -16.35 -16.18 -25.16
C GLY D 331 -15.00 -15.54 -25.17
N ALA D 332 -14.24 -15.65 -26.28
CA ALA D 332 -12.90 -15.06 -26.43
C ALA D 332 -12.97 -13.56 -26.46
N VAL D 333 -13.92 -12.99 -27.22
CA VAL D 333 -14.06 -11.55 -27.28
C VAL D 333 -14.48 -10.99 -25.92
N GLU D 334 -15.35 -11.69 -25.21
CA GLU D 334 -15.78 -11.27 -23.89
CA GLU D 334 -15.78 -11.27 -23.88
C GLU D 334 -14.56 -11.26 -22.92
N ALA D 335 -13.72 -12.29 -22.98
CA ALA D 335 -12.53 -12.42 -22.16
C ALA D 335 -11.53 -11.33 -22.51
N ALA D 336 -11.37 -11.02 -23.82
CA ALA D 336 -10.45 -9.97 -24.28
C ALA D 336 -10.82 -8.61 -23.71
N PHE D 337 -12.11 -8.32 -23.62
CA PHE D 337 -12.58 -7.06 -23.08
C PHE D 337 -12.36 -6.96 -21.57
N LYS D 338 -12.52 -8.05 -20.85
CA LYS D 338 -12.37 -8.10 -19.39
C LYS D 338 -10.97 -7.71 -18.92
N CYS D 339 -9.94 -8.14 -19.62
CA CYS D 339 -8.57 -7.86 -19.23
C CYS D 339 -7.85 -6.79 -20.09
N CYS D 340 -8.57 -6.19 -21.07
CA CYS D 340 -7.98 -5.26 -22.02
C CYS D 340 -6.82 -5.95 -22.77
N ALA D 341 -7.15 -7.09 -23.39
CA ALA D 341 -6.16 -7.89 -24.09
C ALA D 341 -5.53 -7.10 -25.22
N ALA D 342 -4.22 -7.21 -25.36
CA ALA D 342 -3.47 -6.54 -26.41
C ALA D 342 -3.85 -7.08 -27.78
N ALA D 343 -4.09 -8.40 -27.87
CA ALA D 343 -4.44 -9.06 -29.10
C ALA D 343 -5.20 -10.38 -28.82
N ILE D 344 -5.82 -10.95 -29.86
CA ILE D 344 -6.45 -12.25 -29.80
C ILE D 344 -5.71 -13.01 -30.89
N ILE D 345 -4.93 -14.03 -30.55
CA ILE D 345 -4.22 -14.77 -31.58
C ILE D 345 -5.02 -15.98 -31.95
N VAL D 346 -5.40 -16.11 -33.21
CA VAL D 346 -6.23 -17.24 -33.66
C VAL D 346 -5.58 -18.03 -34.79
N LEU D 347 -5.56 -19.39 -34.68
CA LEU D 347 -5.05 -20.21 -35.78
C LEU D 347 -6.24 -20.46 -36.69
N THR D 348 -6.10 -20.28 -38.00
CA THR D 348 -7.24 -20.44 -38.93
C THR D 348 -6.82 -21.03 -40.30
N THR D 349 -7.67 -21.89 -40.89
CA THR D 349 -7.30 -22.53 -42.17
C THR D 349 -7.99 -21.80 -43.33
N THR D 350 -9.28 -21.60 -43.17
CA THR D 350 -10.10 -20.88 -44.11
C THR D 350 -10.20 -19.38 -43.72
N GLY D 351 -9.96 -19.04 -42.46
CA GLY D 351 -10.11 -17.66 -41.98
C GLY D 351 -11.40 -17.47 -41.21
N ARG D 352 -12.30 -18.47 -41.27
CA ARG D 352 -13.58 -18.46 -40.58
C ARG D 352 -13.49 -18.11 -39.12
N SER D 353 -12.58 -18.73 -38.37
CA SER D 353 -12.39 -18.45 -36.95
C SER D 353 -12.08 -16.99 -36.69
N ALA D 354 -11.25 -16.40 -37.55
CA ALA D 354 -10.88 -14.98 -37.42
C ALA D 354 -12.06 -14.08 -37.75
N GLN D 355 -12.86 -14.48 -38.75
CA GLN D 355 -14.06 -13.76 -39.14
C GLN D 355 -15.07 -13.77 -38.00
N LEU D 356 -15.23 -14.94 -37.34
CA LEU D 356 -16.15 -15.04 -36.22
C LEU D 356 -15.73 -14.25 -35.00
N LEU D 357 -14.44 -13.97 -34.85
CA LEU D 357 -13.96 -13.15 -33.74
C LEU D 357 -14.25 -11.67 -34.11
N SER D 358 -13.92 -11.28 -35.39
CA SER D 358 -14.12 -9.93 -35.95
C SER D 358 -15.55 -9.42 -35.85
N ARG D 359 -16.55 -10.28 -36.09
CA ARG D 359 -17.97 -9.91 -36.05
C ARG D 359 -18.41 -9.28 -34.73
N TYR D 360 -17.72 -9.60 -33.62
CA TYR D 360 -18.06 -9.03 -32.31
C TYR D 360 -17.29 -7.74 -32.02
N ARG D 361 -16.58 -7.21 -33.02
CA ARG D 361 -15.83 -5.95 -32.97
C ARG D 361 -15.03 -5.77 -31.70
N PRO D 362 -14.09 -6.68 -31.45
CA PRO D 362 -13.22 -6.50 -30.29
C PRO D 362 -12.29 -5.28 -30.47
N ARG D 363 -11.84 -4.69 -29.37
CA ARG D 363 -10.84 -3.62 -29.42
C ARG D 363 -9.44 -4.26 -29.65
N ALA D 364 -9.22 -5.53 -29.17
CA ALA D 364 -7.97 -6.28 -29.32
C ALA D 364 -7.77 -6.69 -30.78
N ALA D 365 -6.53 -6.63 -31.25
CA ALA D 365 -6.23 -6.98 -32.63
C ALA D 365 -6.32 -8.47 -32.83
N VAL D 366 -7.08 -8.91 -33.84
CA VAL D 366 -7.16 -10.33 -34.14
C VAL D 366 -5.98 -10.71 -35.01
N ILE D 367 -4.89 -11.16 -34.40
CA ILE D 367 -3.70 -11.61 -35.14
C ILE D 367 -4.03 -13.04 -35.58
N ALA D 368 -4.21 -13.27 -36.88
CA ALA D 368 -4.59 -14.57 -37.38
C ALA D 368 -3.44 -15.29 -38.05
N VAL D 369 -2.98 -16.40 -37.44
CA VAL D 369 -1.92 -17.22 -38.07
C VAL D 369 -2.51 -18.31 -38.99
N THR D 370 -2.01 -18.40 -40.22
CA THR D 370 -2.51 -19.36 -41.18
C THR D 370 -1.43 -19.77 -42.13
N ARG D 371 -1.50 -21.01 -42.59
CA ARG D 371 -0.56 -21.51 -43.57
C ARG D 371 -1.08 -21.26 -45.01
N SER D 372 -2.41 -20.99 -45.16
CA SER D 372 -3.05 -20.76 -46.43
C SER D 372 -2.77 -19.33 -46.90
N ALA D 373 -2.07 -19.18 -48.02
CA ALA D 373 -1.83 -17.84 -48.55
C ALA D 373 -3.12 -17.19 -49.00
N GLN D 374 -4.10 -17.94 -49.57
CA GLN D 374 -5.37 -17.33 -49.98
C GLN D 374 -6.19 -16.83 -48.76
N ALA D 375 -6.21 -17.61 -47.67
CA ALA D 375 -6.92 -17.17 -46.46
C ALA D 375 -6.24 -15.94 -45.88
N ALA D 376 -4.91 -15.92 -45.85
CA ALA D 376 -4.17 -14.77 -45.32
C ALA D 376 -4.46 -13.50 -46.10
N ARG D 377 -4.68 -13.61 -47.43
CA ARG D 377 -5.01 -12.46 -48.24
C ARG D 377 -6.46 -12.09 -48.01
N GLN D 378 -7.36 -13.07 -48.02
CA GLN D 378 -8.79 -12.84 -47.88
C GLN D 378 -9.25 -12.29 -46.54
N VAL D 379 -8.50 -12.51 -45.45
CA VAL D 379 -8.95 -11.99 -44.15
C VAL D 379 -8.85 -10.48 -44.04
N HIS D 380 -8.28 -9.81 -45.04
CA HIS D 380 -8.25 -8.35 -45.05
C HIS D 380 -9.68 -7.82 -45.20
N LEU D 381 -10.62 -8.63 -45.78
CA LEU D 381 -12.01 -8.26 -45.88
C LEU D 381 -12.61 -8.04 -44.49
N CYS D 382 -12.11 -8.71 -43.44
CA CYS D 382 -12.63 -8.53 -42.08
C CYS D 382 -11.88 -7.48 -41.27
N ARG D 383 -12.63 -6.58 -40.64
CA ARG D 383 -12.01 -5.52 -39.87
C ARG D 383 -11.38 -6.07 -38.62
N GLY D 384 -10.15 -5.64 -38.36
CA GLY D 384 -9.46 -6.04 -37.13
C GLY D 384 -8.68 -7.32 -37.24
N VAL D 385 -8.61 -7.92 -38.44
CA VAL D 385 -7.87 -9.16 -38.60
C VAL D 385 -6.57 -8.85 -39.30
N PHE D 386 -5.45 -9.16 -38.65
CA PHE D 386 -4.11 -8.93 -39.12
C PHE D 386 -3.47 -10.26 -39.45
N PRO D 387 -3.46 -10.65 -40.71
CA PRO D 387 -2.92 -11.98 -41.07
C PRO D 387 -1.42 -12.17 -40.98
N LEU D 388 -1.00 -13.38 -40.64
CA LEU D 388 0.39 -13.79 -40.60
C LEU D 388 0.47 -15.08 -41.39
N LEU D 389 1.31 -15.14 -42.41
CA LEU D 389 1.47 -16.37 -43.18
C LEU D 389 2.60 -17.18 -42.57
N TYR D 390 2.26 -18.36 -42.02
CA TYR D 390 3.26 -19.26 -41.44
C TYR D 390 3.81 -20.15 -42.54
N ARG D 391 5.12 -20.12 -42.75
CA ARG D 391 5.75 -20.87 -43.84
C ARG D 391 6.53 -22.10 -43.43
N GLU D 392 6.79 -22.25 -42.12
CA GLU D 392 7.54 -23.40 -41.62
C GLU D 392 6.80 -24.71 -41.90
N PRO D 393 7.57 -25.77 -42.15
CA PRO D 393 6.92 -27.08 -42.39
C PRO D 393 6.45 -27.69 -41.07
N PRO D 394 5.38 -28.50 -41.14
CA PRO D 394 4.80 -29.03 -39.90
C PRO D 394 5.74 -29.83 -38.99
N GLU D 395 5.52 -29.75 -37.68
CA GLU D 395 6.23 -30.55 -36.69
C GLU D 395 5.60 -31.95 -36.69
N ALA D 396 6.34 -32.97 -36.26
CA ALA D 396 5.83 -34.33 -36.18
C ALA D 396 4.67 -34.38 -35.15
N ILE D 397 4.80 -33.67 -34.02
CA ILE D 397 3.74 -33.61 -33.03
C ILE D 397 2.83 -32.42 -33.35
N TRP D 398 1.53 -32.66 -33.53
CA TRP D 398 0.59 -31.58 -33.83
C TRP D 398 0.50 -30.51 -32.76
N ALA D 399 0.53 -30.88 -31.47
CA ALA D 399 0.49 -29.88 -30.42
C ALA D 399 1.70 -28.96 -30.43
N ASP D 400 2.86 -29.47 -30.84
CA ASP D 400 4.08 -28.67 -30.94
C ASP D 400 3.96 -27.72 -32.12
N ASP D 401 3.40 -28.18 -33.25
CA ASP D 401 3.18 -27.34 -34.43
C ASP D 401 2.21 -26.21 -34.13
N VAL D 402 1.21 -26.47 -33.29
CA VAL D 402 0.25 -25.45 -32.88
C VAL D 402 0.97 -24.39 -32.02
N ASP D 403 1.76 -24.83 -31.05
CA ASP D 403 2.52 -23.92 -30.19
C ASP D 403 3.54 -23.09 -30.97
N ARG D 404 4.18 -23.67 -32.00
CA ARG D 404 5.14 -22.93 -32.82
C ARG D 404 4.44 -21.82 -33.61
N ARG D 405 3.20 -22.04 -34.03
CA ARG D 405 2.44 -21.04 -34.74
C ARG D 405 1.96 -19.95 -33.79
N VAL D 406 1.63 -20.30 -32.53
CA VAL D 406 1.21 -19.34 -31.50
C VAL D 406 2.41 -18.44 -31.15
N GLN D 407 3.62 -19.03 -31.07
CA GLN D 407 4.84 -18.27 -30.81
C GLN D 407 5.20 -17.37 -31.96
N PHE D 408 5.01 -17.82 -33.20
CA PHE D 408 5.23 -17.00 -34.37
C PHE D 408 4.34 -15.76 -34.35
N GLY D 409 3.11 -15.91 -33.85
CA GLY D 409 2.15 -14.84 -33.69
C GLY D 409 2.58 -13.85 -32.61
N ILE D 410 3.09 -14.37 -31.48
CA ILE D 410 3.56 -13.51 -30.39
C ILE D 410 4.80 -12.76 -30.80
N GLU D 411 5.71 -13.40 -31.55
CA GLU D 411 6.93 -12.77 -32.02
C GLU D 411 6.67 -11.70 -33.06
N SER D 412 5.78 -11.97 -34.04
CA SER D 412 5.40 -10.95 -35.02
C SER D 412 4.63 -9.82 -34.35
N GLY D 413 3.82 -10.15 -33.35
CA GLY D 413 3.04 -9.15 -32.64
C GLY D 413 3.94 -8.20 -31.92
N LYS D 414 4.92 -8.74 -31.16
CA LYS D 414 5.95 -7.97 -30.43
C LYS D 414 6.77 -7.12 -31.41
N LEU D 415 7.30 -7.75 -32.48
CA LEU D 415 8.07 -7.07 -33.51
C LEU D 415 7.29 -5.90 -34.14
N ARG D 416 6.06 -6.10 -34.55
CA ARG D 416 5.27 -5.06 -35.19
C ARG D 416 4.63 -4.07 -34.22
N GLY D 417 4.88 -4.19 -32.93
CA GLY D 417 4.36 -3.26 -31.95
C GLY D 417 2.99 -3.51 -31.34
N PHE D 418 2.34 -4.61 -31.70
CA PHE D 418 1.04 -4.96 -31.12
C PHE D 418 1.16 -5.38 -29.66
N LEU D 419 2.27 -6.01 -29.34
CA LEU D 419 2.46 -6.58 -28.03
C LEU D 419 3.69 -6.09 -27.38
N ARG D 420 3.61 -6.03 -26.05
CA ARG D 420 4.67 -5.68 -25.11
C ARG D 420 4.69 -6.74 -24.02
N VAL D 421 5.86 -7.01 -23.41
CA VAL D 421 5.95 -7.97 -22.32
C VAL D 421 5.08 -7.48 -21.13
N GLY D 422 4.29 -8.39 -20.57
CA GLY D 422 3.36 -8.02 -19.52
C GLY D 422 1.93 -7.91 -20.00
N ASP D 423 1.73 -7.72 -21.32
CA ASP D 423 0.40 -7.65 -21.93
C ASP D 423 -0.32 -9.02 -21.85
N LEU D 424 -1.65 -8.97 -21.76
CA LEU D 424 -2.44 -10.18 -21.79
C LEU D 424 -2.95 -10.42 -23.21
N VAL D 425 -2.93 -11.67 -23.66
CA VAL D 425 -3.37 -12.06 -25.00
C VAL D 425 -4.33 -13.28 -24.90
N ILE D 426 -5.40 -13.33 -25.73
CA ILE D 426 -6.35 -14.45 -25.74
C ILE D 426 -5.97 -15.33 -26.93
N VAL D 427 -5.68 -16.60 -26.68
CA VAL D 427 -5.27 -17.51 -27.75
C VAL D 427 -6.43 -18.44 -28.12
N VAL D 428 -6.82 -18.47 -29.40
CA VAL D 428 -7.92 -19.29 -29.86
C VAL D 428 -7.44 -20.36 -30.79
N THR D 429 -7.61 -21.63 -30.42
CA THR D 429 -7.18 -22.82 -31.19
C THR D 429 -8.31 -23.91 -31.27
N GLY D 430 -8.02 -25.03 -31.93
CA GLY D 430 -8.95 -26.13 -32.05
C GLY D 430 -8.42 -27.39 -31.39
N TRP D 431 -9.24 -28.45 -31.41
CA TRP D 431 -8.94 -29.73 -30.79
C TRP D 431 -8.26 -30.77 -31.72
N ARG D 432 -8.41 -30.61 -33.06
CA ARG D 432 -7.82 -31.49 -34.11
C ARG D 432 -7.47 -30.66 -35.34
N PRO D 433 -6.54 -31.15 -36.18
CA PRO D 433 -6.20 -30.43 -37.41
C PRO D 433 -7.35 -30.30 -38.42
N GLY D 434 -7.26 -29.29 -39.26
CA GLY D 434 -8.26 -29.03 -40.27
C GLY D 434 -9.24 -27.98 -39.84
N SER D 435 -9.92 -27.41 -40.84
CA SER D 435 -10.91 -26.37 -40.61
CA SER D 435 -10.90 -26.37 -40.60
C SER D 435 -12.15 -26.93 -39.92
N GLY D 436 -12.85 -26.05 -39.20
CA GLY D 436 -14.11 -26.29 -38.50
C GLY D 436 -14.07 -26.71 -37.06
N TYR D 437 -12.87 -26.95 -36.51
CA TYR D 437 -12.75 -27.50 -35.17
C TYR D 437 -12.27 -26.57 -34.08
N THR D 438 -12.37 -25.25 -34.26
CA THR D 438 -11.97 -24.29 -33.23
C THR D 438 -12.86 -24.43 -32.03
N ASN D 439 -12.30 -24.61 -30.84
CA ASN D 439 -13.14 -24.75 -29.63
C ASN D 439 -12.42 -24.34 -28.32
N ILE D 440 -11.15 -23.94 -28.38
CA ILE D 440 -10.39 -23.63 -27.17
C ILE D 440 -10.02 -22.17 -27.11
N MET D 441 -10.14 -21.58 -25.94
CA MET D 441 -9.76 -20.20 -25.66
C MET D 441 -8.83 -20.22 -24.44
N ARG D 442 -7.71 -19.50 -24.52
CA ARG D 442 -6.68 -19.52 -23.48
C ARG D 442 -6.25 -18.12 -23.10
N VAL D 443 -6.14 -17.81 -21.81
CA VAL D 443 -5.66 -16.50 -21.34
C VAL D 443 -4.15 -16.62 -21.15
N LEU D 444 -3.38 -15.84 -21.91
CA LEU D 444 -1.92 -15.94 -21.91
C LEU D 444 -1.24 -14.61 -21.61
N SER D 445 -0.17 -14.61 -20.80
CA SER D 445 0.57 -13.40 -20.50
C SER D 445 1.85 -13.37 -21.31
N ILE D 446 2.10 -12.27 -22.01
CA ILE D 446 3.29 -12.09 -22.86
C ILE D 446 4.59 -12.06 -22.08
N SER D 447 5.47 -12.99 -22.44
CA SER D 447 6.77 -13.23 -21.83
C SER D 447 7.92 -12.55 -22.60
N ALA E 25 32.77 -0.84 -9.29
CA ALA E 25 33.33 0.21 -8.43
C ALA E 25 34.36 -0.37 -7.44
N PHE E 26 35.27 0.49 -6.93
CA PHE E 26 36.27 0.08 -5.94
C PHE E 26 35.58 -0.30 -4.64
N PHE E 27 34.55 0.45 -4.24
CA PHE E 27 33.85 0.21 -2.97
C PHE E 27 32.83 -0.94 -3.02
N GLN E 28 32.76 -1.69 -4.13
CA GLN E 28 31.90 -2.88 -4.22
C GLN E 28 32.73 -4.16 -4.01
N GLN E 29 34.00 -4.15 -4.47
CA GLN E 29 34.96 -5.27 -4.34
C GLN E 29 35.40 -5.48 -2.87
N GLN E 30 36.05 -6.64 -2.61
CA GLN E 30 36.62 -7.12 -1.35
C GLN E 30 35.78 -6.81 -0.10
N GLN E 31 34.47 -7.12 -0.16
CA GLN E 31 33.47 -6.93 0.90
C GLN E 31 33.57 -5.58 1.61
N LEU E 32 33.77 -4.50 0.83
CA LEU E 32 33.85 -3.16 1.40
C LEU E 32 32.50 -2.63 1.91
N PRO E 33 31.32 -2.96 1.31
CA PRO E 33 30.05 -2.50 1.92
C PRO E 33 29.83 -3.17 3.29
N ALA E 34 30.19 -4.47 3.40
CA ALA E 34 30.08 -5.25 4.62
C ALA E 34 31.02 -4.74 5.74
N ALA E 35 32.25 -4.32 5.39
CA ALA E 35 33.23 -3.82 6.36
C ALA E 35 32.93 -2.41 6.90
N MET E 36 32.07 -1.64 6.17
CA MET E 36 31.61 -0.28 6.55
C MET E 36 30.39 -0.28 7.48
N ALA E 37 29.79 -1.46 7.75
CA ALA E 37 28.61 -1.61 8.58
C ALA E 37 28.85 -1.21 10.01
N ASP E 38 27.85 -0.57 10.64
CA ASP E 38 27.92 -0.08 12.02
C ASP E 38 27.82 -1.21 13.06
N THR E 39 27.26 -2.36 12.68
CA THR E 39 27.13 -3.53 13.56
C THR E 39 27.65 -4.79 12.83
N PHE E 40 27.99 -5.81 13.61
CA PHE E 40 28.43 -7.09 13.06
C PHE E 40 27.28 -7.82 12.37
N LEU E 41 26.04 -7.67 12.86
CA LEU E 41 24.86 -8.28 12.24
C LEU E 41 24.67 -7.68 10.85
N GLU E 42 24.77 -6.33 10.72
CA GLU E 42 24.65 -5.63 9.45
CA GLU E 42 24.63 -5.68 9.43
C GLU E 42 25.78 -6.05 8.49
N HIS E 43 26.99 -6.28 9.05
CA HIS E 43 28.16 -6.74 8.29
C HIS E 43 27.83 -8.07 7.60
N LEU E 44 27.27 -9.02 8.35
CA LEU E 44 26.86 -10.34 7.84
C LEU E 44 25.82 -10.20 6.73
N CYS E 45 24.84 -9.31 6.91
CA CYS E 45 23.79 -9.08 5.92
C CYS E 45 24.32 -8.48 4.62
N LEU E 46 25.45 -7.77 4.68
CA LEU E 46 26.06 -7.12 3.52
C LEU E 46 27.11 -7.97 2.80
N LEU E 47 27.31 -9.24 3.21
CA LEU E 47 28.29 -10.12 2.54
C LEU E 47 27.75 -10.47 1.16
N ASP E 48 28.48 -10.11 0.11
CA ASP E 48 28.05 -10.33 -1.26
C ASP E 48 28.93 -11.40 -1.95
N ILE E 49 28.31 -12.45 -2.53
CA ILE E 49 29.07 -13.46 -3.27
C ILE E 49 29.65 -12.88 -4.58
N ASP E 50 29.01 -11.83 -5.13
CA ASP E 50 29.44 -11.14 -6.34
C ASP E 50 30.53 -10.08 -6.09
N SER E 51 30.94 -9.89 -4.83
CA SER E 51 31.99 -8.95 -4.44
C SER E 51 33.29 -9.75 -4.47
N GLU E 52 34.13 -9.53 -5.50
CA GLU E 52 35.38 -10.28 -5.68
C GLU E 52 36.57 -9.76 -4.88
N PRO E 53 37.46 -10.67 -4.41
CA PRO E 53 38.61 -10.20 -3.61
C PRO E 53 39.67 -9.54 -4.48
N VAL E 54 40.18 -8.37 -4.04
CA VAL E 54 41.21 -7.68 -4.81
C VAL E 54 42.59 -7.87 -4.20
N ALA E 55 42.67 -7.74 -2.88
CA ALA E 55 43.94 -7.88 -2.16
C ALA E 55 44.56 -9.29 -2.30
N ALA E 56 45.87 -9.40 -2.07
CA ALA E 56 46.54 -10.69 -2.14
C ALA E 56 46.19 -11.54 -0.91
N ARG E 57 46.33 -12.86 -1.03
CA ARG E 57 46.04 -13.76 0.08
C ARG E 57 47.13 -13.63 1.15
N SER E 58 46.74 -13.19 2.36
CA SER E 58 47.63 -12.95 3.50
C SER E 58 47.93 -14.18 4.38
N THR E 59 46.91 -15.00 4.70
CA THR E 59 47.09 -16.22 5.52
C THR E 59 48.00 -17.20 4.80
N SER E 60 49.15 -17.54 5.40
CA SER E 60 50.09 -18.44 4.77
C SER E 60 49.62 -19.91 4.78
N ILE E 61 50.10 -20.70 3.80
CA ILE E 61 49.75 -22.12 3.65
C ILE E 61 50.94 -23.01 3.96
N ILE E 62 50.79 -23.90 4.94
CA ILE E 62 51.82 -24.87 5.32
C ILE E 62 51.45 -26.18 4.62
N ALA E 63 52.35 -26.72 3.81
CA ALA E 63 52.09 -27.97 3.10
C ALA E 63 53.04 -29.06 3.59
N THR E 64 52.49 -30.21 4.00
CA THR E 64 53.32 -31.32 4.46
C THR E 64 53.94 -32.05 3.29
N ILE E 65 55.27 -32.12 3.29
CA ILE E 65 56.04 -32.75 2.23
C ILE E 65 56.12 -34.25 2.44
N GLY E 66 55.56 -34.98 1.50
CA GLY E 66 55.58 -36.44 1.52
C GLY E 66 55.82 -37.00 0.15
N PRO E 67 55.50 -38.28 -0.05
CA PRO E 67 55.69 -38.90 -1.38
C PRO E 67 54.91 -38.23 -2.51
N ALA E 68 53.68 -37.78 -2.23
CA ALA E 68 52.84 -37.11 -3.23
C ALA E 68 53.30 -35.69 -3.58
N SER E 69 54.29 -35.13 -2.85
CA SER E 69 54.73 -33.77 -3.07
C SER E 69 56.25 -33.61 -2.85
N ARG E 70 57.06 -34.52 -3.39
CA ARG E 70 58.51 -34.45 -3.17
C ARG E 70 59.32 -34.08 -4.38
N SER E 71 58.83 -34.40 -5.59
CA SER E 71 59.60 -34.09 -6.80
C SER E 71 59.78 -32.60 -6.99
N VAL E 72 60.95 -32.16 -7.51
CA VAL E 72 61.24 -30.74 -7.75
C VAL E 72 60.20 -30.11 -8.67
N GLU E 73 59.65 -30.90 -9.63
CA GLU E 73 58.64 -30.43 -10.57
C GLU E 73 57.28 -30.24 -9.87
N ARG E 74 56.88 -31.19 -9.00
CA ARG E 74 55.63 -31.13 -8.23
C ARG E 74 55.69 -29.97 -7.24
N LEU E 75 56.85 -29.77 -6.57
CA LEU E 75 57.10 -28.69 -5.62
C LEU E 75 57.01 -27.34 -6.28
N LYS E 76 57.52 -27.20 -7.52
CA LYS E 76 57.44 -25.96 -8.28
C LYS E 76 55.98 -25.56 -8.50
N GLU E 77 55.09 -26.56 -8.77
CA GLU E 77 53.65 -26.35 -8.96
C GLU E 77 52.95 -25.93 -7.68
N MET E 78 53.39 -26.49 -6.54
CA MET E 78 52.81 -26.14 -5.23
CA MET E 78 52.82 -26.15 -5.23
C MET E 78 53.23 -24.74 -4.81
N ILE E 79 54.44 -24.30 -5.19
CA ILE E 79 54.90 -22.94 -4.89
C ILE E 79 54.01 -21.96 -5.68
N LYS E 80 53.74 -22.26 -6.97
CA LYS E 80 52.89 -21.45 -7.83
C LYS E 80 51.43 -21.42 -7.33
N ALA E 81 50.93 -22.57 -6.81
CA ALA E 81 49.58 -22.69 -6.25
C ALA E 81 49.39 -21.88 -4.96
N GLY E 82 50.48 -21.63 -4.23
CA GLY E 82 50.47 -20.82 -3.01
C GLY E 82 51.15 -21.32 -1.76
N MET E 83 52.03 -22.32 -1.85
CA MET E 83 52.72 -22.83 -0.67
C MET E 83 53.74 -21.81 -0.15
N ASN E 84 53.72 -21.56 1.15
CA ASN E 84 54.64 -20.61 1.77
C ASN E 84 55.57 -21.31 2.73
N ILE E 85 55.10 -22.35 3.42
CA ILE E 85 55.90 -23.10 4.37
C ILE E 85 55.84 -24.60 4.01
N ALA E 86 57.00 -25.27 3.99
CA ALA E 86 57.10 -26.69 3.70
C ALA E 86 57.36 -27.46 4.99
N ARG E 87 56.40 -28.29 5.41
CA ARG E 87 56.50 -29.04 6.66
C ARG E 87 57.08 -30.44 6.49
N LEU E 88 58.12 -30.75 7.26
CA LEU E 88 58.72 -32.07 7.23
C LEU E 88 58.30 -32.82 8.49
N ASN E 89 57.46 -33.86 8.35
CA ASN E 89 57.01 -34.63 9.52
C ASN E 89 58.07 -35.65 9.92
N PHE E 90 58.78 -35.38 11.03
CA PHE E 90 59.82 -36.27 11.53
C PHE E 90 59.30 -37.50 12.26
N SER E 91 57.98 -37.69 12.32
CA SER E 91 57.36 -38.90 12.87
C SER E 91 57.50 -40.08 11.88
N HIS E 92 57.79 -39.80 10.59
CA HIS E 92 57.96 -40.79 9.53
C HIS E 92 59.22 -40.45 8.72
N GLY E 93 59.91 -41.47 8.24
CA GLY E 93 61.09 -41.27 7.40
C GLY E 93 62.40 -41.02 8.12
N SER E 94 63.50 -41.35 7.42
CA SER E 94 64.86 -41.21 7.91
C SER E 94 65.42 -39.81 7.72
N HIS E 95 66.54 -39.49 8.39
CA HIS E 95 67.22 -38.21 8.23
C HIS E 95 67.66 -38.01 6.77
N GLU E 96 68.08 -39.10 6.12
CA GLU E 96 68.51 -39.06 4.72
C GLU E 96 67.33 -38.66 3.81
N TYR E 97 66.14 -39.20 4.09
CA TYR E 97 64.90 -38.91 3.36
C TYR E 97 64.55 -37.43 3.46
N HIS E 98 64.54 -36.88 4.69
CA HIS E 98 64.22 -35.48 4.94
C HIS E 98 65.26 -34.51 4.38
N ALA E 99 66.53 -34.92 4.32
CA ALA E 99 67.57 -34.09 3.74
C ALA E 99 67.32 -33.93 2.22
N GLU E 100 66.86 -35.02 1.54
CA GLU E 100 66.54 -35.00 0.11
C GLU E 100 65.31 -34.12 -0.15
N SER E 101 64.35 -34.13 0.78
CA SER E 101 63.15 -33.29 0.70
C SER E 101 63.59 -31.81 0.76
N ILE E 102 64.49 -31.47 1.71
CA ILE E 102 65.05 -30.12 1.89
C ILE E 102 65.75 -29.65 0.61
N ALA E 103 66.54 -30.54 0.00
CA ALA E 103 67.24 -30.25 -1.23
C ALA E 103 66.29 -30.01 -2.41
N ASN E 104 65.24 -30.83 -2.53
CA ASN E 104 64.25 -30.70 -3.60
C ASN E 104 63.42 -29.43 -3.47
N VAL E 105 63.10 -29.05 -2.22
CA VAL E 105 62.36 -27.83 -1.93
C VAL E 105 63.25 -26.64 -2.30
N ARG E 106 64.50 -26.61 -1.81
CA ARG E 106 65.43 -25.52 -2.11
C ARG E 106 65.70 -25.35 -3.60
N GLU E 107 65.78 -26.47 -4.33
CA GLU E 107 65.99 -26.46 -5.78
C GLU E 107 64.79 -25.85 -6.49
N ALA E 108 63.57 -26.22 -6.07
CA ALA E 108 62.33 -25.72 -6.64
C ALA E 108 62.14 -24.23 -6.33
N VAL E 109 62.53 -23.77 -5.12
CA VAL E 109 62.40 -22.36 -4.75
C VAL E 109 63.40 -21.51 -5.50
N GLU E 110 64.66 -21.99 -5.60
CA GLU E 110 65.69 -21.24 -6.30
C GLU E 110 65.54 -21.24 -7.82
N SER E 111 64.62 -22.06 -8.37
CA SER E 111 64.35 -22.06 -9.81
C SER E 111 63.67 -20.74 -10.29
N PHE E 112 63.17 -19.91 -9.35
CA PHE E 112 62.54 -18.62 -9.65
C PHE E 112 63.41 -17.42 -9.16
N ALA E 113 64.66 -17.67 -8.71
CA ALA E 113 65.56 -16.62 -8.21
C ALA E 113 66.07 -15.66 -9.27
N GLY E 114 65.91 -16.03 -10.54
CA GLY E 114 66.32 -15.23 -11.69
C GLY E 114 65.57 -13.91 -11.78
N SER E 115 64.34 -13.87 -11.27
CA SER E 115 63.57 -12.64 -11.25
C SER E 115 63.38 -12.23 -9.78
N PRO E 116 64.33 -11.47 -9.16
CA PRO E 116 64.20 -11.13 -7.72
C PRO E 116 62.99 -10.27 -7.33
N LEU E 117 62.34 -9.59 -8.29
CA LEU E 117 61.12 -8.83 -7.99
C LEU E 117 59.87 -9.75 -7.98
N SER E 118 59.98 -11.03 -8.44
CA SER E 118 58.88 -12.02 -8.49
C SER E 118 59.30 -13.45 -8.04
N TYR E 119 60.22 -13.50 -7.07
CA TYR E 119 60.77 -14.70 -6.44
C TYR E 119 60.04 -14.86 -5.11
N ARG E 120 59.56 -16.08 -4.83
CA ARG E 120 58.83 -16.33 -3.59
C ARG E 120 59.61 -17.23 -2.61
N PRO E 121 60.04 -16.67 -1.47
CA PRO E 121 60.76 -17.49 -0.49
C PRO E 121 59.84 -18.47 0.22
N VAL E 122 60.32 -19.67 0.50
CA VAL E 122 59.51 -20.69 1.19
C VAL E 122 60.24 -21.13 2.46
N ALA E 123 59.57 -21.04 3.62
CA ALA E 123 60.18 -21.47 4.88
C ALA E 123 60.19 -23.00 4.99
N ILE E 124 61.12 -23.55 5.77
CA ILE E 124 61.18 -24.99 5.98
C ILE E 124 60.94 -25.27 7.46
N ALA E 125 59.89 -26.05 7.77
CA ALA E 125 59.56 -26.36 9.15
C ALA E 125 59.80 -27.81 9.50
N LEU E 126 60.35 -28.08 10.69
CA LEU E 126 60.63 -29.42 11.16
C LEU E 126 59.61 -29.77 12.22
N ASP E 127 58.77 -30.78 11.98
CA ASP E 127 57.77 -31.19 12.96
C ASP E 127 58.29 -32.41 13.72
N THR E 128 58.73 -32.21 14.97
CA THR E 128 59.31 -33.26 15.81
C THR E 128 58.38 -34.47 16.04
N LYS E 129 59.00 -35.64 16.29
CA LYS E 129 58.31 -36.92 16.55
C LYS E 129 57.48 -36.85 17.85
N GLY E 130 58.06 -36.23 18.88
CA GLY E 130 57.40 -36.06 20.17
C GLY E 130 57.98 -36.83 21.33
N PRO E 131 57.49 -36.53 22.54
CA PRO E 131 57.99 -37.24 23.73
C PRO E 131 57.38 -38.62 23.92
N GLY E 136 59.54 -35.72 28.99
CA GLY E 136 60.14 -34.55 28.38
C GLY E 136 60.72 -34.84 27.01
N LEU E 137 61.72 -34.04 26.58
CA LEU E 137 62.38 -34.15 25.27
C LEU E 137 63.02 -35.53 25.07
N SER E 138 62.48 -36.31 24.13
CA SER E 138 63.00 -37.65 23.85
C SER E 138 64.42 -37.61 23.24
N GLU E 139 65.13 -38.75 23.27
CA GLU E 139 66.48 -38.86 22.73
C GLU E 139 66.47 -38.66 21.22
N GLN E 140 65.46 -39.21 20.53
CA GLN E 140 65.32 -39.06 19.09
C GLN E 140 65.08 -37.60 18.71
N ASP E 141 64.26 -36.90 19.50
CA ASP E 141 63.95 -35.48 19.30
C ASP E 141 65.22 -34.62 19.36
N VAL E 142 66.17 -34.95 20.26
CA VAL E 142 67.43 -34.21 20.36
C VAL E 142 68.25 -34.38 19.09
N ARG E 143 68.25 -35.58 18.52
CA ARG E 143 68.97 -35.88 17.28
C ARG E 143 68.31 -35.19 16.09
N ASP E 144 66.97 -35.23 16.02
CA ASP E 144 66.19 -34.60 14.96
C ASP E 144 66.36 -33.08 14.95
N LEU E 145 66.38 -32.46 16.16
CA LEU E 145 66.59 -31.01 16.34
C LEU E 145 67.99 -30.63 15.90
N ARG E 146 68.97 -31.45 16.24
CA ARG E 146 70.35 -31.22 15.83
C ARG E 146 70.46 -31.27 14.30
N PHE E 147 69.71 -32.19 13.65
CA PHE E 147 69.65 -32.34 12.20
C PHE E 147 69.09 -31.06 11.57
N GLY E 148 68.02 -30.52 12.15
CA GLY E 148 67.40 -29.31 11.66
C GLY E 148 68.34 -28.13 11.73
N VAL E 149 69.15 -28.05 12.79
CA VAL E 149 70.13 -26.98 12.96
C VAL E 149 71.19 -27.10 11.86
N GLU E 150 71.75 -28.31 11.69
CA GLU E 150 72.77 -28.60 10.67
C GLU E 150 72.30 -28.33 9.25
N HIS E 151 71.00 -28.51 8.99
CA HIS E 151 70.42 -28.29 7.67
C HIS E 151 69.75 -26.92 7.46
N GLY E 152 69.84 -26.03 8.45
CA GLY E 152 69.28 -24.69 8.36
C GLY E 152 67.76 -24.54 8.24
N VAL E 153 67.00 -25.22 9.10
CA VAL E 153 65.54 -25.06 9.09
C VAL E 153 65.19 -23.71 9.72
N ASP E 154 64.02 -23.17 9.36
CA ASP E 154 63.60 -21.86 9.85
C ASP E 154 62.69 -21.97 11.07
N ILE E 155 61.80 -22.98 11.07
CA ILE E 155 60.82 -23.18 12.13
C ILE E 155 60.87 -24.61 12.67
N VAL E 156 60.50 -24.79 13.95
CA VAL E 156 60.38 -26.08 14.61
C VAL E 156 58.97 -26.17 15.17
N PHE E 157 58.24 -27.21 14.82
CA PHE E 157 56.92 -27.45 15.35
C PHE E 157 57.11 -28.48 16.46
N ALA E 158 57.24 -28.01 17.70
CA ALA E 158 57.49 -28.90 18.83
C ALA E 158 56.24 -29.71 19.19
N SER E 159 56.31 -31.04 19.03
CA SER E 159 55.18 -31.91 19.34
C SER E 159 54.95 -32.11 20.84
N PHE E 160 53.67 -32.19 21.22
CA PHE E 160 53.16 -32.42 22.56
C PHE E 160 53.81 -31.55 23.66
N VAL E 161 53.79 -30.22 23.47
CA VAL E 161 54.32 -29.31 24.49
C VAL E 161 53.31 -29.30 25.64
N ARG E 162 53.77 -29.52 26.88
CA ARG E 162 52.87 -29.56 28.04
C ARG E 162 53.11 -28.44 29.05
N LYS E 163 54.34 -27.91 29.13
CA LYS E 163 54.68 -26.84 30.07
C LYS E 163 55.81 -25.97 29.51
N ALA E 164 56.14 -24.85 30.17
CA ALA E 164 57.19 -23.94 29.70
C ALA E 164 58.58 -24.58 29.70
N SER E 165 58.80 -25.59 30.54
CA SER E 165 60.08 -26.29 30.59
C SER E 165 60.34 -27.13 29.33
N ASP E 166 59.26 -27.59 28.64
CA ASP E 166 59.34 -28.36 27.38
C ASP E 166 59.88 -27.47 26.25
N VAL E 167 59.46 -26.21 26.21
CA VAL E 167 59.93 -25.23 25.24
C VAL E 167 61.41 -24.93 25.49
N ALA E 168 61.77 -24.75 26.78
CA ALA E 168 63.14 -24.50 27.21
C ALA E 168 64.05 -25.67 26.80
N ALA E 169 63.54 -26.91 26.91
CA ALA E 169 64.26 -28.13 26.53
C ALA E 169 64.56 -28.13 25.03
N VAL E 170 63.59 -27.71 24.21
CA VAL E 170 63.77 -27.63 22.76
C VAL E 170 64.75 -26.50 22.39
N ARG E 171 64.68 -25.36 23.09
CA ARG E 171 65.59 -24.26 22.87
C ARG E 171 67.03 -24.64 23.23
N ALA E 172 67.20 -25.45 24.28
CA ALA E 172 68.51 -25.95 24.71
C ALA E 172 69.07 -26.93 23.67
N ALA E 173 68.22 -27.83 23.14
CA ALA E 173 68.61 -28.83 22.12
C ALA E 173 69.05 -28.22 20.77
N LEU E 174 68.55 -27.02 20.40
CA LEU E 174 69.02 -26.33 19.18
C LEU E 174 70.45 -25.73 19.40
N GLY E 175 70.80 -25.48 20.66
CA GLY E 175 72.11 -24.98 21.05
C GLY E 175 72.34 -23.54 20.68
N PRO E 176 73.63 -23.15 20.69
CA PRO E 176 73.95 -21.76 20.30
C PRO E 176 73.88 -21.50 18.80
N GLU E 177 73.94 -22.56 17.98
CA GLU E 177 73.85 -22.43 16.53
C GLU E 177 72.40 -22.28 16.03
N GLY E 178 71.46 -22.88 16.74
CA GLY E 178 70.04 -22.84 16.39
C GLY E 178 69.24 -21.81 17.16
N HIS E 179 69.85 -20.66 17.46
CA HIS E 179 69.16 -19.60 18.20
C HIS E 179 68.16 -18.80 17.33
N GLY E 180 68.39 -18.76 16.01
CA GLY E 180 67.53 -18.02 15.09
C GLY E 180 66.25 -18.71 14.71
N ILE E 181 66.20 -20.04 14.89
CA ILE E 181 65.03 -20.89 14.58
C ILE E 181 63.81 -20.55 15.48
N LYS E 182 62.61 -20.48 14.87
CA LYS E 182 61.37 -20.17 15.58
C LYS E 182 60.77 -21.43 16.19
N ILE E 183 60.24 -21.31 17.42
CA ILE E 183 59.63 -22.45 18.09
C ILE E 183 58.11 -22.30 18.18
N ILE E 184 57.40 -23.09 17.40
CA ILE E 184 55.94 -23.10 17.39
C ILE E 184 55.50 -24.30 18.22
N SER E 185 55.00 -24.06 19.42
CA SER E 185 54.58 -25.14 20.31
C SER E 185 53.27 -25.74 19.89
N LYS E 186 53.22 -27.06 19.72
CA LYS E 186 51.97 -27.73 19.35
C LYS E 186 51.20 -28.10 20.59
N ILE E 187 49.99 -27.55 20.75
CA ILE E 187 49.16 -27.90 21.88
C ILE E 187 48.29 -29.06 21.44
N GLU E 188 48.59 -30.29 21.91
CA GLU E 188 47.87 -31.48 21.46
C GLU E 188 47.14 -32.25 22.57
N ASN E 189 47.25 -31.80 23.83
CA ASN E 189 46.61 -32.50 24.97
C ASN E 189 46.02 -31.51 26.02
N HIS E 190 45.27 -32.04 27.01
CA HIS E 190 44.65 -31.22 28.05
C HIS E 190 45.64 -30.41 28.90
N GLU E 191 46.82 -30.98 29.24
CA GLU E 191 47.78 -30.27 30.06
C GLU E 191 48.29 -29.01 29.36
N GLY E 192 48.57 -29.15 28.07
CA GLY E 192 49.04 -28.05 27.23
C GLY E 192 48.04 -26.94 27.10
N VAL E 193 46.74 -27.30 27.05
CA VAL E 193 45.63 -26.34 26.98
C VAL E 193 45.52 -25.54 28.29
N LYS E 194 45.72 -26.23 29.42
CA LYS E 194 45.66 -25.59 30.74
C LYS E 194 46.85 -24.69 31.01
N ARG E 195 48.05 -25.15 30.68
CA ARG E 195 49.26 -24.36 30.87
C ARG E 195 49.56 -23.44 29.68
N PHE E 196 48.59 -23.22 28.77
CA PHE E 196 48.73 -22.39 27.57
C PHE E 196 49.43 -21.06 27.80
N ASP E 197 49.03 -20.31 28.82
CA ASP E 197 49.60 -18.99 29.08
C ASP E 197 51.12 -19.02 29.31
N GLU E 198 51.61 -20.03 30.04
CA GLU E 198 53.03 -20.16 30.32
C GLU E 198 53.82 -20.63 29.10
N ILE E 199 53.18 -21.49 28.27
CA ILE E 199 53.77 -22.01 27.05
C ILE E 199 53.92 -20.88 26.01
N LEU E 200 52.82 -20.15 25.73
CA LEU E 200 52.83 -19.05 24.78
C LEU E 200 53.85 -17.98 25.17
N GLU E 201 54.02 -17.75 26.47
CA GLU E 201 54.97 -16.76 27.00
C GLU E 201 56.41 -17.04 26.55
N VAL E 202 56.81 -18.32 26.56
CA VAL E 202 58.16 -18.71 26.18
C VAL E 202 58.30 -19.20 24.71
N SER E 203 57.17 -19.41 24.01
CA SER E 203 57.19 -19.84 22.61
C SER E 203 57.15 -18.66 21.65
N ASP E 204 57.60 -18.89 20.41
CA ASP E 204 57.52 -17.87 19.36
C ASP E 204 56.09 -17.81 18.74
N GLY E 205 55.35 -18.92 18.84
CA GLY E 205 54.00 -19.06 18.34
C GLY E 205 53.39 -20.40 18.74
N ILE E 206 52.17 -20.65 18.30
CA ILE E 206 51.45 -21.88 18.67
C ILE E 206 50.84 -22.57 17.44
N MET E 207 50.63 -23.88 17.54
CA MET E 207 49.95 -24.62 16.51
C MET E 207 48.82 -25.38 17.18
N VAL E 208 47.61 -25.18 16.70
CA VAL E 208 46.46 -25.89 17.22
C VAL E 208 46.40 -27.24 16.53
N ALA E 209 47.10 -28.22 17.12
CA ALA E 209 47.19 -29.57 16.62
C ALA E 209 45.88 -30.30 16.93
N ARG E 210 44.86 -30.12 16.06
CA ARG E 210 43.52 -30.67 16.28
C ARG E 210 43.38 -32.20 16.20
N GLY E 211 44.32 -32.87 15.54
CA GLY E 211 44.27 -34.32 15.42
C GLY E 211 44.40 -35.03 16.74
N ASP E 212 45.51 -34.80 17.45
CA ASP E 212 45.72 -35.39 18.76
C ASP E 212 44.82 -34.75 19.80
N LEU E 213 44.56 -33.43 19.68
CA LEU E 213 43.68 -32.71 20.59
C LEU E 213 42.25 -33.27 20.56
N GLY E 214 41.79 -33.72 19.39
CA GLY E 214 40.47 -34.33 19.25
C GLY E 214 40.32 -35.71 19.88
N ILE E 215 41.46 -36.31 20.28
CA ILE E 215 41.53 -37.62 20.92
C ILE E 215 41.74 -37.46 22.45
N GLU E 216 42.63 -36.51 22.85
CA GLU E 216 42.93 -36.23 24.26
C GLU E 216 41.76 -35.57 24.99
N ILE E 217 41.07 -34.65 24.29
CA ILE E 217 39.89 -33.96 24.82
C ILE E 217 38.64 -34.36 23.99
N PRO E 218 37.39 -34.20 24.51
CA PRO E 218 36.20 -34.56 23.72
C PRO E 218 36.18 -33.85 22.36
N ALA E 219 35.82 -34.56 21.30
CA ALA E 219 35.80 -33.96 19.96
C ALA E 219 34.97 -32.68 19.85
N GLU E 220 33.85 -32.62 20.60
CA GLU E 220 32.94 -31.46 20.63
C GLU E 220 33.48 -30.24 21.41
N LYS E 221 34.64 -30.37 22.05
CA LYS E 221 35.27 -29.29 22.80
C LYS E 221 36.50 -28.70 22.10
N VAL E 222 36.94 -29.31 20.98
CA VAL E 222 38.13 -28.90 20.25
C VAL E 222 37.99 -27.49 19.66
N PHE E 223 36.79 -27.15 19.14
CA PHE E 223 36.58 -25.80 18.57
C PHE E 223 36.77 -24.65 19.62
N LEU E 224 36.46 -24.91 20.92
CA LEU E 224 36.63 -23.93 22.00
C LEU E 224 38.09 -23.68 22.28
N ALA E 225 38.90 -24.76 22.21
CA ALA E 225 40.34 -24.70 22.41
C ALA E 225 40.94 -23.92 21.24
N GLN E 226 40.53 -24.25 19.99
CA GLN E 226 41.01 -23.55 18.80
C GLN E 226 40.73 -22.04 18.89
N LYS E 227 39.46 -21.66 19.12
CA LYS E 227 39.04 -20.27 19.23
C LYS E 227 39.70 -19.54 20.39
N MET E 228 39.92 -20.23 21.53
CA MET E 228 40.58 -19.60 22.67
C MET E 228 42.03 -19.32 22.37
N MET E 229 42.74 -20.32 21.84
CA MET E 229 44.15 -20.22 21.52
C MET E 229 44.43 -19.22 20.45
N ILE E 230 43.61 -19.19 19.39
CA ILE E 230 43.76 -18.20 18.33
C ILE E 230 43.59 -16.76 18.87
N GLY E 231 42.56 -16.54 19.69
CA GLY E 231 42.29 -15.24 20.28
C GLY E 231 43.40 -14.77 21.21
N ARG E 232 43.94 -15.71 22.02
CA ARG E 232 45.03 -15.40 22.94
C ARG E 232 46.31 -15.07 22.20
N CYS E 233 46.58 -15.78 21.08
CA CYS E 233 47.73 -15.55 20.22
C CYS E 233 47.63 -14.22 19.55
N ASN E 234 46.44 -13.89 19.05
CA ASN E 234 46.16 -12.62 18.39
C ASN E 234 46.39 -11.44 19.36
N LEU E 235 45.97 -11.64 20.63
CA LEU E 235 46.15 -10.66 21.68
C LEU E 235 47.64 -10.45 21.97
N ALA E 236 48.40 -11.58 22.05
CA ALA E 236 49.84 -11.61 22.32
C ALA E 236 50.70 -11.06 21.17
N GLY E 237 50.17 -11.08 19.95
CA GLY E 237 50.91 -10.63 18.77
C GLY E 237 51.82 -11.70 18.20
N LYS E 238 51.57 -12.99 18.54
CA LYS E 238 52.36 -14.13 18.09
C LYS E 238 51.60 -14.99 17.06
N PRO E 239 52.30 -15.48 16.03
CA PRO E 239 51.63 -16.32 15.02
C PRO E 239 50.98 -17.61 15.53
N VAL E 240 49.80 -17.94 14.99
CA VAL E 240 49.06 -19.15 15.37
C VAL E 240 48.73 -19.97 14.10
N VAL E 241 48.91 -21.29 14.17
CA VAL E 241 48.63 -22.16 13.02
C VAL E 241 47.43 -23.05 13.28
N CYS E 242 46.49 -23.15 12.33
CA CYS E 242 45.37 -24.08 12.47
C CYS E 242 45.77 -25.34 11.71
N ALA E 243 45.68 -26.51 12.33
CA ALA E 243 46.14 -27.74 11.70
C ALA E 243 45.17 -28.91 11.73
N THR E 244 45.38 -29.92 10.85
CA THR E 244 44.71 -31.22 10.76
C THR E 244 43.28 -31.25 10.21
N GLN E 245 43.07 -32.12 9.19
CA GLN E 245 41.81 -32.46 8.53
C GLN E 245 41.04 -31.27 7.97
N MET E 246 41.76 -30.21 7.56
CA MET E 246 41.12 -29.02 7.00
C MET E 246 40.39 -29.32 5.68
N LEU E 247 41.01 -30.08 4.78
CA LEU E 247 40.40 -30.50 3.52
C LEU E 247 40.61 -32.02 3.35
N GLU E 248 40.41 -32.78 4.44
CA GLU E 248 40.64 -34.23 4.50
C GLU E 248 40.10 -35.05 3.33
N SER E 249 38.88 -34.77 2.85
CA SER E 249 38.29 -35.52 1.72
C SER E 249 39.07 -35.37 0.43
N MET E 250 39.90 -34.30 0.29
CA MET E 250 40.71 -34.04 -0.90
C MET E 250 41.88 -35.03 -1.09
N ILE E 251 42.13 -35.90 -0.09
CA ILE E 251 43.12 -36.96 -0.16
C ILE E 251 42.68 -37.94 -1.28
N THR E 252 41.37 -38.23 -1.38
CA THR E 252 40.83 -39.12 -2.41
C THR E 252 39.92 -38.41 -3.45
N LYS E 253 39.30 -37.27 -3.10
CA LYS E 253 38.38 -36.57 -4.02
C LYS E 253 38.94 -35.22 -4.52
N PRO E 254 38.54 -34.76 -5.73
CA PRO E 254 39.09 -33.48 -6.26
C PRO E 254 38.46 -32.21 -5.67
N ARG E 255 37.30 -32.36 -5.01
CA ARG E 255 36.58 -31.26 -4.39
C ARG E 255 36.29 -31.58 -2.91
N PRO E 256 36.39 -30.56 -2.03
CA PRO E 256 36.12 -30.83 -0.61
C PRO E 256 34.64 -30.75 -0.26
N THR E 257 34.29 -31.21 0.94
CA THR E 257 32.91 -31.16 1.40
C THR E 257 32.55 -29.73 1.84
N ARG E 258 31.24 -29.47 2.05
CA ARG E 258 30.75 -28.18 2.52
C ARG E 258 31.25 -27.84 3.93
N ALA E 259 31.55 -28.87 4.74
CA ALA E 259 32.09 -28.71 6.07
C ALA E 259 33.56 -28.28 6.03
N GLU E 260 34.34 -28.84 5.09
CA GLU E 260 35.76 -28.57 4.94
C GLU E 260 36.05 -27.18 4.46
N THR E 261 35.28 -26.69 3.47
CA THR E 261 35.47 -25.31 3.00
C THR E 261 35.09 -24.33 4.14
N SER E 262 34.01 -24.66 4.88
CA SER E 262 33.53 -23.90 6.04
C SER E 262 34.61 -23.85 7.12
N ASP E 263 35.24 -24.99 7.42
CA ASP E 263 36.29 -25.09 8.43
C ASP E 263 37.46 -24.15 8.12
N VAL E 264 37.99 -24.23 6.88
CA VAL E 264 39.09 -23.42 6.42
C VAL E 264 38.75 -21.95 6.50
N ALA E 265 37.56 -21.57 6.00
CA ALA E 265 37.12 -20.18 6.03
C ALA E 265 36.98 -19.64 7.44
N ASN E 266 36.47 -20.48 8.35
CA ASN E 266 36.29 -20.08 9.74
C ASN E 266 37.60 -19.98 10.49
N ALA E 267 38.60 -20.83 10.18
CA ALA E 267 39.91 -20.73 10.81
C ALA E 267 40.55 -19.38 10.47
N VAL E 268 40.40 -18.93 9.22
CA VAL E 268 40.90 -17.63 8.77
C VAL E 268 40.14 -16.54 9.50
N LEU E 269 38.82 -16.67 9.58
CA LEU E 269 37.99 -15.68 10.25
C LEU E 269 38.32 -15.57 11.75
N ASP E 270 38.59 -16.70 12.43
CA ASP E 270 39.00 -16.77 13.84
C ASP E 270 40.26 -15.92 14.10
N GLY E 271 41.16 -15.88 13.13
CA GLY E 271 42.36 -15.08 13.23
C GLY E 271 43.63 -15.89 13.12
N ALA E 272 43.58 -17.06 12.46
CA ALA E 272 44.78 -17.90 12.32
C ALA E 272 45.75 -17.25 11.33
N ASP E 273 47.03 -17.19 11.70
CA ASP E 273 48.06 -16.61 10.85
C ASP E 273 48.42 -17.58 9.70
N CYS E 274 48.38 -18.90 9.96
CA CYS E 274 48.68 -19.94 8.99
C CYS E 274 47.65 -21.05 9.02
N ILE E 275 47.42 -21.68 7.87
CA ILE E 275 46.56 -22.86 7.75
C ILE E 275 47.41 -24.01 7.19
N MET E 276 47.08 -25.26 7.54
CA MET E 276 47.93 -26.39 7.18
C MET E 276 47.25 -27.60 6.53
N LEU E 277 47.94 -28.19 5.56
CA LEU E 277 47.52 -29.41 4.89
C LEU E 277 48.49 -30.51 5.34
N SER E 278 47.97 -31.60 5.92
CA SER E 278 48.82 -32.69 6.39
C SER E 278 48.88 -33.84 5.33
N GLY E 279 47.99 -34.84 5.44
CA GLY E 279 47.90 -35.95 4.50
C GLY E 279 47.30 -35.60 3.14
N GLU E 280 46.74 -34.39 3.02
CA GLU E 280 46.16 -33.91 1.76
C GLU E 280 47.25 -33.56 0.73
N THR E 281 48.45 -33.11 1.21
CA THR E 281 49.61 -32.80 0.37
C THR E 281 50.71 -33.88 0.46
N ALA E 282 50.85 -34.53 1.62
CA ALA E 282 51.88 -35.55 1.80
C ALA E 282 51.57 -36.84 1.06
N LYS E 283 50.33 -37.35 1.13
CA LYS E 283 49.99 -38.62 0.48
C LYS E 283 48.70 -38.61 -0.39
N GLY E 284 47.98 -37.51 -0.41
CA GLY E 284 46.73 -37.40 -1.17
C GLY E 284 46.93 -37.38 -2.67
N ASN E 285 45.89 -37.79 -3.40
CA ASN E 285 45.88 -37.81 -4.87
C ASN E 285 45.85 -36.39 -5.48
N PHE E 286 45.44 -35.36 -4.69
CA PHE E 286 45.33 -33.98 -5.17
C PHE E 286 46.11 -33.02 -4.26
N PRO E 287 47.44 -33.01 -4.30
CA PRO E 287 48.19 -32.09 -3.41
C PRO E 287 48.19 -30.64 -3.88
N VAL E 288 48.37 -30.42 -5.18
CA VAL E 288 48.36 -29.07 -5.73
C VAL E 288 46.95 -28.46 -5.67
N GLU E 289 45.91 -29.31 -5.85
CA GLU E 289 44.52 -28.90 -5.81
C GLU E 289 44.09 -28.40 -4.43
N ALA E 290 44.57 -29.05 -3.34
CA ALA E 290 44.28 -28.65 -1.95
C ALA E 290 44.97 -27.34 -1.56
N VAL E 291 46.15 -27.02 -2.16
CA VAL E 291 46.87 -25.74 -1.96
C VAL E 291 46.08 -24.63 -2.66
N LYS E 292 45.64 -24.91 -3.91
CA LYS E 292 44.84 -23.99 -4.72
C LYS E 292 43.52 -23.66 -4.02
N MET E 293 42.86 -24.68 -3.47
CA MET E 293 41.60 -24.57 -2.75
C MET E 293 41.77 -23.76 -1.48
N GLN E 294 42.83 -24.03 -0.69
CA GLN E 294 43.09 -23.26 0.53
C GLN E 294 43.35 -21.80 0.20
N HIS E 295 44.09 -21.54 -0.89
CA HIS E 295 44.37 -20.18 -1.35
C HIS E 295 43.06 -19.44 -1.65
N ALA E 296 42.16 -20.09 -2.41
CA ALA E 296 40.87 -19.53 -2.83
C ALA E 296 39.96 -19.14 -1.68
N ILE E 297 39.77 -20.07 -0.70
CA ILE E 297 38.93 -19.86 0.47
C ILE E 297 39.51 -18.76 1.35
N ALA E 298 40.85 -18.75 1.55
CA ALA E 298 41.53 -17.73 2.37
C ALA E 298 41.33 -16.32 1.82
N ARG E 299 41.53 -16.10 0.51
CA ARG E 299 41.31 -14.84 -0.16
C ARG E 299 39.90 -14.30 0.09
N GLU E 300 38.89 -15.19 0.03
CA GLU E 300 37.48 -14.84 0.25
C GLU E 300 37.22 -14.48 1.70
N ALA E 301 37.72 -15.31 2.64
CA ALA E 301 37.53 -15.12 4.06
C ALA E 301 38.16 -13.83 4.55
N GLU E 302 39.37 -13.51 4.11
CA GLU E 302 40.06 -12.28 4.52
C GLU E 302 39.31 -11.02 4.13
N ALA E 303 38.63 -11.03 2.98
CA ALA E 303 37.82 -9.91 2.55
C ALA E 303 36.61 -9.70 3.50
N ALA E 304 36.02 -10.80 3.95
CA ALA E 304 34.87 -10.80 4.86
C ALA E 304 35.21 -10.53 6.33
N VAL E 305 36.48 -10.24 6.65
CA VAL E 305 36.86 -9.93 8.01
C VAL E 305 36.31 -8.56 8.37
N TYR E 306 35.65 -8.45 9.53
CA TYR E 306 35.04 -7.20 9.96
C TYR E 306 36.09 -6.30 10.62
N HIS E 307 36.92 -5.65 9.80
CA HIS E 307 38.01 -4.81 10.28
C HIS E 307 37.57 -3.68 11.19
N ARG E 308 36.36 -3.13 10.99
CA ARG E 308 35.86 -2.04 11.85
C ARG E 308 35.92 -2.39 13.36
N GLN E 309 35.34 -3.53 13.73
CA GLN E 309 35.38 -3.98 15.11
C GLN E 309 36.73 -4.60 15.45
N LEU E 310 37.32 -5.37 14.51
CA LEU E 310 38.60 -6.02 14.76
C LEU E 310 39.70 -5.05 15.15
N PHE E 311 39.90 -3.99 14.37
CA PHE E 311 40.95 -3.03 14.65
C PHE E 311 40.67 -2.30 15.94
N GLU E 312 39.42 -1.91 16.17
CA GLU E 312 39.09 -1.18 17.41
C GLU E 312 39.30 -2.02 18.67
N GLU E 313 39.04 -3.32 18.56
CA GLU E 313 39.24 -4.24 19.69
C GLU E 313 40.71 -4.51 19.89
N LEU E 314 41.46 -4.71 18.80
CA LEU E 314 42.89 -4.92 18.87
C LEU E 314 43.58 -3.67 19.40
N ARG E 315 43.07 -2.47 19.04
CA ARG E 315 43.55 -1.17 19.46
C ARG E 315 43.43 -1.02 20.99
N ARG E 316 42.22 -1.33 21.52
CA ARG E 316 41.83 -1.24 22.93
C ARG E 316 42.58 -2.27 23.77
N ALA E 317 42.66 -3.52 23.26
CA ALA E 317 43.31 -4.65 23.94
C ALA E 317 44.83 -4.58 24.03
N ALA E 318 45.53 -4.06 23.00
CA ALA E 318 46.98 -3.96 23.05
C ALA E 318 47.36 -2.87 24.05
N PRO E 319 48.32 -3.18 24.94
CA PRO E 319 48.67 -2.23 25.99
C PRO E 319 49.41 -1.01 25.50
N LEU E 320 49.46 0.03 26.34
CA LEU E 320 50.24 1.22 26.04
C LEU E 320 51.72 0.81 26.02
N SER E 321 52.46 1.36 25.07
CA SER E 321 53.86 0.98 24.95
C SER E 321 54.73 2.17 24.82
N ARG E 322 55.88 2.09 25.46
CA ARG E 322 56.87 3.13 25.31
C ARG E 322 58.00 2.72 24.32
N ASP E 323 57.74 1.67 23.48
CA ASP E 323 58.67 1.18 22.48
C ASP E 323 58.38 1.84 21.16
N PRO E 324 59.35 2.59 20.62
CA PRO E 324 59.11 3.29 19.33
C PRO E 324 58.63 2.42 18.19
N THR E 325 59.09 1.17 18.12
CA THR E 325 58.66 0.26 17.05
C THR E 325 57.15 -0.01 17.21
N GLU E 326 56.72 -0.32 18.46
CA GLU E 326 55.32 -0.61 18.82
C GLU E 326 54.40 0.58 18.54
N VAL E 327 54.89 1.79 18.84
CA VAL E 327 54.18 3.06 18.67
C VAL E 327 54.06 3.43 17.20
N THR E 328 55.14 3.29 16.45
CA THR E 328 55.14 3.56 15.01
C THR E 328 54.24 2.54 14.31
N ALA E 329 54.20 1.27 14.79
CA ALA E 329 53.37 0.20 14.22
C ALA E 329 51.89 0.56 14.28
N ILE E 330 51.39 1.01 15.46
CA ILE E 330 49.98 1.37 15.56
C ILE E 330 49.67 2.68 14.80
N GLY E 331 50.60 3.63 14.82
CA GLY E 331 50.43 4.87 14.08
C GLY E 331 50.35 4.64 12.59
N ALA E 332 51.18 3.71 12.07
CA ALA E 332 51.22 3.37 10.65
C ALA E 332 49.96 2.66 10.21
N VAL E 333 49.47 1.69 11.00
CA VAL E 333 48.25 0.97 10.68
C VAL E 333 47.03 1.92 10.72
N GLU E 334 47.02 2.87 11.66
CA GLU E 334 45.95 3.86 11.73
C GLU E 334 45.96 4.76 10.49
N ALA E 335 47.16 5.19 10.06
CA ALA E 335 47.31 6.03 8.88
C ALA E 335 46.91 5.27 7.62
N ALA E 336 47.27 3.98 7.53
CA ALA E 336 46.93 3.13 6.39
C ALA E 336 45.42 3.01 6.21
N PHE E 337 44.68 2.91 7.31
CA PHE E 337 43.23 2.81 7.25
C PHE E 337 42.56 4.14 6.85
N LYS E 338 43.12 5.27 7.25
CA LYS E 338 42.59 6.61 6.95
C LYS E 338 42.55 6.91 5.45
N CYS E 339 43.59 6.52 4.72
CA CYS E 339 43.68 6.79 3.29
C CYS E 339 43.43 5.56 2.40
N CYS E 340 43.11 4.39 2.99
CA CYS E 340 42.96 3.13 2.26
C CYS E 340 44.24 2.81 1.50
N ALA E 341 45.37 2.81 2.24
CA ALA E 341 46.69 2.56 1.67
C ALA E 341 46.75 1.22 0.99
N ALA E 342 47.36 1.18 -0.19
CA ALA E 342 47.48 -0.05 -0.94
C ALA E 342 48.41 -1.04 -0.24
N ALA E 343 49.45 -0.54 0.44
CA ALA E 343 50.41 -1.37 1.14
C ALA E 343 51.14 -0.56 2.21
N ILE E 344 51.82 -1.26 3.14
CA ILE E 344 52.67 -0.65 4.15
C ILE E 344 54.03 -1.26 3.88
N ILE E 345 55.02 -0.46 3.48
CA ILE E 345 56.33 -0.98 3.19
C ILE E 345 57.20 -0.79 4.38
N VAL E 346 57.70 -1.89 4.95
CA VAL E 346 58.52 -1.81 6.15
C VAL E 346 59.90 -2.42 5.95
N LEU E 347 60.94 -1.68 6.38
CA LEU E 347 62.31 -2.15 6.30
C LEU E 347 62.59 -2.89 7.59
N THR E 348 62.85 -4.20 7.50
CA THR E 348 63.10 -5.01 8.70
C THR E 348 64.40 -5.84 8.56
N THR E 349 65.00 -6.16 9.70
CA THR E 349 66.23 -6.93 9.75
C THR E 349 65.90 -8.35 10.28
N THR E 350 65.21 -8.41 11.44
CA THR E 350 64.78 -9.64 12.10
C THR E 350 63.34 -10.05 11.73
N GLY E 351 62.54 -9.10 11.24
CA GLY E 351 61.13 -9.31 10.92
C GLY E 351 60.21 -8.71 11.98
N ARG E 352 60.76 -8.36 13.16
CA ARG E 352 60.01 -7.80 14.27
C ARG E 352 59.10 -6.63 13.90
N SER E 353 59.61 -5.62 13.18
CA SER E 353 58.80 -4.48 12.77
C SER E 353 57.60 -4.90 11.94
N ALA E 354 57.78 -5.89 11.05
CA ALA E 354 56.70 -6.37 10.22
C ALA E 354 55.67 -7.14 11.07
N GLN E 355 56.15 -7.90 12.07
CA GLN E 355 55.30 -8.65 12.99
C GLN E 355 54.45 -7.68 13.80
N LEU E 356 55.05 -6.57 14.26
CA LEU E 356 54.33 -5.54 15.01
C LEU E 356 53.29 -4.80 14.19
N LEU E 357 53.45 -4.74 12.87
CA LEU E 357 52.45 -4.13 12.01
C LEU E 357 51.30 -5.14 11.82
N SER E 358 51.66 -6.42 11.58
CA SER E 358 50.73 -7.55 11.36
CA SER E 358 50.71 -7.51 11.36
C SER E 358 49.74 -7.74 12.51
N ARG E 359 50.21 -7.61 13.77
CA ARG E 359 49.38 -7.80 14.98
C ARG E 359 48.13 -6.92 15.02
N TYR E 360 48.16 -5.76 14.34
CA TYR E 360 47.00 -4.87 14.27
C TYR E 360 46.07 -5.16 13.09
N ARG E 361 46.28 -6.29 12.38
CA ARG E 361 45.51 -6.78 11.27
C ARG E 361 45.08 -5.70 10.29
N PRO E 362 46.06 -5.03 9.65
CA PRO E 362 45.69 -4.02 8.64
C PRO E 362 45.10 -4.67 7.39
N ARG E 363 44.30 -3.90 6.64
CA ARG E 363 43.79 -4.38 5.35
C ARG E 363 44.88 -4.19 4.26
N ALA E 364 45.81 -3.21 4.45
CA ALA E 364 46.94 -2.95 3.54
C ALA E 364 47.97 -4.07 3.68
N ALA E 365 48.60 -4.45 2.56
CA ALA E 365 49.59 -5.52 2.58
C ALA E 365 50.88 -5.06 3.18
N VAL E 366 51.42 -5.80 4.17
CA VAL E 366 52.69 -5.44 4.77
C VAL E 366 53.82 -5.99 3.91
N ILE E 367 54.33 -5.17 2.98
CA ILE E 367 55.43 -5.55 2.13
C ILE E 367 56.70 -5.33 2.96
N ALA E 368 57.36 -6.42 3.37
CA ALA E 368 58.53 -6.31 4.22
C ALA E 368 59.81 -6.56 3.46
N VAL E 369 60.68 -5.53 3.35
CA VAL E 369 61.97 -5.61 2.67
C VAL E 369 63.11 -5.94 3.67
N THR E 370 63.73 -7.12 3.51
CA THR E 370 64.80 -7.57 4.40
C THR E 370 65.97 -8.16 3.61
N ARG E 371 67.18 -7.97 4.16
CA ARG E 371 68.37 -8.57 3.58
C ARG E 371 68.59 -10.00 4.14
N SER E 372 67.96 -10.34 5.28
CA SER E 372 68.04 -11.62 5.94
C SER E 372 67.15 -12.65 5.25
N ALA E 373 67.74 -13.72 4.68
CA ALA E 373 66.99 -14.77 4.01
C ALA E 373 66.16 -15.58 5.00
N GLN E 374 66.70 -15.81 6.21
CA GLN E 374 65.97 -16.54 7.23
C GLN E 374 64.75 -15.73 7.69
N ALA E 375 64.90 -14.41 7.93
CA ALA E 375 63.78 -13.56 8.33
C ALA E 375 62.72 -13.54 7.23
N ALA E 376 63.12 -13.45 5.94
CA ALA E 376 62.20 -13.44 4.81
C ALA E 376 61.37 -14.73 4.73
N ARG E 377 61.95 -15.85 5.13
CA ARG E 377 61.22 -17.12 5.12
C ARG E 377 60.31 -17.18 6.34
N GLN E 378 60.83 -16.78 7.51
CA GLN E 378 60.10 -16.80 8.78
C GLN E 378 58.92 -15.84 8.90
N VAL E 379 58.89 -14.72 8.14
CA VAL E 379 57.74 -13.82 8.21
C VAL E 379 56.48 -14.39 7.57
N HIS E 380 56.56 -15.57 6.93
CA HIS E 380 55.36 -16.25 6.43
C HIS E 380 54.47 -16.68 7.62
N LEU E 381 55.07 -16.87 8.81
CA LEU E 381 54.35 -17.16 10.03
C LEU E 381 53.37 -16.04 10.36
N CYS E 382 53.67 -14.78 10.00
CA CYS E 382 52.76 -13.66 10.26
C CYS E 382 51.82 -13.39 9.11
N ARG E 383 50.53 -13.28 9.42
CA ARG E 383 49.52 -13.03 8.40
C ARG E 383 49.65 -11.61 7.88
N GLY E 384 49.61 -11.48 6.56
CA GLY E 384 49.65 -10.18 5.91
C GLY E 384 51.02 -9.62 5.62
N VAL E 385 52.08 -10.41 5.92
CA VAL E 385 53.44 -9.98 5.64
C VAL E 385 53.93 -10.70 4.39
N PHE E 386 54.28 -9.91 3.38
CA PHE E 386 54.74 -10.36 2.08
C PHE E 386 56.23 -10.03 1.98
N PRO E 387 57.09 -11.03 2.23
CA PRO E 387 58.53 -10.77 2.22
C PRO E 387 59.16 -10.52 0.85
N LEU E 388 60.18 -9.65 0.85
CA LEU E 388 60.99 -9.35 -0.31
C LEU E 388 62.43 -9.46 0.15
N LEU E 389 63.23 -10.31 -0.51
CA LEU E 389 64.63 -10.45 -0.15
C LEU E 389 65.45 -9.48 -0.98
N TYR E 390 66.07 -8.51 -0.33
CA TYR E 390 66.91 -7.52 -1.01
C TYR E 390 68.32 -8.08 -1.09
N ARG E 391 68.84 -8.26 -2.31
CA ARG E 391 70.15 -8.88 -2.52
C ARG E 391 71.27 -7.88 -2.88
N GLU E 392 70.93 -6.62 -3.20
CA GLU E 392 71.91 -5.60 -3.58
C GLU E 392 72.89 -5.27 -2.46
N PRO E 393 74.13 -4.91 -2.81
CA PRO E 393 75.11 -4.56 -1.77
C PRO E 393 74.88 -3.15 -1.25
N PRO E 394 75.21 -2.91 0.03
CA PRO E 394 74.94 -1.60 0.65
C PRO E 394 75.58 -0.39 -0.03
N GLU E 395 74.87 0.76 0.00
CA GLU E 395 75.35 2.04 -0.51
C GLU E 395 76.26 2.65 0.58
N ALA E 396 77.15 3.55 0.18
CA ALA E 396 78.04 4.22 1.13
C ALA E 396 77.21 5.10 2.08
N ILE E 397 76.20 5.80 1.54
CA ILE E 397 75.31 6.61 2.36
C ILE E 397 74.14 5.74 2.83
N TRP E 398 73.91 5.65 4.16
CA TRP E 398 72.84 4.82 4.68
C TRP E 398 71.47 5.28 4.24
N ALA E 399 71.22 6.59 4.18
CA ALA E 399 69.95 7.12 3.73
C ALA E 399 69.64 6.70 2.28
N ASP E 400 70.67 6.62 1.43
CA ASP E 400 70.51 6.21 0.05
C ASP E 400 70.18 4.72 -0.02
N ASP E 401 70.83 3.91 0.81
CA ASP E 401 70.58 2.47 0.88
C ASP E 401 69.15 2.17 1.34
N VAL E 402 68.63 3.00 2.24
CA VAL E 402 67.27 2.87 2.72
C VAL E 402 66.29 3.20 1.59
N ASP E 403 66.53 4.29 0.87
CA ASP E 403 65.67 4.67 -0.25
C ASP E 403 65.69 3.66 -1.39
N ARG E 404 66.83 3.00 -1.62
CA ARG E 404 66.91 1.96 -2.66
C ARG E 404 66.07 0.73 -2.28
N ARG E 405 66.00 0.42 -0.98
CA ARG E 405 65.18 -0.68 -0.50
C ARG E 405 63.69 -0.34 -0.54
N VAL E 406 63.34 0.94 -0.29
CA VAL E 406 61.97 1.43 -0.37
C VAL E 406 61.50 1.38 -1.84
N GLN E 407 62.38 1.76 -2.78
CA GLN E 407 62.06 1.69 -4.20
C GLN E 407 61.93 0.26 -4.67
N PHE E 408 62.76 -0.65 -4.16
CA PHE E 408 62.67 -2.08 -4.48
C PHE E 408 61.29 -2.64 -4.09
N GLY E 409 60.77 -2.16 -2.96
CA GLY E 409 59.47 -2.53 -2.46
C GLY E 409 58.36 -1.99 -3.33
N ILE E 410 58.48 -0.72 -3.76
CA ILE E 410 57.47 -0.12 -4.63
C ILE E 410 57.45 -0.79 -6.00
N GLU E 411 58.64 -1.13 -6.53
CA GLU E 411 58.74 -1.80 -7.82
C GLU E 411 58.20 -3.21 -7.78
N SER E 412 58.52 -4.00 -6.74
CA SER E 412 57.97 -5.35 -6.61
C SER E 412 56.46 -5.31 -6.37
N GLY E 413 55.99 -4.28 -5.67
CA GLY E 413 54.56 -4.09 -5.41
C GLY E 413 53.83 -3.82 -6.69
N LYS E 414 54.34 -2.87 -7.48
CA LYS E 414 53.75 -2.53 -8.78
C LYS E 414 53.75 -3.76 -9.69
N LEU E 415 54.88 -4.45 -9.77
CA LEU E 415 55.05 -5.65 -10.59
C LEU E 415 54.06 -6.74 -10.20
N ARG E 416 53.98 -7.09 -8.90
CA ARG E 416 53.09 -8.16 -8.44
C ARG E 416 51.62 -7.76 -8.29
N GLY E 417 51.26 -6.54 -8.67
CA GLY E 417 49.88 -6.07 -8.66
C GLY E 417 49.38 -5.41 -7.39
N PHE E 418 50.21 -5.33 -6.34
CA PHE E 418 49.84 -4.69 -5.08
C PHE E 418 49.63 -3.20 -5.23
N LEU E 419 50.41 -2.57 -6.11
CA LEU E 419 50.38 -1.13 -6.27
C LEU E 419 50.15 -0.71 -7.68
N ARG E 420 49.58 0.46 -7.80
CA ARG E 420 49.41 1.14 -9.07
C ARG E 420 49.70 2.63 -8.84
N VAL E 421 49.96 3.37 -9.92
CA VAL E 421 50.25 4.80 -9.81
C VAL E 421 49.01 5.54 -9.32
N GLY E 422 49.19 6.42 -8.35
CA GLY E 422 48.07 7.12 -7.74
C GLY E 422 47.71 6.59 -6.36
N ASP E 423 48.07 5.31 -6.09
CA ASP E 423 47.83 4.66 -4.80
C ASP E 423 48.66 5.32 -3.70
N LEU E 424 48.16 5.26 -2.46
CA LEU E 424 48.91 5.79 -1.32
C LEU E 424 49.55 4.61 -0.57
N VAL E 425 50.78 4.76 -0.09
CA VAL E 425 51.49 3.74 0.68
C VAL E 425 52.09 4.33 1.94
N ILE E 426 52.20 3.53 3.00
CA ILE E 426 52.78 3.98 4.25
C ILE E 426 54.17 3.35 4.33
N VAL E 427 55.21 4.16 4.48
CA VAL E 427 56.58 3.64 4.56
C VAL E 427 57.08 3.69 5.99
N VAL E 428 57.49 2.55 6.54
CA VAL E 428 57.97 2.45 7.92
C VAL E 428 59.46 2.13 7.94
N THR E 429 60.27 3.05 8.49
CA THR E 429 61.72 2.95 8.59
C THR E 429 62.24 3.33 10.01
N GLY E 430 63.55 3.25 10.21
CA GLY E 430 64.17 3.64 11.46
C GLY E 430 65.07 4.85 11.28
N TRP E 431 65.62 5.34 12.39
CA TRP E 431 66.50 6.51 12.38
C TRP E 431 67.99 6.17 12.19
N ARG E 432 68.37 4.92 12.48
CA ARG E 432 69.75 4.44 12.36
C ARG E 432 69.76 2.94 12.02
N PRO E 433 70.86 2.42 11.42
CA PRO E 433 70.91 0.99 11.08
C PRO E 433 70.90 0.05 12.28
N GLY E 434 70.63 -1.22 12.02
CA GLY E 434 70.55 -2.22 13.08
C GLY E 434 69.12 -2.43 13.51
N SER E 435 68.84 -3.60 14.07
CA SER E 435 67.51 -3.96 14.52
C SER E 435 67.07 -3.18 15.76
N GLY E 436 65.77 -2.92 15.85
CA GLY E 436 65.13 -2.26 16.99
C GLY E 436 64.97 -0.76 16.97
N TYR E 437 65.41 -0.07 15.89
CA TYR E 437 65.33 1.40 15.86
C TYR E 437 64.24 1.96 14.97
N THR E 438 63.21 1.15 14.62
CA THR E 438 62.09 1.62 13.80
C THR E 438 61.35 2.72 14.55
N ASN E 439 61.20 3.89 13.95
CA ASN E 439 60.51 5.01 14.61
C ASN E 439 59.87 6.01 13.63
N ILE E 440 60.02 5.80 12.31
CA ILE E 440 59.50 6.74 11.34
C ILE E 440 58.39 6.17 10.47
N MET E 441 57.38 6.97 10.22
CA MET E 441 56.29 6.60 9.34
CA MET E 441 56.23 6.64 9.38
C MET E 441 56.14 7.72 8.31
N ARG E 442 55.94 7.34 7.05
CA ARG E 442 55.86 8.29 5.96
C ARG E 442 54.69 8.01 5.03
N VAL E 443 53.89 9.03 4.69
CA VAL E 443 52.79 8.86 3.75
C VAL E 443 53.33 9.16 2.36
N LEU E 444 53.29 8.18 1.47
CA LEU E 444 53.87 8.29 0.15
C LEU E 444 52.89 8.05 -0.97
N SER E 445 52.90 8.87 -2.03
CA SER E 445 52.01 8.67 -3.17
CA SER E 445 52.00 8.68 -3.17
C SER E 445 52.77 7.98 -4.29
N ILE E 446 52.25 6.85 -4.82
CA ILE E 446 52.90 6.10 -5.89
C ILE E 446 52.97 6.87 -7.19
N SER E 447 54.20 7.05 -7.70
CA SER E 447 54.52 7.77 -8.92
C SER E 447 54.79 6.82 -10.12
N ALA F 13 45.51 -4.66 32.96
CA ALA F 13 46.11 -5.66 32.06
C ALA F 13 46.72 -4.96 30.82
N ASP F 14 45.96 -4.02 30.21
CA ASP F 14 46.43 -3.19 29.08
C ASP F 14 47.20 -1.93 29.58
N VAL F 15 47.51 -1.87 30.89
CA VAL F 15 48.25 -0.82 31.61
C VAL F 15 49.18 -1.42 32.68
N ALA F 16 49.16 -2.76 32.91
CA ALA F 16 49.99 -3.42 33.91
C ALA F 16 51.49 -3.12 33.73
N GLN F 17 51.98 -3.12 32.46
CA GLN F 17 53.38 -2.83 32.20
C GLN F 17 53.68 -1.33 32.27
N LEU F 18 52.81 -0.47 31.72
CA LEU F 18 53.07 0.97 31.79
C LEU F 18 52.89 1.53 33.21
N THR F 19 52.10 0.86 34.07
CA THR F 19 51.93 1.26 35.47
C THR F 19 53.20 0.94 36.25
N GLN F 20 53.86 -0.18 35.93
CA GLN F 20 55.13 -0.57 36.52
C GLN F 20 56.19 0.46 36.10
N GLU F 21 56.25 0.85 34.82
CA GLU F 21 57.22 1.82 34.30
C GLU F 21 57.00 3.27 34.77
N LEU F 22 55.90 3.90 34.34
CA LEU F 22 55.60 5.29 34.67
C LEU F 22 55.20 5.50 36.14
N GLY F 23 54.69 4.44 36.79
CA GLY F 23 54.35 4.45 38.19
C GLY F 23 52.88 4.56 38.50
N THR F 24 52.47 4.14 39.72
CA THR F 24 51.08 4.24 40.16
C THR F 24 50.69 5.70 40.41
N ALA F 25 51.61 6.54 40.90
CA ALA F 25 51.33 7.95 41.12
C ALA F 25 51.07 8.70 39.82
N PHE F 26 51.69 8.30 38.70
CA PHE F 26 51.45 8.96 37.42
C PHE F 26 50.02 8.71 36.94
N PHE F 27 49.55 7.47 37.12
CA PHE F 27 48.23 7.09 36.66
C PHE F 27 47.09 7.53 37.59
N GLN F 28 47.37 8.32 38.64
CA GLN F 28 46.34 8.89 39.49
C GLN F 28 46.06 10.34 39.07
N GLN F 29 47.09 11.09 38.59
CA GLN F 29 46.98 12.48 38.17
C GLN F 29 46.18 12.62 36.85
N GLN F 30 45.78 13.88 36.52
CA GLN F 30 45.04 14.35 35.34
C GLN F 30 43.91 13.41 34.89
N GLN F 31 43.06 13.01 35.84
CA GLN F 31 41.90 12.12 35.67
C GLN F 31 42.17 10.92 34.74
N LEU F 32 43.34 10.29 34.92
CA LEU F 32 43.70 9.12 34.15
C LEU F 32 42.87 7.89 34.51
N PRO F 33 42.44 7.63 35.77
CA PRO F 33 41.58 6.47 36.01
C PRO F 33 40.22 6.65 35.32
N ALA F 34 39.68 7.88 35.35
CA ALA F 34 38.41 8.24 34.74
C ALA F 34 38.45 8.13 33.21
N ALA F 35 39.56 8.54 32.56
CA ALA F 35 39.71 8.48 31.08
C ALA F 35 39.94 7.07 30.53
N MET F 36 40.35 6.11 31.40
CA MET F 36 40.58 4.70 31.04
C MET F 36 39.31 3.84 31.18
N ALA F 37 38.18 4.43 31.68
CA ALA F 37 36.93 3.72 31.91
C ALA F 37 36.32 3.21 30.62
N ASP F 38 35.72 2.03 30.67
CA ASP F 38 35.09 1.39 29.52
C ASP F 38 33.75 2.03 29.11
N THR F 39 33.08 2.75 30.06
CA THR F 39 31.84 3.46 29.81
C THR F 39 31.93 4.91 30.29
N PHE F 40 31.07 5.79 29.78
CA PHE F 40 30.98 7.18 30.19
C PHE F 40 30.43 7.28 31.62
N LEU F 41 29.53 6.37 32.04
CA LEU F 41 28.98 6.38 33.38
C LEU F 41 30.11 6.06 34.37
N GLU F 42 30.94 5.05 34.04
CA GLU F 42 32.10 4.64 34.84
C GLU F 42 33.13 5.81 34.90
N HIS F 43 33.30 6.54 33.80
CA HIS F 43 34.18 7.71 33.71
C HIS F 43 33.75 8.75 34.75
N LEU F 44 32.45 9.08 34.82
CA LEU F 44 31.91 10.02 35.79
C LEU F 44 32.15 9.55 37.23
N CYS F 45 31.96 8.25 37.51
CA CYS F 45 32.18 7.69 38.83
C CYS F 45 33.63 7.77 39.28
N LEU F 46 34.58 7.79 38.31
CA LEU F 46 36.01 7.82 38.59
C LEU F 46 36.62 9.23 38.65
N LEU F 47 35.80 10.29 38.53
CA LEU F 47 36.32 11.66 38.61
C LEU F 47 36.76 11.94 40.05
N ASP F 48 38.04 12.23 40.25
CA ASP F 48 38.59 12.44 41.58
C ASP F 48 38.98 13.91 41.77
N ILE F 49 38.51 14.58 42.85
CA ILE F 49 38.91 15.96 43.11
C ILE F 49 40.39 16.03 43.53
N ASP F 50 40.92 14.94 44.11
CA ASP F 50 42.32 14.80 44.54
C ASP F 50 43.30 14.42 43.40
N SER F 51 42.78 14.24 42.20
CA SER F 51 43.56 13.95 41.01
C SER F 51 43.89 15.32 40.38
N GLU F 52 45.13 15.78 40.53
CA GLU F 52 45.52 17.10 40.05
C GLU F 52 45.86 17.16 38.55
N PRO F 53 45.55 18.30 37.87
CA PRO F 53 45.90 18.40 36.44
C PRO F 53 47.39 18.60 36.23
N VAL F 54 48.00 17.81 35.32
CA VAL F 54 49.43 17.94 35.08
C VAL F 54 49.69 18.78 33.85
N ALA F 55 49.02 18.44 32.75
CA ALA F 55 49.17 19.13 31.48
C ALA F 55 48.91 20.67 31.53
N ALA F 56 49.44 21.40 30.53
CA ALA F 56 49.23 22.83 30.44
C ALA F 56 47.79 23.08 29.96
N ARG F 57 47.29 24.30 30.22
CA ARG F 57 45.92 24.63 29.82
C ARG F 57 45.86 24.87 28.33
N SER F 58 45.05 24.05 27.63
CA SER F 58 44.90 24.07 26.19
C SER F 58 43.84 25.06 25.65
N THR F 59 42.64 25.13 26.27
CA THR F 59 41.58 26.07 25.86
C THR F 59 42.04 27.49 26.02
N SER F 60 42.09 28.25 24.92
CA SER F 60 42.55 29.62 24.98
C SER F 60 41.54 30.58 25.61
N ILE F 61 42.05 31.68 26.19
CA ILE F 61 41.23 32.69 26.86
C ILE F 61 41.23 33.98 26.09
N ILE F 62 40.03 34.45 25.69
CA ILE F 62 39.84 35.71 25.00
C ILE F 62 39.44 36.73 26.04
N ALA F 63 40.19 37.81 26.18
CA ALA F 63 39.87 38.84 27.17
C ALA F 63 39.51 40.14 26.47
N THR F 64 38.36 40.72 26.82
CA THR F 64 37.95 41.99 26.21
C THR F 64 38.70 43.15 26.83
N ILE F 65 39.39 43.91 25.99
CA ILE F 65 40.18 45.06 26.41
C ILE F 65 39.30 46.28 26.56
N GLY F 66 39.26 46.79 27.78
CA GLY F 66 38.51 47.99 28.11
C GLY F 66 39.26 48.86 29.08
N PRO F 67 38.55 49.79 29.75
CA PRO F 67 39.22 50.66 30.72
C PRO F 67 39.91 49.92 31.88
N ALA F 68 39.28 48.85 32.35
CA ALA F 68 39.83 48.05 33.45
C ALA F 68 41.05 47.20 33.06
N SER F 69 41.38 47.12 31.77
CA SER F 69 42.47 46.28 31.32
C SER F 69 43.21 46.93 30.14
N ARG F 70 43.53 48.24 30.25
CA ARG F 70 44.19 48.95 29.15
C ARG F 70 45.64 49.33 29.38
N SER F 71 46.03 49.55 30.65
CA SER F 71 47.41 49.94 30.94
C SER F 71 48.39 48.83 30.58
N VAL F 72 49.58 49.19 30.08
CA VAL F 72 50.61 48.22 29.71
C VAL F 72 51.00 47.33 30.90
N GLU F 73 50.95 47.89 32.13
CA GLU F 73 51.26 47.14 33.34
C GLU F 73 50.19 46.13 33.69
N ARG F 74 48.90 46.51 33.55
CA ARG F 74 47.73 45.66 33.80
C ARG F 74 47.71 44.54 32.77
N LEU F 75 48.00 44.86 31.49
CA LEU F 75 48.05 43.90 30.38
C LEU F 75 49.13 42.86 30.59
N LYS F 76 50.29 43.28 31.11
CA LYS F 76 51.40 42.36 31.42
C LYS F 76 50.95 41.30 32.43
N GLU F 77 50.15 41.72 33.44
CA GLU F 77 49.58 40.86 34.51
CA GLU F 77 49.65 40.80 34.47
C GLU F 77 48.58 39.85 33.91
N MET F 78 47.77 40.31 32.94
CA MET F 78 46.77 39.47 32.30
CA MET F 78 46.77 39.47 32.30
C MET F 78 47.42 38.44 31.38
N ILE F 79 48.57 38.78 30.76
CA ILE F 79 49.30 37.84 29.91
C ILE F 79 49.84 36.72 30.80
N LYS F 80 50.41 37.10 31.97
CA LYS F 80 50.93 36.15 32.98
C LYS F 80 49.82 35.26 33.56
N ALA F 81 48.60 35.84 33.77
CA ALA F 81 47.43 35.10 34.27
C ALA F 81 46.88 34.07 33.26
N GLY F 82 47.11 34.32 31.96
CA GLY F 82 46.72 33.38 30.91
C GLY F 82 46.02 33.90 29.67
N MET F 83 45.99 35.23 29.44
CA MET F 83 45.31 35.75 28.24
C MET F 83 46.08 35.39 26.95
N ASN F 84 45.36 34.83 25.97
CA ASN F 84 45.94 34.43 24.69
C ASN F 84 45.44 35.30 23.57
N ILE F 85 44.19 35.76 23.63
CA ILE F 85 43.61 36.62 22.61
C ILE F 85 43.05 37.88 23.30
N ALA F 86 43.33 39.07 22.76
CA ALA F 86 42.81 40.31 23.31
C ALA F 86 41.76 40.79 22.34
N ARG F 87 40.52 40.93 22.81
CA ARG F 87 39.39 41.33 22.01
C ARG F 87 39.11 42.82 22.11
N LEU F 88 38.96 43.49 20.96
CA LEU F 88 38.64 44.91 20.93
C LEU F 88 37.18 45.02 20.49
N ASN F 89 36.29 45.46 21.40
CA ASN F 89 34.88 45.60 21.06
C ASN F 89 34.64 46.94 20.35
N PHE F 90 34.41 46.88 19.03
CA PHE F 90 34.18 48.08 18.23
C PHE F 90 32.78 48.67 18.37
N SER F 91 31.94 48.11 19.24
CA SER F 91 30.61 48.65 19.58
C SER F 91 30.76 49.88 20.51
N HIS F 92 31.94 50.05 21.15
CA HIS F 92 32.24 51.16 22.06
C HIS F 92 33.62 51.72 21.71
N GLY F 93 33.78 53.02 21.87
CA GLY F 93 35.06 53.67 21.62
C GLY F 93 35.40 54.02 20.18
N SER F 94 36.28 55.01 20.03
CA SER F 94 36.74 55.53 18.74
C SER F 94 37.89 54.71 18.15
N HIS F 95 38.22 54.94 16.86
CA HIS F 95 39.36 54.30 16.21
C HIS F 95 40.66 54.65 16.93
N GLU F 96 40.77 55.91 17.39
CA GLU F 96 41.93 56.41 18.10
C GLU F 96 42.13 55.62 19.39
N TYR F 97 41.03 55.36 20.12
CA TYR F 97 41.01 54.62 21.37
C TYR F 97 41.51 53.20 21.16
N HIS F 98 40.96 52.49 20.15
CA HIS F 98 41.34 51.12 19.85
C HIS F 98 42.77 50.99 19.34
N ALA F 99 43.28 52.02 18.65
CA ALA F 99 44.67 52.01 18.19
C ALA F 99 45.63 52.07 19.40
N GLU F 100 45.26 52.86 20.45
CA GLU F 100 46.06 52.96 21.67
C GLU F 100 46.05 51.65 22.46
N SER F 101 44.89 50.95 22.44
CA SER F 101 44.72 49.65 23.07
C SER F 101 45.68 48.65 22.38
N ILE F 102 45.70 48.64 21.02
CA ILE F 102 46.56 47.79 20.20
C ILE F 102 48.03 48.03 20.56
N ALA F 103 48.41 49.30 20.68
CA ALA F 103 49.77 49.70 21.03
C ALA F 103 50.16 49.22 22.44
N ASN F 104 49.24 49.37 23.41
CA ASN F 104 49.48 48.96 24.79
C ASN F 104 49.60 47.44 24.91
N VAL F 105 48.80 46.71 24.13
CA VAL F 105 48.83 45.25 24.11
C VAL F 105 50.16 44.81 23.52
N ARG F 106 50.54 45.35 22.33
CA ARG F 106 51.79 45.00 21.68
C ARG F 106 53.02 45.32 22.52
N GLU F 107 52.97 46.44 23.26
CA GLU F 107 54.05 46.84 24.15
C GLU F 107 54.21 45.84 25.31
N ALA F 108 53.07 45.41 25.90
CA ALA F 108 53.04 44.44 26.99
C ALA F 108 53.49 43.06 26.53
N VAL F 109 53.14 42.65 25.29
CA VAL F 109 53.54 41.34 24.75
C VAL F 109 55.02 41.32 24.43
N GLU F 110 55.52 42.40 23.81
CA GLU F 110 56.93 42.47 23.46
C GLU F 110 57.86 42.69 24.66
N SER F 111 57.32 42.98 25.85
CA SER F 111 58.12 43.11 27.05
C SER F 111 58.73 41.75 27.52
N PHE F 112 58.26 40.61 26.94
CA PHE F 112 58.80 39.28 27.24
C PHE F 112 59.55 38.67 26.03
N ALA F 113 59.81 39.46 24.96
CA ALA F 113 60.50 38.99 23.75
C ALA F 113 61.99 38.68 23.93
N GLY F 114 62.56 39.16 25.01
CA GLY F 114 63.96 38.96 25.35
C GLY F 114 64.32 37.50 25.54
N SER F 115 63.35 36.70 25.98
CA SER F 115 63.54 35.27 26.16
C SER F 115 62.66 34.53 25.15
N PRO F 116 63.15 34.29 23.92
CA PRO F 116 62.29 33.64 22.90
C PRO F 116 61.81 32.21 23.21
N LEU F 117 62.45 31.52 24.16
CA LEU F 117 62.02 30.18 24.59
C LEU F 117 60.87 30.28 25.64
N SER F 118 60.55 31.49 26.17
CA SER F 118 59.49 31.73 27.17
C SER F 118 58.69 33.05 26.91
N TYR F 119 58.51 33.37 25.63
CA TYR F 119 57.75 34.51 25.11
C TYR F 119 56.39 34.00 24.70
N ARG F 120 55.32 34.72 25.09
CA ARG F 120 53.97 34.29 24.74
C ARG F 120 53.28 35.27 23.77
N PRO F 121 53.03 34.79 22.53
CA PRO F 121 52.35 35.66 21.55
C PRO F 121 50.88 35.82 21.88
N VAL F 122 50.32 37.00 21.65
CA VAL F 122 48.90 37.26 21.93
C VAL F 122 48.21 37.73 20.67
N ALA F 123 47.14 37.07 20.24
CA ALA F 123 46.41 37.48 19.04
C ALA F 123 45.55 38.70 19.33
N ILE F 124 45.25 39.51 18.29
CA ILE F 124 44.38 40.68 18.46
C ILE F 124 43.13 40.48 17.64
N ALA F 125 41.97 40.48 18.28
CA ALA F 125 40.71 40.28 17.58
C ALA F 125 39.85 41.55 17.54
N LEU F 126 39.22 41.82 16.39
CA LEU F 126 38.36 42.99 16.22
C LEU F 126 36.92 42.51 16.20
N ASP F 127 36.11 42.94 17.17
CA ASP F 127 34.71 42.53 17.24
C ASP F 127 33.85 43.66 16.66
N THR F 128 33.34 43.48 15.45
CA THR F 128 32.55 44.49 14.75
C THR F 128 31.28 44.94 15.49
N LYS F 129 30.85 46.18 15.22
CA LYS F 129 29.65 46.81 15.81
C LYS F 129 28.39 46.05 15.39
N GLY F 130 28.31 45.65 14.12
CA GLY F 130 27.18 44.89 13.59
C GLY F 130 26.32 45.61 12.59
N PRO F 131 25.40 44.88 11.95
CA PRO F 131 24.50 45.50 10.97
C PRO F 131 23.34 46.26 11.61
N PRO F 135 20.27 45.20 6.73
CA PRO F 135 20.19 43.87 6.12
C PRO F 135 21.55 43.17 5.92
N GLY F 136 22.61 43.97 5.78
CA GLY F 136 23.97 43.46 5.57
C GLY F 136 25.01 44.33 6.23
N LEU F 137 26.23 44.31 5.68
CA LEU F 137 27.39 45.04 6.20
C LEU F 137 27.17 46.56 6.30
N SER F 138 27.13 47.09 7.52
CA SER F 138 26.92 48.52 7.74
C SER F 138 28.10 49.37 7.24
N GLU F 139 27.87 50.68 7.05
CA GLU F 139 28.91 51.60 6.59
C GLU F 139 30.02 51.72 7.62
N GLN F 140 29.66 51.76 8.91
CA GLN F 140 30.65 51.85 9.99
C GLN F 140 31.51 50.60 10.03
N ASP F 141 30.90 49.43 9.83
CA ASP F 141 31.59 48.14 9.80
C ASP F 141 32.66 48.10 8.72
N VAL F 142 32.39 48.70 7.55
CA VAL F 142 33.37 48.74 6.46
C VAL F 142 34.61 49.56 6.86
N ARG F 143 34.37 50.67 7.57
CA ARG F 143 35.44 51.55 8.06
C ARG F 143 36.26 50.85 9.15
N ASP F 144 35.56 50.18 10.09
CA ASP F 144 36.17 49.46 11.20
C ASP F 144 37.04 48.31 10.71
N LEU F 145 36.55 47.57 9.69
CA LEU F 145 37.27 46.45 9.07
C LEU F 145 38.53 46.95 8.36
N ARG F 146 38.41 48.09 7.67
CA ARG F 146 39.56 48.69 7.02
C ARG F 146 40.61 49.12 8.04
N PHE F 147 40.16 49.61 9.22
CA PHE F 147 41.03 49.98 10.34
C PHE F 147 41.81 48.75 10.84
N GLY F 148 41.11 47.63 10.99
CA GLY F 148 41.72 46.39 11.45
C GLY F 148 42.79 45.90 10.50
N VAL F 149 42.54 46.04 9.20
CA VAL F 149 43.51 45.65 8.18
C VAL F 149 44.76 46.54 8.29
N GLU F 150 44.56 47.87 8.35
CA GLU F 150 45.65 48.86 8.48
C GLU F 150 46.48 48.67 9.75
N HIS F 151 45.85 48.18 10.82
CA HIS F 151 46.54 47.95 12.09
C HIS F 151 47.01 46.51 12.33
N GLY F 152 46.86 45.63 11.35
CA GLY F 152 47.31 44.25 11.43
C GLY F 152 46.65 43.34 12.44
N VAL F 153 45.30 43.33 12.50
CA VAL F 153 44.60 42.41 13.40
C VAL F 153 44.69 41.00 12.84
N ASP F 154 44.58 40.00 13.72
CA ASP F 154 44.70 38.62 13.33
C ASP F 154 43.35 37.98 13.09
N ILE F 155 42.35 38.33 13.91
CA ILE F 155 41.01 37.76 13.84
C ILE F 155 39.94 38.86 13.78
N VAL F 156 38.80 38.54 13.15
CA VAL F 156 37.63 39.41 13.08
C VAL F 156 36.44 38.61 13.62
N PHE F 157 35.74 39.15 14.62
CA PHE F 157 34.55 38.52 15.15
C PHE F 157 33.40 39.25 14.49
N ALA F 158 32.87 38.67 13.39
CA ALA F 158 31.78 39.31 12.65
C ALA F 158 30.45 39.25 13.41
N SER F 159 29.91 40.41 13.81
CA SER F 159 28.64 40.44 14.54
C SER F 159 27.41 40.19 13.67
N PHE F 160 26.42 39.48 14.23
CA PHE F 160 25.13 39.12 13.64
C PHE F 160 25.21 38.54 12.22
N VAL F 161 25.99 37.47 12.04
CA VAL F 161 26.04 36.80 10.75
C VAL F 161 24.73 35.99 10.60
N ARG F 162 24.03 36.11 9.45
CA ARG F 162 22.74 35.40 9.19
C ARG F 162 22.73 34.48 7.98
N LYS F 163 23.68 34.67 7.07
CA LYS F 163 23.79 33.82 5.88
C LYS F 163 25.23 33.85 5.35
N ALA F 164 25.56 32.98 4.40
CA ALA F 164 26.90 32.91 3.84
C ALA F 164 27.33 34.20 3.10
N SER F 165 26.34 34.98 2.61
CA SER F 165 26.65 36.24 1.91
C SER F 165 27.19 37.32 2.87
N ASP F 166 26.84 37.23 4.16
CA ASP F 166 27.31 38.15 5.21
C ASP F 166 28.81 37.97 5.45
N VAL F 167 29.27 36.72 5.43
CA VAL F 167 30.68 36.37 5.61
C VAL F 167 31.45 36.88 4.40
N ALA F 168 30.89 36.67 3.19
CA ALA F 168 31.47 37.13 1.94
C ALA F 168 31.63 38.64 1.94
N ALA F 169 30.64 39.36 2.49
CA ALA F 169 30.66 40.83 2.60
C ALA F 169 31.82 41.28 3.47
N VAL F 170 32.05 40.59 4.58
CA VAL F 170 33.16 40.91 5.48
C VAL F 170 34.51 40.60 4.83
N ARG F 171 34.61 39.47 4.10
CA ARG F 171 35.86 39.13 3.42
CA ARG F 171 35.87 39.12 3.42
C ARG F 171 36.17 40.14 2.32
N ALA F 172 35.13 40.63 1.62
CA ALA F 172 35.28 41.64 0.58
C ALA F 172 35.74 42.98 1.20
N ALA F 173 35.16 43.39 2.34
CA ALA F 173 35.52 44.64 3.03
C ALA F 173 36.95 44.67 3.56
N LEU F 174 37.51 43.49 3.90
CA LEU F 174 38.91 43.38 4.34
C LEU F 174 39.88 43.64 3.14
N GLY F 175 39.42 43.34 1.94
CA GLY F 175 40.13 43.57 0.71
C GLY F 175 41.26 42.60 0.42
N PRO F 176 42.14 43.02 -0.49
CA PRO F 176 43.28 42.14 -0.84
C PRO F 176 44.36 42.10 0.23
N GLU F 177 44.44 43.15 1.07
CA GLU F 177 45.43 43.20 2.15
C GLU F 177 45.03 42.43 3.39
N GLY F 178 43.73 42.26 3.61
CA GLY F 178 43.22 41.52 4.76
C GLY F 178 42.82 40.09 4.44
N HIS F 179 43.56 39.45 3.56
CA HIS F 179 43.27 38.08 3.19
C HIS F 179 43.73 37.07 4.27
N GLY F 180 44.77 37.41 5.04
CA GLY F 180 45.32 36.55 6.08
C GLY F 180 44.50 36.48 7.38
N ILE F 181 43.67 37.51 7.62
CA ILE F 181 42.82 37.63 8.81
C ILE F 181 41.75 36.52 8.86
N LYS F 182 41.54 35.95 10.06
CA LYS F 182 40.55 34.89 10.28
C LYS F 182 39.17 35.49 10.54
N ILE F 183 38.12 34.87 9.97
CA ILE F 183 36.75 35.34 10.18
C ILE F 183 35.96 34.37 11.06
N ILE F 184 35.68 34.79 12.30
CA ILE F 184 34.88 34.02 13.25
C ILE F 184 33.49 34.61 13.24
N SER F 185 32.54 33.89 12.64
CA SER F 185 31.17 34.37 12.53
C SER F 185 30.42 34.25 13.84
N LYS F 186 29.82 35.36 14.32
CA LYS F 186 29.05 35.31 15.55
C LYS F 186 27.62 34.95 15.26
N ILE F 187 27.14 33.82 15.80
CA ILE F 187 25.76 33.41 15.61
C ILE F 187 24.98 34.00 16.78
N GLU F 188 24.19 35.05 16.53
CA GLU F 188 23.48 35.73 17.63
C GLU F 188 21.96 35.74 17.51
N ASN F 189 21.40 35.16 16.43
CA ASN F 189 19.94 35.15 16.21
C ASN F 189 19.41 33.82 15.62
N HIS F 190 18.07 33.66 15.51
CA HIS F 190 17.47 32.44 14.98
C HIS F 190 17.85 32.12 13.54
N GLU F 191 17.96 33.15 12.67
CA GLU F 191 18.30 32.90 11.27
C GLU F 191 19.68 32.27 11.15
N GLY F 192 20.64 32.81 11.91
CA GLY F 192 22.02 32.36 11.93
C GLY F 192 22.14 30.93 12.41
N VAL F 193 21.27 30.54 13.38
CA VAL F 193 21.24 29.17 13.93
C VAL F 193 20.71 28.19 12.86
N LYS F 194 19.69 28.61 12.11
CA LYS F 194 19.12 27.78 11.07
C LYS F 194 20.03 27.63 9.87
N ARG F 195 20.65 28.72 9.47
CA ARG F 195 21.59 28.76 8.35
C ARG F 195 23.03 28.34 8.73
N PHE F 196 23.25 27.86 9.97
CA PHE F 196 24.55 27.52 10.51
C PHE F 196 25.47 26.76 9.55
N ASP F 197 24.96 25.72 8.91
CA ASP F 197 25.77 24.90 8.03
C ASP F 197 26.42 25.69 6.88
N GLU F 198 25.67 26.63 6.27
CA GLU F 198 26.21 27.44 5.18
C GLU F 198 27.19 28.50 5.68
N ILE F 199 26.95 29.03 6.88
CA ILE F 199 27.82 30.02 7.51
C ILE F 199 29.16 29.39 7.89
N LEU F 200 29.14 28.27 8.63
CA LEU F 200 30.37 27.57 9.04
C LEU F 200 31.20 27.17 7.84
N GLU F 201 30.54 26.77 6.74
CA GLU F 201 31.22 26.36 5.50
C GLU F 201 32.14 27.47 4.94
N VAL F 202 31.67 28.72 4.98
CA VAL F 202 32.44 29.84 4.46
C VAL F 202 33.24 30.61 5.54
N SER F 203 33.01 30.32 6.82
CA SER F 203 33.74 30.97 7.90
C SER F 203 34.99 30.18 8.33
N ASP F 204 35.94 30.86 8.97
CA ASP F 204 37.13 30.19 9.51
C ASP F 204 36.81 29.50 10.89
N GLY F 205 35.76 29.97 11.56
CA GLY F 205 35.28 29.48 12.84
C GLY F 205 34.00 30.17 13.27
N ILE F 206 33.48 29.80 14.44
CA ILE F 206 32.23 30.35 14.94
C ILE F 206 32.36 30.84 16.39
N MET F 207 31.51 31.79 16.77
CA MET F 207 31.44 32.25 18.14
C MET F 207 30.00 32.13 18.59
N VAL F 208 29.77 31.41 19.68
CA VAL F 208 28.42 31.26 20.23
C VAL F 208 28.16 32.47 21.09
N ALA F 209 27.63 33.52 20.45
CA ALA F 209 27.33 34.79 21.08
C ALA F 209 26.04 34.63 21.89
N ARG F 210 26.16 34.13 23.15
CA ARG F 210 25.02 33.81 24.01
C ARG F 210 24.20 34.98 24.53
N GLY F 211 24.78 36.17 24.57
CA GLY F 211 24.08 37.35 25.04
C GLY F 211 22.92 37.74 24.16
N ASP F 212 23.18 37.98 22.86
CA ASP F 212 22.11 38.32 21.92
C ASP F 212 21.28 37.11 21.62
N LEU F 213 21.90 35.92 21.55
CA LEU F 213 21.19 34.66 21.30
C LEU F 213 20.14 34.36 22.38
N GLY F 214 20.44 34.72 23.62
CA GLY F 214 19.52 34.57 24.74
C GLY F 214 18.32 35.49 24.70
N ILE F 215 18.35 36.50 23.82
CA ILE F 215 17.29 37.49 23.63
C ILE F 215 16.46 37.14 22.36
N GLU F 216 17.15 36.73 21.27
CA GLU F 216 16.52 36.37 20.01
C GLU F 216 15.75 35.04 20.10
N ILE F 217 16.31 34.08 20.82
CA ILE F 217 15.67 32.77 21.06
C ILE F 217 15.36 32.61 22.57
N PRO F 218 14.42 31.70 22.97
CA PRO F 218 14.13 31.54 24.41
C PRO F 218 15.38 31.21 25.22
N ALA F 219 15.55 31.84 26.38
CA ALA F 219 16.76 31.62 27.17
C ALA F 219 17.02 30.13 27.52
N GLU F 220 15.95 29.34 27.71
CA GLU F 220 16.05 27.91 28.01
C GLU F 220 16.43 27.02 26.80
N LYS F 221 16.56 27.63 25.59
CA LYS F 221 16.94 26.91 24.38
C LYS F 221 18.36 27.25 23.93
N VAL F 222 19.03 28.21 24.60
CA VAL F 222 20.39 28.65 24.24
C VAL F 222 21.43 27.55 24.41
N PHE F 223 21.31 26.72 25.47
CA PHE F 223 22.27 25.65 25.69
C PHE F 223 22.29 24.62 24.54
N LEU F 224 21.12 24.37 23.87
CA LEU F 224 21.01 23.42 22.75
C LEU F 224 21.75 23.95 21.54
N ALA F 225 21.65 25.27 21.32
CA ALA F 225 22.32 25.94 20.22
C ALA F 225 23.82 25.88 20.49
N GLN F 226 24.26 26.18 21.73
CA GLN F 226 25.67 26.12 22.10
C GLN F 226 26.24 24.72 21.84
N LYS F 227 25.60 23.69 22.42
CA LYS F 227 26.02 22.30 22.28
C LYS F 227 25.98 21.81 20.84
N MET F 228 24.99 22.24 20.04
CA MET F 228 24.91 21.82 18.65
C MET F 228 26.03 22.46 17.84
N MET F 229 26.23 23.78 17.99
CA MET F 229 27.26 24.52 17.27
C MET F 229 28.64 24.06 17.60
N ILE F 230 28.92 23.83 18.88
CA ILE F 230 30.22 23.30 19.32
C ILE F 230 30.51 21.93 18.68
N GLY F 231 29.53 21.03 18.70
CA GLY F 231 29.65 19.69 18.14
C GLY F 231 29.86 19.70 16.65
N ARG F 232 29.14 20.58 15.94
CA ARG F 232 29.25 20.70 14.49
C ARG F 232 30.61 21.27 14.11
N CYS F 233 31.14 22.25 14.90
CA CYS F 233 32.46 22.85 14.72
C CYS F 233 33.53 21.83 14.94
N ASN F 234 33.38 21.02 15.98
CA ASN F 234 34.31 19.95 16.34
C ASN F 234 34.39 18.92 15.20
N LEU F 235 33.23 18.60 14.62
CA LEU F 235 33.15 17.67 13.50
C LEU F 235 33.86 18.25 12.24
N ALA F 236 33.64 19.55 11.98
CA ALA F 236 34.23 20.29 10.87
C ALA F 236 35.74 20.53 11.02
N GLY F 237 36.25 20.52 12.26
CA GLY F 237 37.66 20.80 12.52
C GLY F 237 37.99 22.29 12.58
N LYS F 238 36.95 23.15 12.79
CA LYS F 238 37.11 24.61 12.88
C LYS F 238 36.94 25.12 14.30
N PRO F 239 37.75 26.10 14.70
CA PRO F 239 37.64 26.65 16.08
C PRO F 239 36.27 27.26 16.45
N VAL F 240 35.83 27.01 17.69
CA VAL F 240 34.56 27.52 18.21
C VAL F 240 34.79 28.27 19.53
N VAL F 241 34.16 29.44 19.70
CA VAL F 241 34.33 30.25 20.91
C VAL F 241 33.06 30.29 21.72
N CYS F 242 33.14 30.07 23.04
CA CYS F 242 31.95 30.23 23.89
C CYS F 242 32.04 31.61 24.50
N ALA F 243 30.97 32.40 24.39
CA ALA F 243 31.00 33.79 24.83
C ALA F 243 29.84 34.22 25.73
N THR F 244 30.02 35.36 26.48
CA THR F 244 29.05 36.09 27.33
C THR F 244 28.64 35.44 28.66
N GLN F 245 28.75 36.23 29.75
CA GLN F 245 28.35 35.94 31.12
C GLN F 245 28.94 34.67 31.71
N MET F 246 30.12 34.27 31.27
CA MET F 246 30.78 33.08 31.79
C MET F 246 31.13 33.20 33.28
N LEU F 247 31.68 34.35 33.70
CA LEU F 247 31.99 34.62 35.09
C LEU F 247 31.45 36.01 35.45
N GLU F 248 30.22 36.33 35.00
CA GLU F 248 29.55 37.62 35.17
C GLU F 248 29.65 38.25 36.55
N SER F 249 29.48 37.48 37.63
CA SER F 249 29.53 38.02 38.99
C SER F 249 30.90 38.59 39.36
N MET F 250 31.97 38.19 38.66
CA MET F 250 33.31 38.72 38.95
C MET F 250 33.55 40.17 38.45
N ILE F 251 32.55 40.78 37.81
CA ILE F 251 32.59 42.19 37.47
C ILE F 251 32.59 42.98 38.80
N THR F 252 31.82 42.54 39.81
CA THR F 252 31.82 43.20 41.12
C THR F 252 32.45 42.34 42.24
N LYS F 253 32.45 41.01 42.12
CA LYS F 253 32.96 40.15 43.19
C LYS F 253 34.28 39.45 42.88
N PRO F 254 35.09 39.13 43.90
CA PRO F 254 36.36 38.43 43.64
C PRO F 254 36.26 36.94 43.34
N ARG F 255 35.07 36.34 43.62
CA ARG F 255 34.80 34.92 43.41
C ARG F 255 33.50 34.74 42.61
N PRO F 256 33.48 33.78 41.68
CA PRO F 256 32.26 33.53 40.91
C PRO F 256 31.25 32.60 41.65
N THR F 257 30.02 32.53 41.12
CA THR F 257 28.99 31.66 41.68
C THR F 257 29.26 30.20 41.26
N ARG F 258 28.55 29.25 41.90
CA ARG F 258 28.65 27.83 41.58
C ARG F 258 28.14 27.51 40.16
N ALA F 259 27.24 28.36 39.63
CA ALA F 259 26.71 28.23 38.29
C ALA F 259 27.74 28.67 37.25
N GLU F 260 28.52 29.75 37.55
CA GLU F 260 29.53 30.30 36.67
C GLU F 260 30.72 29.40 36.50
N THR F 261 31.23 28.80 37.59
CA THR F 261 32.34 27.85 37.47
C THR F 261 31.87 26.62 36.66
N SER F 262 30.63 26.17 36.91
CA SER F 262 30.01 25.06 36.21
C SER F 262 29.87 25.39 34.72
N ASP F 263 29.42 26.61 34.37
CA ASP F 263 29.25 27.01 32.98
C ASP F 263 30.57 26.92 32.20
N VAL F 264 31.64 27.53 32.76
CA VAL F 264 32.96 27.55 32.16
C VAL F 264 33.47 26.13 31.97
N ALA F 265 33.35 25.28 33.01
CA ALA F 265 33.81 23.90 32.94
C ALA F 265 33.06 23.10 31.87
N ASN F 266 31.75 23.36 31.74
CA ASN F 266 30.93 22.66 30.77
C ASN F 266 31.20 23.12 29.38
N ALA F 267 31.50 24.42 29.15
CA ALA F 267 31.84 24.90 27.81
C ALA F 267 33.10 24.21 27.29
N VAL F 268 34.10 24.02 28.17
CA VAL F 268 35.32 23.29 27.85
C VAL F 268 34.98 21.85 27.55
N LEU F 269 34.13 21.23 28.39
CA LEU F 269 33.74 19.85 28.20
C LEU F 269 33.00 19.63 26.88
N ASP F 270 32.11 20.56 26.50
CA ASP F 270 31.35 20.53 25.26
C ASP F 270 32.31 20.45 24.04
N GLY F 271 33.46 21.10 24.13
CA GLY F 271 34.45 21.08 23.08
C GLY F 271 34.81 22.44 22.52
N ALA F 272 34.62 23.50 23.31
CA ALA F 272 34.93 24.85 22.87
C ALA F 272 36.43 25.04 22.79
N ASP F 273 36.91 25.59 21.68
CA ASP F 273 38.34 25.84 21.48
C ASP F 273 38.79 27.02 22.33
N CYS F 274 37.91 28.05 22.47
CA CYS F 274 38.19 29.26 23.23
C CYS F 274 37.06 29.61 24.15
N ILE F 275 37.38 30.24 25.27
CA ILE F 275 36.39 30.79 26.22
C ILE F 275 36.63 32.28 26.33
N MET F 276 35.57 33.07 26.59
CA MET F 276 35.69 34.51 26.56
C MET F 276 35.14 35.29 27.77
N LEU F 277 35.88 36.34 28.15
CA LEU F 277 35.50 37.26 29.21
C LEU F 277 35.17 38.58 28.51
N SER F 278 33.95 39.08 28.70
CA SER F 278 33.54 40.33 28.07
C SER F 278 33.68 41.52 29.07
N GLY F 279 32.63 41.83 29.81
CA GLY F 279 32.63 42.90 30.81
C GLY F 279 33.38 42.57 32.08
N GLU F 280 33.77 41.29 32.24
CA GLU F 280 34.52 40.84 33.42
C GLU F 280 35.97 41.37 33.38
N THR F 281 36.54 41.57 32.15
CA THR F 281 37.90 42.09 31.92
C THR F 281 37.86 43.54 31.42
N ALA F 282 36.83 43.90 30.63
CA ALA F 282 36.75 45.24 30.08
C ALA F 282 36.42 46.29 31.11
N LYS F 283 35.43 46.05 31.98
CA LYS F 283 35.02 47.05 32.98
C LYS F 283 34.88 46.53 34.42
N GLY F 284 35.10 45.24 34.63
CA GLY F 284 34.99 44.64 35.95
C GLY F 284 36.11 45.04 36.91
N ASN F 285 35.83 44.97 38.20
CA ASN F 285 36.79 45.29 39.25
C ASN F 285 37.89 44.23 39.37
N PHE F 286 37.66 43.00 38.85
CA PHE F 286 38.65 41.92 38.94
C PHE F 286 38.97 41.34 37.55
N PRO F 287 39.73 42.06 36.71
CA PRO F 287 40.02 41.53 35.38
C PRO F 287 41.07 40.42 35.39
N VAL F 288 42.14 40.61 36.17
CA VAL F 288 43.21 39.61 36.25
C VAL F 288 42.72 38.34 36.98
N GLU F 289 41.85 38.53 38.00
CA GLU F 289 41.27 37.43 38.79
C GLU F 289 40.38 36.52 37.93
N ALA F 290 39.60 37.09 36.97
CA ALA F 290 38.72 36.38 36.04
C ALA F 290 39.56 35.51 35.08
N VAL F 291 40.68 36.04 34.58
CA VAL F 291 41.57 35.31 33.69
C VAL F 291 42.17 34.12 34.43
N LYS F 292 42.63 34.36 35.67
CA LYS F 292 43.21 33.34 36.53
C LYS F 292 42.18 32.23 36.81
N MET F 293 40.92 32.64 37.08
CA MET F 293 39.82 31.72 37.37
C MET F 293 39.48 30.87 36.17
N GLN F 294 39.40 31.50 34.97
CA GLN F 294 39.12 30.76 33.75
C GLN F 294 40.22 29.77 33.46
N HIS F 295 41.48 30.15 33.71
CA HIS F 295 42.63 29.27 33.52
C HIS F 295 42.51 28.01 34.41
N ALA F 296 42.19 28.23 35.71
CA ALA F 296 42.07 27.17 36.70
C ALA F 296 41.00 26.13 36.37
N ILE F 297 39.77 26.60 35.99
CA ILE F 297 38.63 25.77 35.64
C ILE F 297 38.93 25.00 34.35
N ALA F 298 39.52 25.68 33.34
CA ALA F 298 39.87 25.03 32.08
C ALA F 298 40.81 23.84 32.26
N ARG F 299 41.88 23.99 33.06
CA ARG F 299 42.80 22.87 33.31
C ARG F 299 42.13 21.69 33.95
N GLU F 300 41.19 21.96 34.87
CA GLU F 300 40.47 20.90 35.55
C GLU F 300 39.57 20.17 34.58
N ALA F 301 38.81 20.95 33.78
CA ALA F 301 37.85 20.40 32.84
C ALA F 301 38.50 19.56 31.78
N GLU F 302 39.60 20.03 31.19
CA GLU F 302 40.30 19.29 30.15
C GLU F 302 40.79 17.93 30.62
N ALA F 303 41.23 17.82 31.88
CA ALA F 303 41.67 16.54 32.42
C ALA F 303 40.49 15.56 32.45
N ALA F 304 39.28 16.06 32.82
CA ALA F 304 38.04 15.28 32.91
C ALA F 304 37.38 14.96 31.58
N VAL F 305 37.99 15.36 30.45
CA VAL F 305 37.42 15.06 29.13
C VAL F 305 37.57 13.57 28.88
N TYR F 306 36.50 12.91 28.43
CA TYR F 306 36.50 11.48 28.19
C TYR F 306 37.11 11.20 26.82
N HIS F 307 38.46 11.25 26.73
CA HIS F 307 39.20 11.06 25.48
C HIS F 307 38.96 9.72 24.85
N ARG F 308 38.68 8.67 25.64
CA ARG F 308 38.43 7.34 25.07
C ARG F 308 37.29 7.34 24.02
N GLN F 309 36.13 7.88 24.38
CA GLN F 309 35.02 7.96 23.46
C GLN F 309 35.21 9.13 22.51
N LEU F 310 35.75 10.26 22.98
CA LEU F 310 35.94 11.42 22.12
C LEU F 310 36.79 11.12 20.89
N PHE F 311 37.98 10.53 21.08
CA PHE F 311 38.86 10.21 19.96
C PHE F 311 38.27 9.16 19.02
N GLU F 312 37.63 8.12 19.58
CA GLU F 312 37.02 7.10 18.75
C GLU F 312 35.87 7.64 17.92
N GLU F 313 35.11 8.60 18.47
CA GLU F 313 33.99 9.22 17.76
C GLU F 313 34.50 10.16 16.69
N LEU F 314 35.54 10.96 17.02
CA LEU F 314 36.15 11.86 16.07
C LEU F 314 36.77 11.09 14.91
N ARG F 315 37.33 9.91 15.18
CA ARG F 315 37.91 9.07 14.14
C ARG F 315 36.81 8.49 13.22
N ARG F 316 35.76 7.89 13.81
CA ARG F 316 34.63 7.29 13.10
C ARG F 316 33.92 8.35 12.24
N ALA F 317 33.69 9.55 12.81
CA ALA F 317 33.00 10.66 12.15
C ALA F 317 33.83 11.33 11.05
N ALA F 318 35.17 11.32 11.16
CA ALA F 318 36.02 11.92 10.15
C ALA F 318 35.98 11.10 8.86
N PRO F 319 35.84 11.80 7.72
CA PRO F 319 35.79 11.09 6.45
C PRO F 319 37.17 10.58 6.05
N LEU F 320 37.21 9.60 5.14
CA LEU F 320 38.49 9.09 4.64
C LEU F 320 39.21 10.21 3.90
N SER F 321 40.53 10.29 4.07
CA SER F 321 41.26 11.36 3.40
C SER F 321 42.46 10.87 2.70
N ARG F 322 42.67 11.37 1.50
CA ARG F 322 43.88 11.06 0.77
C ARG F 322 44.87 12.26 0.83
N ASP F 323 44.69 13.19 1.81
CA ASP F 323 45.55 14.35 2.04
C ASP F 323 46.63 13.95 3.03
N PRO F 324 47.90 13.98 2.62
CA PRO F 324 48.97 13.55 3.53
C PRO F 324 49.01 14.25 4.87
N THR F 325 48.66 15.55 4.93
CA THR F 325 48.65 16.30 6.18
C THR F 325 47.59 15.69 7.11
N GLU F 326 46.39 15.45 6.57
CA GLU F 326 45.25 14.89 7.27
C GLU F 326 45.55 13.49 7.80
N VAL F 327 46.24 12.67 6.99
CA VAL F 327 46.63 11.29 7.30
C VAL F 327 47.71 11.24 8.35
N THR F 328 48.72 12.10 8.21
CA THR F 328 49.80 12.18 9.18
C THR F 328 49.24 12.69 10.50
N ALA F 329 48.24 13.60 10.47
CA ALA F 329 47.63 14.15 11.67
C ALA F 329 46.96 13.07 12.51
N ILE F 330 46.14 12.19 11.89
CA ILE F 330 45.48 11.13 12.64
C ILE F 330 46.48 10.05 13.09
N GLY F 331 47.47 9.75 12.27
CA GLY F 331 48.49 8.77 12.62
C GLY F 331 49.32 9.25 13.81
N ALA F 332 49.65 10.56 13.84
CA ALA F 332 50.44 11.16 14.91
C ALA F 332 49.68 11.18 16.22
N VAL F 333 48.39 11.57 16.18
CA VAL F 333 47.55 11.59 17.38
C VAL F 333 47.35 10.17 17.93
N GLU F 334 47.19 9.19 17.04
CA GLU F 334 47.04 7.79 17.46
CA GLU F 334 47.04 7.79 17.46
C GLU F 334 48.32 7.31 18.17
N ALA F 335 49.48 7.63 17.60
CA ALA F 335 50.77 7.27 18.15
C ALA F 335 50.99 7.94 19.51
N ALA F 336 50.60 9.24 19.62
CA ALA F 336 50.75 10.01 20.85
C ALA F 336 49.94 9.38 22.00
N PHE F 337 48.75 8.85 21.70
CA PHE F 337 47.92 8.22 22.71
C PHE F 337 48.47 6.88 23.18
N LYS F 338 49.09 6.11 22.26
CA LYS F 338 49.66 4.77 22.53
C LYS F 338 50.75 4.82 23.61
N CYS F 339 51.63 5.81 23.54
CA CYS F 339 52.76 5.92 24.46
C CYS F 339 52.61 7.00 25.52
N CYS F 340 51.45 7.72 25.57
CA CYS F 340 51.19 8.84 26.49
C CYS F 340 52.26 9.92 26.22
N ALA F 341 52.40 10.32 24.96
CA ALA F 341 53.38 11.31 24.54
C ALA F 341 53.19 12.61 25.28
N ALA F 342 54.29 13.19 25.74
CA ALA F 342 54.27 14.45 26.47
C ALA F 342 53.84 15.60 25.57
N ALA F 343 54.23 15.56 24.29
CA ALA F 343 53.89 16.60 23.34
C ALA F 343 53.95 16.06 21.90
N ILE F 344 53.38 16.82 20.95
CA ILE F 344 53.46 16.55 19.53
C ILE F 344 54.07 17.82 18.96
N ILE F 345 55.30 17.75 18.41
CA ILE F 345 55.95 18.95 17.88
C ILE F 345 55.72 19.00 16.43
N VAL F 346 55.07 20.07 15.94
CA VAL F 346 54.75 20.19 14.53
C VAL F 346 55.32 21.46 13.91
N LEU F 347 55.98 21.30 12.76
CA LEU F 347 56.53 22.43 12.03
C LEU F 347 55.45 22.93 11.10
N THR F 348 54.99 24.16 11.31
CA THR F 348 53.94 24.71 10.49
C THR F 348 54.29 26.08 9.95
N THR F 349 53.70 26.43 8.81
CA THR F 349 53.93 27.72 8.17
C THR F 349 52.68 28.59 8.34
N THR F 350 51.51 28.05 7.97
CA THR F 350 50.21 28.70 8.06
C THR F 350 49.45 28.36 9.36
N GLY F 351 49.83 27.25 10.00
CA GLY F 351 49.16 26.74 11.19
C GLY F 351 48.26 25.55 10.87
N ARG F 352 47.98 25.31 9.58
CA ARG F 352 47.11 24.25 9.13
C ARG F 352 47.45 22.88 9.71
N SER F 353 48.72 22.46 9.66
CA SER F 353 49.13 21.16 10.22
C SER F 353 48.82 21.04 11.70
N ALA F 354 49.00 22.14 12.45
CA ALA F 354 48.70 22.14 13.88
C ALA F 354 47.20 22.08 14.10
N GLN F 355 46.39 22.75 13.24
CA GLN F 355 44.93 22.73 13.29
C GLN F 355 44.44 21.31 13.03
N LEU F 356 45.03 20.61 12.06
CA LEU F 356 44.66 19.24 11.75
C LEU F 356 45.04 18.25 12.83
N LEU F 357 46.03 18.56 13.67
CA LEU F 357 46.37 17.72 14.81
C LEU F 357 45.34 17.98 15.92
N SER F 358 45.03 19.29 16.19
CA SER F 358 44.08 19.77 17.19
C SER F 358 42.68 19.16 17.03
N ARG F 359 42.17 19.04 15.79
CA ARG F 359 40.84 18.52 15.51
C ARG F 359 40.58 17.12 16.08
N TYR F 360 41.64 16.31 16.28
CA TYR F 360 41.51 14.98 16.88
C TYR F 360 41.62 14.97 18.40
N ARG F 361 41.64 16.16 19.01
CA ARG F 361 41.68 16.40 20.43
C ARG F 361 42.66 15.51 21.18
N PRO F 362 43.96 15.63 20.87
CA PRO F 362 44.94 14.84 21.61
C PRO F 362 45.09 15.35 23.05
N ARG F 363 45.51 14.46 23.95
CA ARG F 363 45.81 14.87 25.31
C ARG F 363 47.24 15.50 25.35
N ALA F 364 48.15 15.12 24.39
CA ALA F 364 49.51 15.66 24.26
C ALA F 364 49.46 17.09 23.74
N ALA F 365 50.37 17.94 24.23
CA ALA F 365 50.37 19.34 23.82
C ALA F 365 50.94 19.49 22.42
N VAL F 366 50.21 20.18 21.54
CA VAL F 366 50.69 20.40 20.18
C VAL F 366 51.58 21.61 20.19
N ILE F 367 52.89 21.40 20.34
CA ILE F 367 53.88 22.48 20.31
C ILE F 367 54.12 22.80 18.84
N ALA F 368 53.65 23.96 18.37
CA ALA F 368 53.76 24.31 16.97
C ALA F 368 54.84 25.35 16.73
N VAL F 369 55.92 24.96 16.01
CA VAL F 369 57.04 25.86 15.67
C VAL F 369 56.82 26.52 14.30
N THR F 370 56.69 27.85 14.28
CA THR F 370 56.45 28.60 13.07
C THR F 370 57.29 29.85 13.02
N ARG F 371 57.67 30.25 11.80
CA ARG F 371 58.39 31.50 11.58
C ARG F 371 57.41 32.66 11.37
N SER F 372 56.13 32.35 11.04
CA SER F 372 55.07 33.32 10.80
C SER F 372 54.51 33.84 12.13
N ALA F 373 54.64 35.16 12.38
CA ALA F 373 54.12 35.77 13.61
C ALA F 373 52.60 35.79 13.61
N GLN F 374 51.97 36.01 12.45
CA GLN F 374 50.52 36.01 12.37
C GLN F 374 49.95 34.63 12.65
N ALA F 375 50.55 33.56 12.06
CA ALA F 375 50.14 32.18 12.31
C ALA F 375 50.30 31.83 13.79
N ALA F 376 51.43 32.23 14.42
CA ALA F 376 51.69 31.98 15.84
C ALA F 376 50.63 32.62 16.74
N ARG F 377 50.09 33.78 16.35
CA ARG F 377 49.05 34.43 17.11
C ARG F 377 47.71 33.73 16.86
N GLN F 378 47.41 33.45 15.58
CA GLN F 378 46.17 32.82 15.15
C GLN F 378 45.94 31.37 15.61
N VAL F 379 47.01 30.61 15.91
CA VAL F 379 46.81 29.23 16.40
C VAL F 379 46.26 29.16 17.82
N HIS F 380 46.11 30.30 18.51
CA HIS F 380 45.45 30.32 19.81
C HIS F 380 43.96 29.95 19.64
N LEU F 381 43.38 30.20 18.44
CA LEU F 381 42.03 29.80 18.11
C LEU F 381 41.85 28.29 18.25
N CYS F 382 42.90 27.48 18.01
CA CYS F 382 42.83 26.03 18.14
C CYS F 382 43.23 25.54 19.54
N ARG F 383 42.38 24.69 20.12
CA ARG F 383 42.63 24.15 21.43
C ARG F 383 43.79 23.17 21.40
N GLY F 384 44.71 23.34 22.34
CA GLY F 384 45.85 22.44 22.51
C GLY F 384 47.08 22.80 21.70
N VAL F 385 47.05 23.94 21.00
CA VAL F 385 48.18 24.36 20.19
C VAL F 385 48.91 25.46 20.92
N PHE F 386 50.18 25.21 21.20
CA PHE F 386 51.06 26.10 21.95
C PHE F 386 52.10 26.63 20.97
N PRO F 387 51.89 27.85 20.45
CA PRO F 387 52.82 28.40 19.46
C PRO F 387 54.20 28.81 19.97
N LEU F 388 55.22 28.62 19.11
CA LEU F 388 56.60 29.03 19.35
C LEU F 388 57.02 29.78 18.12
N LEU F 389 57.45 31.02 18.27
CA LEU F 389 57.91 31.80 17.13
C LEU F 389 59.40 31.60 16.96
N TYR F 390 59.81 30.97 15.85
CA TYR F 390 61.22 30.73 15.54
C TYR F 390 61.78 31.98 14.83
N ARG F 391 62.80 32.61 15.43
CA ARG F 391 63.34 33.85 14.89
C ARG F 391 64.69 33.72 14.15
N GLU F 392 65.34 32.55 14.27
CA GLU F 392 66.65 32.33 13.64
C GLU F 392 66.59 32.35 12.11
N PRO F 393 67.67 32.81 11.46
CA PRO F 393 67.67 32.83 9.99
C PRO F 393 67.95 31.44 9.41
N PRO F 394 67.39 31.17 8.21
CA PRO F 394 67.51 29.82 7.64
C PRO F 394 68.92 29.29 7.42
N GLU F 395 69.10 27.97 7.58
CA GLU F 395 70.36 27.26 7.31
C GLU F 395 70.44 27.03 5.80
N ALA F 396 71.66 26.84 5.29
CA ALA F 396 71.86 26.56 3.86
C ALA F 396 71.22 25.21 3.51
N ILE F 397 71.37 24.20 4.37
CA ILE F 397 70.74 22.91 4.15
C ILE F 397 69.34 22.91 4.78
N TRP F 398 68.29 22.61 4.00
CA TRP F 398 66.92 22.62 4.54
C TRP F 398 66.72 21.61 5.64
N ALA F 399 67.29 20.41 5.52
CA ALA F 399 67.16 19.39 6.55
C ALA F 399 67.76 19.84 7.87
N ASP F 400 68.84 20.63 7.83
CA ASP F 400 69.47 21.16 9.04
C ASP F 400 68.58 22.22 9.67
N ASP F 401 67.96 23.07 8.84
CA ASP F 401 67.04 24.11 9.30
C ASP F 401 65.80 23.50 9.99
N VAL F 402 65.34 22.35 9.49
CA VAL F 402 64.22 21.64 10.06
C VAL F 402 64.60 21.08 11.42
N ASP F 403 65.78 20.45 11.52
CA ASP F 403 66.26 19.89 12.78
C ASP F 403 66.52 20.97 13.84
N ARG F 404 66.95 22.18 13.43
CA ARG F 404 67.17 23.27 14.38
C ARG F 404 65.84 23.75 14.96
N ARG F 405 64.75 23.73 14.16
CA ARG F 405 63.42 24.11 14.62
C ARG F 405 62.82 23.06 15.52
N VAL F 406 63.10 21.77 15.25
CA VAL F 406 62.65 20.65 16.08
C VAL F 406 63.35 20.72 17.46
N GLN F 407 64.66 21.05 17.48
CA GLN F 407 65.40 21.20 18.71
C GLN F 407 64.93 22.40 19.49
N PHE F 408 64.59 23.50 18.81
CA PHE F 408 64.03 24.71 19.45
C PHE F 408 62.75 24.36 20.21
N GLY F 409 61.94 23.47 19.63
CA GLY F 409 60.70 23.00 20.21
C GLY F 409 60.94 22.12 21.42
N ILE F 410 61.94 21.22 21.34
CA ILE F 410 62.28 20.37 22.47
C ILE F 410 62.86 21.18 23.62
N GLU F 411 63.68 22.18 23.31
CA GLU F 411 64.27 23.05 24.33
C GLU F 411 63.24 23.94 25.00
N SER F 412 62.32 24.57 24.23
CA SER F 412 61.25 25.36 24.84
C SER F 412 60.29 24.47 25.64
N GLY F 413 60.10 23.23 25.19
CA GLY F 413 59.26 22.25 25.87
C GLY F 413 59.84 21.80 27.19
N LYS F 414 61.13 21.57 27.23
CA LYS F 414 61.83 21.21 28.45
C LYS F 414 61.83 22.39 29.40
N LEU F 415 62.18 23.58 28.88
CA LEU F 415 62.23 24.83 29.64
C LEU F 415 60.92 25.18 30.27
N ARG F 416 59.80 25.18 29.51
CA ARG F 416 58.48 25.53 30.05
C ARG F 416 57.79 24.42 30.86
N GLY F 417 58.45 23.28 31.02
CA GLY F 417 57.92 22.17 31.81
C GLY F 417 57.09 21.14 31.07
N PHE F 418 56.89 21.30 29.77
CA PHE F 418 56.13 20.33 28.98
C PHE F 418 56.85 19.01 28.86
N LEU F 419 58.17 19.04 28.80
CA LEU F 419 58.97 17.85 28.60
C LEU F 419 59.99 17.65 29.68
N ARG F 420 60.24 16.37 29.94
CA ARG F 420 61.22 15.86 30.88
C ARG F 420 62.02 14.77 30.13
N VAL F 421 63.28 14.54 30.52
CA VAL F 421 64.07 13.47 29.93
C VAL F 421 63.41 12.11 30.25
N GLY F 422 63.31 11.27 29.24
CA GLY F 422 62.62 10.00 29.37
C GLY F 422 61.25 10.00 28.70
N ASP F 423 60.65 11.20 28.55
CA ASP F 423 59.34 11.37 27.91
C ASP F 423 59.41 11.03 26.42
N LEU F 424 58.29 10.59 25.87
CA LEU F 424 58.22 10.34 24.43
C LEU F 424 57.49 11.51 23.77
N VAL F 425 57.95 11.94 22.59
CA VAL F 425 57.34 13.03 21.83
C VAL F 425 57.17 12.60 20.36
N ILE F 426 56.12 13.09 19.71
CA ILE F 426 55.84 12.76 18.32
C ILE F 426 56.21 14.00 17.50
N VAL F 427 57.10 13.86 16.51
CA VAL F 427 57.53 14.98 15.68
C VAL F 427 56.88 14.91 14.30
N VAL F 428 56.17 15.96 13.92
CA VAL F 428 55.49 16.02 12.63
C VAL F 428 56.09 17.07 11.72
N THR F 429 56.65 16.63 10.57
CA THR F 429 57.32 17.47 9.57
C THR F 429 56.84 17.14 8.11
N GLY F 430 57.39 17.86 7.13
CA GLY F 430 57.10 17.60 5.73
C GLY F 430 58.32 17.13 4.96
N TRP F 431 58.13 16.79 3.69
CA TRP F 431 59.21 16.29 2.83
C TRP F 431 59.96 17.39 2.06
N ARG F 432 59.32 18.55 1.88
CA ARG F 432 59.91 19.70 1.17
C ARG F 432 59.39 21.00 1.76
N PRO F 433 60.12 22.13 1.60
CA PRO F 433 59.64 23.41 2.17
C PRO F 433 58.34 23.92 1.56
N GLY F 434 57.72 24.89 2.23
CA GLY F 434 56.45 25.44 1.78
C GLY F 434 55.28 24.77 2.46
N SER F 435 54.16 25.48 2.53
CA SER F 435 52.97 24.96 3.16
C SER F 435 52.30 23.82 2.37
N GLY F 436 51.68 22.90 3.11
CA GLY F 436 50.91 21.80 2.55
C GLY F 436 51.61 20.48 2.31
N TYR F 437 52.90 20.36 2.62
CA TYR F 437 53.63 19.12 2.35
C TYR F 437 53.93 18.27 3.57
N THR F 438 53.19 18.47 4.69
CA THR F 438 53.38 17.67 5.90
C THR F 438 53.05 16.21 5.59
N ASN F 439 53.98 15.29 5.85
CA ASN F 439 53.74 13.89 5.57
C ASN F 439 54.56 12.92 6.45
N ILE F 440 55.41 13.44 7.36
CA ILE F 440 56.27 12.59 8.16
C ILE F 440 55.95 12.66 9.64
N MET F 441 55.96 11.51 10.29
CA MET F 441 55.75 11.42 11.72
CA MET F 441 55.72 11.35 11.72
C MET F 441 56.93 10.63 12.30
N ARG F 442 57.48 11.11 13.42
CA ARG F 442 58.65 10.49 14.03
C ARG F 442 58.47 10.31 15.53
N VAL F 443 58.79 9.12 16.06
CA VAL F 443 58.68 8.87 17.50
C VAL F 443 60.05 9.16 18.09
N LEU F 444 60.15 10.15 18.99
CA LEU F 444 61.44 10.49 19.60
CA LEU F 444 61.44 10.49 19.59
C LEU F 444 61.41 10.41 21.12
N SER F 445 62.50 9.88 21.72
CA SER F 445 62.60 9.83 23.18
C SER F 445 63.45 11.01 23.62
N ILE F 446 62.95 11.80 24.58
CA ILE F 446 63.66 12.98 25.04
CA ILE F 446 63.63 12.98 25.10
C ILE F 446 64.94 12.61 25.83
N SER F 447 66.05 13.17 25.34
CA SER F 447 67.40 13.00 25.87
C SER F 447 67.81 14.22 26.70
N ALA G 25 30.81 -21.66 41.72
CA ALA G 25 30.78 -22.84 40.84
C ALA G 25 29.80 -22.66 39.69
N PHE G 26 28.69 -21.96 39.94
CA PHE G 26 27.68 -21.71 38.91
C PHE G 26 28.26 -20.79 37.83
N PHE G 27 29.03 -19.77 38.23
CA PHE G 27 29.58 -18.80 37.29
C PHE G 27 30.84 -19.30 36.53
N GLN G 28 31.20 -20.58 36.69
CA GLN G 28 32.31 -21.15 35.91
C GLN G 28 31.74 -21.99 34.75
N GLN G 29 30.57 -22.63 34.94
CA GLN G 29 29.87 -23.44 33.94
C GLN G 29 29.31 -22.60 32.77
N GLN G 30 28.92 -23.28 31.67
CA GLN G 30 28.32 -22.78 30.43
C GLN G 30 28.92 -21.44 29.92
N GLN G 31 30.27 -21.38 29.86
CA GLN G 31 31.07 -20.24 29.39
C GLN G 31 30.58 -18.89 29.92
N LEU G 32 30.24 -18.83 31.22
CA LEU G 32 29.79 -17.59 31.85
C LEU G 32 30.92 -16.55 32.02
N PRO G 33 32.20 -16.91 32.30
CA PRO G 33 33.24 -15.86 32.35
C PRO G 33 33.46 -15.22 30.97
N ALA G 34 33.40 -16.04 29.91
CA ALA G 34 33.56 -15.62 28.52
C ALA G 34 32.41 -14.70 28.05
N ALA G 35 31.17 -14.99 28.46
CA ALA G 35 29.99 -14.19 28.07
C ALA G 35 29.89 -12.84 28.80
N MET G 36 30.62 -12.68 29.94
CA MET G 36 30.67 -11.44 30.72
C MET G 36 31.76 -10.46 30.21
N ALA G 37 32.58 -10.87 29.23
CA ALA G 37 33.68 -10.06 28.70
C ALA G 37 33.21 -8.79 28.02
N ASP G 38 33.97 -7.70 28.17
CA ASP G 38 33.63 -6.40 27.58
C ASP G 38 33.86 -6.33 26.07
N THR G 39 34.73 -7.21 25.53
CA THR G 39 35.01 -7.29 24.10
C THR G 39 34.86 -8.73 23.60
N PHE G 40 34.69 -8.88 22.29
CA PHE G 40 34.61 -10.19 21.66
C PHE G 40 35.98 -10.90 21.69
N LEU G 41 37.08 -10.14 21.59
CA LEU G 41 38.43 -10.73 21.66
C LEU G 41 38.64 -11.34 23.04
N GLU G 42 38.26 -10.59 24.12
CA GLU G 42 38.35 -11.04 25.52
CA GLU G 42 38.39 -11.08 25.49
C GLU G 42 37.46 -12.27 25.73
N HIS G 43 36.28 -12.30 25.09
CA HIS G 43 35.34 -13.42 25.14
C HIS G 43 36.03 -14.70 24.64
N LEU G 44 36.71 -14.62 23.47
CA LEU G 44 37.44 -15.75 22.89
C LEU G 44 38.55 -16.23 23.82
N CYS G 45 39.28 -15.30 24.44
CA CYS G 45 40.36 -15.64 25.38
C CYS G 45 39.86 -16.35 26.64
N LEU G 46 38.61 -16.10 27.04
CA LEU G 46 37.99 -16.68 28.22
C LEU G 46 37.24 -18.01 27.98
N LEU G 47 37.29 -18.55 26.76
CA LEU G 47 36.62 -19.83 26.48
C LEU G 47 37.38 -20.94 27.18
N ASP G 48 36.71 -21.66 28.07
CA ASP G 48 37.32 -22.73 28.85
C ASP G 48 36.80 -24.11 28.40
N ILE G 49 37.69 -25.07 28.05
CA ILE G 49 37.24 -26.43 27.70
C ILE G 49 36.71 -27.18 28.94
N ASP G 50 37.16 -26.79 30.15
CA ASP G 50 36.71 -27.36 31.40
C ASP G 50 35.39 -26.77 31.93
N SER G 51 34.82 -25.79 31.21
CA SER G 51 33.55 -25.16 31.54
C SER G 51 32.47 -25.97 30.82
N GLU G 52 31.73 -26.79 31.58
CA GLU G 52 30.73 -27.69 31.02
C GLU G 52 29.38 -27.03 30.73
N PRO G 53 28.68 -27.47 29.67
CA PRO G 53 27.36 -26.89 29.37
C PRO G 53 26.29 -27.38 30.33
N VAL G 54 25.49 -26.47 30.90
CA VAL G 54 24.43 -26.87 31.82
C VAL G 54 23.09 -26.84 31.14
N ALA G 55 22.84 -25.81 30.33
CA ALA G 55 21.59 -25.65 29.58
C ALA G 55 21.32 -26.79 28.60
N ALA G 56 20.04 -27.01 28.26
CA ALA G 56 19.70 -28.05 27.29
C ALA G 56 20.09 -27.60 25.88
N ARG G 57 20.25 -28.55 24.95
CA ARG G 57 20.62 -28.23 23.57
C ARG G 57 19.44 -27.56 22.85
N SER G 58 19.61 -26.29 22.41
CA SER G 58 18.55 -25.50 21.77
C SER G 58 18.43 -25.68 20.24
N THR G 59 19.57 -25.72 19.51
CA THR G 59 19.57 -25.93 18.06
C THR G 59 18.98 -27.28 17.70
N SER G 60 17.86 -27.29 16.96
CA SER G 60 17.19 -28.54 16.62
C SER G 60 17.95 -29.36 15.58
N ILE G 61 17.75 -30.68 15.60
CA ILE G 61 18.39 -31.61 14.67
C ILE G 61 17.36 -32.21 13.70
N ILE G 62 17.59 -32.00 12.39
CA ILE G 62 16.76 -32.56 11.34
C ILE G 62 17.46 -33.81 10.86
N ALA G 63 16.79 -34.96 10.93
CA ALA G 63 17.37 -36.22 10.49
C ALA G 63 16.63 -36.76 9.27
N THR G 64 17.36 -37.08 8.19
CA THR G 64 16.75 -37.63 6.99
C THR G 64 16.39 -39.10 7.17
N ILE G 65 15.13 -39.41 7.00
CA ILE G 65 14.63 -40.77 7.14
C ILE G 65 14.82 -41.56 5.87
N GLY G 66 15.58 -42.63 5.99
CA GLY G 66 15.87 -43.52 4.88
C GLY G 66 15.89 -44.97 5.31
N PRO G 67 16.51 -45.85 4.51
CA PRO G 67 16.56 -47.27 4.90
C PRO G 67 17.30 -47.54 6.22
N ALA G 68 18.37 -46.78 6.48
CA ALA G 68 19.15 -46.91 7.72
C ALA G 68 18.43 -46.38 8.97
N SER G 69 17.27 -45.75 8.82
CA SER G 69 16.57 -45.16 9.94
C SER G 69 15.06 -45.24 9.72
N ARG G 70 14.56 -46.42 9.32
CA ARG G 70 13.13 -46.56 9.03
C ARG G 70 12.35 -47.43 9.99
N SER G 71 13.01 -48.39 10.66
CA SER G 71 12.28 -49.26 11.59
C SER G 71 11.80 -48.46 12.82
N VAL G 72 10.62 -48.82 13.36
CA VAL G 72 10.07 -48.17 14.56
C VAL G 72 11.04 -48.25 15.73
N GLU G 73 11.82 -49.33 15.81
CA GLU G 73 12.81 -49.50 16.87
C GLU G 73 14.02 -48.58 16.71
N ARG G 74 14.52 -48.44 15.46
CA ARG G 74 15.64 -47.56 15.13
C ARG G 74 15.25 -46.11 15.35
N LEU G 75 14.02 -45.74 14.96
CA LEU G 75 13.46 -44.39 15.12
C LEU G 75 13.33 -44.01 16.58
N LYS G 76 12.93 -44.96 17.45
CA LYS G 76 12.83 -44.77 18.90
C LYS G 76 14.19 -44.36 19.46
N GLU G 77 15.28 -44.98 18.97
CA GLU G 77 16.66 -44.68 19.38
C GLU G 77 17.10 -43.30 18.93
N MET G 78 16.68 -42.88 17.73
CA MET G 78 17.04 -41.57 17.19
CA MET G 78 17.03 -41.57 17.19
C MET G 78 16.31 -40.45 17.93
N ILE G 79 15.07 -40.72 18.41
CA ILE G 79 14.31 -39.76 19.18
C ILE G 79 15.06 -39.52 20.51
N LYS G 80 15.53 -40.63 21.15
CA LYS G 80 16.30 -40.62 22.39
C LYS G 80 17.65 -39.93 22.22
N ALA G 81 18.29 -40.10 21.06
CA ALA G 81 19.57 -39.46 20.76
C ALA G 81 19.45 -37.92 20.57
N GLY G 82 18.25 -37.45 20.17
CA GLY G 82 17.96 -36.02 19.99
C GLY G 82 17.32 -35.54 18.70
N MET G 83 16.71 -36.44 17.92
CA MET G 83 16.06 -36.02 16.68
C MET G 83 14.82 -35.22 16.98
N ASN G 84 14.66 -34.08 16.31
CA ASN G 84 13.49 -33.22 16.51
C ASN G 84 12.61 -33.17 15.27
N ILE G 85 13.24 -33.17 14.09
CA ILE G 85 12.51 -33.12 12.84
C ILE G 85 12.94 -34.29 11.99
N ALA G 86 11.96 -34.98 11.39
CA ALA G 86 12.19 -36.13 10.51
C ALA G 86 11.98 -35.69 9.06
N ARG G 87 13.07 -35.64 8.26
CA ARG G 87 13.01 -35.19 6.88
C ARG G 87 12.77 -36.34 5.90
N LEU G 88 11.78 -36.19 5.04
CA LEU G 88 11.50 -37.20 4.01
C LEU G 88 11.98 -36.62 2.69
N ASN G 89 13.05 -37.20 2.10
CA ASN G 89 13.56 -36.70 0.80
C ASN G 89 12.73 -37.27 -0.35
N PHE G 90 11.89 -36.43 -0.95
CA PHE G 90 11.03 -36.84 -2.05
C PHE G 90 11.75 -36.96 -3.42
N SER G 91 13.08 -36.76 -3.44
CA SER G 91 13.90 -36.97 -4.61
C SER G 91 14.10 -38.50 -4.85
N HIS G 92 13.87 -39.34 -3.82
CA HIS G 92 14.02 -40.81 -3.90
C HIS G 92 12.80 -41.47 -3.24
N GLY G 93 12.39 -42.64 -3.72
CA GLY G 93 11.27 -43.39 -3.15
C GLY G 93 9.88 -42.96 -3.56
N SER G 94 8.93 -43.91 -3.48
CA SER G 94 7.53 -43.72 -3.86
C SER G 94 6.69 -43.08 -2.76
N HIS G 95 5.48 -42.61 -3.08
CA HIS G 95 4.54 -42.06 -2.11
C HIS G 95 4.19 -43.14 -1.06
N GLU G 96 4.06 -44.40 -1.49
CA GLU G 96 3.75 -45.52 -0.61
C GLU G 96 4.86 -45.69 0.43
N TYR G 97 6.12 -45.59 -0.01
CA TYR G 97 7.30 -45.71 0.82
C TYR G 97 7.33 -44.61 1.88
N HIS G 98 7.13 -43.34 1.48
CA HIS G 98 7.12 -42.21 2.40
C HIS G 98 5.95 -42.24 3.37
N ALA G 99 4.80 -42.79 2.97
CA ALA G 99 3.66 -42.92 3.87
C ALA G 99 3.99 -43.90 5.01
N GLU G 100 4.72 -45.00 4.69
CA GLU G 100 5.14 -45.99 5.70
CA GLU G 100 5.14 -45.99 5.72
C GLU G 100 6.17 -45.38 6.65
N SER G 101 7.05 -44.50 6.13
CA SER G 101 8.04 -43.80 6.93
C SER G 101 7.29 -42.90 7.95
N ILE G 102 6.27 -42.14 7.48
CA ILE G 102 5.43 -41.27 8.30
C ILE G 102 4.77 -42.07 9.42
N ALA G 103 4.22 -43.24 9.07
CA ALA G 103 3.56 -44.13 10.03
C ALA G 103 4.54 -44.69 11.07
N ASN G 104 5.75 -45.08 10.65
CA ASN G 104 6.77 -45.61 11.55
C ASN G 104 7.30 -44.55 12.50
N VAL G 105 7.41 -43.31 12.01
CA VAL G 105 7.86 -42.17 12.82
C VAL G 105 6.79 -41.88 13.85
N ARG G 106 5.53 -41.74 13.42
CA ARG G 106 4.42 -41.47 14.34
C ARG G 106 4.23 -42.57 15.39
N GLU G 107 4.44 -43.84 15.00
CA GLU G 107 4.35 -44.97 15.93
C GLU G 107 5.48 -44.90 16.99
N ALA G 108 6.71 -44.57 16.56
CA ALA G 108 7.86 -44.44 17.45
C ALA G 108 7.70 -43.24 18.39
N VAL G 109 7.10 -42.15 17.92
CA VAL G 109 6.90 -40.96 18.74
C VAL G 109 5.81 -41.23 19.78
N GLU G 110 4.71 -41.87 19.35
CA GLU G 110 3.62 -42.15 20.27
C GLU G 110 3.92 -43.27 21.26
N SER G 111 5.04 -43.99 21.10
CA SER G 111 5.42 -45.03 22.05
C SER G 111 5.86 -44.45 23.42
N PHE G 112 6.09 -43.13 23.51
CA PHE G 112 6.44 -42.44 24.75
C PHE G 112 5.32 -41.51 25.23
N ALA G 113 4.12 -41.58 24.64
CA ALA G 113 3.00 -40.71 25.01
C ALA G 113 2.40 -41.00 26.39
N GLY G 114 2.77 -42.17 26.96
CA GLY G 114 2.33 -42.61 28.28
C GLY G 114 2.79 -41.68 29.39
N SER G 115 3.93 -41.00 29.18
CA SER G 115 4.45 -40.04 30.15
C SER G 115 4.38 -38.64 29.49
N PRO G 116 3.24 -37.91 29.56
CA PRO G 116 3.14 -36.59 28.87
C PRO G 116 4.11 -35.49 29.33
N LEU G 117 4.68 -35.64 30.54
CA LEU G 117 5.67 -34.68 31.02
C LEU G 117 7.10 -35.02 30.47
N SER G 118 7.33 -36.28 29.95
CA SER G 118 8.59 -36.81 29.37
C SER G 118 8.40 -37.46 27.92
N TYR G 119 7.52 -36.83 27.07
CA TYR G 119 7.16 -37.22 25.69
C TYR G 119 7.77 -36.18 24.76
N ARG G 120 8.44 -36.62 23.70
CA ARG G 120 9.04 -35.67 22.77
C ARG G 120 8.36 -35.63 21.39
N PRO G 121 7.70 -34.49 21.03
CA PRO G 121 7.08 -34.40 19.70
C PRO G 121 8.13 -34.24 18.59
N VAL G 122 7.87 -34.85 17.45
CA VAL G 122 8.80 -34.81 16.33
C VAL G 122 8.06 -34.30 15.10
N ALA G 123 8.57 -33.23 14.47
CA ALA G 123 7.95 -32.67 13.27
C ALA G 123 8.26 -33.51 12.05
N ILE G 124 7.42 -33.46 11.04
CA ILE G 124 7.68 -34.18 9.79
C ILE G 124 7.87 -33.18 8.65
N ALA G 125 9.04 -33.20 8.01
CA ALA G 125 9.31 -32.29 6.92
C ALA G 125 9.36 -32.99 5.56
N LEU G 126 8.79 -32.38 4.52
CA LEU G 126 8.78 -32.95 3.18
C LEU G 126 9.75 -32.15 2.34
N ASP G 127 10.81 -32.80 1.83
CA ASP G 127 11.80 -32.13 1.00
C ASP G 127 11.49 -32.43 -0.46
N THR G 128 10.95 -31.46 -1.19
CA THR G 128 10.56 -31.62 -2.59
C THR G 128 11.71 -32.00 -3.52
N LYS G 129 11.37 -32.70 -4.64
CA LYS G 129 12.30 -33.15 -5.68
C LYS G 129 12.97 -31.96 -6.40
N GLY G 130 12.17 -30.93 -6.69
CA GLY G 130 12.65 -29.71 -7.32
C GLY G 130 12.14 -29.46 -8.73
N PRO G 131 12.44 -28.27 -9.27
CA PRO G 131 11.99 -27.96 -10.63
C PRO G 131 12.90 -28.56 -11.70
N GLY G 134 13.28 -27.27 -15.39
CA GLY G 134 12.03 -26.51 -15.45
C GLY G 134 12.11 -25.10 -14.90
N PRO G 135 11.15 -24.23 -15.29
CA PRO G 135 11.18 -22.81 -14.83
C PRO G 135 10.49 -22.51 -13.48
N GLY G 136 9.55 -23.38 -13.11
CA GLY G 136 8.80 -23.23 -11.87
C GLY G 136 8.47 -24.56 -11.23
N LEU G 137 7.40 -24.60 -10.44
CA LEU G 137 6.92 -25.80 -9.75
C LEU G 137 6.60 -26.96 -10.72
N SER G 138 7.40 -28.04 -10.64
CA SER G 138 7.23 -29.20 -11.49
C SER G 138 5.94 -29.96 -11.22
N GLU G 139 5.53 -30.81 -12.16
CA GLU G 139 4.29 -31.59 -12.05
C GLU G 139 4.38 -32.55 -10.86
N GLN G 140 5.56 -33.19 -10.69
CA GLN G 140 5.78 -34.14 -9.61
C GLN G 140 5.70 -33.43 -8.27
N ASP G 141 6.27 -32.23 -8.18
CA ASP G 141 6.25 -31.42 -6.98
C ASP G 141 4.84 -31.10 -6.52
N VAL G 142 3.92 -30.84 -7.45
CA VAL G 142 2.53 -30.56 -7.11
C VAL G 142 1.88 -31.77 -6.48
N ARG G 143 2.19 -32.97 -6.99
CA ARG G 143 1.65 -34.22 -6.48
C ARG G 143 2.23 -34.54 -5.12
N ASP G 144 3.53 -34.32 -4.96
CA ASP G 144 4.23 -34.56 -3.70
C ASP G 144 3.74 -33.64 -2.59
N LEU G 145 3.52 -32.35 -2.90
CA LEU G 145 2.99 -31.34 -1.98
C LEU G 145 1.56 -31.72 -1.56
N ARG G 146 0.74 -32.19 -2.51
CA ARG G 146 -0.62 -32.62 -2.23
C ARG G 146 -0.59 -33.84 -1.29
N PHE G 147 0.41 -34.73 -1.46
CA PHE G 147 0.62 -35.91 -0.61
C PHE G 147 0.94 -35.46 0.83
N GLY G 148 1.82 -34.48 0.95
CA GLY G 148 2.19 -33.94 2.25
C GLY G 148 1.00 -33.34 2.97
N VAL G 149 0.14 -32.66 2.24
CA VAL G 149 -1.07 -32.07 2.82
C VAL G 149 -1.99 -33.19 3.31
N GLU G 150 -2.27 -34.19 2.47
CA GLU G 150 -3.13 -35.34 2.82
C GLU G 150 -2.60 -36.14 4.01
N HIS G 151 -1.28 -36.19 4.19
CA HIS G 151 -0.66 -36.92 5.29
C HIS G 151 -0.27 -36.07 6.51
N GLY G 152 -0.64 -34.80 6.51
CA GLY G 152 -0.37 -33.91 7.63
C GLY G 152 1.07 -33.60 7.96
N VAL G 153 1.88 -33.20 6.96
CA VAL G 153 3.25 -32.78 7.23
C VAL G 153 3.23 -31.39 7.86
N ASP G 154 4.28 -31.07 8.62
CA ASP G 154 4.34 -29.80 9.33
C ASP G 154 5.15 -28.77 8.58
N ILE G 155 6.23 -29.22 7.92
CA ILE G 155 7.14 -28.34 7.19
C ILE G 155 7.35 -28.82 5.76
N VAL G 156 7.64 -27.90 4.84
CA VAL G 156 7.98 -28.19 3.45
C VAL G 156 9.32 -27.54 3.17
N PHE G 157 10.29 -28.32 2.69
CA PHE G 157 11.58 -27.80 2.30
C PHE G 157 11.52 -27.64 0.80
N ALA G 158 11.18 -26.44 0.32
CA ALA G 158 11.04 -26.20 -1.12
C ALA G 158 12.37 -26.17 -1.83
N SER G 159 12.62 -27.13 -2.75
CA SER G 159 13.87 -27.19 -3.48
C SER G 159 13.96 -26.14 -4.60
N PHE G 160 15.18 -25.59 -4.78
CA PHE G 160 15.57 -24.60 -5.78
C PHE G 160 14.65 -23.40 -5.93
N VAL G 161 14.42 -22.70 -4.81
CA VAL G 161 13.62 -21.48 -4.86
C VAL G 161 14.49 -20.38 -5.50
N ARG G 162 13.97 -19.68 -6.52
CA ARG G 162 14.74 -18.65 -7.22
C ARG G 162 14.21 -17.24 -7.04
N LYS G 163 12.88 -17.13 -6.90
CA LYS G 163 12.21 -15.84 -6.75
C LYS G 163 10.97 -15.98 -5.86
N ALA G 164 10.33 -14.87 -5.50
CA ALA G 164 9.15 -14.89 -4.63
C ALA G 164 7.96 -15.62 -5.24
N SER G 165 7.89 -15.68 -6.57
CA SER G 165 6.79 -16.38 -7.25
C SER G 165 6.85 -17.90 -7.06
N ASP G 166 8.07 -18.45 -6.82
CA ASP G 166 8.32 -19.88 -6.58
C ASP G 166 7.71 -20.30 -5.23
N VAL G 167 7.85 -19.44 -4.23
CA VAL G 167 7.29 -19.67 -2.90
C VAL G 167 5.78 -19.61 -3.00
N ALA G 168 5.23 -18.62 -3.72
CA ALA G 168 3.81 -18.44 -3.92
C ALA G 168 3.22 -19.68 -4.62
N ALA G 169 3.96 -20.28 -5.57
CA ALA G 169 3.55 -21.48 -6.29
C ALA G 169 3.42 -22.64 -5.31
N VAL G 170 4.37 -22.77 -4.36
CA VAL G 170 4.34 -23.82 -3.35
C VAL G 170 3.18 -23.59 -2.36
N ARG G 171 2.96 -22.33 -1.98
CA ARG G 171 1.87 -21.91 -1.09
C ARG G 171 0.52 -22.27 -1.68
N ALA G 172 0.38 -22.06 -3.00
CA ALA G 172 -0.84 -22.34 -3.76
C ALA G 172 -1.06 -23.87 -3.86
N ALA G 173 0.04 -24.61 -4.11
CA ALA G 173 0.02 -26.07 -4.19
C ALA G 173 -0.39 -26.72 -2.82
N LEU G 174 -0.15 -26.00 -1.70
CA LEU G 174 -0.58 -26.51 -0.39
C LEU G 174 -2.06 -26.14 -0.27
N GLY G 175 -2.89 -27.04 -0.83
CA GLY G 175 -4.34 -27.01 -1.03
C GLY G 175 -5.11 -26.12 -0.10
N PRO G 176 -6.45 -26.27 0.02
CA PRO G 176 -7.18 -25.41 1.00
C PRO G 176 -6.82 -25.75 2.43
N GLU G 177 -6.50 -27.01 2.70
CA GLU G 177 -6.17 -27.48 4.02
C GLU G 177 -4.69 -27.26 4.40
N GLY G 178 -3.77 -27.34 3.43
CA GLY G 178 -2.34 -27.18 3.73
C GLY G 178 -1.83 -25.77 4.00
N HIS G 179 -2.73 -24.81 4.24
CA HIS G 179 -2.31 -23.41 4.46
C HIS G 179 -1.47 -23.20 5.72
N GLY G 180 -1.56 -24.12 6.71
CA GLY G 180 -0.81 -24.06 7.97
C GLY G 180 0.58 -24.69 7.99
N ILE G 181 1.04 -25.30 6.88
CA ILE G 181 2.37 -25.88 6.79
C ILE G 181 3.40 -24.77 6.65
N LYS G 182 4.58 -24.97 7.22
CA LYS G 182 5.65 -23.98 7.13
C LYS G 182 6.44 -24.17 5.86
N ILE G 183 6.82 -23.07 5.18
CA ILE G 183 7.60 -23.16 3.95
C ILE G 183 9.02 -22.68 4.15
N ILE G 184 9.97 -23.61 4.15
CA ILE G 184 11.38 -23.29 4.29
C ILE G 184 11.99 -23.35 2.90
N SER G 185 12.31 -22.17 2.33
CA SER G 185 12.85 -22.08 0.98
C SER G 185 14.29 -22.48 0.94
N LYS G 186 14.64 -23.43 0.07
CA LYS G 186 16.04 -23.84 -0.07
C LYS G 186 16.72 -22.96 -1.09
N ILE G 187 17.75 -22.21 -0.67
CA ILE G 187 18.51 -21.38 -1.58
C ILE G 187 19.65 -22.24 -2.07
N GLU G 188 19.57 -22.73 -3.33
CA GLU G 188 20.57 -23.65 -3.87
C GLU G 188 21.34 -23.13 -5.10
N ASN G 189 21.03 -21.91 -5.61
CA ASN G 189 21.69 -21.37 -6.81
C ASN G 189 21.95 -19.85 -6.71
N HIS G 190 22.68 -19.28 -7.68
CA HIS G 190 23.01 -17.85 -7.68
C HIS G 190 21.80 -16.91 -7.74
N GLU G 191 20.76 -17.27 -8.51
CA GLU G 191 19.58 -16.41 -8.62
C GLU G 191 18.88 -16.25 -7.27
N GLY G 192 18.73 -17.37 -6.55
CA GLY G 192 18.13 -17.41 -5.23
C GLY G 192 18.89 -16.59 -4.20
N VAL G 193 20.24 -16.59 -4.31
CA VAL G 193 21.12 -15.81 -3.43
C VAL G 193 20.92 -14.32 -3.69
N LYS G 194 20.79 -13.93 -4.96
CA LYS G 194 20.58 -12.54 -5.32
C LYS G 194 19.20 -12.02 -4.96
N ARG G 195 18.16 -12.81 -5.22
CA ARG G 195 16.79 -12.43 -4.88
C ARG G 195 16.39 -12.84 -3.44
N PHE G 196 17.38 -13.16 -2.59
CA PHE G 196 17.18 -13.59 -1.21
C PHE G 196 16.18 -12.75 -0.44
N ASP G 197 16.30 -11.42 -0.50
CA ASP G 197 15.42 -10.53 0.25
C ASP G 197 13.93 -10.71 -0.07
N GLU G 198 13.60 -10.93 -1.36
CA GLU G 198 12.22 -11.13 -1.77
C GLU G 198 11.71 -12.51 -1.41
N ILE G 199 12.60 -13.52 -1.44
CA ILE G 199 12.28 -14.89 -1.08
C ILE G 199 11.99 -14.97 0.43
N LEU G 200 12.91 -14.49 1.26
CA LEU G 200 12.75 -14.50 2.71
C LEU G 200 11.48 -13.79 3.14
N GLU G 201 11.13 -12.71 2.47
CA GLU G 201 9.93 -11.92 2.76
C GLU G 201 8.66 -12.75 2.69
N VAL G 202 8.55 -13.63 1.68
CA VAL G 202 7.37 -14.47 1.47
C VAL G 202 7.51 -15.90 2.05
N SER G 203 8.71 -16.30 2.50
CA SER G 203 8.93 -17.61 3.09
C SER G 203 8.80 -17.59 4.60
N ASP G 204 8.56 -18.76 5.21
CA ASP G 204 8.52 -18.89 6.67
C ASP G 204 9.95 -18.99 7.25
N GLY G 205 10.89 -19.43 6.44
CA GLY G 205 12.28 -19.56 6.81
C GLY G 205 13.12 -19.99 5.64
N ILE G 206 14.41 -20.19 5.85
CA ILE G 206 15.34 -20.52 4.77
C ILE G 206 16.19 -21.72 5.14
N MET G 207 16.65 -22.45 4.13
CA MET G 207 17.58 -23.55 4.33
C MET G 207 18.77 -23.27 3.45
N VAL G 208 19.96 -23.22 4.03
CA VAL G 208 21.17 -23.00 3.26
C VAL G 208 21.58 -24.35 2.74
N ALA G 209 21.05 -24.68 1.54
CA ALA G 209 21.27 -25.94 0.83
C ALA G 209 22.66 -25.87 0.21
N ARG G 210 23.70 -26.19 1.01
CA ARG G 210 25.10 -26.06 0.60
C ARG G 210 25.56 -27.04 -0.48
N GLY G 211 24.87 -28.17 -0.66
CA GLY G 211 25.22 -29.16 -1.67
C GLY G 211 25.14 -28.62 -3.09
N ASP G 212 23.95 -28.21 -3.48
CA ASP G 212 23.75 -27.64 -4.81
C ASP G 212 24.37 -26.26 -4.92
N LEU G 213 24.36 -25.47 -3.83
CA LEU G 213 24.97 -24.15 -3.80
C LEU G 213 26.47 -24.21 -4.07
N GLY G 214 27.13 -25.25 -3.59
CA GLY G 214 28.56 -25.47 -3.83
C GLY G 214 28.92 -25.82 -5.27
N ILE G 215 27.91 -26.17 -6.09
CA ILE G 215 28.04 -26.53 -7.50
C ILE G 215 27.66 -25.33 -8.40
N GLU G 216 26.57 -24.61 -8.05
CA GLU G 216 26.07 -23.44 -8.80
C GLU G 216 27.00 -22.24 -8.66
N ILE G 217 27.54 -22.04 -7.45
CA ILE G 217 28.46 -20.94 -7.16
C ILE G 217 29.85 -21.54 -6.80
N PRO G 218 30.95 -20.76 -6.91
CA PRO G 218 32.27 -21.30 -6.53
C PRO G 218 32.26 -21.87 -5.10
N ALA G 219 32.87 -23.05 -4.88
CA ALA G 219 32.88 -23.67 -3.56
C ALA G 219 33.44 -22.76 -2.44
N GLU G 220 34.43 -21.94 -2.77
CA GLU G 220 35.06 -21.02 -1.83
C GLU G 220 34.20 -19.79 -1.49
N LYS G 221 33.03 -19.62 -2.11
CA LYS G 221 32.12 -18.52 -1.84
C LYS G 221 30.87 -18.96 -1.06
N VAL G 222 30.68 -20.27 -0.83
CA VAL G 222 29.52 -20.84 -0.15
C VAL G 222 29.41 -20.37 1.31
N PHE G 223 30.55 -20.28 2.01
CA PHE G 223 30.53 -19.82 3.41
C PHE G 223 30.00 -18.36 3.57
N LEU G 224 30.22 -17.49 2.57
CA LEU G 224 29.74 -16.09 2.59
C LEU G 224 28.24 -16.05 2.44
N ALA G 225 27.70 -16.94 1.59
CA ALA G 225 26.27 -17.05 1.37
C ALA G 225 25.64 -17.57 2.66
N GLN G 226 26.24 -18.62 3.29
CA GLN G 226 25.75 -19.17 4.55
C GLN G 226 25.70 -18.08 5.65
N LYS G 227 26.82 -17.41 5.88
CA LYS G 227 26.92 -16.36 6.87
C LYS G 227 26.01 -15.18 6.58
N MET G 228 25.82 -14.80 5.30
CA MET G 228 24.93 -13.70 4.96
C MET G 228 23.47 -14.06 5.21
N MET G 229 23.06 -15.22 4.74
CA MET G 229 21.69 -15.72 4.87
C MET G 229 21.32 -15.95 6.30
N ILE G 230 22.22 -16.53 7.11
CA ILE G 230 21.97 -16.75 8.52
C ILE G 230 21.74 -15.40 9.25
N GLY G 231 22.60 -14.43 8.97
CA GLY G 231 22.52 -13.12 9.58
C GLY G 231 21.25 -12.40 9.20
N ARG G 232 20.87 -12.50 7.92
CA ARG G 232 19.65 -11.84 7.42
C ARG G 232 18.39 -12.45 8.02
N CYS G 233 18.40 -13.80 8.20
CA CYS G 233 17.31 -14.57 8.82
C CYS G 233 17.17 -14.20 10.26
N ASN G 234 18.30 -14.10 10.97
CA ASN G 234 18.36 -13.73 12.37
C ASN G 234 17.77 -12.31 12.55
N LEU G 235 18.09 -11.40 11.64
CA LEU G 235 17.59 -10.03 11.66
C LEU G 235 16.05 -10.04 11.44
N ALA G 236 15.57 -10.85 10.47
CA ALA G 236 14.16 -10.99 10.12
C ALA G 236 13.32 -11.71 11.20
N GLY G 237 13.96 -12.52 12.03
CA GLY G 237 13.27 -13.30 13.05
C GLY G 237 12.67 -14.60 12.54
N LYS G 238 13.19 -15.10 11.40
CA LYS G 238 12.73 -16.34 10.77
C LYS G 238 13.77 -17.47 10.90
N PRO G 239 13.30 -18.71 11.15
CA PRO G 239 14.24 -19.85 11.29
C PRO G 239 15.14 -20.10 10.07
N VAL G 240 16.42 -20.44 10.30
CA VAL G 240 17.36 -20.74 9.25
C VAL G 240 17.98 -22.12 9.50
N VAL G 241 18.08 -22.97 8.46
CA VAL G 241 18.62 -24.32 8.60
C VAL G 241 19.96 -24.39 7.89
N CYS G 242 20.98 -24.99 8.52
CA CYS G 242 22.24 -25.22 7.84
C CYS G 242 22.19 -26.67 7.38
N ALA G 243 22.45 -26.92 6.10
CA ALA G 243 22.31 -28.25 5.55
C ALA G 243 23.51 -28.72 4.74
N THR G 244 23.60 -30.07 4.54
CA THR G 244 24.54 -30.82 3.69
C THR G 244 25.99 -30.95 4.19
N GLN G 245 26.43 -32.22 4.25
CA GLN G 245 27.78 -32.68 4.56
C GLN G 245 28.34 -32.16 5.87
N MET G 246 27.47 -31.95 6.86
CA MET G 246 27.88 -31.48 8.18
C MET G 246 28.75 -32.52 8.90
N LEU G 247 28.37 -33.80 8.86
CA LEU G 247 29.14 -34.88 9.45
C LEU G 247 29.24 -36.02 8.41
N GLU G 248 29.52 -35.66 7.14
CA GLU G 248 29.59 -36.58 6.01
C GLU G 248 30.40 -37.89 6.24
N SER G 249 31.57 -37.80 6.90
CA SER G 249 32.38 -38.99 7.16
C SER G 249 31.69 -40.03 8.04
N MET G 250 30.69 -39.59 8.83
CA MET G 250 29.90 -40.45 9.72
C MET G 250 28.91 -41.40 9.01
N ILE G 251 28.89 -41.37 7.67
CA ILE G 251 28.12 -42.31 6.86
C ILE G 251 28.84 -43.67 6.94
N THR G 252 30.20 -43.66 6.85
CA THR G 252 30.99 -44.88 6.92
C THR G 252 31.80 -45.03 8.23
N LYS G 253 32.17 -43.92 8.89
CA LYS G 253 32.98 -43.97 10.12
C LYS G 253 32.19 -43.62 11.38
N PRO G 254 32.52 -44.17 12.57
CA PRO G 254 31.75 -43.82 13.78
C PRO G 254 32.22 -42.52 14.45
N ARG G 255 33.21 -41.81 13.88
CA ARG G 255 33.68 -40.53 14.41
C ARG G 255 33.88 -39.55 13.24
N PRO G 256 33.51 -38.27 13.42
CA PRO G 256 33.72 -37.30 12.33
C PRO G 256 35.12 -36.68 12.34
N THR G 257 35.46 -36.00 11.23
CA THR G 257 36.75 -35.33 11.10
C THR G 257 36.75 -34.02 11.91
N ARG G 258 37.94 -33.44 12.13
CA ARG G 258 38.10 -32.18 12.85
C ARG G 258 37.44 -31.02 12.12
N ALA G 259 37.29 -31.11 10.79
CA ALA G 259 36.62 -30.10 9.98
C ALA G 259 35.12 -30.18 10.15
N GLU G 260 34.56 -31.40 10.25
CA GLU G 260 33.13 -31.63 10.42
C GLU G 260 32.61 -31.18 11.76
N THR G 261 33.33 -31.47 12.86
CA THR G 261 32.91 -30.99 14.17
C THR G 261 32.99 -29.45 14.21
N SER G 262 34.04 -28.88 13.59
CA SER G 262 34.23 -27.43 13.48
C SER G 262 33.10 -26.79 12.67
N ASP G 263 32.70 -27.42 11.56
CA ASP G 263 31.62 -26.91 10.72
C ASP G 263 30.31 -26.82 11.50
N VAL G 264 29.91 -27.90 12.19
CA VAL G 264 28.70 -27.97 12.99
C VAL G 264 28.73 -26.91 14.08
N ALA G 265 29.85 -26.80 14.79
CA ALA G 265 29.98 -25.80 15.85
C ALA G 265 29.88 -24.37 15.32
N ASN G 266 30.46 -24.13 14.15
CA ASN G 266 30.44 -22.81 13.55
C ASN G 266 29.09 -22.44 13.01
N ALA G 267 28.32 -23.41 12.48
CA ALA G 267 26.97 -23.15 11.99
C ALA G 267 26.09 -22.68 13.16
N VAL G 268 26.25 -23.31 14.34
CA VAL G 268 25.53 -22.92 15.56
C VAL G 268 25.97 -21.52 15.96
N LEU G 269 27.28 -21.26 15.93
CA LEU G 269 27.83 -19.96 16.28
C LEU G 269 27.35 -18.84 15.34
N ASP G 270 27.22 -19.13 14.04
CA ASP G 270 26.73 -18.20 13.03
C ASP G 270 25.28 -17.74 13.36
N GLY G 271 24.48 -18.64 13.92
CA GLY G 271 23.13 -18.31 14.31
C GLY G 271 22.08 -19.18 13.66
N ALA G 272 22.45 -20.41 13.25
CA ALA G 272 21.48 -21.32 12.61
C ALA G 272 20.50 -21.88 13.64
N ASP G 273 19.22 -21.87 13.30
CA ASP G 273 18.18 -22.38 14.17
C ASP G 273 18.17 -23.91 14.18
N CYS G 274 18.46 -24.53 13.04
CA CYS G 274 18.47 -25.99 12.88
C CYS G 274 19.72 -26.41 12.15
N ILE G 275 20.15 -27.64 12.43
CA ILE G 275 21.25 -28.29 11.73
C ILE G 275 20.69 -29.61 11.16
N MET G 276 21.25 -30.07 10.03
CA MET G 276 20.70 -31.23 9.35
C MET G 276 21.67 -32.32 8.95
N LEU G 277 21.19 -33.56 9.08
CA LEU G 277 21.90 -34.76 8.66
C LEU G 277 21.13 -35.33 7.46
N SER G 278 21.80 -35.48 6.31
CA SER G 278 21.17 -36.03 5.10
CA SER G 278 21.14 -36.04 5.13
C SER G 278 21.45 -37.55 4.98
N GLY G 279 22.51 -37.92 4.23
CA GLY G 279 22.90 -39.30 4.05
C GLY G 279 23.53 -39.93 5.29
N GLU G 280 23.94 -39.08 6.24
CA GLU G 280 24.53 -39.45 7.51
C GLU G 280 23.53 -40.35 8.33
N THR G 281 22.20 -40.03 8.27
CA THR G 281 21.05 -40.72 8.92
C THR G 281 20.20 -41.63 8.01
N ALA G 282 20.04 -41.23 6.74
CA ALA G 282 19.24 -41.96 5.75
C ALA G 282 19.86 -43.24 5.27
N LYS G 283 21.17 -43.23 4.97
CA LYS G 283 21.84 -44.40 4.44
C LYS G 283 23.16 -44.77 5.15
N GLY G 284 23.60 -43.94 6.09
CA GLY G 284 24.85 -44.20 6.80
C GLY G 284 24.81 -45.43 7.69
N ASN G 285 25.98 -46.00 7.95
CA ASN G 285 26.16 -47.13 8.86
C ASN G 285 25.93 -46.66 10.34
N PHE G 286 26.08 -45.33 10.61
CA PHE G 286 25.97 -44.74 11.94
C PHE G 286 24.91 -43.62 11.99
N PRO G 287 23.60 -43.95 12.00
CA PRO G 287 22.60 -42.89 12.04
C PRO G 287 22.36 -42.34 13.44
N VAL G 288 22.24 -43.21 14.45
CA VAL G 288 22.03 -42.78 15.83
C VAL G 288 23.28 -42.06 16.40
N GLU G 289 24.46 -42.50 16.00
CA GLU G 289 25.73 -41.92 16.42
C GLU G 289 25.89 -40.50 15.92
N ALA G 290 25.39 -40.25 14.70
CA ALA G 290 25.44 -38.94 14.05
C ALA G 290 24.61 -37.92 14.84
N VAL G 291 23.38 -38.32 15.22
CA VAL G 291 22.43 -37.51 15.98
C VAL G 291 23.05 -37.17 17.34
N LYS G 292 23.64 -38.18 18.01
CA LYS G 292 24.30 -38.02 19.31
C LYS G 292 25.43 -36.99 19.21
N MET G 293 26.22 -37.08 18.14
CA MET G 293 27.35 -36.21 17.88
C MET G 293 26.91 -34.77 17.65
N GLN G 294 25.85 -34.57 16.82
CA GLN G 294 25.35 -33.23 16.56
C GLN G 294 24.82 -32.61 17.83
N HIS G 295 24.17 -33.43 18.69
CA HIS G 295 23.65 -32.97 19.97
C HIS G 295 24.80 -32.42 20.85
N ALA G 296 25.88 -33.20 20.96
CA ALA G 296 27.05 -32.87 21.77
C ALA G 296 27.75 -31.56 21.38
N ILE G 297 28.01 -31.40 20.06
CA ILE G 297 28.67 -30.22 19.51
C ILE G 297 27.80 -28.97 19.69
N ALA G 298 26.48 -29.11 19.44
CA ALA G 298 25.52 -27.99 19.58
C ALA G 298 25.49 -27.43 21.01
N ARG G 299 25.38 -28.31 22.02
CA ARG G 299 25.40 -27.96 23.44
C ARG G 299 26.64 -27.11 23.79
N GLU G 300 27.80 -27.49 23.25
CA GLU G 300 29.06 -26.82 23.50
C GLU G 300 29.09 -25.44 22.88
N ALA G 301 28.69 -25.38 21.60
CA ALA G 301 28.70 -24.16 20.81
C ALA G 301 27.78 -23.10 21.38
N GLU G 302 26.55 -23.49 21.77
CA GLU G 302 25.58 -22.57 22.33
C GLU G 302 26.08 -21.87 23.59
N ALA G 303 26.86 -22.58 24.43
CA ALA G 303 27.45 -22.00 25.63
C ALA G 303 28.46 -20.91 25.26
N ALA G 304 29.24 -21.13 24.21
CA ALA G 304 30.23 -20.19 23.74
C ALA G 304 29.69 -19.00 22.94
N VAL G 305 28.37 -18.89 22.80
CA VAL G 305 27.80 -17.75 22.06
C VAL G 305 27.97 -16.47 22.88
N TYR G 306 28.42 -15.38 22.25
CA TYR G 306 28.66 -14.11 22.96
C TYR G 306 27.36 -13.31 23.06
N HIS G 307 26.52 -13.71 24.00
CA HIS G 307 25.22 -13.10 24.18
C HIS G 307 25.25 -11.61 24.47
N ARG G 308 26.29 -11.12 25.15
CA ARG G 308 26.41 -9.67 25.45
C ARG G 308 26.29 -8.81 24.18
N GLN G 309 27.08 -9.08 23.15
CA GLN G 309 27.01 -8.33 21.90
C GLN G 309 25.84 -8.78 21.07
N LEU G 310 25.56 -10.09 21.03
CA LEU G 310 24.46 -10.61 20.23
C LEU G 310 23.13 -9.95 20.58
N PHE G 311 22.76 -9.94 21.87
CA PHE G 311 21.51 -9.36 22.30
C PHE G 311 21.46 -7.88 22.07
N GLU G 312 22.56 -7.17 22.33
CA GLU G 312 22.57 -5.71 22.14
C GLU G 312 22.43 -5.34 20.68
N GLU G 313 23.00 -6.16 19.78
CA GLU G 313 22.93 -5.92 18.35
C GLU G 313 21.56 -6.25 17.82
N LEU G 314 21.00 -7.37 18.28
CA LEU G 314 19.66 -7.79 17.90
C LEU G 314 18.63 -6.74 18.38
N ARG G 315 18.84 -6.14 19.55
CA ARG G 315 17.95 -5.13 20.10
C ARG G 315 18.03 -3.85 19.27
N ARG G 316 19.25 -3.38 18.99
CA ARG G 316 19.49 -2.15 18.22
C ARG G 316 18.95 -2.30 16.79
N ALA G 317 19.20 -3.47 16.16
CA ALA G 317 18.76 -3.78 14.80
C ALA G 317 17.25 -3.95 14.67
N ALA G 318 16.59 -4.44 15.73
CA ALA G 318 15.14 -4.63 15.70
C ALA G 318 14.44 -3.29 15.65
N PRO G 319 13.44 -3.17 14.78
CA PRO G 319 12.70 -1.90 14.71
C PRO G 319 11.79 -1.74 15.91
N LEU G 320 11.40 -0.48 16.20
CA LEU G 320 10.42 -0.23 17.25
C LEU G 320 9.09 -0.86 16.85
N SER G 321 8.37 -1.45 17.80
CA SER G 321 7.14 -2.13 17.46
C SER G 321 6.03 -1.72 18.32
N ARG G 322 4.86 -1.57 17.73
CA ARG G 322 3.65 -1.27 18.51
C ARG G 322 2.84 -2.56 18.73
N ASP G 323 3.43 -3.76 18.50
CA ASP G 323 2.79 -5.07 18.64
C ASP G 323 3.07 -5.60 20.03
N PRO G 324 2.02 -5.79 20.83
CA PRO G 324 2.21 -6.27 22.20
C PRO G 324 3.01 -7.55 22.35
N THR G 325 2.87 -8.48 21.40
CA THR G 325 3.61 -9.72 21.47
C THR G 325 5.11 -9.42 21.30
N GLU G 326 5.46 -8.59 20.32
CA GLU G 326 6.85 -8.26 20.06
CA GLU G 326 6.84 -8.23 20.05
C GLU G 326 7.49 -7.46 21.19
N VAL G 327 6.69 -6.60 21.86
CA VAL G 327 7.12 -5.77 22.99
C VAL G 327 7.34 -6.62 24.23
N THR G 328 6.38 -7.50 24.51
CA THR G 328 6.49 -8.44 25.63
C THR G 328 7.66 -9.40 25.42
N ALA G 329 7.93 -9.79 24.18
CA ALA G 329 9.02 -10.70 23.85
C ALA G 329 10.36 -10.11 24.22
N ILE G 330 10.61 -8.82 23.87
CA ILE G 330 11.90 -8.21 24.20
C ILE G 330 12.00 -7.90 25.71
N GLY G 331 10.90 -7.52 26.30
CA GLY G 331 10.87 -7.25 27.73
C GLY G 331 11.18 -8.50 28.53
N ALA G 332 10.63 -9.67 28.10
CA ALA G 332 10.80 -10.96 28.77
C ALA G 332 12.22 -11.44 28.64
N VAL G 333 12.80 -11.34 27.45
CA VAL G 333 14.19 -11.76 27.24
C VAL G 333 15.16 -10.88 28.05
N GLU G 334 14.86 -9.58 28.16
CA GLU G 334 15.67 -8.67 28.93
CA GLU G 334 15.68 -8.65 28.93
C GLU G 334 15.64 -9.07 30.41
N ALA G 335 14.44 -9.40 30.91
CA ALA G 335 14.22 -9.80 32.29
C ALA G 335 14.92 -11.12 32.57
N ALA G 336 14.86 -12.06 31.61
CA ALA G 336 15.49 -13.37 31.75
C ALA G 336 17.00 -13.26 31.91
N PHE G 337 17.61 -12.30 31.22
CA PHE G 337 19.05 -12.09 31.31
C PHE G 337 19.46 -11.47 32.64
N LYS G 338 18.63 -10.58 33.18
CA LYS G 338 18.89 -9.88 34.43
C LYS G 338 19.05 -10.81 35.61
N CYS G 339 18.20 -11.80 35.71
CA CYS G 339 18.20 -12.75 36.82
C CYS G 339 18.78 -14.12 36.51
N CYS G 340 19.27 -14.33 35.27
CA CYS G 340 19.76 -15.63 34.80
C CYS G 340 18.66 -16.69 34.94
N ALA G 341 17.47 -16.38 34.38
CA ALA G 341 16.30 -17.23 34.48
C ALA G 341 16.59 -18.60 33.93
N ALA G 342 16.12 -19.63 34.64
CA ALA G 342 16.32 -21.02 34.23
C ALA G 342 15.58 -21.31 32.90
N ALA G 343 14.43 -20.70 32.73
CA ALA G 343 13.62 -20.86 31.53
C ALA G 343 12.63 -19.66 31.36
N ILE G 344 12.02 -19.56 30.16
CA ILE G 344 10.97 -18.60 29.87
C ILE G 344 9.80 -19.49 29.46
N ILE G 345 8.71 -19.47 30.21
CA ILE G 345 7.58 -20.31 29.88
C ILE G 345 6.59 -19.50 29.12
N VAL G 346 6.29 -19.87 27.87
CA VAL G 346 5.34 -19.13 27.08
C VAL G 346 4.15 -19.97 26.61
N LEU G 347 2.95 -19.43 26.81
CA LEU G 347 1.71 -20.07 26.38
C LEU G 347 1.46 -19.62 24.96
N THR G 348 1.51 -20.56 24.02
CA THR G 348 1.29 -20.25 22.62
C THR G 348 0.24 -21.16 21.98
N THR G 349 -0.43 -20.65 20.96
CA THR G 349 -1.46 -21.40 20.24
C THR G 349 -0.90 -21.80 18.87
N THR G 350 -0.33 -20.83 18.14
CA THR G 350 0.27 -20.97 16.82
C THR G 350 1.80 -21.17 16.87
N GLY G 351 2.42 -20.76 17.98
CA GLY G 351 3.88 -20.81 18.13
C GLY G 351 4.54 -19.44 17.96
N ARG G 352 3.78 -18.46 17.44
CA ARG G 352 4.25 -17.12 17.19
C ARG G 352 4.94 -16.48 18.38
N SER G 353 4.30 -16.50 19.57
CA SER G 353 4.88 -15.92 20.76
C SER G 353 6.23 -16.52 21.10
N ALA G 354 6.37 -17.84 20.92
CA ALA G 354 7.63 -18.52 21.21
C ALA G 354 8.68 -18.13 20.21
N GLN G 355 8.26 -17.95 18.93
CA GLN G 355 9.16 -17.52 17.85
C GLN G 355 9.70 -16.13 18.16
N LEU G 356 8.83 -15.24 18.61
CA LEU G 356 9.23 -13.90 18.94
C LEU G 356 10.15 -13.81 20.13
N LEU G 357 10.13 -14.79 21.03
CA LEU G 357 11.05 -14.84 22.17
C LEU G 357 12.42 -15.34 21.66
N SER G 358 12.38 -16.39 20.83
CA SER G 358 13.54 -17.04 20.25
C SER G 358 14.41 -16.05 19.43
N ARG G 359 13.78 -15.12 18.65
CA ARG G 359 14.49 -14.15 17.78
C ARG G 359 15.50 -13.27 18.53
N TYR G 360 15.30 -13.08 19.85
CA TYR G 360 16.25 -12.31 20.68
C TYR G 360 17.35 -13.16 21.32
N ARG G 361 17.44 -14.42 20.93
CA ARG G 361 18.43 -15.37 21.36
C ARG G 361 18.72 -15.38 22.85
N PRO G 362 17.70 -15.68 23.66
CA PRO G 362 17.93 -15.77 25.11
C PRO G 362 18.79 -16.96 25.48
N ARG G 363 19.48 -16.87 26.63
CA ARG G 363 20.23 -18.00 27.15
C ARG G 363 19.27 -18.98 27.90
N ALA G 364 18.12 -18.48 28.41
CA ALA G 364 17.11 -19.29 29.09
C ALA G 364 16.33 -20.13 28.08
N ALA G 365 15.95 -21.35 28.45
CA ALA G 365 15.20 -22.21 27.54
C ALA G 365 13.76 -21.72 27.40
N VAL G 366 13.30 -21.57 26.16
CA VAL G 366 11.90 -21.18 25.94
C VAL G 366 11.00 -22.42 26.00
N ILE G 367 10.43 -22.71 27.15
CA ILE G 367 9.52 -23.83 27.30
C ILE G 367 8.17 -23.36 26.79
N ALA G 368 7.71 -23.88 25.64
CA ALA G 368 6.46 -23.41 25.04
C ALA G 368 5.35 -24.41 25.21
N VAL G 369 4.32 -24.04 25.95
CA VAL G 369 3.16 -24.91 26.23
C VAL G 369 2.02 -24.59 25.24
N THR G 370 1.64 -25.59 24.45
CA THR G 370 0.58 -25.44 23.46
C THR G 370 -0.33 -26.65 23.43
N ARG G 371 -1.59 -26.41 23.15
CA ARG G 371 -2.56 -27.48 22.97
C ARG G 371 -2.54 -28.00 21.51
N SER G 372 -1.94 -27.22 20.56
CA SER G 372 -1.82 -27.52 19.15
C SER G 372 -0.66 -28.46 18.89
N ALA G 373 -0.97 -29.68 18.43
CA ALA G 373 0.06 -30.66 18.14
C ALA G 373 0.90 -30.20 16.96
N GLN G 374 0.27 -29.52 15.96
CA GLN G 374 1.01 -29.03 14.80
C GLN G 374 2.03 -28.01 15.23
N ALA G 375 1.58 -26.99 16.00
CA ALA G 375 2.46 -25.95 16.53
C ALA G 375 3.60 -26.54 17.35
N ALA G 376 3.31 -27.52 18.22
CA ALA G 376 4.33 -28.18 19.04
C ALA G 376 5.42 -28.82 18.20
N ARG G 377 5.05 -29.37 17.04
CA ARG G 377 6.02 -29.99 16.17
C ARG G 377 6.79 -28.91 15.42
N GLN G 378 6.09 -27.88 14.91
CA GLN G 378 6.68 -26.80 14.14
C GLN G 378 7.62 -25.87 14.91
N VAL G 379 7.49 -25.74 16.24
CA VAL G 379 8.40 -24.86 16.98
C VAL G 379 9.82 -25.40 17.07
N HIS G 380 10.06 -26.64 16.61
CA HIS G 380 11.41 -27.17 16.55
C HIS G 380 12.25 -26.33 15.56
N LEU G 381 11.60 -25.67 14.57
CA LEU G 381 12.24 -24.77 13.64
C LEU G 381 12.94 -23.61 14.36
N CYS G 382 12.41 -23.17 15.49
CA CYS G 382 13.01 -22.07 16.25
C CYS G 382 13.97 -22.56 17.30
N ARG G 383 15.16 -21.95 17.33
CA ARG G 383 16.21 -22.32 18.29
C ARG G 383 15.80 -21.89 19.68
N GLY G 384 15.98 -22.79 20.63
CA GLY G 384 15.71 -22.57 22.03
C GLY G 384 14.29 -22.79 22.46
N VAL G 385 13.42 -23.28 21.56
CA VAL G 385 12.02 -23.52 21.92
C VAL G 385 11.84 -25.01 22.14
N PHE G 386 11.43 -25.38 23.35
CA PHE G 386 11.21 -26.75 23.80
C PHE G 386 9.72 -26.92 23.98
N PRO G 387 9.06 -27.52 23.00
CA PRO G 387 7.60 -27.68 23.08
C PRO G 387 7.09 -28.70 24.09
N LEU G 388 5.92 -28.41 24.63
CA LEU G 388 5.18 -29.26 25.53
C LEU G 388 3.77 -29.28 25.01
N LEU G 389 3.25 -30.47 24.75
CA LEU G 389 1.88 -30.60 24.30
C LEU G 389 0.95 -30.79 25.49
N TYR G 390 0.09 -29.82 25.76
CA TYR G 390 -0.84 -29.90 26.88
C TYR G 390 -2.10 -30.62 26.40
N ARG G 391 -2.45 -31.74 27.02
CA ARG G 391 -3.61 -32.52 26.58
C ARG G 391 -4.78 -32.47 27.54
N GLU G 392 -4.63 -31.89 28.71
CA GLU G 392 -5.71 -31.82 29.69
C GLU G 392 -6.91 -31.05 29.20
N PRO G 393 -8.09 -31.38 29.78
CA PRO G 393 -9.33 -30.70 29.40
C PRO G 393 -9.40 -29.31 29.96
N PRO G 394 -9.95 -28.33 29.19
CA PRO G 394 -10.04 -26.96 29.73
C PRO G 394 -10.84 -26.82 31.01
N GLU G 395 -10.39 -25.88 31.86
CA GLU G 395 -11.05 -25.52 33.13
C GLU G 395 -12.17 -24.56 32.79
N ALA G 396 -13.18 -24.50 33.65
CA ALA G 396 -14.31 -23.58 33.44
C ALA G 396 -13.82 -22.10 33.43
N ILE G 397 -12.94 -21.75 34.36
CA ILE G 397 -12.35 -20.42 34.44
C ILE G 397 -11.09 -20.37 33.56
N TRP G 398 -11.01 -19.40 32.65
CA TRP G 398 -9.86 -19.25 31.77
C TRP G 398 -8.58 -18.99 32.54
N ALA G 399 -8.62 -18.15 33.58
CA ALA G 399 -7.42 -17.87 34.36
C ALA G 399 -6.87 -19.13 35.02
N ASP G 400 -7.75 -20.04 35.44
CA ASP G 400 -7.35 -21.30 36.05
C ASP G 400 -6.69 -22.20 35.02
N ASP G 401 -7.27 -22.25 33.82
CA ASP G 401 -6.73 -23.04 32.71
C ASP G 401 -5.33 -22.55 32.30
N VAL G 402 -5.10 -21.25 32.38
CA VAL G 402 -3.82 -20.66 32.07
C VAL G 402 -2.79 -21.07 33.13
N ASP G 403 -3.16 -20.95 34.41
CA ASP G 403 -2.28 -21.35 35.50
C ASP G 403 -1.94 -22.83 35.47
N ARG G 404 -2.89 -23.70 35.07
CA ARG G 404 -2.62 -25.12 34.98
C ARG G 404 -1.59 -25.43 33.87
N ARG G 405 -1.62 -24.66 32.78
CA ARG G 405 -0.66 -24.82 31.69
C ARG G 405 0.71 -24.29 32.08
N VAL G 406 0.77 -23.21 32.88
CA VAL G 406 2.03 -22.66 33.40
C VAL G 406 2.66 -23.68 34.38
N GLN G 407 1.86 -24.24 35.28
CA GLN G 407 2.35 -25.28 36.17
C GLN G 407 2.80 -26.52 35.39
N PHE G 408 2.05 -26.97 34.36
CA PHE G 408 2.47 -28.09 33.51
C PHE G 408 3.88 -27.87 32.95
N GLY G 409 4.19 -26.61 32.63
CA GLY G 409 5.50 -26.21 32.14
C GLY G 409 6.55 -26.28 33.21
N ILE G 410 6.20 -25.82 34.42
CA ILE G 410 7.12 -25.89 35.57
C ILE G 410 7.38 -27.33 35.99
N GLU G 411 6.34 -28.17 35.97
CA GLU G 411 6.45 -29.58 36.34
C GLU G 411 7.29 -30.35 35.34
N SER G 412 7.06 -30.15 34.02
CA SER G 412 7.89 -30.81 32.98
C SER G 412 9.31 -30.27 33.02
N GLY G 413 9.48 -28.99 33.36
CA GLY G 413 10.78 -28.34 33.46
C GLY G 413 11.56 -29.03 34.56
N LYS G 414 10.95 -29.10 35.75
CA LYS G 414 11.55 -29.75 36.93
C LYS G 414 11.94 -31.20 36.61
N LEU G 415 10.98 -31.95 36.04
CA LEU G 415 11.15 -33.34 35.69
C LEU G 415 12.33 -33.57 34.72
N ARG G 416 12.37 -32.81 33.61
CA ARG G 416 13.42 -32.94 32.60
C ARG G 416 14.77 -32.26 32.94
N GLY G 417 14.86 -31.67 34.13
CA GLY G 417 16.09 -31.07 34.60
C GLY G 417 16.33 -29.61 34.31
N PHE G 418 15.41 -28.96 33.62
CA PHE G 418 15.55 -27.53 33.31
C PHE G 418 15.43 -26.67 34.58
N LEU G 419 14.63 -27.11 35.54
CA LEU G 419 14.34 -26.31 36.72
C LEU G 419 14.56 -27.07 37.99
N ARG G 420 14.87 -26.29 39.05
CA ARG G 420 15.09 -26.67 40.44
C ARG G 420 14.33 -25.68 41.31
N VAL G 421 13.89 -26.09 42.51
CA VAL G 421 13.19 -25.17 43.44
C VAL G 421 14.17 -24.08 43.84
N GLY G 422 13.72 -22.84 43.83
CA GLY G 422 14.60 -21.71 44.08
C GLY G 422 14.96 -20.95 42.83
N ASP G 423 14.91 -21.61 41.66
CA ASP G 423 15.22 -20.99 40.38
C ASP G 423 14.18 -19.92 40.02
N LEU G 424 14.60 -18.94 39.19
CA LEU G 424 13.69 -17.93 38.70
C LEU G 424 13.29 -18.27 37.25
N VAL G 425 12.01 -18.05 36.89
CA VAL G 425 11.50 -18.27 35.54
C VAL G 425 10.68 -17.05 35.09
N ILE G 426 10.63 -16.78 33.78
CA ILE G 426 9.84 -15.66 33.27
C ILE G 426 8.63 -16.28 32.57
N VAL G 427 7.43 -15.88 32.94
CA VAL G 427 6.21 -16.46 32.37
C VAL G 427 5.56 -15.46 31.41
N VAL G 428 5.38 -15.84 30.15
CA VAL G 428 4.75 -14.99 29.16
C VAL G 428 3.37 -15.52 28.74
N THR G 429 2.33 -14.72 28.97
CA THR G 429 0.93 -15.04 28.71
C THR G 429 0.18 -13.84 28.03
N GLY G 430 -1.10 -13.99 27.74
CA GLY G 430 -1.93 -12.95 27.16
C GLY G 430 -3.02 -12.55 28.11
N TRP G 431 -3.74 -11.51 27.76
CA TRP G 431 -4.79 -10.97 28.64
C TRP G 431 -6.16 -11.68 28.49
N ARG G 432 -6.41 -12.27 27.32
CA ARG G 432 -7.65 -12.91 26.97
C ARG G 432 -7.34 -14.14 26.10
N PRO G 433 -8.26 -15.13 26.12
CA PRO G 433 -8.03 -16.36 25.34
C PRO G 433 -7.99 -16.09 23.87
N GLY G 434 -7.40 -17.02 23.14
CA GLY G 434 -7.30 -16.90 21.70
C GLY G 434 -5.94 -16.42 21.26
N SER G 435 -5.50 -16.88 20.10
CA SER G 435 -4.21 -16.50 19.58
C SER G 435 -4.12 -15.00 19.30
N GLY G 436 -2.87 -14.49 19.30
CA GLY G 436 -2.49 -13.11 19.02
C GLY G 436 -2.48 -12.08 20.13
N TYR G 437 -2.92 -12.41 21.37
CA TYR G 437 -3.00 -11.39 22.44
C TYR G 437 -1.93 -11.40 23.53
N THR G 438 -0.77 -12.04 23.29
CA THR G 438 0.30 -12.07 24.29
C THR G 438 0.70 -10.68 24.69
N ASN G 439 0.62 -10.32 25.96
CA ASN G 439 0.99 -8.98 26.42
C ASN G 439 1.52 -8.95 27.85
N ILE G 440 1.58 -10.10 28.57
CA ILE G 440 1.98 -10.11 29.98
C ILE G 440 3.26 -10.87 30.19
N MET G 441 4.13 -10.33 31.02
CA MET G 441 5.36 -10.98 31.39
C MET G 441 5.39 -11.00 32.94
N ARG G 442 5.75 -12.16 33.56
CA ARG G 442 5.71 -12.34 35.01
C ARG G 442 6.99 -12.96 35.52
N VAL G 443 7.57 -12.44 36.61
CA VAL G 443 8.77 -13.01 37.20
C VAL G 443 8.31 -13.99 38.28
N LEU G 444 8.65 -15.28 38.12
CA LEU G 444 8.18 -16.34 38.98
C LEU G 444 9.27 -17.11 39.65
N SER G 445 9.13 -17.39 40.94
CA SER G 445 10.12 -18.17 41.65
C SER G 445 9.62 -19.60 41.81
N ILE G 446 10.41 -20.60 41.39
CA ILE G 446 10.01 -22.02 41.46
C ILE G 446 9.87 -22.50 42.89
N SER G 447 8.67 -23.02 43.19
CA SER G 447 8.31 -23.51 44.52
C SER G 447 8.33 -25.05 44.62
N GLY H 23 3.61 9.10 13.04
CA GLY H 23 3.61 10.27 12.18
C GLY H 23 4.96 10.95 12.03
N THR H 24 5.13 11.73 10.96
CA THR H 24 6.36 12.49 10.63
C THR H 24 6.64 13.56 11.71
N ALA H 25 5.59 14.30 12.05
CA ALA H 25 5.64 15.38 13.02
C ALA H 25 6.01 14.89 14.40
N PHE H 26 5.61 13.65 14.77
CA PHE H 26 5.94 13.09 16.10
C PHE H 26 7.44 12.88 16.23
N PHE H 27 8.09 12.39 15.16
CA PHE H 27 9.52 12.10 15.20
C PHE H 27 10.44 13.34 15.04
N GLN H 28 9.86 14.55 15.01
CA GLN H 28 10.64 15.77 14.96
C GLN H 28 10.72 16.42 16.36
N GLN H 29 9.64 16.27 17.17
CA GLN H 29 9.54 16.79 18.53
C GLN H 29 10.47 16.04 19.51
N GLN H 30 10.66 16.62 20.72
CA GLN H 30 11.45 16.15 21.87
C GLN H 30 12.79 15.50 21.50
N GLN H 31 13.56 16.20 20.64
CA GLN H 31 14.89 15.80 20.15
C GLN H 31 14.98 14.32 19.77
N LEU H 32 13.96 13.81 19.05
CA LEU H 32 13.95 12.43 18.60
C LEU H 32 14.97 12.14 17.50
N PRO H 33 15.27 13.07 16.54
CA PRO H 33 16.35 12.77 15.57
C PRO H 33 17.71 12.66 16.26
N ALA H 34 17.97 13.53 17.25
CA ALA H 34 19.20 13.56 18.04
C ALA H 34 19.37 12.29 18.90
N ALA H 35 18.28 11.76 19.50
CA ALA H 35 18.33 10.55 20.35
C ALA H 35 18.50 9.23 19.57
N MET H 36 18.20 9.24 18.25
CA MET H 36 18.35 8.10 17.34
C MET H 36 19.77 7.98 16.74
N ALA H 37 20.65 8.98 17.00
CA ALA H 37 22.00 9.03 16.46
C ALA H 37 22.86 7.88 16.95
N ASP H 38 23.71 7.37 16.07
CA ASP H 38 24.61 6.25 16.36
C ASP H 38 25.78 6.65 17.24
N THR H 39 26.15 7.94 17.27
CA THR H 39 27.22 8.46 18.10
C THR H 39 26.74 9.66 18.93
N PHE H 40 27.44 9.96 20.01
CA PHE H 40 27.16 11.11 20.84
C PHE H 40 27.51 12.42 20.10
N LEU H 41 28.54 12.41 19.26
CA LEU H 41 28.91 13.60 18.48
C LEU H 41 27.77 13.93 17.50
N GLU H 42 27.23 12.90 16.82
CA GLU H 42 26.10 13.02 15.88
C GLU H 42 24.86 13.52 16.62
N HIS H 43 24.63 13.03 17.86
CA HIS H 43 23.53 13.44 18.73
C HIS H 43 23.58 14.95 18.95
N LEU H 44 24.75 15.49 19.30
CA LEU H 44 24.95 16.92 19.53
C LEU H 44 24.67 17.72 18.27
N CYS H 45 25.13 17.24 17.11
CA CYS H 45 24.92 17.93 15.86
C CYS H 45 23.44 17.99 15.45
N LEU H 46 22.62 17.02 15.91
CA LEU H 46 21.19 16.92 15.60
C LEU H 46 20.26 17.65 16.60
N LEU H 47 20.82 18.36 17.59
CA LEU H 47 20.00 19.09 18.55
C LEU H 47 19.35 20.26 17.84
N ASP H 48 18.01 20.27 17.79
CA ASP H 48 17.25 21.31 17.11
C ASP H 48 16.56 22.25 18.11
N ILE H 49 16.78 23.57 18.02
CA ILE H 49 16.08 24.50 18.92
C ILE H 49 14.56 24.56 18.58
N ASP H 50 14.19 24.26 17.32
CA ASP H 50 12.82 24.24 16.86
C ASP H 50 12.08 22.92 17.18
N SER H 51 12.75 21.95 17.81
CA SER H 51 12.17 20.68 18.22
C SER H 51 11.64 20.92 19.64
N GLU H 52 10.31 21.02 19.81
CA GLU H 52 9.71 21.32 21.10
C GLU H 52 9.56 20.11 22.02
N PRO H 53 9.70 20.30 23.34
CA PRO H 53 9.54 19.17 24.26
C PRO H 53 8.08 18.76 24.40
N VAL H 54 7.78 17.45 24.31
CA VAL H 54 6.40 16.95 24.42
C VAL H 54 6.16 16.38 25.80
N ALA H 55 7.13 15.57 26.27
CA ALA H 55 7.08 14.89 27.56
C ALA H 55 6.99 15.87 28.73
N ALA H 56 6.43 15.42 29.84
CA ALA H 56 6.33 16.25 31.03
C ALA H 56 7.73 16.39 31.67
N ARG H 57 7.91 17.43 32.46
CA ARG H 57 9.19 17.67 33.12
C ARG H 57 9.36 16.66 34.24
N SER H 58 10.39 15.82 34.13
CA SER H 58 10.68 14.76 35.08
C SER H 58 11.53 15.17 36.32
N THR H 59 12.60 15.95 36.10
CA THR H 59 13.46 16.44 37.21
C THR H 59 12.65 17.31 38.19
N SER H 60 12.56 16.88 39.45
CA SER H 60 11.77 17.60 40.44
C SER H 60 12.46 18.87 40.90
N ILE H 61 11.67 19.84 41.37
CA ILE H 61 12.16 21.14 41.83
C ILE H 61 11.95 21.29 43.32
N ILE H 62 13.05 21.51 44.06
CA ILE H 62 13.00 21.74 45.51
C ILE H 62 13.01 23.24 45.70
N ALA H 63 12.02 23.79 46.38
CA ALA H 63 11.95 25.24 46.62
C ALA H 63 12.12 25.52 48.11
N THR H 64 13.08 26.41 48.47
CA THR H 64 13.29 26.77 49.87
C THR H 64 12.23 27.74 50.34
N ILE H 65 11.51 27.37 51.40
CA ILE H 65 10.43 28.17 51.94
C ILE H 65 10.97 29.22 52.87
N GLY H 66 10.70 30.47 52.52
CA GLY H 66 11.11 31.61 53.30
C GLY H 66 10.04 32.67 53.32
N PRO H 67 10.40 33.92 53.71
CA PRO H 67 9.42 35.01 53.72
C PRO H 67 8.81 35.33 52.37
N ALA H 68 9.59 35.18 51.30
CA ALA H 68 9.10 35.44 49.94
C ALA H 68 8.15 34.36 49.41
N SER H 69 8.03 33.22 50.10
CA SER H 69 7.24 32.12 49.62
C SER H 69 6.55 31.43 50.75
N ARG H 70 5.93 32.21 51.64
CA ARG H 70 5.25 31.60 52.78
C ARG H 70 3.77 31.77 52.78
N SER H 71 3.21 32.70 52.01
CA SER H 71 1.75 32.86 52.02
C SER H 71 1.12 31.69 51.28
N VAL H 72 -0.07 31.26 51.77
CA VAL H 72 -0.81 30.16 51.13
C VAL H 72 -1.13 30.48 49.66
N GLU H 73 -1.32 31.77 49.34
CA GLU H 73 -1.60 32.19 47.97
C GLU H 73 -0.40 32.10 47.08
N ARG H 74 0.76 32.52 47.58
CA ARG H 74 2.03 32.48 46.86
C ARG H 74 2.44 31.03 46.62
N LEU H 75 2.25 30.15 47.66
CA LEU H 75 2.56 28.72 47.60
C LEU H 75 1.71 28.03 46.56
N LYS H 76 0.43 28.39 46.43
CA LYS H 76 -0.48 27.84 45.42
C LYS H 76 0.07 28.11 44.00
N GLU H 77 0.65 29.29 43.79
CA GLU H 77 1.20 29.63 42.48
C GLU H 77 2.51 28.88 42.16
N MET H 78 3.30 28.62 43.24
CA MET H 78 4.56 27.90 43.10
CA MET H 78 4.56 27.89 43.10
C MET H 78 4.26 26.42 42.82
N ILE H 79 3.15 25.87 43.37
CA ILE H 79 2.76 24.52 43.09
C ILE H 79 2.40 24.41 41.59
N LYS H 80 1.61 25.37 41.08
CA LYS H 80 1.19 25.42 39.68
C LYS H 80 2.39 25.53 38.74
N ALA H 81 3.39 26.38 39.11
CA ALA H 81 4.65 26.65 38.39
C ALA H 81 5.55 25.46 38.33
N GLY H 82 5.43 24.57 39.31
CA GLY H 82 6.21 23.35 39.31
C GLY H 82 6.94 22.89 40.56
N MET H 83 6.65 23.45 41.73
CA MET H 83 7.33 23.03 42.96
C MET H 83 6.86 21.63 43.34
N ASN H 84 7.82 20.76 43.66
CA ASN H 84 7.50 19.39 44.06
C ASN H 84 7.90 19.14 45.50
N ILE H 85 9.01 19.71 45.94
CA ILE H 85 9.47 19.54 47.32
C ILE H 85 9.64 20.92 47.95
N ALA H 86 9.15 21.09 49.18
CA ALA H 86 9.25 22.32 49.92
C ALA H 86 10.34 22.16 51.01
N ARG H 87 11.45 22.91 50.88
CA ARG H 87 12.57 22.78 51.82
C ARG H 87 12.48 23.76 52.94
N LEU H 88 12.55 23.26 54.17
CA LEU H 88 12.55 24.12 55.35
C LEU H 88 13.99 24.16 55.88
N ASN H 89 14.66 25.34 55.76
CA ASN H 89 16.03 25.47 56.24
C ASN H 89 16.03 25.72 57.76
N PHE H 90 16.42 24.69 58.54
CA PHE H 90 16.46 24.79 59.99
C PHE H 90 17.68 25.57 60.53
N SER H 91 18.52 26.12 59.64
CA SER H 91 19.61 27.01 60.01
C SER H 91 19.08 28.41 60.41
N HIS H 92 17.83 28.75 60.01
CA HIS H 92 17.19 30.02 60.31
C HIS H 92 15.78 29.76 60.84
N GLY H 93 15.33 30.57 61.78
CA GLY H 93 13.98 30.48 62.29
C GLY H 93 13.73 29.49 63.39
N SER H 94 12.66 29.75 64.18
CA SER H 94 12.24 28.92 65.30
C SER H 94 11.37 27.75 64.88
N HIS H 95 11.14 26.77 65.79
CA HIS H 95 10.25 25.64 65.54
C HIS H 95 8.84 26.12 65.23
N GLU H 96 8.41 27.19 65.90
CA GLU H 96 7.11 27.81 65.72
C GLU H 96 6.98 28.33 64.29
N TYR H 97 8.02 28.97 63.79
CA TYR H 97 8.08 29.50 62.42
C TYR H 97 7.94 28.39 61.39
N HIS H 98 8.74 27.31 61.53
CA HIS H 98 8.70 26.18 60.61
C HIS H 98 7.40 25.40 60.65
N ALA H 99 6.73 25.33 61.81
CA ALA H 99 5.45 24.68 61.92
C ALA H 99 4.40 25.47 61.08
N GLU H 100 4.46 26.82 61.10
CA GLU H 100 3.55 27.70 60.30
C GLU H 100 3.84 27.51 58.81
N SER H 101 5.09 27.29 58.44
CA SER H 101 5.46 27.06 57.05
C SER H 101 4.83 25.76 56.56
N ILE H 102 4.94 24.70 57.40
CA ILE H 102 4.38 23.36 57.16
C ILE H 102 2.86 23.48 56.97
N ALA H 103 2.21 24.25 57.83
CA ALA H 103 0.78 24.46 57.75
C ALA H 103 0.37 25.21 56.48
N ASN H 104 1.12 26.25 56.09
CA ASN H 104 0.81 27.04 54.88
C ASN H 104 1.02 26.21 53.61
N VAL H 105 2.04 25.35 53.63
CA VAL H 105 2.34 24.49 52.51
C VAL H 105 1.20 23.47 52.39
N ARG H 106 0.86 22.80 53.50
CA ARG H 106 -0.21 21.80 53.50
C ARG H 106 -1.55 22.40 53.09
N GLU H 107 -1.84 23.65 53.51
CA GLU H 107 -3.07 24.31 53.16
C GLU H 107 -3.13 24.59 51.66
N ALA H 108 -2.00 25.03 51.08
CA ALA H 108 -1.93 25.33 49.65
C ALA H 108 -2.01 24.07 48.80
N VAL H 109 -1.42 22.96 49.29
CA VAL H 109 -1.46 21.70 48.55
C VAL H 109 -2.87 21.12 48.60
N GLU H 110 -3.50 21.16 49.78
CA GLU H 110 -4.84 20.62 49.92
C GLU H 110 -5.92 21.48 49.29
N SER H 111 -5.60 22.68 48.82
CA SER H 111 -6.58 23.53 48.15
C SER H 111 -6.96 22.99 46.77
N PHE H 112 -6.23 21.99 46.25
CA PHE H 112 -6.52 21.35 44.97
C PHE H 112 -6.95 19.88 45.19
N ALA H 113 -7.24 19.46 46.43
CA ALA H 113 -7.65 18.08 46.71
C ALA H 113 -9.06 17.75 46.21
N GLY H 114 -9.86 18.77 45.90
CA GLY H 114 -11.20 18.62 45.36
C GLY H 114 -11.22 17.94 44.00
N SER H 115 -10.13 18.02 43.24
CA SER H 115 -10.01 17.35 41.95
C SER H 115 -8.90 16.30 42.10
N PRO H 116 -9.19 15.08 42.61
CA PRO H 116 -8.11 14.09 42.84
C PRO H 116 -7.36 13.61 41.61
N LEU H 117 -7.92 13.81 40.42
CA LEU H 117 -7.20 13.44 39.19
C LEU H 117 -6.21 14.54 38.75
N SER H 118 -6.25 15.74 39.37
CA SER H 118 -5.38 16.88 39.03
C SER H 118 -4.83 17.62 40.29
N TYR H 119 -4.60 16.82 41.36
CA TYR H 119 -4.07 17.24 42.66
C TYR H 119 -2.60 16.90 42.66
N ARG H 120 -1.75 17.86 43.07
CA ARG H 120 -0.31 17.63 43.09
C ARG H 120 0.27 17.56 44.49
N PRO H 121 0.74 16.38 44.91
CA PRO H 121 1.34 16.29 46.25
C PRO H 121 2.72 16.95 46.30
N VAL H 122 3.02 17.59 47.42
CA VAL H 122 4.30 18.25 47.59
C VAL H 122 5.00 17.69 48.84
N ALA H 123 6.22 17.20 48.71
CA ALA H 123 6.96 16.67 49.85
C ALA H 123 7.49 17.78 50.73
N ILE H 124 7.73 17.54 52.02
CA ILE H 124 8.28 18.54 52.92
C ILE H 124 9.62 18.04 53.40
N ALA H 125 10.68 18.79 53.14
CA ALA H 125 12.03 18.37 53.54
C ALA H 125 12.57 19.26 54.63
N LEU H 126 13.25 18.66 55.62
CA LEU H 126 13.82 19.39 56.74
C LEU H 126 15.32 19.42 56.54
N ASP H 127 15.89 20.61 56.36
CA ASP H 127 17.33 20.75 56.15
C ASP H 127 17.98 21.13 57.48
N THR H 128 18.65 20.19 58.14
CA THR H 128 19.24 20.41 59.45
C THR H 128 20.29 21.52 59.50
N LYS H 129 20.47 22.14 60.70
CA LYS H 129 21.40 23.23 61.00
C LYS H 129 22.83 22.74 60.80
N GLY H 130 23.14 21.54 61.28
CA GLY H 130 24.45 20.95 61.14
C GLY H 130 25.22 20.75 62.44
N PRO H 131 26.35 20.04 62.34
CA PRO H 131 27.17 19.81 63.53
C PRO H 131 28.05 21.00 63.95
N GLY H 132 28.32 21.91 63.01
CA GLY H 132 29.15 23.09 63.23
C GLY H 132 30.54 22.73 63.71
N SER H 133 30.89 23.25 64.91
CA SER H 133 32.16 22.99 65.61
C SER H 133 32.28 21.49 65.97
N GLY H 134 31.17 20.92 66.45
CA GLY H 134 31.05 19.54 66.88
C GLY H 134 31.52 18.45 65.94
N PRO H 135 31.80 17.27 66.53
CA PRO H 135 32.25 16.12 65.72
C PRO H 135 31.11 15.24 65.13
N GLY H 136 29.92 15.31 65.73
CA GLY H 136 28.76 14.55 65.29
C GLY H 136 27.47 15.33 65.45
N LEU H 137 26.36 14.59 65.68
CA LEU H 137 25.01 15.17 65.79
C LEU H 137 24.86 16.16 66.94
N SER H 138 24.65 17.44 66.61
CA SER H 138 24.50 18.47 67.63
C SER H 138 23.22 18.29 68.45
N GLU H 139 23.14 18.95 69.62
CA GLU H 139 21.97 18.85 70.48
C GLU H 139 20.77 19.52 69.84
N GLN H 140 20.99 20.63 69.13
CA GLN H 140 19.91 21.31 68.43
C GLN H 140 19.36 20.44 67.31
N ASP H 141 20.24 19.75 66.58
CA ASP H 141 19.86 18.85 65.51
C ASP H 141 18.96 17.74 66.00
N VAL H 142 19.18 17.22 67.24
CA VAL H 142 18.35 16.17 67.81
C VAL H 142 16.94 16.68 68.07
N ARG H 143 16.83 17.92 68.53
CA ARG H 143 15.55 18.57 68.79
C ARG H 143 14.82 18.85 67.48
N ASP H 144 15.54 19.35 66.46
CA ASP H 144 14.99 19.66 65.15
C ASP H 144 14.48 18.42 64.44
N LEU H 145 15.23 17.31 64.53
CA LEU H 145 14.86 16.02 63.95
C LEU H 145 13.60 15.47 64.64
N ARG H 146 13.53 15.62 65.95
CA ARG H 146 12.38 15.19 66.72
C ARG H 146 11.14 16.01 66.28
N PHE H 147 11.33 17.32 66.01
CA PHE H 147 10.29 18.22 65.53
C PHE H 147 9.76 17.73 64.18
N GLY H 148 10.67 17.36 63.29
CA GLY H 148 10.31 16.87 61.98
C GLY H 148 9.50 15.61 62.06
N VAL H 149 9.85 14.72 62.99
CA VAL H 149 9.12 13.49 63.19
C VAL H 149 7.70 13.80 63.69
N GLU H 150 7.59 14.64 64.73
CA GLU H 150 6.30 15.04 65.31
C GLU H 150 5.38 15.74 64.28
N HIS H 151 5.98 16.46 63.32
CA HIS H 151 5.21 17.17 62.31
C HIS H 151 5.07 16.46 60.97
N GLY H 152 5.54 15.22 60.89
CA GLY H 152 5.40 14.41 59.68
C GLY H 152 6.14 14.83 58.44
N VAL H 153 7.45 15.15 58.55
CA VAL H 153 8.22 15.50 57.36
C VAL H 153 8.51 14.22 56.58
N ASP H 154 8.74 14.36 55.27
CA ASP H 154 8.97 13.20 54.42
C ASP H 154 10.44 12.95 54.21
N ILE H 155 11.23 14.01 54.07
CA ILE H 155 12.67 13.91 53.80
C ILE H 155 13.47 14.74 54.83
N VAL H 156 14.73 14.32 55.08
CA VAL H 156 15.67 15.01 55.93
C VAL H 156 16.92 15.25 55.11
N PHE H 157 17.36 16.50 55.02
CA PHE H 157 18.58 16.84 54.33
C PHE H 157 19.60 17.00 55.43
N ALA H 158 20.35 15.94 55.72
CA ALA H 158 21.34 15.99 56.79
C ALA H 158 22.55 16.84 56.42
N SER H 159 22.77 17.93 57.16
CA SER H 159 23.91 18.82 56.89
C SER H 159 25.24 18.27 57.36
N PHE H 160 26.30 18.52 56.56
CA PHE H 160 27.69 18.16 56.77
C PHE H 160 27.91 16.71 57.18
N VAL H 161 27.42 15.77 56.37
CA VAL H 161 27.64 14.36 56.63
C VAL H 161 29.09 14.07 56.26
N ARG H 162 29.84 13.49 57.21
CA ARG H 162 31.25 13.20 57.00
C ARG H 162 31.57 11.71 56.93
N LYS H 163 30.76 10.85 57.55
CA LYS H 163 30.99 9.41 57.54
C LYS H 163 29.68 8.66 57.73
N ALA H 164 29.69 7.33 57.58
CA ALA H 164 28.48 6.52 57.72
C ALA H 164 27.85 6.56 59.11
N SER H 165 28.65 6.82 60.14
CA SER H 165 28.16 6.92 61.51
C SER H 165 27.26 8.15 61.71
N ASP H 166 27.48 9.24 60.91
CA ASP H 166 26.69 10.48 60.94
C ASP H 166 25.25 10.22 60.47
N VAL H 167 25.12 9.37 59.43
CA VAL H 167 23.82 8.96 58.90
C VAL H 167 23.09 8.14 59.96
N ALA H 168 23.82 7.20 60.59
CA ALA H 168 23.28 6.34 61.65
C ALA H 168 22.79 7.17 62.82
N ALA H 169 23.53 8.26 63.17
CA ALA H 169 23.19 9.17 64.24
C ALA H 169 21.86 9.87 63.93
N VAL H 170 21.68 10.32 62.68
CA VAL H 170 20.43 10.95 62.25
C VAL H 170 19.27 9.96 62.25
N ARG H 171 19.49 8.73 61.78
N ARG H 171 19.49 8.72 61.78
CA ARG H 171 18.43 7.74 61.77
CA ARG H 171 18.42 7.74 61.77
C ARG H 171 17.98 7.41 63.19
C ARG H 171 17.99 7.44 63.21
N ALA H 172 18.97 7.31 64.12
CA ALA H 172 18.70 7.05 65.51
C ALA H 172 17.86 8.18 66.12
N ALA H 173 18.21 9.45 65.81
CA ALA H 173 17.51 10.64 66.31
C ALA H 173 16.09 10.74 65.82
N LEU H 174 15.79 10.22 64.63
CA LEU H 174 14.41 10.21 64.12
C LEU H 174 13.52 9.25 64.93
N GLY H 175 14.14 8.21 65.47
CA GLY H 175 13.45 7.26 66.31
C GLY H 175 12.68 6.24 65.52
N PRO H 176 11.87 5.46 66.26
CA PRO H 176 11.08 4.41 65.60
C PRO H 176 9.89 4.96 64.82
N GLU H 177 9.38 6.15 65.19
CA GLU H 177 8.28 6.76 64.47
C GLU H 177 8.74 7.46 63.16
N GLY H 178 10.02 7.78 63.09
CA GLY H 178 10.59 8.37 61.89
C GLY H 178 11.30 7.34 61.04
N HIS H 179 10.79 6.10 61.01
CA HIS H 179 11.44 5.04 60.23
CA HIS H 179 11.40 5.04 60.21
C HIS H 179 11.20 5.27 58.72
N GLY H 180 10.04 5.81 58.38
CA GLY H 180 9.67 6.09 57.00
C GLY H 180 10.32 7.29 56.36
N ILE H 181 10.84 8.26 57.16
CA ILE H 181 11.50 9.45 56.62
C ILE H 181 12.78 9.12 55.84
N LYS H 182 12.99 9.77 54.67
CA LYS H 182 14.16 9.57 53.83
C LYS H 182 15.33 10.41 54.27
N ILE H 183 16.55 9.86 54.23
CA ILE H 183 17.74 10.61 54.62
C ILE H 183 18.63 10.93 53.43
N ILE H 184 18.66 12.19 53.03
CA ILE H 184 19.48 12.66 51.92
C ILE H 184 20.70 13.32 52.55
N SER H 185 21.87 12.66 52.45
CA SER H 185 23.08 13.17 53.06
C SER H 185 23.67 14.28 52.26
N LYS H 186 23.93 15.43 52.89
CA LYS H 186 24.55 16.55 52.18
C LYS H 186 26.06 16.42 52.23
N ILE H 187 26.70 16.28 51.07
CA ILE H 187 28.17 16.26 51.02
C ILE H 187 28.63 17.70 50.84
N GLU H 188 29.15 18.32 51.91
CA GLU H 188 29.54 19.74 51.85
C GLU H 188 31.02 20.02 52.10
N ASN H 189 31.84 18.97 52.37
CA ASN H 189 33.26 19.12 52.67
C ASN H 189 34.14 17.99 52.05
N HIS H 190 35.48 18.13 52.13
CA HIS H 190 36.39 17.15 51.59
C HIS H 190 36.27 15.75 52.19
N GLU H 191 36.05 15.64 53.51
CA GLU H 191 35.94 14.32 54.14
C GLU H 191 34.75 13.54 53.59
N GLY H 192 33.62 14.23 53.43
CA GLY H 192 32.39 13.65 52.90
C GLY H 192 32.56 13.16 51.47
N VAL H 193 33.36 13.90 50.66
CA VAL H 193 33.65 13.54 49.27
C VAL H 193 34.50 12.26 49.22
N LYS H 194 35.45 12.14 50.15
CA LYS H 194 36.31 10.98 50.21
C LYS H 194 35.60 9.75 50.74
N ARG H 195 34.81 9.89 51.79
CA ARG H 195 34.05 8.75 52.34
C ARG H 195 32.68 8.55 51.66
N PHE H 196 32.47 9.18 50.47
CA PHE H 196 31.23 9.11 49.69
C PHE H 196 30.64 7.71 49.58
N ASP H 197 31.44 6.72 49.22
CA ASP H 197 30.94 5.36 49.04
C ASP H 197 30.29 4.77 50.29
N GLU H 198 30.87 5.03 51.47
CA GLU H 198 30.30 4.51 52.72
C GLU H 198 29.02 5.28 53.13
N ILE H 199 28.99 6.59 52.83
CA ILE H 199 27.86 7.47 53.11
C ILE H 199 26.68 7.07 52.24
N LEU H 200 26.86 7.00 50.91
CA LEU H 200 25.82 6.62 49.97
C LEU H 200 25.24 5.27 50.31
N GLU H 201 26.08 4.34 50.76
CA GLU H 201 25.65 2.98 51.13
C GLU H 201 24.57 2.97 52.20
N VAL H 202 24.73 3.83 53.22
CA VAL H 202 23.78 3.90 54.34
C VAL H 202 22.71 5.01 54.19
N SER H 203 22.87 5.90 53.19
CA SER H 203 21.89 6.98 52.95
C SER H 203 20.82 6.57 51.94
N ASP H 204 19.66 7.22 51.98
CA ASP H 204 18.61 7.02 51.00
C ASP H 204 18.93 7.78 49.64
N GLY H 205 19.78 8.80 49.72
CA GLY H 205 20.21 9.60 48.59
C GLY H 205 21.24 10.65 49.01
N ILE H 206 21.68 11.49 48.07
CA ILE H 206 22.71 12.49 48.33
C ILE H 206 22.28 13.87 47.80
N MET H 207 22.85 14.91 48.39
CA MET H 207 22.64 16.26 47.92
C MET H 207 24.01 16.86 47.72
N VAL H 208 24.28 17.36 46.51
CA VAL H 208 25.54 18.01 46.21
C VAL H 208 25.41 19.43 46.64
N ALA H 209 25.71 19.67 47.93
CA ALA H 209 25.65 20.97 48.59
C ALA H 209 26.81 21.83 48.09
N ARG H 210 26.67 22.47 46.92
CA ARG H 210 27.73 23.23 46.27
C ARG H 210 28.17 24.51 46.97
N GLY H 211 27.32 25.08 47.81
CA GLY H 211 27.68 26.30 48.52
C GLY H 211 28.83 26.11 49.49
N ASP H 212 28.67 25.23 50.46
CA ASP H 212 29.73 24.92 51.40
C ASP H 212 30.86 24.17 50.72
N LEU H 213 30.54 23.29 49.76
CA LEU H 213 31.55 22.53 49.02
C LEU H 213 32.48 23.44 48.24
N GLY H 214 31.97 24.55 47.71
CA GLY H 214 32.76 25.52 46.99
C GLY H 214 33.72 26.33 47.84
N ILE H 215 33.61 26.23 49.17
CA ILE H 215 34.54 26.92 50.04
C ILE H 215 35.43 25.89 50.81
N GLU H 216 34.95 24.66 51.05
CA GLU H 216 35.79 23.60 51.66
C GLU H 216 36.83 23.09 50.66
N ILE H 217 36.43 22.96 49.39
CA ILE H 217 37.30 22.52 48.31
C ILE H 217 37.49 23.67 47.29
N PRO H 218 38.55 23.67 46.48
CA PRO H 218 38.72 24.76 45.50
C PRO H 218 37.50 24.91 44.59
N ALA H 219 37.07 26.16 44.33
CA ALA H 219 35.88 26.39 43.49
C ALA H 219 35.92 25.69 42.10
N GLU H 220 37.11 25.61 41.49
CA GLU H 220 37.34 24.99 40.20
C GLU H 220 37.33 23.45 40.24
N LYS H 221 37.18 22.84 41.43
CA LYS H 221 37.10 21.39 41.56
C LYS H 221 35.67 20.91 41.91
N VAL H 222 34.73 21.84 42.18
CA VAL H 222 33.36 21.51 42.58
C VAL H 222 32.60 20.75 41.48
N PHE H 223 32.80 21.13 40.21
CA PHE H 223 32.11 20.45 39.11
C PHE H 223 32.47 18.95 39.02
N LEU H 224 33.71 18.55 39.38
CA LEU H 224 34.17 17.15 39.37
C LEU H 224 33.47 16.35 40.45
N ALA H 225 33.29 16.98 41.63
CA ALA H 225 32.60 16.37 42.75
C ALA H 225 31.15 16.19 42.37
N GLN H 226 30.51 17.23 41.78
CA GLN H 226 29.12 17.15 41.34
C GLN H 226 28.94 16.01 40.32
N LYS H 227 29.73 16.00 39.25
CA LYS H 227 29.66 14.99 38.23
C LYS H 227 29.97 13.58 38.75
N MET H 228 30.93 13.46 39.71
CA MET H 228 31.25 12.15 40.27
C MET H 228 30.10 11.62 41.09
N MET H 229 29.58 12.46 41.99
CA MET H 229 28.50 12.08 42.89
C MET H 229 27.23 11.76 42.16
N ILE H 230 26.89 12.57 41.14
CA ILE H 230 25.70 12.31 40.33
C ILE H 230 25.82 10.94 39.62
N GLY H 231 26.98 10.66 39.04
CA GLY H 231 27.23 9.42 38.31
C GLY H 231 27.16 8.22 39.21
N ARG H 232 27.76 8.35 40.43
CA ARG H 232 27.77 7.26 41.40
C ARG H 232 26.38 6.98 41.94
N CYS H 233 25.55 8.04 42.16
CA CYS H 233 24.17 7.94 42.61
C CYS H 233 23.33 7.29 41.56
N ASN H 234 23.54 7.67 40.28
CA ASN H 234 22.83 7.11 39.14
C ASN H 234 23.11 5.60 39.05
N LEU H 235 24.37 5.22 39.27
CA LEU H 235 24.77 3.83 39.23
C LEU H 235 24.10 3.04 40.37
N ALA H 236 24.07 3.64 41.58
CA ALA H 236 23.49 3.06 42.79
C ALA H 236 21.96 2.97 42.76
N GLY H 237 21.31 3.81 41.92
CA GLY H 237 19.86 3.87 41.82
C GLY H 237 19.20 4.68 42.92
N LYS H 238 19.98 5.59 43.55
CA LYS H 238 19.51 6.47 44.61
C LYS H 238 19.39 7.92 44.12
N PRO H 239 18.33 8.62 44.55
CA PRO H 239 18.17 10.01 44.13
C PRO H 239 19.32 10.96 44.51
N VAL H 240 19.68 11.89 43.61
CA VAL H 240 20.73 12.88 43.83
C VAL H 240 20.18 14.27 43.58
N VAL H 241 20.49 15.24 44.48
CA VAL H 241 20.00 16.61 44.34
C VAL H 241 21.13 17.54 44.00
N CYS H 242 20.97 18.42 43.01
CA CYS H 242 21.97 19.44 42.73
C CYS H 242 21.49 20.72 43.42
N ALA H 243 22.36 21.33 44.22
CA ALA H 243 21.95 22.46 45.03
C ALA H 243 22.84 23.68 44.93
N THR H 244 22.30 24.87 45.31
CA THR H 244 22.96 26.18 45.47
C THR H 244 23.40 26.94 44.20
N GLN H 245 22.96 28.21 44.14
CA GLN H 245 23.28 29.23 43.14
C GLN H 245 22.95 28.85 41.73
N MET H 246 21.94 28.01 41.55
CA MET H 246 21.52 27.57 40.21
C MET H 246 20.96 28.77 39.39
N LEU H 247 20.14 29.65 40.02
CA LEU H 247 19.59 30.82 39.35
C LEU H 247 19.77 31.99 40.31
N GLU H 248 20.97 32.13 40.90
CA GLU H 248 21.29 33.14 41.90
C GLU H 248 20.91 34.60 41.55
N SER H 249 21.14 35.03 40.31
CA SER H 249 20.79 36.39 39.89
C SER H 249 19.29 36.68 40.01
N MET H 250 18.43 35.66 39.81
CA MET H 250 16.97 35.75 39.92
C MET H 250 16.45 36.13 41.32
N ILE H 251 17.35 36.31 42.29
CA ILE H 251 16.94 36.79 43.62
C ILE H 251 16.50 38.27 43.47
N THR H 252 17.20 39.02 42.60
CA THR H 252 16.90 40.42 42.30
C THR H 252 16.46 40.69 40.87
N LYS H 253 16.94 39.91 39.90
CA LYS H 253 16.62 40.19 38.52
C LYS H 253 15.57 39.24 37.92
N PRO H 254 14.64 39.77 37.09
CA PRO H 254 13.58 38.92 36.47
C PRO H 254 14.00 37.75 35.52
N ARG H 255 15.22 37.75 34.99
CA ARG H 255 15.72 36.72 34.10
C ARG H 255 17.13 36.32 34.55
N PRO H 256 17.56 35.08 34.32
CA PRO H 256 18.91 34.67 34.76
C PRO H 256 20.02 34.92 33.72
N THR H 257 21.28 34.77 34.14
CA THR H 257 22.42 34.91 33.23
C THR H 257 22.57 33.65 32.32
N ARG H 258 23.38 33.75 31.28
CA ARG H 258 23.64 32.66 30.37
C ARG H 258 24.38 31.53 31.07
N ALA H 259 25.12 31.81 32.15
CA ALA H 259 25.81 30.79 32.92
C ALA H 259 24.83 30.01 33.80
N GLU H 260 23.81 30.70 34.36
CA GLU H 260 22.82 30.09 35.23
C GLU H 260 21.91 29.15 34.48
N THR H 261 21.42 29.54 33.28
CA THR H 261 20.58 28.64 32.50
C THR H 261 21.41 27.42 32.06
N SER H 262 22.68 27.64 31.70
CA SER H 262 23.61 26.60 31.32
C SER H 262 23.86 25.63 32.51
N ASP H 263 24.06 26.15 33.72
CA ASP H 263 24.30 25.34 34.90
C ASP H 263 23.12 24.38 35.14
N VAL H 264 21.88 24.92 35.15
CA VAL H 264 20.67 24.15 35.38
C VAL H 264 20.53 23.06 34.32
N ALA H 265 20.71 23.43 33.06
CA ALA H 265 20.59 22.47 31.98
C ALA H 265 21.63 21.34 32.07
N ASN H 266 22.85 21.68 32.45
CA ASN H 266 23.92 20.71 32.58
C ASN H 266 23.72 19.81 33.78
N ALA H 267 23.18 20.32 34.91
CA ALA H 267 22.90 19.47 36.09
C ALA H 267 21.89 18.38 35.69
N VAL H 268 20.88 18.73 34.89
CA VAL H 268 19.88 17.78 34.39
C VAL H 268 20.56 16.79 33.48
N LEU H 269 21.41 17.27 32.58
CA LEU H 269 22.13 16.40 31.66
C LEU H 269 23.09 15.42 32.37
N ASP H 270 23.75 15.88 33.45
CA ASP H 270 24.63 15.07 34.32
C ASP H 270 23.85 13.88 34.93
N GLY H 271 22.57 14.07 35.23
CA GLY H 271 21.73 13.00 35.74
C GLY H 271 21.15 13.28 37.11
N ALA H 272 20.99 14.57 37.49
CA ALA H 272 20.44 14.92 38.79
C ALA H 272 18.97 14.60 38.82
N ASP H 273 18.51 13.94 39.90
CA ASP H 273 17.10 13.61 40.06
C ASP H 273 16.29 14.86 40.44
N CYS H 274 16.87 15.75 41.25
CA CYS H 274 16.24 16.97 41.71
C CYS H 274 17.18 18.16 41.54
N ILE H 275 16.60 19.35 41.32
CA ILE H 275 17.33 20.60 41.28
C ILE H 275 16.72 21.52 42.34
N MET H 276 17.52 22.43 42.90
CA MET H 276 17.07 23.24 44.02
C MET H 276 17.28 24.76 43.95
N LEU H 277 16.28 25.49 44.45
CA LEU H 277 16.30 26.92 44.56
C LEU H 277 16.41 27.25 46.05
N SER H 278 17.44 27.98 46.46
CA SER H 278 17.62 28.34 47.85
C SER H 278 17.08 29.77 48.05
N GLY H 279 17.89 30.80 47.75
CA GLY H 279 17.51 32.21 47.91
C GLY H 279 16.48 32.66 46.90
N GLU H 280 16.53 32.10 45.69
CA GLU H 280 15.63 32.39 44.58
C GLU H 280 14.16 32.31 45.03
N THR H 281 13.84 31.39 45.94
CA THR H 281 12.47 31.20 46.41
C THR H 281 12.25 31.65 47.87
N ALA H 282 13.30 31.56 48.71
CA ALA H 282 13.15 31.95 50.10
C ALA H 282 13.06 33.47 50.33
N LYS H 283 13.94 34.24 49.69
CA LYS H 283 14.00 35.67 49.93
C LYS H 283 14.00 36.54 48.65
N GLY H 284 14.02 35.92 47.49
CA GLY H 284 14.03 36.64 46.23
C GLY H 284 12.76 37.39 45.93
N ASN H 285 12.82 38.23 44.91
CA ASN H 285 11.65 38.95 44.46
C ASN H 285 10.90 38.18 43.37
N PHE H 286 11.49 37.09 42.81
CA PHE H 286 10.86 36.34 41.74
C PHE H 286 10.85 34.87 42.14
N PRO H 287 10.10 34.47 43.21
CA PRO H 287 10.13 33.05 43.61
C PRO H 287 9.39 32.15 42.63
N VAL H 288 8.18 32.56 42.20
CA VAL H 288 7.41 31.81 41.22
C VAL H 288 8.14 31.77 39.92
N GLU H 289 8.74 32.86 39.51
CA GLU H 289 9.44 32.92 38.23
C GLU H 289 10.65 32.00 38.23
N ALA H 290 11.31 31.84 39.38
CA ALA H 290 12.46 30.96 39.47
C ALA H 290 12.04 29.52 39.25
N VAL H 291 10.89 29.14 39.78
CA VAL H 291 10.31 27.83 39.62
C VAL H 291 9.91 27.65 38.15
N LYS H 292 9.30 28.68 37.52
CA LYS H 292 8.97 28.58 36.10
C LYS H 292 10.22 28.36 35.24
N MET H 293 11.27 29.08 35.57
CA MET H 293 12.52 29.04 34.84
C MET H 293 13.16 27.70 34.92
N GLN H 294 13.21 27.13 36.15
CA GLN H 294 13.81 25.80 36.31
C GLN H 294 13.00 24.76 35.59
N HIS H 295 11.66 24.88 35.62
CA HIS H 295 10.77 23.99 34.92
C HIS H 295 11.07 24.01 33.39
N ALA H 296 11.18 25.21 32.82
CA ALA H 296 11.41 25.43 31.41
C ALA H 296 12.72 24.83 30.90
N ILE H 297 13.85 25.10 31.60
CA ILE H 297 15.17 24.60 31.25
C ILE H 297 15.22 23.08 31.40
N ALA H 298 14.62 22.52 32.49
CA ALA H 298 14.58 21.05 32.74
C ALA H 298 13.88 20.30 31.60
N ARG H 299 12.69 20.75 31.17
CA ARG H 299 11.95 20.20 30.05
C ARG H 299 12.80 20.13 28.79
N GLU H 300 13.58 21.20 28.51
CA GLU H 300 14.44 21.27 27.34
C GLU H 300 15.59 20.29 27.43
N ALA H 301 16.27 20.28 28.60
CA ALA H 301 17.43 19.43 28.84
C ALA H 301 17.08 17.95 28.75
N GLU H 302 15.96 17.53 29.37
CA GLU H 302 15.53 16.14 29.35
C GLU H 302 15.28 15.61 27.96
N ALA H 303 14.80 16.47 27.05
CA ALA H 303 14.59 16.06 25.66
C ALA H 303 15.94 15.76 24.98
N ALA H 304 16.96 16.57 25.29
CA ALA H 304 18.28 16.42 24.75
C ALA H 304 19.12 15.30 25.40
N VAL H 305 18.54 14.50 26.30
CA VAL H 305 19.27 13.41 26.93
C VAL H 305 19.45 12.30 25.92
N TYR H 306 20.70 11.81 25.80
CA TYR H 306 21.06 10.77 24.85
C TYR H 306 20.68 9.41 25.42
N HIS H 307 19.39 9.08 25.39
CA HIS H 307 18.90 7.82 25.96
C HIS H 307 19.52 6.58 25.35
N ARG H 308 19.91 6.63 24.06
CA ARG H 308 20.53 5.46 23.41
C ARG H 308 21.75 4.94 24.19
N GLN H 309 22.71 5.83 24.49
CA GLN H 309 23.88 5.44 25.25
C GLN H 309 23.55 5.33 26.73
N LEU H 310 22.72 6.24 27.25
CA LEU H 310 22.38 6.23 28.67
C LEU H 310 21.79 4.91 29.15
N PHE H 311 20.78 4.41 28.44
CA PHE H 311 20.13 3.18 28.83
C PHE H 311 21.04 2.00 28.69
N GLU H 312 21.83 1.96 27.61
CA GLU H 312 22.74 0.84 27.38
C GLU H 312 23.83 0.80 28.45
N GLU H 313 24.30 1.95 28.92
CA GLU H 313 25.32 2.02 29.96
C GLU H 313 24.75 1.66 31.31
N LEU H 314 23.54 2.16 31.61
CA LEU H 314 22.86 1.85 32.86
C LEU H 314 22.52 0.37 32.93
N ARG H 315 22.15 -0.24 31.79
CA ARG H 315 21.82 -1.64 31.65
C ARG H 315 23.06 -2.47 32.00
N ARG H 316 24.21 -2.18 31.31
CA ARG H 316 25.50 -2.84 31.44
C ARG H 316 26.03 -2.72 32.85
N ALA H 317 25.99 -1.53 33.42
CA ALA H 317 26.49 -1.25 34.77
C ALA H 317 25.70 -1.88 35.91
N ALA H 318 24.40 -2.10 35.72
CA ALA H 318 23.56 -2.71 36.76
C ALA H 318 23.92 -4.16 36.97
N PRO H 319 24.06 -4.57 38.24
CA PRO H 319 24.41 -5.97 38.50
C PRO H 319 23.22 -6.90 38.32
N LEU H 320 23.50 -8.20 38.17
CA LEU H 320 22.44 -9.19 38.08
C LEU H 320 21.64 -9.23 39.37
N SER H 321 20.34 -9.45 39.28
CA SER H 321 19.50 -9.47 40.45
C SER H 321 18.56 -10.61 40.47
N ARG H 322 18.37 -11.20 41.63
CA ARG H 322 17.36 -12.22 41.81
C ARG H 322 16.07 -11.63 42.48
N ASP H 323 15.91 -10.29 42.48
CA ASP H 323 14.77 -9.61 43.05
C ASP H 323 13.72 -9.38 41.99
N PRO H 324 12.52 -9.95 42.15
CA PRO H 324 11.48 -9.77 41.13
C PRO H 324 11.12 -8.34 40.78
N THR H 325 11.18 -7.41 41.75
CA THR H 325 10.89 -6.02 41.50
C THR H 325 11.95 -5.47 40.55
N GLU H 326 13.23 -5.75 40.82
CA GLU H 326 14.37 -5.29 40.05
C GLU H 326 14.35 -5.81 38.62
N VAL H 327 13.96 -7.08 38.45
CA VAL H 327 13.88 -7.81 37.18
C VAL H 327 12.72 -7.29 36.34
N THR H 328 11.55 -7.12 36.97
CA THR H 328 10.38 -6.57 36.30
C THR H 328 10.66 -5.12 35.88
N ALA H 329 11.43 -4.35 36.69
CA ALA H 329 11.75 -2.97 36.39
C ALA H 329 12.55 -2.83 35.12
N ILE H 330 13.60 -3.67 34.93
CA ILE H 330 14.39 -3.57 33.70
C ILE H 330 13.60 -4.09 32.49
N GLY H 331 12.80 -5.12 32.68
CA GLY H 331 12.00 -5.66 31.60
C GLY H 331 10.95 -4.67 31.14
N ALA H 332 10.36 -3.93 32.09
CA ALA H 332 9.33 -2.92 31.79
C ALA H 332 9.92 -1.74 31.06
N VAL H 333 11.12 -1.26 31.49
CA VAL H 333 11.76 -0.14 30.83
C VAL H 333 12.19 -0.55 29.40
N GLU H 334 12.66 -1.78 29.23
CA GLU H 334 13.04 -2.25 27.91
C GLU H 334 11.82 -2.29 26.97
N ALA H 335 10.70 -2.77 27.49
CA ALA H 335 9.43 -2.85 26.74
C ALA H 335 8.92 -1.46 26.40
N ALA H 336 9.02 -0.50 27.36
CA ALA H 336 8.58 0.87 27.14
C ALA H 336 9.35 1.54 25.99
N PHE H 337 10.65 1.25 25.88
CA PHE H 337 11.47 1.80 24.80
C PHE H 337 11.13 1.20 23.44
N LYS H 338 10.80 -0.08 23.39
CA LYS H 338 10.47 -0.79 22.16
C LYS H 338 9.28 -0.19 21.44
N CYS H 339 8.23 0.17 22.19
CA CYS H 339 7.00 0.69 21.59
C CYS H 339 6.81 2.19 21.73
N CYS H 340 7.79 2.92 22.33
CA CYS H 340 7.68 4.34 22.64
C CYS H 340 6.44 4.57 23.53
N ALA H 341 6.36 3.83 24.64
CA ALA H 341 5.23 3.90 25.54
C ALA H 341 5.04 5.33 26.06
N ALA H 342 3.80 5.76 26.10
CA ALA H 342 3.46 7.07 26.61
C ALA H 342 3.78 7.21 28.10
N ALA H 343 3.54 6.15 28.86
CA ALA H 343 3.80 6.13 30.28
C ALA H 343 4.01 4.66 30.77
N ILE H 344 4.54 4.52 32.01
CA ILE H 344 4.68 3.25 32.69
C ILE H 344 3.86 3.45 33.96
N ILE H 345 2.74 2.73 34.11
CA ILE H 345 1.91 2.91 35.30
C ILE H 345 2.29 1.87 36.30
N VAL H 346 2.74 2.29 37.49
CA VAL H 346 3.18 1.35 38.50
C VAL H 346 2.43 1.51 39.81
N LEU H 347 1.95 0.36 40.36
CA LEU H 347 1.23 0.38 41.61
C LEU H 347 2.27 0.19 42.68
N THR H 348 2.43 1.16 43.54
CA THR H 348 3.43 1.10 44.60
C THR H 348 2.86 1.44 45.99
N THR H 349 3.51 0.90 47.03
CA THR H 349 3.05 1.11 48.39
C THR H 349 4.06 2.03 49.09
N THR H 350 5.36 1.69 49.01
CA THR H 350 6.49 2.43 49.57
C THR H 350 7.13 3.39 48.52
N GLY H 351 6.91 3.13 47.24
CA GLY H 351 7.52 3.88 46.16
C GLY H 351 8.66 3.13 45.52
N ARG H 352 9.15 2.08 46.18
CA ARG H 352 10.28 1.28 45.72
C ARG H 352 10.19 0.85 44.28
N SER H 353 9.06 0.28 43.87
CA SER H 353 8.89 -0.16 42.48
C SER H 353 9.04 0.97 41.49
N ALA H 354 8.56 2.16 41.85
CA ALA H 354 8.69 3.32 40.98
C ALA H 354 10.14 3.80 40.91
N GLN H 355 10.85 3.71 42.04
CA GLN H 355 12.26 4.06 42.13
C GLN H 355 13.06 3.13 41.24
N LEU H 356 12.75 1.83 41.27
CA LEU H 356 13.45 0.87 40.45
C LEU H 356 13.19 1.01 38.98
N LEU H 357 12.07 1.62 38.58
CA LEU H 357 11.81 1.87 37.17
C LEU H 357 12.63 3.12 36.74
N SER H 358 12.61 4.18 37.62
CA SER H 358 13.31 5.45 37.44
C SER H 358 14.82 5.29 37.21
N ARG H 359 15.48 4.41 37.95
CA ARG H 359 16.93 4.19 37.88
C ARG H 359 17.43 3.85 36.48
N TYR H 360 16.56 3.29 35.62
CA TYR H 360 16.93 2.96 34.23
C TYR H 360 16.62 4.08 33.24
N ARG H 361 16.24 5.26 33.75
CA ARG H 361 16.00 6.48 33.02
C ARG H 361 15.16 6.28 31.77
N PRO H 362 13.93 5.78 31.93
CA PRO H 362 13.06 5.66 30.77
C PRO H 362 12.63 7.02 30.23
N ARG H 363 12.28 7.05 28.94
CA ARG H 363 11.73 8.25 28.34
C ARG H 363 10.22 8.37 28.73
N ALA H 364 9.53 7.21 28.97
CA ALA H 364 8.11 7.17 29.37
C ALA H 364 7.95 7.66 30.81
N ALA H 365 6.84 8.34 31.09
CA ALA H 365 6.60 8.88 32.41
C ALA H 365 6.18 7.79 33.35
N VAL H 366 6.86 7.68 34.50
CA VAL H 366 6.47 6.69 35.49
C VAL H 366 5.33 7.24 36.33
N ILE H 367 4.10 6.96 35.92
CA ILE H 367 2.92 7.39 36.68
C ILE H 367 2.76 6.39 37.83
N ALA H 368 3.00 6.80 39.09
CA ALA H 368 2.97 5.90 40.21
C ALA H 368 1.72 6.08 41.03
N VAL H 369 0.83 5.06 41.08
CA VAL H 369 -0.41 5.10 41.87
C VAL H 369 -0.20 4.47 43.28
N THR H 370 -0.39 5.26 44.34
CA THR H 370 -0.17 4.80 45.69
C THR H 370 -1.23 5.31 46.61
N ARG H 371 -1.55 4.50 47.61
CA ARG H 371 -2.50 4.92 48.63
C ARG H 371 -1.81 5.64 49.79
N SER H 372 -0.45 5.51 49.86
CA SER H 372 0.39 6.10 50.88
C SER H 372 0.66 7.57 50.55
N ALA H 373 0.20 8.48 51.40
CA ALA H 373 0.44 9.90 51.16
C ALA H 373 1.93 10.22 51.28
N GLN H 374 2.62 9.59 52.23
CA GLN H 374 4.05 9.83 52.41
C GLN H 374 4.83 9.35 51.19
N ALA H 375 4.51 8.16 50.66
CA ALA H 375 5.21 7.65 49.47
C ALA H 375 4.96 8.54 48.29
N ALA H 376 3.72 9.03 48.11
CA ALA H 376 3.38 9.91 47.01
C ALA H 376 4.19 11.20 47.05
N ARG H 377 4.48 11.71 48.26
CA ARG H 377 5.29 12.90 48.41
C ARG H 377 6.75 12.56 48.16
N GLN H 378 7.25 11.48 48.75
CA GLN H 378 8.64 11.07 48.64
C GLN H 378 9.11 10.65 47.26
N VAL H 379 8.22 10.19 46.38
CA VAL H 379 8.67 9.79 45.03
C VAL H 379 9.10 10.94 44.19
N HIS H 380 8.92 12.20 44.64
CA HIS H 380 9.42 13.35 43.91
C HIS H 380 10.96 13.33 43.89
N LEU H 381 11.59 12.66 44.88
CA LEU H 381 13.02 12.48 44.91
C LEU H 381 13.51 11.73 43.64
N CYS H 382 12.67 10.90 43.01
CA CYS H 382 13.08 10.12 41.85
C CYS H 382 12.65 10.69 40.50
N ARG H 383 13.64 11.00 39.63
CA ARG H 383 13.36 11.60 38.34
C ARG H 383 12.44 10.76 37.47
N GLY H 384 11.42 11.39 36.93
CA GLY H 384 10.49 10.72 36.04
C GLY H 384 9.31 10.05 36.72
N VAL H 385 9.18 10.21 38.05
CA VAL H 385 8.07 9.60 38.78
C VAL H 385 7.05 10.67 39.09
N PHE H 386 5.82 10.46 38.60
CA PHE H 386 4.69 11.38 38.75
C PHE H 386 3.66 10.72 39.65
N PRO H 387 3.65 11.05 40.92
CA PRO H 387 2.72 10.38 41.85
C PRO H 387 1.23 10.72 41.72
N LEU H 388 0.39 9.76 42.02
CA LEU H 388 -1.06 9.92 42.08
C LEU H 388 -1.50 9.30 43.41
N LEU H 389 -2.20 10.06 44.25
CA LEU H 389 -2.70 9.53 45.51
C LEU H 389 -4.07 8.95 45.31
N TYR H 390 -4.22 7.63 45.47
CA TYR H 390 -5.51 6.97 45.33
C TYR H 390 -6.21 7.01 46.68
N ARG H 391 -7.41 7.59 46.72
CA ARG H 391 -8.13 7.78 47.97
C ARG H 391 -9.35 6.86 48.17
N GLU H 392 -9.79 6.16 47.11
CA GLU H 392 -10.92 5.26 47.21
C GLU H 392 -10.60 4.11 48.18
N PRO H 393 -11.56 3.71 48.99
CA PRO H 393 -11.30 2.55 49.87
C PRO H 393 -11.26 1.26 49.04
N PRO H 394 -10.65 0.22 49.61
CA PRO H 394 -10.45 -1.01 48.86
C PRO H 394 -11.72 -1.74 48.39
N GLU H 395 -11.63 -2.44 47.24
CA GLU H 395 -12.69 -3.31 46.72
C GLU H 395 -12.55 -4.63 47.47
N ALA H 396 -13.67 -5.39 47.57
CA ALA H 396 -13.64 -6.68 48.24
C ALA H 396 -12.71 -7.66 47.48
N ILE H 397 -12.73 -7.63 46.15
CA ILE H 397 -11.83 -8.45 45.35
C ILE H 397 -10.53 -7.68 45.10
N TRP H 398 -9.36 -8.24 45.49
CA TRP H 398 -8.09 -7.56 45.29
C TRP H 398 -7.79 -7.26 43.86
N ALA H 399 -8.06 -8.20 42.94
CA ALA H 399 -7.78 -7.96 41.52
C ALA H 399 -8.61 -6.80 40.96
N ASP H 400 -9.83 -6.60 41.45
CA ASP H 400 -10.67 -5.48 41.02
C ASP H 400 -10.13 -4.18 41.55
N ASP H 401 -9.63 -4.16 42.81
CA ASP H 401 -9.01 -2.98 43.41
C ASP H 401 -7.74 -2.58 42.67
N VAL H 402 -6.98 -3.56 42.16
CA VAL H 402 -5.79 -3.29 41.39
C VAL H 402 -6.18 -2.66 40.04
N ASP H 403 -7.20 -3.21 39.36
CA ASP H 403 -7.68 -2.68 38.09
C ASP H 403 -8.26 -1.28 38.25
N ARG H 404 -8.92 -0.97 39.38
CA ARG H 404 -9.46 0.37 39.61
C ARG H 404 -8.35 1.39 39.78
N ARG H 405 -7.23 0.99 40.37
CA ARG H 405 -6.09 1.89 40.53
C ARG H 405 -5.37 2.09 39.21
N VAL H 406 -5.34 1.07 38.33
CA VAL H 406 -4.73 1.16 37.00
C VAL H 406 -5.58 2.10 36.15
N GLN H 407 -6.92 2.02 36.27
CA GLN H 407 -7.84 2.93 35.56
C GLN H 407 -7.72 4.35 36.08
N PHE H 408 -7.53 4.53 37.38
CA PHE H 408 -7.32 5.85 37.95
C PHE H 408 -6.07 6.51 37.38
N GLY H 409 -5.03 5.71 37.12
CA GLY H 409 -3.79 6.15 36.52
C GLY H 409 -3.99 6.52 35.07
N ILE H 410 -4.77 5.73 34.31
CA ILE H 410 -5.06 6.03 32.92
C ILE H 410 -5.90 7.27 32.78
N GLU H 411 -6.87 7.45 33.67
CA GLU H 411 -7.75 8.63 33.66
C GLU H 411 -6.99 9.88 34.02
N SER H 412 -6.16 9.85 35.07
CA SER H 412 -5.33 11.02 35.42
C SER H 412 -4.29 11.30 34.34
N GLY H 413 -3.76 10.24 33.73
CA GLY H 413 -2.77 10.36 32.69
C GLY H 413 -3.36 11.10 31.52
N LYS H 414 -4.57 10.65 31.05
CA LYS H 414 -5.36 11.24 29.94
C LYS H 414 -5.72 12.69 30.26
N LEU H 415 -6.28 12.93 31.46
CA LEU H 415 -6.65 14.25 31.92
C LEU H 415 -5.49 15.21 31.92
N ARG H 416 -4.35 14.84 32.49
CA ARG H 416 -3.18 15.72 32.55
C ARG H 416 -2.35 15.79 31.28
N GLY H 417 -2.78 15.12 30.22
CA GLY H 417 -2.09 15.18 28.94
C GLY H 417 -0.98 14.18 28.68
N PHE H 418 -0.70 13.28 29.62
CA PHE H 418 0.33 12.24 29.41
C PHE H 418 -0.10 11.20 28.38
N LEU H 419 -1.39 10.93 28.34
CA LEU H 419 -1.92 9.88 27.50
C LEU H 419 -3.00 10.36 26.61
N ARG H 420 -3.09 9.69 25.46
CA ARG H 420 -4.09 9.88 24.41
C ARG H 420 -4.61 8.49 24.00
N VAL H 421 -5.86 8.39 23.51
CA VAL H 421 -6.38 7.11 23.04
C VAL H 421 -5.52 6.61 21.86
N GLY H 422 -5.15 5.34 21.89
CA GLY H 422 -4.28 4.79 20.88
C GLY H 422 -2.85 4.62 21.36
N ASP H 423 -2.46 5.36 22.43
CA ASP H 423 -1.14 5.26 23.03
C ASP H 423 -0.92 3.91 23.72
N LEU H 424 0.33 3.45 23.76
CA LEU H 424 0.66 2.23 24.45
C LEU H 424 1.26 2.60 25.80
N VAL H 425 0.88 1.88 26.87
CA VAL H 425 1.48 2.07 28.19
C VAL H 425 1.92 0.70 28.74
N ILE H 426 2.86 0.71 29.70
CA ILE H 426 3.36 -0.52 30.33
C ILE H 426 2.83 -0.48 31.76
N VAL H 427 2.10 -1.51 32.17
CA VAL H 427 1.51 -1.54 33.50
C VAL H 427 2.31 -2.49 34.39
N VAL H 428 2.81 -2.00 35.54
CA VAL H 428 3.61 -2.80 36.46
C VAL H 428 2.88 -3.00 37.75
N THR H 429 2.57 -4.28 38.09
CA THR H 429 1.83 -4.70 39.30
C THR H 429 2.52 -5.89 40.02
N GLY H 430 1.95 -6.33 41.14
CA GLY H 430 2.45 -7.47 41.88
C GLY H 430 1.49 -8.63 41.89
N TRP H 431 1.91 -9.75 42.47
CA TRP H 431 1.09 -10.95 42.52
C TRP H 431 0.20 -11.05 43.77
N ARG H 432 0.54 -10.32 44.84
CA ARG H 432 -0.22 -10.29 46.09
C ARG H 432 -0.11 -8.93 46.74
N PRO H 433 -1.06 -8.57 47.61
CA PRO H 433 -0.99 -7.26 48.29
C PRO H 433 0.24 -7.09 49.22
N GLY H 434 0.55 -5.86 49.56
CA GLY H 434 1.69 -5.57 50.41
C GLY H 434 2.92 -5.22 49.61
N SER H 435 3.83 -4.50 50.22
CA SER H 435 5.02 -4.04 49.56
C SER H 435 6.00 -5.18 49.28
N GLY H 436 6.78 -5.05 48.22
CA GLY H 436 7.86 -5.96 47.84
C GLY H 436 7.53 -7.08 46.88
N TYR H 437 6.26 -7.19 46.43
CA TYR H 437 5.84 -8.30 45.58
C TYR H 437 5.61 -7.96 44.13
N THR H 438 6.18 -6.82 43.64
CA THR H 438 6.04 -6.45 42.22
C THR H 438 6.69 -7.48 41.34
N ASN H 439 5.97 -8.04 40.38
CA ASN H 439 6.55 -9.07 39.50
C ASN H 439 5.89 -9.17 38.10
N ILE H 440 4.86 -8.37 37.83
CA ILE H 440 4.13 -8.48 36.57
C ILE H 440 4.27 -7.21 35.74
N MET H 441 4.48 -7.37 34.45
CA MET H 441 4.49 -6.26 33.51
C MET H 441 3.49 -6.58 32.37
N ARG H 442 2.64 -5.61 31.97
CA ARG H 442 1.65 -5.83 30.91
CA ARG H 442 1.69 -5.85 30.88
C ARG H 442 1.68 -4.71 29.90
N VAL H 443 1.57 -5.05 28.62
CA VAL H 443 1.55 -4.08 27.53
C VAL H 443 0.08 -3.73 27.28
N LEU H 444 -0.31 -2.48 27.50
CA LEU H 444 -1.69 -2.06 27.44
C LEU H 444 -1.94 -0.94 26.44
N SER H 445 -3.04 -1.02 25.65
CA SER H 445 -3.36 0.04 24.72
C SER H 445 -4.47 0.91 25.30
N ILE H 446 -4.26 2.23 25.28
CA ILE H 446 -5.24 3.19 25.82
C ILE H 446 -6.51 3.25 25.01
N SER H 447 -7.62 3.01 25.70
CA SER H 447 -8.98 2.98 25.15
C SER H 447 -9.75 4.29 25.39
#